data_6WQE
#
_entry.id   6WQE
#
loop_
_entity.id
_entity.type
_entity.pdbx_description
1 polymer 'Heme NO binding domain protein'
2 non-polymer 5-fluoro-2-{1-[(2-fluorophenyl)methyl]-5-(1,2-oxazol-3-yl)-1H-pyrazol-3-yl}pyrimidin-4-ol
3 non-polymer 'PROTOPORPHYRIN IX CONTAINING FE'
4 non-polymer 'CARBON MONOXIDE'
#
_entity_poly.entity_id   1
_entity_poly.type   'polypeptide(L)'
_entity_poly.pdbx_seq_one_letter_code
;MMGMVFTGLMELIEDEFGYETLDTLLESCELQSEGIYTSVGSYDHQELLQLVVKLSEVSSVPVTELVRLFGKKLFVELIE
GHPEIANEMKDSFDLLSKIDSFIHVEVYKLYPQAELPKFTCDRLGDNDIRLHYQSKRPFASFAEGLLDGCAEYFKEDFTI
SRTPETQDSETDVIFNITRAPRGAENLYFQ
;
_entity_poly.pdbx_strand_id   A
#
loop_
_chem_comp.id
_chem_comp.type
_chem_comp.name
_chem_comp.formula
CMO non-polymer 'CARBON MONOXIDE' 'C O'
HEM non-polymer 'PROTOPORPHYRIN IX CONTAINING FE' 'C34 H32 Fe N4 O4'
IWP non-polymer 5-fluoro-2-{1-[(2-fluorophenyl)methyl]-5-(1,2-oxazol-3-yl)-1H-pyrazol-3-yl}pyrimidin-4-ol 'C17 H11 F2 N5 O2'
#
# COMPACT_ATOMS: atom_id res chain seq x y z
N MET A 1 -4.97 -0.30 -10.56
CA MET A 1 -5.46 0.10 -9.21
C MET A 1 -5.71 1.58 -9.15
N MET A 2 -6.94 2.01 -9.51
CA MET A 2 -7.25 3.41 -9.47
C MET A 2 -8.74 3.56 -9.23
N GLY A 3 -9.56 2.64 -9.80
CA GLY A 3 -10.98 2.72 -9.61
C GLY A 3 -11.34 2.31 -8.20
N MET A 4 -10.70 1.24 -7.66
CA MET A 4 -11.03 0.79 -6.32
C MET A 4 -10.24 1.57 -5.31
N VAL A 5 -9.30 2.43 -5.74
CA VAL A 5 -8.57 3.20 -4.77
C VAL A 5 -9.43 4.39 -4.48
N PHE A 6 -10.30 4.77 -5.45
CA PHE A 6 -11.20 5.86 -5.27
C PHE A 6 -12.31 5.42 -4.35
N THR A 7 -12.75 4.13 -4.49
CA THR A 7 -13.82 3.62 -3.66
C THR A 7 -13.44 3.68 -2.21
N GLY A 8 -12.22 3.22 -1.85
CA GLY A 8 -11.80 3.26 -0.45
C GLY A 8 -11.74 4.68 0.05
N LEU A 9 -11.25 5.62 -0.78
CA LEU A 9 -11.11 7.01 -0.36
C LEU A 9 -12.46 7.66 -0.12
N MET A 10 -13.49 7.36 -0.95
CA MET A 10 -14.80 7.99 -0.80
C MET A 10 -15.46 7.51 0.48
N GLU A 11 -15.30 6.21 0.78
CA GLU A 11 -15.91 5.61 1.94
C GLU A 11 -15.24 6.10 3.21
N LEU A 12 -13.92 6.43 3.15
CA LEU A 12 -13.20 6.84 4.32
C LEU A 12 -13.61 8.24 4.76
N ILE A 13 -13.78 9.20 3.81
CA ILE A 13 -14.09 10.56 4.22
C ILE A 13 -15.55 10.68 4.59
N GLU A 14 -16.43 9.80 4.07
CA GLU A 14 -17.84 9.92 4.35
C GLU A 14 -18.11 9.48 5.77
N ASP A 15 -17.46 8.38 6.20
CA ASP A 15 -17.70 7.84 7.52
C ASP A 15 -16.90 8.56 8.59
N GLU A 16 -15.66 8.99 8.27
CA GLU A 16 -14.83 9.60 9.28
C GLU A 16 -15.28 10.99 9.63
N PHE A 17 -15.63 11.85 8.64
CA PHE A 17 -16.00 13.20 9.03
C PHE A 17 -17.37 13.60 8.56
N GLY A 18 -17.92 13.01 7.48
CA GLY A 18 -19.23 13.45 7.06
C GLY A 18 -19.34 13.41 5.57
N TYR A 19 -20.53 13.77 5.06
CA TYR A 19 -20.74 13.71 3.64
C TYR A 19 -20.55 15.10 3.11
N GLU A 20 -20.62 16.11 4.01
CA GLU A 20 -20.42 17.48 3.60
C GLU A 20 -18.97 17.65 3.26
N THR A 21 -18.08 17.02 4.06
CA THR A 21 -16.66 17.11 3.82
C THR A 21 -16.36 16.40 2.52
N LEU A 22 -17.02 15.23 2.28
CA LEU A 22 -16.79 14.51 1.04
C LEU A 22 -17.30 15.36 -0.11
N ASP A 23 -18.29 16.26 0.16
CA ASP A 23 -18.84 17.11 -0.87
C ASP A 23 -17.78 18.11 -1.31
N THR A 24 -16.98 18.63 -0.35
CA THR A 24 -15.94 19.60 -0.67
C THR A 24 -14.90 18.95 -1.56
N LEU A 25 -14.54 17.67 -1.27
CA LEU A 25 -13.55 16.96 -2.06
C LEU A 25 -14.03 16.85 -3.49
N LEU A 26 -15.34 16.59 -3.67
CA LEU A 26 -15.92 16.43 -4.99
C LEU A 26 -15.85 17.75 -5.73
N GLU A 27 -16.01 18.88 -5.02
CA GLU A 27 -16.00 20.18 -5.66
C GLU A 27 -14.62 20.46 -6.21
N SER A 28 -13.56 20.07 -5.47
CA SER A 28 -12.21 20.32 -5.92
C SER A 28 -11.97 19.61 -7.23
N CYS A 29 -12.50 18.37 -7.40
CA CYS A 29 -12.24 17.67 -8.63
C CYS A 29 -13.51 17.63 -9.45
N GLU A 30 -13.55 18.42 -10.54
CA GLU A 30 -14.73 18.44 -11.40
C GLU A 30 -14.85 17.09 -12.07
N LEU A 31 -16.10 16.59 -12.18
CA LEU A 31 -16.31 15.30 -12.79
C LEU A 31 -17.10 15.48 -14.05
N GLN A 32 -16.53 15.01 -15.19
CA GLN A 32 -17.18 15.13 -16.46
C GLN A 32 -18.32 14.13 -16.54
N SER A 33 -18.10 12.90 -16.02
CA SER A 33 -19.13 11.88 -16.09
C SER A 33 -19.82 11.75 -14.77
N GLU A 34 -20.15 10.49 -14.37
CA GLU A 34 -20.84 10.24 -13.13
C GLU A 34 -19.92 10.58 -11.99
N GLY A 35 -18.64 10.19 -12.11
CA GLY A 35 -17.69 10.49 -11.08
C GLY A 35 -17.36 9.26 -10.27
N ILE A 36 -18.20 8.19 -10.32
CA ILE A 36 -17.89 7.02 -9.55
C ILE A 36 -18.18 5.81 -10.41
N TYR A 37 -17.10 5.23 -11.00
CA TYR A 37 -17.27 4.08 -11.86
C TYR A 37 -17.03 2.82 -11.07
N THR A 38 -16.21 1.93 -11.67
CA THR A 38 -15.88 0.67 -11.07
C THR A 38 -14.41 0.47 -11.36
N SER A 39 -13.80 -0.64 -10.91
CA SER A 39 -12.39 -0.83 -11.16
C SER A 39 -12.26 -1.43 -12.54
N VAL A 40 -11.67 -0.64 -13.48
CA VAL A 40 -11.49 -1.13 -14.83
C VAL A 40 -10.88 -0.03 -15.67
N GLY A 41 -10.71 1.20 -15.09
CA GLY A 41 -10.17 2.30 -15.86
C GLY A 41 -8.67 2.37 -15.67
N SER A 42 -8.16 3.62 -15.49
CA SER A 42 -6.74 3.85 -15.35
C SER A 42 -6.50 5.33 -15.54
N TYR A 43 -6.72 6.13 -14.48
CA TYR A 43 -6.53 7.56 -14.59
C TYR A 43 -5.08 7.89 -14.33
N ASP A 44 -4.77 9.20 -14.32
CA ASP A 44 -3.42 9.66 -14.11
C ASP A 44 -3.07 9.53 -12.66
N HIS A 45 -1.79 9.84 -12.34
CA HIS A 45 -1.32 9.74 -10.98
C HIS A 45 -1.61 11.05 -10.29
N GLN A 46 -1.61 12.16 -11.08
CA GLN A 46 -1.87 13.47 -10.52
C GLN A 46 -3.30 13.55 -10.07
N GLU A 47 -4.21 12.75 -10.68
CA GLU A 47 -5.61 12.77 -10.29
C GLU A 47 -5.73 12.40 -8.83
N LEU A 48 -5.09 11.26 -8.43
CA LEU A 48 -5.12 10.81 -7.06
C LEU A 48 -4.45 11.84 -6.16
N LEU A 49 -3.40 12.52 -6.68
CA LEU A 49 -2.66 13.47 -5.87
C LEU A 49 -3.50 14.69 -5.60
N GLN A 50 -4.36 15.10 -6.57
CA GLN A 50 -5.19 16.27 -6.38
C GLN A 50 -6.16 16.03 -5.24
N LEU A 51 -6.70 14.79 -5.13
CA LEU A 51 -7.64 14.51 -4.04
C LEU A 51 -6.88 14.28 -2.77
N VAL A 52 -5.55 14.13 -2.86
CA VAL A 52 -4.76 13.88 -1.68
C VAL A 52 -4.36 15.22 -1.08
N VAL A 53 -4.01 16.21 -1.93
CA VAL A 53 -3.61 17.49 -1.40
C VAL A 53 -4.83 18.18 -0.82
N LYS A 54 -6.05 17.93 -1.38
CA LYS A 54 -7.22 18.55 -0.81
C LYS A 54 -7.51 17.89 0.53
N LEU A 55 -7.22 16.56 0.67
CA LEU A 55 -7.45 15.88 1.94
C LEU A 55 -6.41 16.29 2.93
N SER A 56 -5.34 16.97 2.48
CA SER A 56 -4.32 17.33 3.41
C SER A 56 -4.60 18.72 3.92
N GLU A 57 -5.45 19.50 3.20
CA GLU A 57 -5.77 20.83 3.64
C GLU A 57 -7.16 20.88 4.22
N VAL A 58 -8.03 19.90 3.87
CA VAL A 58 -9.38 19.93 4.39
C VAL A 58 -9.42 19.32 5.76
N SER A 59 -8.68 18.20 6.02
CA SER A 59 -8.74 17.60 7.33
C SER A 59 -7.50 17.94 8.11
N SER A 60 -6.48 18.56 7.46
CA SER A 60 -5.25 18.90 8.14
C SER A 60 -4.52 17.63 8.48
N VAL A 61 -4.60 16.64 7.56
CA VAL A 61 -3.93 15.38 7.79
C VAL A 61 -2.76 15.31 6.85
N PRO A 62 -1.60 15.06 7.42
CA PRO A 62 -0.36 14.96 6.66
C PRO A 62 -0.41 13.91 5.59
N VAL A 63 0.38 14.11 4.52
CA VAL A 63 0.38 13.17 3.42
C VAL A 63 1.00 11.86 3.83
N THR A 64 1.78 11.82 4.93
CA THR A 64 2.40 10.58 5.33
C THR A 64 1.52 9.87 6.35
N GLU A 65 0.86 10.63 7.25
CA GLU A 65 -0.01 10.02 8.24
C GLU A 65 -1.25 9.48 7.54
N LEU A 66 -1.66 10.15 6.44
CA LEU A 66 -2.85 9.74 5.74
C LEU A 66 -2.51 8.56 4.87
N VAL A 67 -1.27 8.52 4.31
CA VAL A 67 -0.88 7.41 3.46
C VAL A 67 -0.80 6.13 4.28
N ARG A 68 -0.52 6.23 5.61
CA ARG A 68 -0.41 5.04 6.44
C ARG A 68 -1.78 4.46 6.71
N LEU A 69 -2.70 5.29 7.27
CA LEU A 69 -4.04 4.81 7.61
C LEU A 69 -4.78 4.35 6.37
N PHE A 70 -4.61 5.06 5.24
CA PHE A 70 -5.28 4.70 4.00
C PHE A 70 -4.84 3.32 3.57
N GLY A 71 -3.55 2.99 3.77
CA GLY A 71 -3.03 1.69 3.36
C GLY A 71 -3.78 0.59 4.08
N LYS A 72 -4.04 0.77 5.40
CA LYS A 72 -4.75 -0.25 6.18
C LYS A 72 -6.15 -0.53 5.64
N LYS A 73 -6.95 0.53 5.36
CA LYS A 73 -8.32 0.32 4.90
C LYS A 73 -8.42 -0.44 3.59
N LEU A 74 -7.69 -0.02 2.54
CA LEU A 74 -7.81 -0.66 1.24
C LEU A 74 -7.27 -2.09 1.26
N PHE A 75 -6.16 -2.37 1.98
CA PHE A 75 -5.61 -3.71 1.98
C PHE A 75 -6.59 -4.72 2.57
N VAL A 76 -7.25 -4.39 3.70
CA VAL A 76 -8.19 -5.33 4.30
C VAL A 76 -9.41 -5.47 3.44
N GLU A 77 -9.64 -4.49 2.52
CA GLU A 77 -10.78 -4.57 1.63
C GLU A 77 -10.54 -5.69 0.65
N LEU A 78 -9.27 -5.86 0.18
CA LEU A 78 -8.96 -6.91 -0.77
C LEU A 78 -9.06 -8.25 -0.08
N ILE A 79 -8.79 -8.31 1.25
CA ILE A 79 -8.90 -9.56 1.96
C ILE A 79 -10.35 -9.99 1.95
N GLU A 80 -11.27 -9.02 2.14
CA GLU A 80 -12.68 -9.33 2.15
C GLU A 80 -13.21 -9.32 0.74
N GLY A 81 -12.33 -9.09 -0.26
CA GLY A 81 -12.76 -9.04 -1.62
C GLY A 81 -12.47 -10.36 -2.29
N HIS A 82 -11.39 -11.05 -1.85
CA HIS A 82 -11.06 -12.32 -2.45
C HIS A 82 -10.91 -13.34 -1.36
N PRO A 83 -11.99 -14.02 -1.09
CA PRO A 83 -12.05 -15.06 -0.08
C PRO A 83 -11.12 -16.22 -0.33
N GLU A 84 -10.95 -16.61 -1.61
CA GLU A 84 -10.09 -17.72 -1.90
C GLU A 84 -8.66 -17.27 -2.05
N ILE A 85 -8.40 -15.95 -1.97
CA ILE A 85 -7.03 -15.51 -2.07
C ILE A 85 -6.48 -15.65 -0.68
N ALA A 86 -7.37 -15.51 0.34
CA ALA A 86 -6.98 -15.64 1.72
C ALA A 86 -6.74 -17.11 2.03
N ASN A 87 -7.60 -17.99 1.48
CA ASN A 87 -7.48 -19.42 1.74
C ASN A 87 -6.20 -19.97 1.17
N GLU A 88 -5.76 -19.48 -0.02
CA GLU A 88 -4.56 -20.01 -0.63
C GLU A 88 -3.33 -19.60 0.15
N MET A 89 -3.41 -18.47 0.91
CA MET A 89 -2.25 -18.02 1.67
C MET A 89 -2.15 -18.82 2.95
N LYS A 90 -0.90 -18.94 3.48
CA LYS A 90 -0.70 -19.73 4.68
C LYS A 90 -0.17 -18.85 5.78
N ASP A 91 0.52 -17.75 5.43
CA ASP A 91 1.09 -16.90 6.45
C ASP A 91 1.58 -15.66 5.75
N SER A 92 1.98 -14.63 6.54
CA SER A 92 2.46 -13.41 5.96
C SER A 92 3.84 -13.62 5.38
N PHE A 93 4.63 -14.56 5.95
CA PHE A 93 5.97 -14.79 5.43
C PHE A 93 5.81 -15.45 4.07
N ASP A 94 4.95 -16.50 3.99
CA ASP A 94 4.68 -17.15 2.73
C ASP A 94 4.10 -16.15 1.75
N LEU A 95 3.38 -15.13 2.25
CA LEU A 95 2.81 -14.10 1.40
C LEU A 95 3.91 -13.38 0.67
N LEU A 96 5.07 -13.17 1.34
CA LEU A 96 6.17 -12.44 0.72
C LEU A 96 6.74 -13.28 -0.40
N SER A 97 6.72 -14.63 -0.25
CA SER A 97 7.26 -15.49 -1.29
C SER A 97 6.18 -15.85 -2.28
N LYS A 98 5.02 -15.15 -2.26
CA LYS A 98 3.93 -15.49 -3.17
C LYS A 98 3.52 -14.24 -3.93
N ILE A 99 4.02 -13.06 -3.48
CA ILE A 99 3.64 -11.80 -4.11
C ILE A 99 4.04 -11.77 -5.58
N ASP A 100 5.31 -12.09 -5.91
CA ASP A 100 5.74 -12.03 -7.28
C ASP A 100 5.28 -13.23 -8.07
N SER A 101 5.19 -14.43 -7.45
CA SER A 101 4.85 -15.62 -8.19
C SER A 101 3.44 -15.61 -8.76
N PHE A 102 2.37 -15.51 -7.92
CA PHE A 102 1.04 -15.60 -8.49
C PHE A 102 0.19 -14.37 -8.25
N ILE A 103 0.35 -13.68 -7.11
CA ILE A 103 -0.52 -12.53 -6.84
C ILE A 103 -0.44 -11.47 -7.94
N HIS A 104 0.76 -10.99 -8.35
CA HIS A 104 0.78 -9.93 -9.34
C HIS A 104 0.91 -10.52 -10.73
N VAL A 105 0.93 -11.86 -10.86
CA VAL A 105 1.04 -12.47 -12.16
C VAL A 105 -0.35 -12.74 -12.64
N GLU A 106 -1.23 -13.19 -11.72
CA GLU A 106 -2.59 -13.46 -12.08
C GLU A 106 -3.27 -12.17 -12.46
N VAL A 107 -3.00 -11.06 -11.71
CA VAL A 107 -3.63 -9.79 -12.03
C VAL A 107 -3.11 -9.28 -13.37
N TYR A 108 -1.76 -9.34 -13.59
CA TYR A 108 -1.17 -8.86 -14.83
C TYR A 108 -1.79 -9.55 -16.03
N LYS A 109 -2.07 -10.87 -15.92
CA LYS A 109 -2.63 -11.58 -17.05
C LYS A 109 -4.08 -11.18 -17.23
N LEU A 110 -4.82 -11.01 -16.12
CA LEU A 110 -6.22 -10.66 -16.21
C LEU A 110 -6.43 -9.17 -16.06
N TYR A 111 -5.41 -8.32 -16.38
CA TYR A 111 -5.59 -6.89 -16.23
C TYR A 111 -4.36 -6.28 -16.86
N PRO A 112 -4.47 -6.02 -18.15
CA PRO A 112 -3.37 -5.49 -18.95
C PRO A 112 -3.11 -4.00 -18.84
N GLN A 113 -3.91 -3.28 -18.03
CA GLN A 113 -3.70 -1.85 -17.91
C GLN A 113 -2.78 -1.56 -16.74
N ALA A 114 -2.03 -2.57 -16.26
CA ALA A 114 -1.13 -2.33 -15.16
C ALA A 114 0.27 -2.66 -15.62
N GLU A 115 1.28 -2.07 -14.94
CA GLU A 115 2.65 -2.35 -15.31
C GLU A 115 3.46 -2.42 -14.04
N LEU A 116 4.41 -3.38 -13.98
CA LEU A 116 5.22 -3.53 -12.78
C LEU A 116 6.68 -3.52 -13.17
N PRO A 117 7.48 -3.16 -12.20
CA PRO A 117 8.94 -3.09 -12.35
C PRO A 117 9.64 -4.40 -12.09
N LYS A 118 10.90 -4.33 -11.56
CA LYS A 118 11.63 -5.56 -11.32
C LYS A 118 11.57 -5.87 -9.85
N PHE A 119 11.49 -7.19 -9.51
CA PHE A 119 11.39 -7.60 -8.12
C PHE A 119 12.31 -8.78 -7.90
N THR A 120 13.13 -8.74 -6.82
CA THR A 120 14.01 -9.86 -6.51
C THR A 120 13.93 -10.09 -5.03
N CYS A 121 14.32 -11.30 -4.55
CA CYS A 121 14.24 -11.57 -3.14
C CYS A 121 15.39 -12.45 -2.72
N ASP A 122 16.24 -11.92 -1.81
CA ASP A 122 17.37 -12.69 -1.31
C ASP A 122 17.02 -13.11 0.10
N ARG A 123 17.64 -14.21 0.58
CA ARG A 123 17.36 -14.68 1.92
C ARG A 123 18.65 -14.67 2.69
N LEU A 124 18.70 -13.89 3.80
CA LEU A 124 19.89 -13.83 4.61
C LEU A 124 19.79 -14.85 5.71
N GLY A 125 18.55 -15.24 6.10
CA GLY A 125 18.42 -16.20 7.16
C GLY A 125 16.98 -16.34 7.52
N ASP A 126 16.70 -16.53 8.84
CA ASP A 126 15.34 -16.71 9.27
C ASP A 126 14.83 -15.41 9.81
N ASN A 127 15.67 -14.65 10.54
CA ASN A 127 15.22 -13.40 11.12
C ASN A 127 15.64 -12.23 10.24
N ASP A 128 16.12 -12.48 9.02
CA ASP A 128 16.52 -11.41 8.13
C ASP A 128 16.09 -11.83 6.75
N ILE A 129 15.56 -10.91 5.91
CA ILE A 129 15.13 -11.27 4.58
C ILE A 129 15.39 -9.99 3.80
N ARG A 130 15.64 -10.03 2.47
CA ARG A 130 15.92 -8.78 1.79
C ARG A 130 15.03 -8.67 0.59
N LEU A 131 14.46 -7.46 0.39
CA LEU A 131 13.61 -7.23 -0.75
C LEU A 131 14.21 -6.10 -1.53
N HIS A 132 14.44 -6.33 -2.84
CA HIS A 132 15.01 -5.29 -3.68
C HIS A 132 13.93 -4.86 -4.62
N TYR A 133 13.73 -3.53 -4.75
CA TYR A 133 12.69 -3.06 -5.62
C TYR A 133 13.33 -2.05 -6.56
N GLN A 134 13.22 -2.30 -7.89
CA GLN A 134 13.80 -1.38 -8.86
C GLN A 134 12.68 -0.64 -9.52
N SER A 135 12.52 0.64 -9.13
CA SER A 135 11.48 1.47 -9.69
C SER A 135 11.92 2.92 -9.64
N LYS A 136 11.36 3.76 -10.55
CA LYS A 136 11.74 5.16 -10.60
C LYS A 136 10.78 5.95 -9.73
N ARG A 137 9.80 5.28 -9.09
CA ARG A 137 8.86 6.00 -8.26
C ARG A 137 8.75 5.25 -6.95
N PRO A 138 9.77 5.38 -6.14
CA PRO A 138 9.86 4.69 -4.88
C PRO A 138 9.43 5.48 -3.68
N PHE A 139 8.19 5.24 -3.19
CA PHE A 139 7.74 5.91 -2.00
C PHE A 139 7.75 4.89 -0.90
N ALA A 140 8.67 5.09 0.07
CA ALA A 140 8.81 4.16 1.18
C ALA A 140 7.59 4.17 2.06
N SER A 141 6.99 5.37 2.28
CA SER A 141 5.82 5.47 3.14
C SER A 141 4.68 4.65 2.59
N PHE A 142 4.50 4.64 1.26
CA PHE A 142 3.41 3.89 0.65
C PHE A 142 3.63 2.41 0.84
N ALA A 143 4.88 1.93 0.63
CA ALA A 143 5.17 0.51 0.74
C ALA A 143 4.91 0.01 2.14
N GLU A 144 5.29 0.79 3.18
CA GLU A 144 5.09 0.35 4.55
C GLU A 144 3.61 0.26 4.85
N GLY A 145 2.81 1.16 4.24
CA GLY A 145 1.37 1.17 4.47
C GLY A 145 0.76 -0.15 4.05
N LEU A 146 1.25 -0.75 2.94
CA LEU A 146 0.65 -1.99 2.47
C LEU A 146 1.23 -3.19 3.20
N LEU A 147 2.56 -3.21 3.50
CA LEU A 147 3.15 -4.37 4.15
C LEU A 147 2.66 -4.48 5.57
N ASP A 148 2.58 -3.34 6.29
CA ASP A 148 2.14 -3.36 7.67
C ASP A 148 0.65 -3.63 7.75
N GLY A 149 -0.13 -3.24 6.70
CA GLY A 149 -1.56 -3.49 6.72
C GLY A 149 -1.82 -4.97 6.75
N CYS A 150 -1.04 -5.73 5.93
CA CYS A 150 -1.17 -7.17 5.89
C CYS A 150 -0.87 -7.74 7.27
N ALA A 151 0.18 -7.23 7.94
CA ALA A 151 0.52 -7.72 9.27
C ALA A 151 -0.50 -7.24 10.26
N GLU A 152 -1.41 -6.35 9.83
CA GLU A 152 -2.42 -5.84 10.73
C GLU A 152 -3.52 -6.87 10.85
N TYR A 153 -4.00 -7.42 9.70
CA TYR A 153 -5.06 -8.41 9.75
C TYR A 153 -4.57 -9.63 10.49
N PHE A 154 -3.34 -10.14 10.18
CA PHE A 154 -2.85 -11.33 10.84
C PHE A 154 -2.49 -11.05 12.29
N LYS A 155 -2.17 -9.78 12.63
CA LYS A 155 -1.80 -9.43 13.98
C LYS A 155 -0.45 -10.05 14.30
N GLU A 156 0.54 -9.83 13.41
CA GLU A 156 1.86 -10.37 13.65
C GLU A 156 2.74 -9.23 14.08
N ASP A 157 4.08 -9.47 14.12
CA ASP A 157 4.97 -8.41 14.55
C ASP A 157 6.23 -8.48 13.74
N PHE A 158 6.21 -7.89 12.52
CA PHE A 158 7.38 -7.87 11.68
C PHE A 158 7.77 -6.42 11.55
N THR A 159 9.07 -6.14 11.28
CA THR A 159 9.48 -4.76 11.19
C THR A 159 10.17 -4.55 9.87
N ILE A 160 9.71 -3.53 9.12
CA ILE A 160 10.30 -3.22 7.83
C ILE A 160 11.29 -2.11 8.05
N SER A 161 12.54 -2.29 7.57
CA SER A 161 13.56 -1.29 7.74
C SER A 161 14.10 -0.88 6.39
N ARG A 162 15.20 -0.10 6.40
CA ARG A 162 15.79 0.39 5.17
C ARG A 162 17.25 0.63 5.42
N THR A 163 18.08 0.62 4.34
CA THR A 163 19.50 0.86 4.52
C THR A 163 19.81 2.27 4.10
N PRO A 164 20.82 2.81 4.73
CA PRO A 164 21.28 4.18 4.48
C PRO A 164 22.00 4.38 3.17
N GLU A 165 22.39 3.28 2.50
CA GLU A 165 23.09 3.42 1.24
C GLU A 165 22.14 3.94 0.19
N THR A 166 20.89 3.41 0.18
CA THR A 166 19.92 3.87 -0.79
C THR A 166 18.79 4.53 -0.06
N GLN A 167 19.04 4.94 1.19
CA GLN A 167 18.03 5.60 1.99
C GLN A 167 17.61 6.89 1.33
N ASP A 168 18.56 7.64 0.76
CA ASP A 168 18.20 8.88 0.12
C ASP A 168 18.57 8.80 -1.34
N SER A 169 18.24 7.66 -1.98
CA SER A 169 18.55 7.50 -3.39
C SER A 169 17.35 6.87 -4.05
N GLU A 170 17.14 7.17 -5.34
CA GLU A 170 16.01 6.61 -6.04
C GLU A 170 16.52 5.58 -7.01
N THR A 171 15.56 4.89 -7.70
CA THR A 171 15.83 3.87 -8.71
C THR A 171 16.04 2.52 -8.04
N ASP A 172 16.70 2.46 -6.87
CA ASP A 172 16.91 1.18 -6.24
C ASP A 172 16.83 1.37 -4.75
N VAL A 173 16.07 0.49 -4.05
CA VAL A 173 15.94 0.62 -2.61
C VAL A 173 16.16 -0.74 -2.01
N ILE A 174 16.96 -0.78 -0.92
CA ILE A 174 17.25 -2.02 -0.23
C ILE A 174 16.47 -2.03 1.05
N PHE A 175 15.58 -3.05 1.20
CA PHE A 175 14.77 -3.15 2.39
C PHE A 175 15.23 -4.34 3.18
N ASN A 176 15.05 -4.24 4.51
CA ASN A 176 15.47 -5.29 5.41
C ASN A 176 14.30 -5.62 6.30
N ILE A 177 13.84 -6.89 6.27
CA ILE A 177 12.73 -7.29 7.10
C ILE A 177 13.30 -8.13 8.20
N THR A 178 12.98 -7.79 9.47
CA THR A 178 13.54 -8.52 10.59
C THR A 178 12.43 -9.01 11.47
N ARG A 179 12.55 -10.27 11.97
CA ARG A 179 11.53 -10.81 12.85
C ARG A 179 12.02 -10.57 14.25
N ALA A 180 11.31 -9.71 15.01
CA ALA A 180 11.71 -9.42 16.36
C ALA A 180 11.04 -10.44 17.26
N PRO A 181 11.50 -10.50 18.49
CA PRO A 181 10.95 -11.39 19.51
C PRO A 181 9.49 -11.14 19.74
N ARG A 182 9.05 -9.92 19.33
CA ARG A 182 7.67 -9.51 19.42
C ARG A 182 7.40 -8.90 20.77
N GLY A 183 8.39 -8.95 21.69
CA GLY A 183 8.17 -8.38 22.99
C GLY A 183 9.48 -7.94 23.55
N ALA A 184 10.41 -7.50 22.69
CA ALA A 184 11.68 -7.07 23.18
C ALA A 184 12.21 -6.03 22.23
N GLU A 185 12.98 -5.06 22.77
CA GLU A 185 13.55 -4.03 21.93
C GLU A 185 14.72 -3.43 22.66
N ASN A 186 15.62 -2.76 21.88
CA ASN A 186 16.78 -2.11 22.46
C ASN A 186 17.72 -3.19 22.98
N LEU A 187 17.82 -4.30 22.23
CA LEU A 187 18.70 -5.38 22.64
C LEU A 187 20.12 -5.06 22.22
N TYR A 188 20.30 -4.43 21.04
CA TYR A 188 21.63 -4.12 20.58
C TYR A 188 21.76 -2.62 20.51
N PHE A 189 21.81 -2.06 19.28
CA PHE A 189 21.94 -0.64 19.14
C PHE A 189 21.28 -0.23 17.86
N GLN A 190 20.95 1.08 17.76
CA GLN A 190 20.31 1.62 16.58
C GLN A 190 18.92 0.98 16.45
C01 IWP B . -8.25 6.11 10.26
C02 IWP B . -8.43 7.48 10.11
C03 IWP B . -8.69 5.47 11.41
C04 IWP B . -8.98 8.23 11.14
C05 IWP B . -10.17 2.22 16.22
C06 IWP B . -9.07 1.59 16.59
C07 IWP B . -12.09 2.98 13.92
C08 IWP B . -15.47 3.05 11.13
C09 IWP B . -9.53 5.56 13.78
C10 IWP B . -9.21 6.22 12.46
C11 IWP B . -9.39 7.60 12.31
C12 IWP B . -16.54 3.51 11.86
C13 IWP B . -9.90 2.71 14.96
C14 IWP B . -12.68 4.06 13.18
C15 IWP B . -10.85 3.47 14.21
C16 IWP B . -14.05 3.87 12.71
C17 IWP B . -16.28 4.17 13.05
F18 IWP B . -9.98 8.30 13.29
F19 IWP B . -17.80 3.32 11.42
N20 IWP B . -14.21 3.22 11.54
N21 IWP B . -15.03 4.36 13.49
N22 IWP B . -11.84 5.14 13.02
N23 IWP B . -8.67 2.41 14.51
N24 IWP B . -10.72 4.70 13.69
O25 IWP B . -17.31 4.65 13.81
O26 IWP B . -8.10 1.64 15.61
H01 IWP B . -7.76 5.53 9.47
H02 IWP B . -8.16 7.97 9.18
H03 IWP B . -8.66 4.39 11.49
H04 IWP B . -9.08 9.30 11.05
H05 IWP B . -11.08 2.34 16.79
H06 IWP B . -8.82 1.04 17.49
H07 IWP B . -12.52 2.03 14.20
H08 IWP B . -15.61 2.51 10.19
H091 IWP B . -8.69 4.95 14.11
H092 IWP B . -9.72 6.33 14.54
H25 IWP B . -17.19 5.61 13.93
CHA HEM C . 0.51 -2.20 -7.42
CHB HEM C . 2.85 -4.16 -3.83
CHC HEM C . -0.85 -6.98 -3.00
CHD HEM C . -2.78 -5.63 -7.15
C1A HEM C . 1.44 -2.46 -6.47
C2A HEM C . 2.58 -1.71 -6.29
C3A HEM C . 3.34 -2.41 -5.41
C4A HEM C . 2.58 -3.44 -4.95
CMA HEM C . 4.66 -2.03 -4.92
CAA HEM C . 2.92 -0.48 -6.96
CBA HEM C . 3.20 0.59 -6.01
CGA HEM C . 4.22 1.46 -6.55
O1A HEM C . 5.12 0.99 -7.23
O2A HEM C . 4.19 2.66 -6.31
C1B HEM C . 2.03 -5.07 -3.28
C2B HEM C . 2.29 -5.72 -2.10
C3B HEM C . 1.22 -6.53 -1.86
C4B HEM C . 0.34 -6.34 -2.88
CMB HEM C . 3.42 -5.49 -1.22
CAB HEM C . 0.91 -7.12 -0.56
CBB HEM C . 1.37 -6.65 0.61
C1C HEM C . -1.78 -6.70 -3.95
C2C HEM C . -3.05 -7.19 -3.94
C3C HEM C . -3.57 -6.92 -5.18
C4C HEM C . -2.62 -6.20 -5.85
CMC HEM C . -3.73 -7.88 -2.86
CAC HEM C . -4.68 -7.62 -5.80
CBC HEM C . -4.66 -8.91 -6.17
C1D HEM C . -1.89 -4.64 -7.69
C2D HEM C . -1.95 -4.15 -8.97
C3D HEM C . -0.98 -3.18 -9.03
C4D HEM C . -0.47 -3.06 -7.77
CMD HEM C . -2.74 -4.66 -10.06
CAD HEM C . -0.43 -2.59 -10.24
CBD HEM C . 0.41 -1.44 -9.94
CGD HEM C . -0.39 -0.39 -9.36
O1D HEM C . -0.93 -0.56 -8.27
O2D HEM C . -0.52 0.66 -9.95
NA HEM C . 1.42 -3.56 -5.67
NB HEM C . 0.82 -5.43 -3.80
NC HEM C . -1.53 -5.94 -5.05
ND HEM C . -0.88 -4.09 -6.97
FE HEM C . -0.04 -4.76 -5.37
HHB HEM C . 3.77 -3.90 -3.29
HHC HEM C . -1.02 -7.85 -2.37
HHD HEM C . -3.71 -5.83 -7.69
HMA HEM C . 4.57 -1.21 -4.21
HMAA HEM C . 5.29 -1.70 -5.77
HMAB HEM C . 5.14 -2.88 -4.43
HAA HEM C . 3.81 -0.64 -7.58
HAAA HEM C . 2.09 -0.17 -7.61
HBA HEM C . 2.29 1.17 -5.83
HBAA HEM C . 3.55 0.16 -5.06
HMB HEM C . 3.72 -4.43 -1.27
HMBA HEM C . 4.26 -6.12 -1.52
HMBB HEM C . 3.14 -5.73 -0.19
HAB HEM C . 0.38 -8.06 -0.56
HBB HEM C . 2.43 -6.42 0.68
HBBA HEM C . 0.66 -6.29 1.34
HMC HEM C . -3.01 -8.55 -2.34
HMCA HEM C . -4.12 -7.16 -2.14
HMCB HEM C . -4.55 -8.49 -3.26
HAC HEM C . -5.61 -7.07 -5.94
HBC HEM C . -5.37 -9.23 -6.92
HBCA HEM C . -4.17 -9.62 -5.51
HMD HEM C . -3.41 -5.44 -9.71
HMDA HEM C . -3.33 -3.84 -10.49
HMDB HEM C . -2.08 -5.07 -10.84
HAD HEM C . -1.25 -2.28 -10.89
HADA HEM C . 0.17 -3.34 -10.76
HBD HEM C . 1.19 -1.73 -9.23
HBDA HEM C . 0.87 -1.07 -10.87
HHA HEM C . 0.56 -1.25 -7.94
C CMO D . -0.92 -3.41 -4.35
O CMO D . -1.43 -2.61 -3.72
N MET A 1 -4.92 -0.29 -10.66
CA MET A 1 -5.40 0.09 -9.30
C MET A 1 -5.66 1.57 -9.22
N MET A 2 -6.90 1.99 -9.57
CA MET A 2 -7.21 3.40 -9.50
C MET A 2 -8.69 3.54 -9.26
N GLY A 3 -9.51 2.62 -9.83
CA GLY A 3 -10.94 2.71 -9.64
C GLY A 3 -11.30 2.29 -8.23
N MET A 4 -10.65 1.21 -7.69
CA MET A 4 -10.99 0.76 -6.35
C MET A 4 -10.22 1.55 -5.33
N VAL A 5 -9.27 2.41 -5.76
CA VAL A 5 -8.56 3.18 -4.78
C VAL A 5 -9.42 4.37 -4.48
N PHE A 6 -10.29 4.73 -5.47
CA PHE A 6 -11.20 5.83 -5.29
C PHE A 6 -12.31 5.39 -4.38
N THR A 7 -12.75 4.11 -4.51
CA THR A 7 -13.83 3.60 -3.68
C THR A 7 -13.45 3.67 -2.22
N GLY A 8 -12.23 3.20 -1.86
CA GLY A 8 -11.82 3.23 -0.47
C GLY A 8 -11.77 4.65 0.05
N LEU A 9 -11.25 5.59 -0.77
CA LEU A 9 -11.11 6.97 -0.34
C LEU A 9 -12.47 7.63 -0.09
N MET A 10 -13.49 7.34 -0.93
CA MET A 10 -14.81 7.97 -0.78
C MET A 10 -15.46 7.49 0.50
N GLU A 11 -15.31 6.18 0.80
CA GLU A 11 -15.92 5.59 1.96
C GLU A 11 -15.25 6.06 3.24
N LEU A 12 -13.94 6.39 3.18
CA LEU A 12 -13.23 6.80 4.36
C LEU A 12 -13.62 8.19 4.80
N ILE A 13 -13.78 9.15 3.85
CA ILE A 13 -14.09 10.52 4.26
C ILE A 13 -15.54 10.66 4.63
N GLU A 14 -16.42 9.78 4.11
CA GLU A 14 -17.83 9.92 4.39
C GLU A 14 -18.12 9.47 5.81
N ASP A 15 -17.48 8.36 6.25
CA ASP A 15 -17.74 7.82 7.56
C ASP A 15 -16.94 8.53 8.63
N GLU A 16 -15.69 8.95 8.32
CA GLU A 16 -14.87 9.55 9.34
C GLU A 16 -15.30 10.95 9.69
N PHE A 17 -15.62 11.82 8.70
CA PHE A 17 -15.96 13.17 9.09
C PHE A 17 -17.33 13.61 8.62
N GLY A 18 -17.88 13.04 7.53
CA GLY A 18 -19.19 13.50 7.12
C GLY A 18 -19.31 13.45 5.63
N TYR A 19 -20.50 13.84 5.12
CA TYR A 19 -20.72 13.77 3.71
C TYR A 19 -20.53 15.16 3.17
N GLU A 20 -20.59 16.18 4.07
CA GLU A 20 -20.37 17.55 3.64
C GLU A 20 -18.92 17.70 3.29
N THR A 21 -18.03 17.05 4.10
CA THR A 21 -16.61 17.14 3.85
C THR A 21 -16.33 16.41 2.56
N LEU A 22 -16.99 15.25 2.32
CA LEU A 22 -16.79 14.52 1.08
C LEU A 22 -17.30 15.37 -0.08
N ASP A 23 -18.27 16.28 0.20
CA ASP A 23 -18.82 17.13 -0.83
C ASP A 23 -17.76 18.11 -1.30
N THR A 24 -16.95 18.64 -0.35
CA THR A 24 -15.90 19.60 -0.69
C THR A 24 -14.88 18.93 -1.57
N LEU A 25 -14.52 17.65 -1.26
CA LEU A 25 -13.53 16.93 -2.04
C LEU A 25 -14.00 16.79 -3.47
N LEU A 26 -15.32 16.54 -3.64
CA LEU A 26 -15.89 16.36 -4.96
C LEU A 26 -15.81 17.66 -5.74
N GLU A 27 -15.97 18.80 -5.04
CA GLU A 27 -15.96 20.10 -5.72
C GLU A 27 -14.59 20.37 -6.28
N SER A 28 -13.50 20.01 -5.54
CA SER A 28 -12.16 20.24 -6.03
C SER A 28 -11.96 19.45 -7.30
N CYS A 29 -12.51 18.21 -7.36
CA CYS A 29 -12.33 17.37 -8.52
C CYS A 29 -13.29 17.82 -9.59
N GLU A 30 -12.87 17.72 -10.88
CA GLU A 30 -13.73 18.09 -11.95
C GLU A 30 -14.23 16.81 -12.56
N LEU A 31 -15.56 16.59 -12.50
CA LEU A 31 -16.11 15.36 -13.04
C LEU A 31 -16.97 15.70 -14.22
N GLN A 32 -16.64 15.11 -15.39
CA GLN A 32 -17.41 15.35 -16.59
C GLN A 32 -18.51 14.30 -16.70
N SER A 33 -18.24 13.06 -16.25
CA SER A 33 -19.24 12.01 -16.37
C SER A 33 -19.94 11.84 -15.05
N GLU A 34 -20.23 10.56 -14.67
CA GLU A 34 -20.92 10.29 -13.43
C GLU A 34 -20.02 10.63 -12.28
N GLY A 35 -18.72 10.26 -12.39
CA GLY A 35 -17.80 10.57 -11.35
C GLY A 35 -17.49 9.35 -10.52
N ILE A 36 -18.31 8.28 -10.59
CA ILE A 36 -18.00 7.12 -9.79
C ILE A 36 -18.25 5.89 -10.64
N TYR A 37 -17.15 5.30 -11.16
CA TYR A 37 -17.26 4.12 -12.00
C TYR A 37 -17.06 2.88 -11.19
N THR A 38 -16.28 1.94 -11.78
CA THR A 38 -15.98 0.69 -11.15
C THR A 38 -14.51 0.48 -11.44
N SER A 39 -13.91 -0.64 -10.97
CA SER A 39 -12.51 -0.84 -11.21
C SER A 39 -12.35 -1.42 -12.59
N VAL A 40 -11.75 -0.63 -13.52
CA VAL A 40 -11.56 -1.09 -14.87
C VAL A 40 -10.93 0.02 -15.69
N GLY A 41 -10.76 1.23 -15.10
CA GLY A 41 -10.21 2.34 -15.83
C GLY A 41 -8.72 2.38 -15.66
N SER A 42 -8.18 3.63 -15.50
CA SER A 42 -6.75 3.83 -15.37
C SER A 42 -6.49 5.31 -15.58
N TYR A 43 -6.70 6.12 -14.51
CA TYR A 43 -6.47 7.54 -14.64
C TYR A 43 -5.03 7.86 -14.37
N ASP A 44 -4.71 9.18 -14.35
CA ASP A 44 -3.36 9.62 -14.14
C ASP A 44 -3.00 9.49 -12.69
N HIS A 45 -1.71 9.79 -12.37
CA HIS A 45 -1.23 9.69 -11.03
C HIS A 45 -1.53 10.99 -10.32
N GLN A 46 -1.49 12.11 -11.09
CA GLN A 46 -1.74 13.42 -10.52
C GLN A 46 -3.18 13.50 -10.06
N GLU A 47 -4.09 12.70 -10.69
CA GLU A 47 -5.49 12.73 -10.30
C GLU A 47 -5.61 12.35 -8.84
N LEU A 48 -4.98 11.22 -8.43
CA LEU A 48 -5.02 10.77 -7.06
C LEU A 48 -4.35 11.80 -6.17
N LEU A 49 -3.31 12.47 -6.67
CA LEU A 49 -2.57 13.42 -5.86
C LEU A 49 -3.42 14.64 -5.59
N GLN A 50 -4.26 15.06 -6.56
CA GLN A 50 -5.09 16.23 -6.38
C GLN A 50 -6.07 15.99 -5.26
N LEU A 51 -6.64 14.75 -5.14
CA LEU A 51 -7.58 14.48 -4.07
C LEU A 51 -6.83 14.26 -2.78
N VAL A 52 -5.50 14.10 -2.86
CA VAL A 52 -4.73 13.86 -1.67
C VAL A 52 -4.32 15.20 -1.07
N VAL A 53 -3.96 16.20 -1.93
CA VAL A 53 -3.57 17.48 -1.40
C VAL A 53 -4.80 18.17 -0.82
N LYS A 54 -6.02 17.91 -1.39
CA LYS A 54 -7.19 18.53 -0.82
C LYS A 54 -7.47 17.87 0.53
N LEU A 55 -7.18 16.55 0.67
CA LEU A 55 -7.42 15.87 1.95
C LEU A 55 -6.39 16.30 2.94
N SER A 56 -5.31 16.97 2.48
CA SER A 56 -4.30 17.33 3.42
C SER A 56 -4.59 18.72 3.91
N GLU A 57 -5.43 19.50 3.19
CA GLU A 57 -5.73 20.84 3.62
C GLU A 57 -7.13 20.89 4.20
N VAL A 58 -8.01 19.92 3.85
CA VAL A 58 -9.36 19.96 4.36
C VAL A 58 -9.41 19.35 5.75
N SER A 59 -8.67 18.23 6.00
CA SER A 59 -8.74 17.64 7.32
C SER A 59 -7.50 17.98 8.10
N SER A 60 -6.48 18.60 7.46
CA SER A 60 -5.24 18.95 8.15
C SER A 60 -4.53 17.67 8.51
N VAL A 61 -4.58 16.68 7.59
CA VAL A 61 -3.92 15.42 7.83
C VAL A 61 -2.74 15.35 6.91
N PRO A 62 -1.59 15.09 7.49
CA PRO A 62 -0.34 15.00 6.75
C PRO A 62 -0.37 13.95 5.69
N VAL A 63 0.43 14.15 4.62
CA VAL A 63 0.44 13.21 3.51
C VAL A 63 1.06 11.89 3.93
N THR A 64 1.83 11.85 5.05
CA THR A 64 2.44 10.59 5.44
C THR A 64 1.55 9.89 6.45
N GLU A 65 0.88 10.64 7.35
CA GLU A 65 0.00 10.03 8.33
C GLU A 65 -1.23 9.51 7.62
N LEU A 66 -1.63 10.17 6.53
CA LEU A 66 -2.82 9.76 5.81
C LEU A 66 -2.47 8.58 4.94
N VAL A 67 -1.24 8.55 4.37
CA VAL A 67 -0.85 7.43 3.53
C VAL A 67 -0.78 6.14 4.32
N ARG A 68 -0.50 6.23 5.66
CA ARG A 68 -0.40 5.03 6.48
C ARG A 68 -1.78 4.45 6.76
N LEU A 69 -2.70 5.30 7.32
CA LEU A 69 -4.04 4.83 7.66
C LEU A 69 -4.78 4.36 6.42
N PHE A 70 -4.61 5.07 5.28
CA PHE A 70 -5.29 4.69 4.05
C PHE A 70 -4.86 3.31 3.63
N GLY A 71 -3.56 2.98 3.81
CA GLY A 71 -3.05 1.69 3.42
C GLY A 71 -3.80 0.58 4.15
N LYS A 72 -4.06 0.77 5.46
CA LYS A 72 -4.77 -0.25 6.24
C LYS A 72 -6.16 -0.54 5.71
N LYS A 73 -6.98 0.51 5.44
CA LYS A 73 -8.35 0.29 4.98
C LYS A 73 -8.45 -0.47 3.67
N LEU A 74 -7.72 -0.03 2.61
CA LEU A 74 -7.85 -0.67 1.32
C LEU A 74 -7.32 -2.10 1.32
N PHE A 75 -6.21 -2.39 2.04
CA PHE A 75 -5.67 -3.74 2.03
C PHE A 75 -6.66 -4.74 2.62
N VAL A 76 -7.33 -4.41 3.76
CA VAL A 76 -8.25 -5.36 4.36
C VAL A 76 -9.47 -5.49 3.48
N GLU A 77 -9.70 -4.52 2.57
CA GLU A 77 -10.84 -4.61 1.68
C GLU A 77 -10.58 -5.72 0.69
N LEU A 78 -9.32 -5.88 0.22
CA LEU A 78 -9.01 -6.93 -0.72
C LEU A 78 -9.11 -8.28 -0.05
N ILE A 79 -8.85 -8.34 1.28
CA ILE A 79 -8.96 -9.61 1.99
C ILE A 79 -10.42 -10.03 1.98
N GLU A 80 -11.34 -9.05 2.16
CA GLU A 80 -12.75 -9.36 2.18
C GLU A 80 -13.27 -9.34 0.75
N GLY A 81 -12.38 -9.11 -0.22
CA GLY A 81 -12.81 -9.06 -1.60
C GLY A 81 -12.52 -10.37 -2.27
N HIS A 82 -11.44 -11.08 -1.84
CA HIS A 82 -11.10 -12.33 -2.45
C HIS A 82 -10.95 -13.36 -1.38
N PRO A 83 -12.04 -14.06 -1.12
CA PRO A 83 -12.10 -15.11 -0.12
C PRO A 83 -11.16 -16.26 -0.37
N GLU A 84 -10.98 -16.65 -1.65
CA GLU A 84 -10.12 -17.77 -1.94
C GLU A 84 -8.69 -17.30 -2.08
N ILE A 85 -8.43 -15.99 -2.00
CA ILE A 85 -7.07 -15.54 -2.09
C ILE A 85 -6.51 -15.69 -0.69
N ALA A 86 -7.42 -15.53 0.32
CA ALA A 86 -7.03 -15.67 1.71
C ALA A 86 -6.79 -17.13 2.02
N ASN A 87 -7.65 -18.02 1.46
CA ASN A 87 -7.52 -19.44 1.73
C ASN A 87 -6.23 -20.00 1.17
N GLU A 88 -5.79 -19.51 -0.02
CA GLU A 88 -4.57 -20.02 -0.63
C GLU A 88 -3.35 -19.61 0.17
N MET A 89 -3.43 -18.49 0.92
CA MET A 89 -2.29 -18.03 1.69
C MET A 89 -2.20 -18.83 2.97
N LYS A 90 -0.96 -18.94 3.52
CA LYS A 90 -0.75 -19.72 4.72
C LYS A 90 -0.22 -18.85 5.83
N ASP A 91 0.48 -17.75 5.48
CA ASP A 91 1.05 -16.91 6.50
C ASP A 91 1.54 -15.67 5.82
N SER A 92 1.95 -14.65 6.60
CA SER A 92 2.44 -13.42 6.02
C SER A 92 3.83 -13.64 5.45
N PHE A 93 4.62 -14.58 6.02
CA PHE A 93 5.95 -14.82 5.51
C PHE A 93 5.80 -15.47 4.15
N ASP A 94 4.92 -16.51 4.07
CA ASP A 94 4.66 -17.17 2.80
C ASP A 94 4.10 -16.16 1.80
N LEU A 95 3.35 -15.15 2.30
CA LEU A 95 2.80 -14.12 1.44
C LEU A 95 3.92 -13.39 0.74
N LEU A 96 5.07 -13.18 1.42
CA LEU A 96 6.16 -12.45 0.80
C LEU A 96 6.75 -13.29 -0.32
N SER A 97 6.73 -14.62 -0.18
CA SER A 97 7.29 -15.48 -1.22
C SER A 97 6.21 -15.86 -2.21
N LYS A 98 5.04 -15.17 -2.20
CA LYS A 98 3.96 -15.52 -3.12
C LYS A 98 3.54 -14.27 -3.87
N ILE A 99 4.04 -13.09 -3.44
CA ILE A 99 3.66 -11.83 -4.07
C ILE A 99 4.01 -11.79 -5.53
N ASP A 100 5.27 -12.10 -5.91
CA ASP A 100 5.63 -12.01 -7.31
C ASP A 100 5.22 -13.23 -8.10
N SER A 101 5.19 -14.43 -7.48
CA SER A 101 4.89 -15.63 -8.24
C SER A 101 3.47 -15.65 -8.79
N PHE A 102 2.43 -15.46 -7.94
CA PHE A 102 1.08 -15.58 -8.49
C PHE A 102 0.23 -14.34 -8.28
N ILE A 103 0.36 -13.65 -7.13
CA ILE A 103 -0.51 -12.50 -6.89
C ILE A 103 -0.42 -11.44 -7.99
N HIS A 104 0.78 -10.95 -8.38
CA HIS A 104 0.81 -9.91 -9.38
C HIS A 104 0.95 -10.50 -10.77
N VAL A 105 0.97 -11.85 -10.89
CA VAL A 105 1.08 -12.45 -12.20
C VAL A 105 -0.31 -12.71 -12.68
N GLU A 106 -1.19 -13.16 -11.77
CA GLU A 106 -2.55 -13.43 -12.12
C GLU A 106 -3.23 -12.14 -12.52
N VAL A 107 -2.96 -11.03 -11.76
CA VAL A 107 -3.58 -9.76 -12.08
C VAL A 107 -3.06 -9.25 -13.42
N TYR A 108 -1.72 -9.32 -13.65
CA TYR A 108 -1.13 -8.83 -14.90
C TYR A 108 -1.75 -9.54 -16.09
N LYS A 109 -2.04 -10.85 -15.97
CA LYS A 109 -2.59 -11.58 -17.10
C LYS A 109 -4.04 -11.18 -17.29
N LEU A 110 -4.79 -11.00 -16.17
CA LEU A 110 -6.18 -10.67 -16.27
C LEU A 110 -6.41 -9.18 -16.15
N TYR A 111 -5.40 -8.32 -16.44
CA TYR A 111 -5.59 -6.89 -16.33
C TYR A 111 -4.38 -6.28 -16.97
N PRO A 112 -4.50 -6.00 -18.24
CA PRO A 112 -3.42 -5.46 -19.05
C PRO A 112 -3.15 -3.98 -18.92
N GLN A 113 -3.92 -3.26 -18.10
CA GLN A 113 -3.69 -1.84 -17.97
C GLN A 113 -2.77 -1.56 -16.81
N ALA A 114 -2.02 -2.57 -16.32
CA ALA A 114 -1.12 -2.33 -15.23
C ALA A 114 0.28 -2.64 -15.69
N GLU A 115 1.30 -2.05 -15.01
CA GLU A 115 2.67 -2.31 -15.39
C GLU A 115 3.49 -2.37 -14.13
N LEU A 116 4.44 -3.33 -14.06
CA LEU A 116 5.26 -3.46 -12.88
C LEU A 116 6.72 -3.47 -13.28
N PRO A 117 7.54 -3.12 -12.31
CA PRO A 117 8.98 -3.06 -12.47
C PRO A 117 9.68 -4.36 -12.19
N LYS A 118 10.93 -4.30 -11.65
CA LYS A 118 11.67 -5.52 -11.39
C LYS A 118 11.60 -5.83 -9.91
N PHE A 119 11.54 -7.15 -9.56
CA PHE A 119 11.44 -7.54 -8.17
C PHE A 119 12.35 -8.74 -7.93
N THR A 120 13.17 -8.70 -6.85
CA THR A 120 14.04 -9.83 -6.55
C THR A 120 13.95 -10.06 -5.05
N CYS A 121 14.34 -11.27 -4.58
CA CYS A 121 14.24 -11.54 -3.15
C CYS A 121 15.39 -12.42 -2.73
N ASP A 122 16.24 -11.89 -1.81
CA ASP A 122 17.35 -12.65 -1.30
C ASP A 122 17.00 -13.07 0.10
N ARG A 123 17.61 -14.19 0.59
CA ARG A 123 17.32 -14.66 1.93
C ARG A 123 18.61 -14.67 2.70
N LEU A 124 18.65 -13.88 3.81
CA LEU A 124 19.84 -13.84 4.62
C LEU A 124 19.73 -14.87 5.71
N GLY A 125 18.50 -15.27 6.10
CA GLY A 125 18.37 -16.23 7.16
C GLY A 125 16.93 -16.35 7.53
N ASP A 126 16.67 -16.54 8.85
CA ASP A 126 15.31 -16.70 9.31
C ASP A 126 14.79 -15.38 9.84
N ASN A 127 15.65 -14.63 10.56
CA ASN A 127 15.21 -13.37 11.14
C ASN A 127 15.63 -12.20 10.26
N ASP A 128 16.11 -12.47 9.03
CA ASP A 128 16.52 -11.40 8.15
C ASP A 128 16.07 -11.81 6.77
N ILE A 129 15.56 -10.88 5.92
CA ILE A 129 15.10 -11.23 4.60
C ILE A 129 15.35 -9.94 3.82
N ARG A 130 15.59 -9.98 2.48
CA ARG A 130 15.86 -8.73 1.81
C ARG A 130 15.02 -8.64 0.57
N LEU A 131 14.43 -7.45 0.34
CA LEU A 131 13.64 -7.26 -0.85
C LEU A 131 14.23 -6.10 -1.60
N HIS A 132 14.48 -6.30 -2.91
CA HIS A 132 15.04 -5.24 -3.72
C HIS A 132 13.97 -4.82 -4.67
N TYR A 133 13.76 -3.49 -4.81
CA TYR A 133 12.73 -3.03 -5.69
C TYR A 133 13.36 -2.02 -6.63
N GLN A 134 13.25 -2.25 -7.96
CA GLN A 134 13.83 -1.33 -8.91
C GLN A 134 12.72 -0.59 -9.59
N SER A 135 12.53 0.70 -9.18
CA SER A 135 11.49 1.51 -9.75
C SER A 135 11.93 2.96 -9.70
N LYS A 136 11.36 3.82 -10.59
CA LYS A 136 11.71 5.21 -10.61
C LYS A 136 10.76 5.99 -9.75
N ARG A 137 9.78 5.31 -9.09
CA ARG A 137 8.84 6.01 -8.25
C ARG A 137 8.77 5.26 -6.95
N PRO A 138 9.78 5.44 -6.15
CA PRO A 138 9.90 4.76 -4.88
C PRO A 138 9.45 5.54 -3.66
N PHE A 139 8.21 5.28 -3.20
CA PHE A 139 7.73 5.95 -2.00
C PHE A 139 7.76 4.92 -0.90
N ALA A 140 8.68 5.11 0.08
CA ALA A 140 8.82 4.18 1.17
C ALA A 140 7.58 4.17 2.05
N SER A 141 6.98 5.36 2.30
CA SER A 141 5.81 5.44 3.15
C SER A 141 4.68 4.62 2.59
N PHE A 142 4.49 4.62 1.26
CA PHE A 142 3.41 3.87 0.65
C PHE A 142 3.63 2.38 0.82
N ALA A 143 4.88 1.91 0.61
CA ALA A 143 5.18 0.50 0.71
C ALA A 143 4.90 -0.02 2.11
N GLU A 144 5.25 0.75 3.16
CA GLU A 144 5.04 0.30 4.52
C GLU A 144 3.56 0.20 4.80
N GLY A 145 2.77 1.10 4.18
CA GLY A 145 1.34 1.11 4.40
C GLY A 145 0.72 -0.20 3.98
N LEU A 146 1.21 -0.82 2.87
CA LEU A 146 0.61 -2.06 2.41
C LEU A 146 1.18 -3.26 3.15
N LEU A 147 2.52 -3.28 3.45
CA LEU A 147 3.10 -4.43 4.10
C LEU A 147 2.61 -4.54 5.53
N ASP A 148 2.51 -3.40 6.24
CA ASP A 148 2.07 -3.41 7.62
C ASP A 148 0.58 -3.68 7.69
N GLY A 149 -0.20 -3.31 6.65
CA GLY A 149 -1.63 -3.54 6.68
C GLY A 149 -1.89 -5.02 6.72
N CYS A 150 -1.12 -5.79 5.91
CA CYS A 150 -1.25 -7.24 5.89
C CYS A 150 -0.95 -7.78 7.27
N ALA A 151 0.11 -7.26 7.94
CA ALA A 151 0.46 -7.75 9.25
C ALA A 151 -0.56 -7.25 10.26
N GLU A 152 -1.48 -6.38 9.81
CA GLU A 152 -2.49 -5.88 10.71
C GLU A 152 -3.58 -6.90 10.84
N TYR A 153 -4.07 -7.47 9.70
CA TYR A 153 -5.11 -8.47 9.77
C TYR A 153 -4.63 -9.68 10.53
N PHE A 154 -3.40 -10.18 10.22
CA PHE A 154 -2.89 -11.36 10.90
C PHE A 154 -2.54 -11.07 12.34
N LYS A 155 -2.22 -9.80 12.67
CA LYS A 155 -1.85 -9.43 14.03
C LYS A 155 -0.51 -10.03 14.35
N GLU A 156 0.50 -9.82 13.46
CA GLU A 156 1.81 -10.35 13.71
C GLU A 156 2.70 -9.19 14.13
N ASP A 157 4.03 -9.41 14.15
CA ASP A 157 4.91 -8.35 14.56
C ASP A 157 6.19 -8.43 13.76
N PHE A 158 6.17 -7.86 12.54
CA PHE A 158 7.35 -7.84 11.70
C PHE A 158 7.74 -6.39 11.57
N THR A 159 9.04 -6.10 11.30
CA THR A 159 9.45 -4.71 11.20
C THR A 159 10.15 -4.52 9.88
N ILE A 160 9.69 -3.50 9.13
CA ILE A 160 10.29 -3.18 7.85
C ILE A 160 11.28 -2.07 8.07
N SER A 161 12.54 -2.25 7.59
CA SER A 161 13.55 -1.24 7.76
C SER A 161 14.08 -0.84 6.41
N ARG A 162 15.19 -0.04 6.41
CA ARG A 162 15.77 0.45 5.18
C ARG A 162 17.24 0.68 5.42
N THR A 163 18.06 0.68 4.33
CA THR A 163 19.48 0.93 4.51
C THR A 163 19.79 2.33 4.06
N PRO A 164 20.81 2.88 4.68
CA PRO A 164 21.27 4.24 4.41
C PRO A 164 21.99 4.43 3.10
N GLU A 165 22.38 3.32 2.44
CA GLU A 165 23.10 3.45 1.18
C GLU A 165 22.15 3.97 0.13
N THR A 166 20.90 3.44 0.11
CA THR A 166 19.94 3.89 -0.86
C THR A 166 18.81 4.56 -0.15
N GLN A 167 19.04 4.96 1.12
CA GLN A 167 18.03 5.63 1.91
C GLN A 167 17.62 6.92 1.23
N ASP A 168 18.59 7.67 0.67
CA ASP A 168 18.24 8.91 0.02
C ASP A 168 18.64 8.82 -1.43
N SER A 169 18.26 7.71 -2.11
CA SER A 169 18.61 7.57 -3.50
C SER A 169 17.42 6.91 -4.17
N GLU A 170 17.19 7.23 -5.46
CA GLU A 170 16.07 6.67 -6.16
C GLU A 170 16.57 5.60 -7.11
N THR A 171 15.60 4.92 -7.79
CA THR A 171 15.87 3.87 -8.76
C THR A 171 16.05 2.53 -8.09
N ASP A 172 16.71 2.48 -6.90
CA ASP A 172 16.91 1.20 -6.26
C ASP A 172 16.83 1.41 -4.77
N VAL A 173 16.07 0.52 -4.07
CA VAL A 173 15.94 0.65 -2.64
C VAL A 173 16.15 -0.71 -2.02
N ILE A 174 16.93 -0.74 -0.91
CA ILE A 174 17.21 -1.99 -0.23
C ILE A 174 16.43 -1.99 1.06
N PHE A 175 15.54 -3.00 1.22
CA PHE A 175 14.74 -3.10 2.42
C PHE A 175 15.18 -4.29 3.21
N ASN A 176 15.05 -4.19 4.54
CA ASN A 176 15.47 -5.24 5.42
C ASN A 176 14.30 -5.58 6.32
N ILE A 177 13.83 -6.85 6.29
CA ILE A 177 12.72 -7.25 7.12
C ILE A 177 13.30 -8.10 8.22
N THR A 178 12.97 -7.75 9.49
CA THR A 178 13.53 -8.48 10.61
C THR A 178 12.43 -8.96 11.49
N ARG A 179 12.54 -10.23 12.00
CA ARG A 179 11.52 -10.75 12.88
C ARG A 179 12.02 -10.52 14.29
N ALA A 180 11.30 -9.67 15.04
CA ALA A 180 11.70 -9.39 16.40
C ALA A 180 11.03 -10.40 17.30
N PRO A 181 11.49 -10.46 18.54
CA PRO A 181 10.93 -11.37 19.55
C PRO A 181 9.47 -11.14 19.77
N ARG A 182 9.04 -9.90 19.40
CA ARG A 182 7.65 -9.50 19.48
C ARG A 182 7.36 -8.93 20.85
N GLY A 183 8.31 -9.04 21.79
CA GLY A 183 8.05 -8.52 23.11
C GLY A 183 9.32 -7.95 23.68
N ALA A 184 10.19 -7.41 22.83
CA ALA A 184 11.41 -6.84 23.31
C ALA A 184 11.81 -5.73 22.38
N GLU A 185 12.47 -4.69 22.94
CA GLU A 185 12.90 -3.59 22.14
C GLU A 185 14.01 -2.88 22.87
N ASN A 186 14.84 -2.12 22.11
CA ASN A 186 15.94 -1.37 22.70
C ASN A 186 17.01 -2.36 23.13
N LEU A 187 17.20 -3.43 22.31
CA LEU A 187 18.19 -4.43 22.62
C LEU A 187 19.57 -3.85 22.43
N TYR A 188 19.76 -3.03 21.38
CA TYR A 188 21.06 -2.46 21.13
C TYR A 188 20.94 -0.97 21.13
N PHE A 189 21.06 -0.34 19.93
CA PHE A 189 20.96 1.09 19.86
C PHE A 189 20.43 1.45 18.50
N GLN A 190 19.91 2.70 18.38
CA GLN A 190 19.38 3.18 17.12
C GLN A 190 18.15 2.33 16.77
C01 IWP B . -8.16 6.24 10.27
C02 IWP B . -8.26 7.61 10.08
C03 IWP B . -8.64 5.66 11.45
C04 IWP B . -8.77 8.42 11.09
C05 IWP B . -9.57 2.32 15.97
C06 IWP B . -8.39 1.80 16.24
C07 IWP B . -11.68 2.97 13.80
C08 IWP B . -15.17 2.84 11.11
C09 IWP B . -9.50 5.87 13.80
C10 IWP B . -9.11 6.47 12.48
C11 IWP B . -9.22 7.85 12.28
C12 IWP B . -16.26 3.04 11.94
C13 IWP B . -9.43 2.91 14.73
C14 IWP B . -12.45 4.02 13.18
C15 IWP B . -10.51 3.59 14.09
C16 IWP B . -13.80 3.68 12.74
C17 IWP B . -16.03 3.60 13.19
F18 IWP B . -9.75 8.63 13.23
F19 IWP B . -17.50 2.71 11.55
N20 IWP B . -13.92 3.17 11.50
N21 IWP B . -14.80 3.92 13.60
N22 IWP B . -11.77 5.21 13.08
N23 IWP B . -8.21 2.77 14.21
N24 IWP B . -10.57 4.87 13.67
O25 IWP B . -17.08 3.81 14.05
O26 IWP B . -7.49 2.02 15.22
H01 IWP B . -7.69 5.61 9.52
H02 IWP B . -7.94 8.04 9.14
H03 IWP B . -8.66 4.58 11.56
H04 IWP B . -8.82 9.49 10.94
H05 IWP B . -10.47 2.30 16.60
H06 IWP B . -8.04 1.24 17.10
H07 IWP B . -11.97 1.94 13.99
H08 IWP B . -15.28 2.42 10.12
H091 IWP B . -8.63 5.38 14.26
H092 IWP B . -9.85 6.66 14.48
H25 IWP B . -16.72 3.92 14.95
CHA HEM C . 0.71 -2.34 -7.30
CHB HEM C . 2.89 -4.26 -3.60
CHC HEM C . -0.84 -7.08 -2.90
CHD HEM C . -2.67 -5.70 -7.10
C1A HEM C . 1.62 -2.61 -6.34
C2A HEM C . 2.76 -1.89 -6.14
C3A HEM C . 3.45 -2.53 -5.16
C4A HEM C . 2.67 -3.57 -4.74
CMA HEM C . 4.69 -2.09 -4.56
CAA HEM C . 3.20 -0.73 -6.89
CBA HEM C . 3.22 0.46 -6.06
CGA HEM C . 4.33 1.31 -6.48
O1A HEM C . 5.22 0.85 -7.16
O2A HEM C . 4.35 2.49 -6.15
C1B HEM C . 2.00 -5.10 -3.03
C2B HEM C . 2.10 -5.57 -1.75
C3B HEM C . 1.12 -6.51 -1.61
C4B HEM C . 0.34 -6.42 -2.73
CMB HEM C . 2.97 -5.08 -0.71
CAB HEM C . 0.72 -7.13 -0.37
CBB HEM C . 0.94 -6.57 0.84
C1C HEM C . -1.73 -6.81 -3.88
C2C HEM C . -3.02 -7.28 -3.91
C3C HEM C . -3.51 -6.97 -5.14
C4C HEM C . -2.54 -6.27 -5.79
CMC HEM C . -3.73 -7.93 -2.82
CAC HEM C . -4.65 -7.63 -5.77
CBC HEM C . -4.66 -8.91 -6.17
C1D HEM C . -1.73 -4.75 -7.63
C2D HEM C . -1.75 -4.24 -8.89
C3D HEM C . -0.79 -3.27 -8.93
C4D HEM C . -0.29 -3.19 -7.67
CMD HEM C . -2.57 -4.70 -10.00
CAD HEM C . -0.25 -2.64 -10.13
CBD HEM C . 0.46 -1.41 -9.81
CGD HEM C . -0.43 -0.50 -9.13
O1D HEM C . -1.04 -0.87 -8.13
O2D HEM C . -0.57 0.64 -9.55
NA HEM C . 1.55 -3.70 -5.51
NB HEM C . 0.85 -5.53 -3.63
NC HEM C . -1.45 -6.05 -4.98
ND HEM C . -0.73 -4.21 -6.89
FE HEM C . 0.05 -4.88 -5.26
HHB HEM C . 3.80 -4.05 -3.05
HHC HEM C . -1.03 -7.92 -2.25
HHD HEM C . -3.61 -5.84 -7.63
HMA HEM C . 4.92 -1.07 -4.88
HMAA HEM C . 5.51 -2.75 -4.86
HMAB HEM C . 4.60 -2.11 -3.46
HAA HEM C . 4.20 -0.91 -7.30
HAAA HEM C . 2.50 -0.56 -7.73
HBA HEM C . 2.29 1.02 -6.17
HBAA HEM C . 3.37 0.19 -5.01
HMB HEM C . 2.41 -4.98 0.23
HMBA HEM C . 3.37 -4.10 -1.00
HMBB HEM C . 3.81 -5.77 -0.56
HAB HEM C . 0.36 -8.15 -0.39
HBB HEM C . 1.93 -6.15 1.06
HBBA HEM C . 0.08 -6.33 1.47
HMC HEM C . -3.09 -8.68 -2.34
HMCA HEM C . -4.02 -7.17 -2.06
HMCB HEM C . -4.63 -8.42 -3.20
HAC HEM C . -5.55 -7.04 -5.92
HBC HEM C . -5.39 -9.21 -6.92
HBCA HEM C . -4.17 -9.64 -5.54
HMD HEM C . -3.17 -5.56 -9.69
HMDA HEM C . -3.24 -3.89 -10.32
HMDB HEM C . -1.92 -4.99 -10.84
HAD HEM C . -1.07 -2.42 -10.82
HADA HEM C . 0.43 -3.34 -10.62
HBD HEM C . 1.31 -1.63 -9.15
HBDA HEM C . 0.82 -0.95 -10.73
HHA HEM C . 0.78 -1.38 -7.82
C CMO D . -0.84 -3.52 -4.27
O CMO D . -1.37 -2.70 -3.69
N MET A 1 -4.86 -0.22 -10.54
CA MET A 1 -5.39 0.16 -9.20
C MET A 1 -5.66 1.64 -9.15
N MET A 2 -6.89 2.06 -9.53
CA MET A 2 -7.22 3.46 -9.49
C MET A 2 -8.70 3.58 -9.25
N GLY A 3 -9.51 2.66 -9.82
CA GLY A 3 -10.95 2.74 -9.64
C GLY A 3 -11.30 2.32 -8.23
N MET A 4 -10.66 1.23 -7.70
CA MET A 4 -10.99 0.78 -6.37
C MET A 4 -10.24 1.57 -5.34
N VAL A 5 -9.28 2.43 -5.75
CA VAL A 5 -8.58 3.20 -4.77
C VAL A 5 -9.44 4.39 -4.49
N PHE A 6 -10.31 4.76 -5.47
CA PHE A 6 -11.22 5.86 -5.31
C PHE A 6 -12.31 5.42 -4.38
N THR A 7 -12.75 4.14 -4.51
CA THR A 7 -13.84 3.63 -3.67
C THR A 7 -13.45 3.69 -2.22
N GLY A 8 -12.22 3.24 -1.87
CA GLY A 8 -11.80 3.26 -0.48
C GLY A 8 -11.76 4.69 0.04
N LEU A 9 -11.25 5.64 -0.78
CA LEU A 9 -11.12 7.02 -0.35
C LEU A 9 -12.48 7.67 -0.11
N MET A 10 -13.50 7.37 -0.96
CA MET A 10 -14.82 8.00 -0.80
C MET A 10 -15.48 7.52 0.48
N GLU A 11 -15.31 6.21 0.78
CA GLU A 11 -15.92 5.62 1.94
C GLU A 11 -15.25 6.10 3.22
N LEU A 12 -13.94 6.44 3.15
CA LEU A 12 -13.22 6.86 4.33
C LEU A 12 -13.63 8.25 4.76
N ILE A 13 -13.80 9.21 3.82
CA ILE A 13 -14.11 10.58 4.22
C ILE A 13 -15.56 10.71 4.59
N GLU A 14 -16.44 9.83 4.06
CA GLU A 14 -17.86 9.96 4.35
C GLU A 14 -18.14 9.50 5.77
N ASP A 15 -17.50 8.39 6.18
CA ASP A 15 -17.76 7.84 7.50
C ASP A 15 -16.98 8.54 8.57
N GLU A 16 -15.73 8.97 8.27
CA GLU A 16 -14.91 9.56 9.30
C GLU A 16 -15.35 10.95 9.66
N PHE A 17 -15.66 11.83 8.68
CA PHE A 17 -16.03 13.17 9.09
C PHE A 17 -17.39 13.61 8.60
N GLY A 18 -17.93 13.06 7.50
CA GLY A 18 -19.23 13.53 7.09
C GLY A 18 -19.34 13.48 5.59
N TYR A 19 -20.53 13.87 5.08
CA TYR A 19 -20.75 13.81 3.67
C TYR A 19 -20.56 15.20 3.14
N GLU A 20 -20.61 16.21 4.03
CA GLU A 20 -20.39 17.59 3.63
C GLU A 20 -18.94 17.74 3.28
N THR A 21 -18.06 17.09 4.08
CA THR A 21 -16.64 17.17 3.83
C THR A 21 -16.35 16.45 2.53
N LEU A 22 -17.02 15.29 2.29
CA LEU A 22 -16.81 14.57 1.04
C LEU A 22 -17.33 15.42 -0.11
N ASP A 23 -18.29 16.32 0.18
CA ASP A 23 -18.85 17.17 -0.84
C ASP A 23 -17.80 18.15 -1.31
N THR A 24 -16.99 18.68 -0.36
CA THR A 24 -15.95 19.65 -0.70
C THR A 24 -14.92 18.99 -1.59
N LEU A 25 -14.57 17.73 -1.30
CA LEU A 25 -13.57 17.01 -2.08
C LEU A 25 -14.04 16.89 -3.52
N LEU A 26 -15.36 16.63 -3.70
CA LEU A 26 -15.93 16.47 -5.02
C LEU A 26 -15.86 17.78 -5.77
N GLU A 27 -16.04 18.91 -5.04
CA GLU A 27 -16.03 20.21 -5.69
C GLU A 27 -14.64 20.51 -6.23
N SER A 28 -13.58 20.11 -5.49
CA SER A 28 -12.23 20.36 -5.93
C SER A 28 -11.98 19.65 -7.25
N CYS A 29 -12.51 18.43 -7.43
CA CYS A 29 -12.25 17.73 -8.68
C CYS A 29 -13.52 17.69 -9.49
N GLU A 30 -13.56 18.49 -10.59
CA GLU A 30 -14.72 18.53 -11.45
C GLU A 30 -14.85 17.18 -12.12
N LEU A 31 -16.10 16.68 -12.25
CA LEU A 31 -16.30 15.39 -12.86
C LEU A 31 -17.12 15.58 -14.11
N GLN A 32 -16.58 15.09 -15.24
CA GLN A 32 -17.26 15.20 -16.52
C GLN A 32 -18.41 14.23 -16.56
N SER A 33 -18.21 12.99 -16.05
CA SER A 33 -19.25 11.99 -16.10
C SER A 33 -19.92 11.89 -14.76
N GLU A 34 -20.29 10.63 -14.37
CA GLU A 34 -20.97 10.41 -13.10
C GLU A 34 -20.02 10.71 -11.98
N GLY A 35 -18.74 10.29 -12.13
CA GLY A 35 -17.78 10.57 -11.10
C GLY A 35 -17.46 9.33 -10.32
N ILE A 36 -18.31 8.28 -10.36
CA ILE A 36 -17.99 7.09 -9.61
C ILE A 36 -18.25 5.89 -10.49
N TYR A 37 -17.16 5.32 -11.06
CA TYR A 37 -17.29 4.18 -11.95
C TYR A 37 -17.11 2.91 -11.17
N THR A 38 -16.32 2.00 -11.77
CA THR A 38 -16.02 0.73 -11.18
C THR A 38 -14.55 0.52 -11.46
N SER A 39 -13.96 -0.61 -11.02
CA SER A 39 -12.55 -0.80 -11.26
C SER A 39 -12.38 -1.40 -12.63
N VAL A 40 -11.78 -0.62 -13.57
CA VAL A 40 -11.58 -1.10 -14.91
C VAL A 40 -10.94 0.00 -15.74
N GLY A 41 -10.77 1.21 -15.15
CA GLY A 41 -10.21 2.31 -15.91
C GLY A 41 -8.72 2.36 -15.71
N SER A 42 -8.20 3.62 -15.53
CA SER A 42 -6.76 3.83 -15.39
C SER A 42 -6.52 5.30 -15.59
N TYR A 43 -6.73 6.11 -14.52
CA TYR A 43 -6.52 7.54 -14.64
C TYR A 43 -5.08 7.87 -14.39
N ASP A 44 -4.77 9.19 -14.37
CA ASP A 44 -3.42 9.65 -14.17
C ASP A 44 -3.06 9.54 -12.71
N HIS A 45 -1.77 9.86 -12.41
CA HIS A 45 -1.28 9.77 -11.06
C HIS A 45 -1.59 11.07 -10.36
N GLN A 46 -1.58 12.19 -11.14
CA GLN A 46 -1.85 13.50 -10.57
C GLN A 46 -3.29 13.56 -10.10
N GLU A 47 -4.18 12.76 -10.72
CA GLU A 47 -5.59 12.76 -10.31
C GLU A 47 -5.69 12.38 -8.85
N LEU A 48 -5.02 11.27 -8.45
CA LEU A 48 -5.03 10.81 -7.08
C LEU A 48 -4.38 11.85 -6.18
N LEU A 49 -3.35 12.56 -6.71
CA LEU A 49 -2.62 13.52 -5.90
C LEU A 49 -3.49 14.73 -5.63
N GLN A 50 -4.35 15.13 -6.60
CA GLN A 50 -5.20 16.29 -6.41
C GLN A 50 -6.16 16.04 -5.28
N LEU A 51 -6.70 14.80 -5.16
CA LEU A 51 -7.64 14.52 -4.08
C LEU A 51 -6.88 14.29 -2.79
N VAL A 52 -5.54 14.15 -2.88
CA VAL A 52 -4.77 13.91 -1.70
C VAL A 52 -4.36 15.24 -1.11
N VAL A 53 -4.01 16.24 -1.95
CA VAL A 53 -3.63 17.52 -1.42
C VAL A 53 -4.85 18.20 -0.84
N LYS A 54 -6.07 17.94 -1.40
CA LYS A 54 -7.25 18.56 -0.82
C LYS A 54 -7.51 17.90 0.51
N LEU A 55 -7.22 16.58 0.66
CA LEU A 55 -7.46 15.89 1.92
C LEU A 55 -6.43 16.32 2.92
N SER A 56 -5.35 17.00 2.47
CA SER A 56 -4.34 17.35 3.41
C SER A 56 -4.64 18.74 3.92
N GLU A 57 -5.48 19.53 3.19
CA GLU A 57 -5.79 20.86 3.63
C GLU A 57 -7.19 20.91 4.20
N VAL A 58 -8.06 19.94 3.85
CA VAL A 58 -9.41 19.97 4.36
C VAL A 58 -9.47 19.35 5.74
N SER A 59 -8.73 18.24 5.98
CA SER A 59 -8.81 17.63 7.30
C SER A 59 -7.58 17.97 8.10
N SER A 60 -6.57 18.61 7.46
CA SER A 60 -5.35 18.96 8.17
C SER A 60 -4.62 17.69 8.52
N VAL A 61 -4.66 16.71 7.60
CA VAL A 61 -4.00 15.45 7.85
C VAL A 61 -2.81 15.40 6.94
N PRO A 62 -1.66 15.14 7.52
CA PRO A 62 -0.41 15.06 6.79
C PRO A 62 -0.43 14.01 5.73
N VAL A 63 0.38 14.22 4.66
CA VAL A 63 0.40 13.29 3.56
C VAL A 63 1.04 11.97 3.98
N THR A 64 1.79 11.93 5.10
CA THR A 64 2.42 10.69 5.49
C THR A 64 1.53 9.96 6.49
N GLU A 65 0.84 10.70 7.39
CA GLU A 65 -0.04 10.08 8.35
C GLU A 65 -1.26 9.54 7.63
N LEU A 66 -1.66 10.21 6.53
CA LEU A 66 -2.84 9.80 5.80
C LEU A 66 -2.49 8.63 4.92
N VAL A 67 -1.24 8.61 4.37
CA VAL A 67 -0.84 7.51 3.52
C VAL A 67 -0.77 6.21 4.32
N ARG A 68 -0.50 6.29 5.65
CA ARG A 68 -0.40 5.08 6.47
C ARG A 68 -1.78 4.51 6.73
N LEU A 69 -2.70 5.34 7.28
CA LEU A 69 -4.04 4.87 7.60
C LEU A 69 -4.77 4.40 6.36
N PHE A 70 -4.60 5.10 5.22
CA PHE A 70 -5.26 4.74 3.98
C PHE A 70 -4.83 3.34 3.57
N GLY A 71 -3.52 3.02 3.76
CA GLY A 71 -3.01 1.72 3.38
C GLY A 71 -3.76 0.63 4.11
N LYS A 72 -4.03 0.81 5.42
CA LYS A 72 -4.74 -0.21 6.20
C LYS A 72 -6.14 -0.50 5.66
N LYS A 73 -6.94 0.55 5.37
CA LYS A 73 -8.31 0.34 4.92
C LYS A 73 -8.41 -0.43 3.61
N LEU A 74 -7.68 -0.01 2.56
CA LEU A 74 -7.80 -0.66 1.27
C LEU A 74 -7.28 -2.10 1.30
N PHE A 75 -6.17 -2.38 2.01
CA PHE A 75 -5.63 -3.74 2.02
C PHE A 75 -6.62 -4.73 2.62
N VAL A 76 -7.28 -4.40 3.75
CA VAL A 76 -8.21 -5.35 4.35
C VAL A 76 -9.44 -5.49 3.48
N GLU A 77 -9.66 -4.52 2.57
CA GLU A 77 -10.80 -4.61 1.68
C GLU A 77 -10.55 -5.73 0.68
N LEU A 78 -9.28 -5.89 0.22
CA LEU A 78 -8.97 -6.94 -0.73
C LEU A 78 -9.07 -8.28 -0.05
N ILE A 79 -8.80 -8.34 1.28
CA ILE A 79 -8.91 -9.61 1.99
C ILE A 79 -10.37 -10.04 1.97
N GLU A 80 -11.29 -9.06 2.15
CA GLU A 80 -12.70 -9.37 2.17
C GLU A 80 -13.22 -9.36 0.75
N GLY A 81 -12.32 -9.14 -0.24
CA GLY A 81 -12.75 -9.10 -1.62
C GLY A 81 -12.43 -10.40 -2.28
N HIS A 82 -11.37 -11.11 -1.82
CA HIS A 82 -11.00 -12.36 -2.44
C HIS A 82 -10.88 -13.40 -1.36
N PRO A 83 -11.99 -14.09 -1.14
CA PRO A 83 -12.07 -15.14 -0.14
C PRO A 83 -11.12 -16.29 -0.38
N GLU A 84 -10.92 -16.68 -1.66
CA GLU A 84 -10.05 -17.80 -1.93
C GLU A 84 -8.63 -17.34 -2.06
N ILE A 85 -8.37 -16.01 -1.97
CA ILE A 85 -7.01 -15.58 -2.05
C ILE A 85 -6.47 -15.72 -0.65
N ALA A 86 -7.38 -15.58 0.36
CA ALA A 86 -7.01 -15.72 1.74
C ALA A 86 -6.78 -17.17 2.05
N ASN A 87 -7.63 -18.07 1.48
CA ASN A 87 -7.52 -19.49 1.73
C ASN A 87 -6.23 -20.04 1.17
N GLU A 88 -5.78 -19.55 -0.01
CA GLU A 88 -4.57 -20.06 -0.62
C GLU A 88 -3.35 -19.65 0.18
N MET A 89 -3.43 -18.53 0.93
CA MET A 89 -2.28 -18.08 1.69
C MET A 89 -2.18 -18.88 2.97
N LYS A 90 -0.95 -18.98 3.53
CA LYS A 90 -0.75 -19.77 4.73
C LYS A 90 -0.21 -18.89 5.84
N ASP A 91 0.50 -17.80 5.49
CA ASP A 91 1.07 -16.95 6.51
C ASP A 91 1.57 -15.72 5.82
N SER A 92 1.97 -14.71 6.61
CA SER A 92 2.48 -13.47 6.03
C SER A 92 3.85 -13.69 5.45
N PHE A 93 4.64 -14.64 6.02
CA PHE A 93 5.97 -14.88 5.50
C PHE A 93 5.82 -15.54 4.14
N ASP A 94 4.94 -16.58 4.07
CA ASP A 94 4.67 -17.24 2.80
C ASP A 94 4.12 -16.22 1.81
N LEU A 95 3.37 -15.21 2.30
CA LEU A 95 2.82 -14.18 1.45
C LEU A 95 3.94 -13.45 0.74
N LEU A 96 5.09 -13.24 1.42
CA LEU A 96 6.19 -12.51 0.81
C LEU A 96 6.78 -13.34 -0.31
N SER A 97 6.75 -14.68 -0.17
CA SER A 97 7.31 -15.54 -1.21
C SER A 97 6.23 -15.90 -2.21
N LYS A 98 5.06 -15.22 -2.19
CA LYS A 98 3.99 -15.56 -3.11
C LYS A 98 3.56 -14.31 -3.86
N ILE A 99 4.07 -13.13 -3.42
CA ILE A 99 3.67 -11.87 -4.04
C ILE A 99 4.02 -11.81 -5.51
N ASP A 100 5.28 -12.12 -5.88
CA ASP A 100 5.65 -12.02 -7.28
C ASP A 100 5.24 -13.25 -8.09
N SER A 101 5.20 -14.44 -7.48
CA SER A 101 4.90 -15.63 -8.25
C SER A 101 3.48 -15.66 -8.80
N PHE A 102 2.43 -15.47 -7.94
CA PHE A 102 1.09 -15.60 -8.48
C PHE A 102 0.23 -14.36 -8.28
N ILE A 103 0.37 -13.66 -7.14
CA ILE A 103 -0.51 -12.52 -6.90
C ILE A 103 -0.42 -11.45 -8.00
N HIS A 104 0.78 -10.98 -8.40
CA HIS A 104 0.80 -9.94 -9.41
C HIS A 104 0.94 -10.53 -10.79
N VAL A 105 0.96 -11.88 -10.92
CA VAL A 105 1.07 -12.50 -12.22
C VAL A 105 -0.33 -12.76 -12.70
N GLU A 106 -1.19 -13.20 -11.77
CA GLU A 106 -2.56 -13.49 -12.12
C GLU A 106 -3.25 -12.20 -12.51
N VAL A 107 -2.97 -11.09 -11.78
CA VAL A 107 -3.61 -9.82 -12.10
C VAL A 107 -3.10 -9.32 -13.44
N TYR A 108 -1.76 -9.38 -13.67
CA TYR A 108 -1.17 -8.90 -14.92
C TYR A 108 -1.79 -9.61 -16.12
N LYS A 109 -2.07 -10.92 -15.98
CA LYS A 109 -2.61 -11.65 -17.11
C LYS A 109 -4.06 -11.25 -17.30
N LEU A 110 -4.81 -11.07 -16.18
CA LEU A 110 -6.21 -10.73 -16.29
C LEU A 110 -6.44 -9.23 -16.16
N TYR A 111 -5.43 -8.38 -16.46
CA TYR A 111 -5.62 -6.95 -16.34
C TYR A 111 -4.40 -6.33 -16.99
N PRO A 112 -4.52 -6.04 -18.25
CA PRO A 112 -3.44 -5.50 -19.08
C PRO A 112 -3.17 -4.02 -18.94
N GLN A 113 -3.95 -3.29 -18.10
CA GLN A 113 -3.72 -1.88 -17.97
C GLN A 113 -2.81 -1.60 -16.81
N ALA A 114 -2.04 -2.61 -16.34
CA ALA A 114 -1.15 -2.37 -15.23
C ALA A 114 0.26 -2.68 -15.70
N GLU A 115 1.27 -2.11 -15.02
CA GLU A 115 2.64 -2.36 -15.39
C GLU A 115 3.46 -2.44 -14.13
N LEU A 116 4.42 -3.39 -14.08
CA LEU A 116 5.22 -3.55 -12.88
C LEU A 116 6.69 -3.53 -13.27
N PRO A 117 7.50 -3.18 -12.29
CA PRO A 117 8.94 -3.10 -12.43
C PRO A 117 9.65 -4.40 -12.16
N LYS A 118 10.90 -4.32 -11.61
CA LYS A 118 11.64 -5.54 -11.36
C LYS A 118 11.59 -5.85 -9.88
N PHE A 119 11.54 -7.17 -9.52
CA PHE A 119 11.46 -7.56 -8.13
C PHE A 119 12.36 -8.74 -7.90
N THR A 120 13.19 -8.70 -6.82
CA THR A 120 14.06 -9.82 -6.52
C THR A 120 13.97 -10.07 -5.04
N CYS A 121 14.36 -11.29 -4.57
CA CYS A 121 14.27 -11.57 -3.14
C CYS A 121 15.42 -12.44 -2.72
N ASP A 122 16.26 -11.90 -1.81
CA ASP A 122 17.38 -12.65 -1.29
C ASP A 122 17.03 -13.09 0.11
N ARG A 123 17.65 -14.20 0.58
CA ARG A 123 17.36 -14.68 1.92
C ARG A 123 18.64 -14.68 2.70
N LEU A 124 18.68 -13.90 3.80
CA LEU A 124 19.87 -13.85 4.62
C LEU A 124 19.77 -14.89 5.71
N GLY A 125 18.54 -15.28 6.08
CA GLY A 125 18.41 -16.26 7.13
C GLY A 125 16.96 -16.39 7.51
N ASP A 126 16.71 -16.58 8.83
CA ASP A 126 15.35 -16.75 9.28
C ASP A 126 14.84 -15.44 9.83
N ASN A 127 15.70 -14.68 10.55
CA ASN A 127 15.25 -13.44 11.13
C ASN A 127 15.66 -12.27 10.26
N ASP A 128 16.14 -12.53 9.02
CA ASP A 128 16.54 -11.44 8.14
C ASP A 128 16.08 -11.86 6.76
N ILE A 129 15.57 -10.93 5.92
CA ILE A 129 15.12 -11.28 4.59
C ILE A 129 15.36 -10.00 3.82
N ARG A 130 15.60 -10.01 2.49
CA ARG A 130 15.86 -8.76 1.81
C ARG A 130 15.01 -8.67 0.58
N LEU A 131 14.43 -7.47 0.35
CA LEU A 131 13.63 -7.27 -0.83
C LEU A 131 14.21 -6.11 -1.58
N HIS A 132 14.48 -6.30 -2.89
CA HIS A 132 15.03 -5.24 -3.70
C HIS A 132 13.95 -4.83 -4.65
N TYR A 133 13.74 -3.50 -4.79
CA TYR A 133 12.69 -3.04 -5.67
C TYR A 133 13.32 -2.02 -6.59
N GLN A 134 13.21 -2.27 -7.93
CA GLN A 134 13.79 -1.34 -8.89
C GLN A 134 12.67 -0.60 -9.56
N SER A 135 12.50 0.69 -9.16
CA SER A 135 11.46 1.51 -9.72
C SER A 135 11.90 2.96 -9.66
N LYS A 136 11.32 3.81 -10.55
CA LYS A 136 11.69 5.21 -10.58
C LYS A 136 10.73 6.00 -9.71
N ARG A 137 9.76 5.32 -9.05
CA ARG A 137 8.82 6.04 -8.21
C ARG A 137 8.76 5.29 -6.90
N PRO A 138 9.78 5.47 -6.09
CA PRO A 138 9.91 4.80 -4.82
C PRO A 138 9.46 5.59 -3.62
N PHE A 139 8.23 5.32 -3.12
CA PHE A 139 7.78 6.00 -1.92
C PHE A 139 7.78 4.97 -0.82
N ALA A 140 8.70 5.15 0.15
CA ALA A 140 8.83 4.22 1.26
C ALA A 140 7.59 4.22 2.12
N SER A 141 6.99 5.40 2.37
CA SER A 141 5.82 5.48 3.23
C SER A 141 4.69 4.66 2.66
N PHE A 142 4.51 4.68 1.32
CA PHE A 142 3.44 3.92 0.69
C PHE A 142 3.65 2.43 0.88
N ALA A 143 4.90 1.95 0.66
CA ALA A 143 5.19 0.54 0.77
C ALA A 143 4.93 0.01 2.16
N GLU A 144 5.29 0.79 3.21
CA GLU A 144 5.09 0.34 4.58
C GLU A 144 3.61 0.24 4.86
N GLY A 145 2.81 1.14 4.25
CA GLY A 145 1.39 1.15 4.48
C GLY A 145 0.77 -0.17 4.06
N LEU A 146 1.26 -0.78 2.95
CA LEU A 146 0.66 -2.01 2.48
C LEU A 146 1.23 -3.22 3.21
N LEU A 147 2.56 -3.23 3.52
CA LEU A 147 3.15 -4.39 4.16
C LEU A 147 2.66 -4.51 5.58
N ASP A 148 2.56 -3.37 6.30
CA ASP A 148 2.12 -3.40 7.68
C ASP A 148 0.63 -3.67 7.75
N GLY A 149 -0.14 -3.28 6.70
CA GLY A 149 -1.58 -3.51 6.72
C GLY A 149 -1.84 -5.01 6.75
N CYS A 150 -1.08 -5.76 5.92
CA CYS A 150 -1.23 -7.21 5.89
C CYS A 150 -0.93 -7.77 7.26
N ALA A 151 0.13 -7.25 7.94
CA ALA A 151 0.48 -7.75 9.26
C ALA A 151 -0.55 -7.26 10.25
N GLU A 152 -1.46 -6.38 9.82
CA GLU A 152 -2.47 -5.87 10.70
C GLU A 152 -3.56 -6.91 10.84
N TYR A 153 -4.04 -7.47 9.70
CA TYR A 153 -5.08 -8.48 9.75
C TYR A 153 -4.59 -9.70 10.52
N PHE A 154 -3.35 -10.18 10.21
CA PHE A 154 -2.85 -11.38 10.87
C PHE A 154 -2.51 -11.09 12.32
N LYS A 155 -2.19 -9.82 12.66
CA LYS A 155 -1.84 -9.47 14.02
C LYS A 155 -0.49 -10.07 14.36
N GLU A 156 0.52 -9.85 13.48
CA GLU A 156 1.83 -10.38 13.75
C GLU A 156 2.72 -9.24 14.17
N ASP A 157 4.05 -9.46 14.19
CA ASP A 157 4.94 -8.40 14.59
C ASP A 157 6.21 -8.49 13.79
N PHE A 158 6.20 -7.92 12.57
CA PHE A 158 7.37 -7.92 11.74
C PHE A 158 7.78 -6.46 11.60
N THR A 159 9.08 -6.18 11.32
CA THR A 159 9.49 -4.80 11.22
C THR A 159 10.18 -4.59 9.90
N ILE A 160 9.73 -3.57 9.16
CA ILE A 160 10.32 -3.24 7.87
C ILE A 160 11.30 -2.11 8.09
N SER A 161 12.55 -2.29 7.60
CA SER A 161 13.56 -1.27 7.77
C SER A 161 14.09 -0.86 6.42
N ARG A 162 15.19 -0.07 6.42
CA ARG A 162 15.77 0.42 5.18
C ARG A 162 17.24 0.67 5.42
N THR A 163 18.06 0.67 4.33
CA THR A 163 19.48 0.92 4.50
C THR A 163 19.79 2.33 4.05
N PRO A 164 20.80 2.89 4.67
CA PRO A 164 21.25 4.25 4.39
C PRO A 164 21.98 4.43 3.08
N GLU A 165 22.38 3.31 2.42
CA GLU A 165 23.10 3.43 1.18
C GLU A 165 22.15 3.94 0.12
N THR A 166 20.91 3.42 0.10
CA THR A 166 19.94 3.86 -0.89
C THR A 166 18.81 4.53 -0.17
N GLN A 167 19.04 4.95 1.09
CA GLN A 167 18.03 5.61 1.88
C GLN A 167 17.62 6.88 1.19
N ASP A 168 18.59 7.64 0.62
CA ASP A 168 18.23 8.88 -0.03
C ASP A 168 18.64 8.78 -1.47
N SER A 169 18.29 7.68 -2.14
CA SER A 169 18.63 7.53 -3.54
C SER A 169 17.46 6.87 -4.20
N GLU A 170 17.22 7.21 -5.49
CA GLU A 170 16.09 6.64 -6.20
C GLU A 170 16.59 5.57 -7.13
N THR A 171 15.61 4.89 -7.80
CA THR A 171 15.86 3.82 -8.78
C THR A 171 16.04 2.49 -8.08
N ASP A 172 16.71 2.44 -6.90
CA ASP A 172 16.90 1.16 -6.25
C ASP A 172 16.81 1.37 -4.76
N VAL A 173 16.06 0.49 -4.06
CA VAL A 173 15.92 0.62 -2.62
C VAL A 173 16.14 -0.74 -2.01
N ILE A 174 16.92 -0.76 -0.90
CA ILE A 174 17.20 -2.00 -0.22
C ILE A 174 16.43 -2.00 1.08
N PHE A 175 15.55 -3.02 1.24
CA PHE A 175 14.75 -3.12 2.43
C PHE A 175 15.18 -4.32 3.21
N ASN A 176 15.06 -4.22 4.56
CA ASN A 176 15.48 -5.28 5.44
C ASN A 176 14.31 -5.62 6.33
N ILE A 177 13.85 -6.89 6.30
CA ILE A 177 12.74 -7.30 7.12
C ILE A 177 13.33 -8.16 8.22
N THR A 178 13.00 -7.82 9.49
CA THR A 178 13.57 -8.56 10.61
C THR A 178 12.46 -9.04 11.50
N ARG A 179 12.58 -10.31 11.99
CA ARG A 179 11.56 -10.84 12.87
C ARG A 179 12.05 -10.63 14.28
N ALA A 180 11.36 -9.78 15.05
CA ALA A 180 11.75 -9.51 16.40
C ALA A 180 11.09 -10.53 17.30
N PRO A 181 11.56 -10.62 18.52
CA PRO A 181 11.01 -11.54 19.52
C PRO A 181 9.54 -11.31 19.76
N ARG A 182 9.11 -10.06 19.41
CA ARG A 182 7.72 -9.67 19.51
C ARG A 182 7.45 -9.12 20.89
N GLY A 183 8.40 -9.24 21.82
CA GLY A 183 8.15 -8.73 23.15
C GLY A 183 9.42 -8.20 23.73
N ALA A 184 10.32 -7.69 22.88
CA ALA A 184 11.56 -7.16 23.38
C ALA A 184 12.01 -6.05 22.47
N GLU A 185 12.68 -5.03 23.05
CA GLU A 185 13.16 -3.93 22.26
C GLU A 185 14.27 -3.26 23.02
N ASN A 186 15.14 -2.50 22.30
CA ASN A 186 16.23 -1.78 22.92
C ASN A 186 17.25 -2.79 23.42
N LEU A 187 17.44 -3.89 22.64
CA LEU A 187 18.38 -4.90 23.03
C LEU A 187 19.79 -4.42 22.75
N TYR A 188 20.00 -3.71 21.61
CA TYR A 188 21.32 -3.26 21.29
C TYR A 188 21.30 -1.75 21.20
N PHE A 189 21.44 -1.21 19.97
CA PHE A 189 21.45 0.22 19.81
C PHE A 189 20.89 0.54 18.45
N GLN A 190 20.45 1.81 18.27
CA GLN A 190 19.89 2.25 17.00
C GLN A 190 18.61 1.45 16.73
C01 IWP B . -8.19 6.16 10.20
C02 IWP B . -8.25 7.55 10.05
C03 IWP B . -8.72 5.56 11.33
C04 IWP B . -8.77 8.32 11.09
C05 IWP B . -9.84 1.79 15.35
C06 IWP B . -8.65 1.27 15.60
C07 IWP B . -11.89 2.82 13.36
C08 IWP B . -15.35 2.98 10.66
C09 IWP B . -9.68 5.68 13.66
C10 IWP B . -9.20 6.34 12.38
C11 IWP B . -9.23 7.73 12.25
C12 IWP B . -16.45 3.14 11.49
C13 IWP B . -9.64 2.65 14.29
C14 IWP B . -12.64 3.93 12.83
C15 IWP B . -10.71 3.40 13.71
C16 IWP B . -13.99 3.67 12.35
C17 IWP B . -16.22 3.59 12.78
F18 IWP B . -9.73 8.48 13.25
F19 IWP B . -17.69 2.86 11.06
N20 IWP B . -14.11 3.25 11.08
N21 IWP B . -15.00 3.86 13.23
N22 IWP B . -11.94 5.13 12.87
N23 IWP B . -8.37 2.70 13.86
N24 IWP B . -10.74 4.72 13.43
O25 IWP B . -17.27 3.76 13.64
O26 IWP B . -7.69 1.77 14.74
H01 IWP B . -7.71 5.57 9.43
H02 IWP B . -7.91 8.02 9.14
H03 IWP B . -8.77 4.47 11.39
H04 IWP B . -8.79 9.41 10.99
H05 IWP B . -10.78 1.59 15.86
H06 IWP B . -8.32 0.56 16.34
H07 IWP B . -12.19 1.78 13.45
H08 IWP B . -15.46 2.64 9.64
H091 IWP B . -8.84 5.16 14.13
H092 IWP B . -10.04 6.45 14.34
H25 IWP B . -17.51 2.90 14.03
CHA HEM C . 0.58 -2.30 -7.46
CHB HEM C . 2.85 -4.17 -3.79
CHC HEM C . -0.85 -6.97 -2.96
CHD HEM C . -2.74 -5.70 -7.18
C1A HEM C . 1.48 -2.51 -6.49
C2A HEM C . 2.58 -1.74 -6.24
C3A HEM C . 3.32 -2.39 -5.32
C4A HEM C . 2.58 -3.46 -4.90
CMA HEM C . 4.58 -1.93 -4.74
CAA HEM C . 2.87 -0.45 -6.85
CBA HEM C . 3.28 0.53 -5.86
CGA HEM C . 4.27 1.41 -6.43
O1A HEM C . 5.17 0.96 -7.11
O2A HEM C . 4.21 2.62 -6.22
C1B HEM C . 2.00 -5.04 -3.21
C2B HEM C . 2.14 -5.53 -1.94
C3B HEM C . 0.98 -6.17 -1.64
C4B HEM C . 0.27 -6.25 -2.79
CMB HEM C . 3.27 -5.32 -1.05
CAB HEM C . 0.75 -6.96 -0.45
CBB HEM C . 0.98 -6.53 0.81
C1C HEM C . -1.74 -6.78 -3.97
C2C HEM C . -3.03 -7.26 -3.97
C3C HEM C . -3.54 -6.99 -5.20
C4C HEM C . -2.58 -6.27 -5.87
CMC HEM C . -3.73 -7.86 -2.85
CAC HEM C . -4.65 -7.67 -5.82
CBC HEM C . -4.64 -8.96 -6.20
C1D HEM C . -1.83 -4.74 -7.73
C2D HEM C . -1.88 -4.24 -9.00
C3D HEM C . -0.93 -3.27 -9.06
C4D HEM C . -0.39 -3.16 -7.81
CMD HEM C . -2.70 -4.72 -10.09
CAD HEM C . -0.42 -2.63 -10.26
CBD HEM C . 0.46 -1.52 -9.95
CGD HEM C . -0.31 -0.44 -9.37
O1D HEM C . -0.81 -0.59 -8.26
O2D HEM C . -0.41 0.62 -9.96
NA HEM C . 1.45 -3.60 -5.65
NB HEM C . 0.81 -5.44 -3.77
NC HEM C . -1.49 -6.03 -5.08
ND HEM C . -0.82 -4.19 -7.01
FE HEM C . -0.01 -4.82 -5.38
HHB HEM C . 3.77 -3.92 -3.24
HHC HEM C . -0.99 -7.85 -2.33
HHD HEM C . -3.68 -5.87 -7.70
HMA HEM C . 4.78 -0.91 -5.08
HMAA HEM C . 5.39 -2.59 -5.07
HMAB HEM C . 4.51 -1.95 -3.65
HAA HEM C . 3.68 -0.57 -7.58
HAAA HEM C . 1.98 -0.08 -7.37
HBA HEM C . 2.41 1.12 -5.54
HBAA HEM C . 3.71 0.02 -4.99
HMB HEM C . 3.48 -4.24 -0.97
HMBA HEM C . 4.16 -5.83 -1.45
HMBB HEM C . 3.04 -5.71 -0.05
HAB HEM C . 0.51 -8.02 -0.59
HBB HEM C . 1.96 -6.13 1.04
HBBA HEM C . 0.12 -6.33 1.44
HMC HEM C . -3.08 -8.57 -2.33
HMCA HEM C . -4.05 -7.08 -2.14
HMCB HEM C . -4.61 -8.40 -3.21
HAC HEM C . -5.57 -7.11 -5.96
HBC HEM C . -5.38 -9.28 -6.93
HBCA HEM C . -4.13 -9.67 -5.55
HMD HEM C . -3.41 -5.47 -9.71
HMDA HEM C . -3.26 -3.88 -10.53
HMDB HEM C . -2.07 -5.17 -10.86
HAD HEM C . -1.26 -2.27 -10.87
HADA HEM C . 0.14 -3.37 -10.85
HBD HEM C . 1.23 -1.84 -9.24
HBDA HEM C . 0.94 -1.16 -10.87
HHA HEM C . 0.65 -1.36 -8.03
C CMO D . -0.93 -3.48 -4.40
O CMO D . -1.47 -2.67 -3.81
N MET A 1 -4.75 -0.07 -10.72
CA MET A 1 -5.38 0.20 -9.40
C MET A 1 -5.66 1.66 -9.23
N MET A 2 -6.88 2.11 -9.63
CA MET A 2 -7.21 3.50 -9.49
C MET A 2 -8.69 3.62 -9.26
N GLY A 3 -9.50 2.67 -9.80
CA GLY A 3 -10.93 2.73 -9.62
C GLY A 3 -11.30 2.32 -8.20
N MET A 4 -10.67 1.24 -7.66
CA MET A 4 -11.01 0.80 -6.32
C MET A 4 -10.24 1.58 -5.30
N VAL A 5 -9.29 2.43 -5.73
CA VAL A 5 -8.56 3.20 -4.76
C VAL A 5 -9.41 4.41 -4.46
N PHE A 6 -10.31 4.75 -5.43
CA PHE A 6 -11.20 5.87 -5.26
C PHE A 6 -12.31 5.44 -4.35
N THR A 7 -12.76 4.15 -4.47
CA THR A 7 -13.86 3.67 -3.64
C THR A 7 -13.46 3.72 -2.19
N GLY A 8 -12.25 3.23 -1.84
CA GLY A 8 -11.82 3.25 -0.45
C GLY A 8 -11.73 4.66 0.07
N LEU A 9 -11.20 5.60 -0.75
CA LEU A 9 -11.03 6.98 -0.33
C LEU A 9 -12.37 7.66 -0.06
N MET A 10 -13.42 7.40 -0.89
CA MET A 10 -14.71 8.06 -0.70
C MET A 10 -15.35 7.59 0.59
N GLU A 11 -15.22 6.28 0.88
CA GLU A 11 -15.83 5.69 2.05
C GLU A 11 -15.14 6.17 3.31
N LEU A 12 -13.83 6.47 3.22
CA LEU A 12 -13.08 6.89 4.39
C LEU A 12 -13.46 8.29 4.83
N ILE A 13 -13.64 9.23 3.87
CA ILE A 13 -13.92 10.61 4.25
C ILE A 13 -15.36 10.75 4.67
N GLU A 14 -16.26 9.86 4.18
CA GLU A 14 -17.67 10.02 4.51
C GLU A 14 -17.92 9.59 5.94
N ASP A 15 -17.28 8.48 6.36
CA ASP A 15 -17.52 7.96 7.69
C ASP A 15 -16.70 8.69 8.73
N GLU A 16 -15.46 9.10 8.40
CA GLU A 16 -14.62 9.71 9.41
C GLU A 16 -15.04 11.12 9.73
N PHE A 17 -15.37 11.97 8.73
CA PHE A 17 -15.71 13.33 9.09
C PHE A 17 -17.10 13.75 8.65
N GLY A 18 -17.68 13.15 7.59
CA GLY A 18 -19.00 13.59 7.21
C GLY A 18 -19.14 13.54 5.72
N TYR A 19 -20.35 13.92 5.23
CA TYR A 19 -20.58 13.84 3.83
C TYR A 19 -20.38 15.22 3.26
N GLU A 20 -20.43 16.25 4.15
CA GLU A 20 -20.21 17.62 3.73
C GLU A 20 -18.76 17.76 3.38
N THR A 21 -17.87 17.12 4.18
CA THR A 21 -16.46 17.20 3.92
C THR A 21 -16.17 16.47 2.62
N LEU A 22 -16.84 15.31 2.39
CA LEU A 22 -16.64 14.57 1.15
C LEU A 22 -17.16 15.42 0.00
N ASP A 23 -18.13 16.33 0.28
CA ASP A 23 -18.69 17.17 -0.76
C ASP A 23 -17.63 18.15 -1.23
N THR A 24 -16.81 18.67 -0.29
CA THR A 24 -15.76 19.63 -0.65
C THR A 24 -14.74 18.95 -1.53
N LEU A 25 -14.39 17.68 -1.22
CA LEU A 25 -13.41 16.94 -2.00
C LEU A 25 -13.91 16.81 -3.42
N LEU A 26 -15.22 16.56 -3.58
CA LEU A 26 -15.81 16.38 -4.89
C LEU A 26 -15.72 17.67 -5.67
N GLU A 27 -15.86 18.83 -4.98
CA GLU A 27 -15.83 20.12 -5.66
C GLU A 27 -14.46 20.36 -6.25
N SER A 28 -13.38 19.98 -5.52
CA SER A 28 -12.04 20.19 -6.04
C SER A 28 -11.88 19.39 -7.31
N CYS A 29 -12.45 18.16 -7.37
CA CYS A 29 -12.32 17.33 -8.54
C CYS A 29 -13.31 17.80 -9.58
N GLU A 30 -12.91 17.70 -10.87
CA GLU A 30 -13.80 18.10 -11.93
C GLU A 30 -14.35 16.84 -12.53
N LEU A 31 -15.69 16.66 -12.47
CA LEU A 31 -16.28 15.46 -13.01
C LEU A 31 -17.19 15.83 -14.14
N GLN A 32 -16.95 15.22 -15.33
CA GLN A 32 -17.77 15.51 -16.47
C GLN A 32 -18.81 14.43 -16.64
N SER A 33 -18.49 13.18 -16.22
CA SER A 33 -19.44 12.09 -16.39
C SER A 33 -20.17 11.88 -15.09
N GLU A 34 -20.41 10.60 -14.71
CA GLU A 34 -21.13 10.29 -13.49
C GLU A 34 -20.24 10.65 -12.32
N GLY A 35 -18.94 10.29 -12.41
CA GLY A 35 -18.03 10.61 -11.35
C GLY A 35 -17.67 9.38 -10.57
N ILE A 36 -18.45 8.28 -10.65
CA ILE A 36 -18.09 7.11 -9.88
C ILE A 36 -18.28 5.90 -10.77
N TYR A 37 -17.15 5.35 -11.28
CA TYR A 37 -17.20 4.19 -12.14
C TYR A 37 -17.02 2.94 -11.34
N THR A 38 -16.27 1.98 -11.94
CA THR A 38 -15.98 0.73 -11.31
C THR A 38 -14.52 0.51 -11.57
N SER A 39 -13.92 -0.59 -11.06
CA SER A 39 -12.51 -0.79 -11.30
C SER A 39 -12.37 -1.53 -12.61
N VAL A 40 -11.72 -0.87 -13.61
CA VAL A 40 -11.56 -1.51 -14.89
C VAL A 40 -10.88 -0.53 -15.84
N GLY A 41 -10.58 0.71 -15.37
CA GLY A 41 -9.98 1.68 -16.26
C GLY A 41 -8.56 1.96 -15.86
N SER A 42 -8.28 3.26 -15.61
CA SER A 42 -6.95 3.71 -15.28
C SER A 42 -7.03 5.19 -15.06
N TYR A 43 -5.89 5.88 -14.79
CA TYR A 43 -5.92 7.31 -14.54
C TYR A 43 -4.51 7.76 -14.30
N ASP A 44 -4.30 9.10 -14.27
CA ASP A 44 -2.98 9.64 -14.04
C ASP A 44 -2.64 9.48 -12.58
N HIS A 45 -1.36 9.80 -12.25
CA HIS A 45 -0.90 9.68 -10.88
C HIS A 45 -1.26 10.95 -10.16
N GLN A 46 -1.23 12.09 -10.90
CA GLN A 46 -1.54 13.38 -10.31
C GLN A 46 -3.00 13.41 -9.91
N GLU A 47 -3.84 12.53 -10.50
CA GLU A 47 -5.25 12.49 -10.16
C GLU A 47 -5.40 12.15 -8.69
N LEU A 48 -4.69 11.09 -8.24
CA LEU A 48 -4.72 10.68 -6.85
C LEU A 48 -4.09 11.74 -5.97
N LEU A 49 -3.07 12.43 -6.50
CA LEU A 49 -2.35 13.40 -5.70
C LEU A 49 -3.23 14.61 -5.46
N GLN A 50 -4.09 14.97 -6.44
CA GLN A 50 -4.94 16.13 -6.30
C GLN A 50 -5.93 15.89 -5.16
N LEU A 51 -6.45 14.65 -5.03
CA LEU A 51 -7.40 14.38 -3.96
C LEU A 51 -6.67 14.17 -2.67
N VAL A 52 -5.32 14.05 -2.74
CA VAL A 52 -4.56 13.82 -1.54
C VAL A 52 -4.17 15.17 -0.96
N VAL A 53 -3.81 16.14 -1.82
CA VAL A 53 -3.42 17.44 -1.31
C VAL A 53 -4.65 18.13 -0.74
N LYS A 54 -5.86 17.87 -1.31
CA LYS A 54 -7.04 18.48 -0.75
C LYS A 54 -7.32 17.84 0.59
N LEU A 55 -7.03 16.53 0.75
CA LEU A 55 -7.26 15.87 2.04
C LEU A 55 -6.23 16.31 3.03
N SER A 56 -5.16 16.97 2.57
CA SER A 56 -4.15 17.36 3.51
C SER A 56 -4.46 18.75 3.99
N GLU A 57 -5.31 19.51 3.24
CA GLU A 57 -5.63 20.85 3.65
C GLU A 57 -7.02 20.90 4.22
N VAL A 58 -7.88 19.90 3.91
CA VAL A 58 -9.24 19.93 4.41
C VAL A 58 -9.29 19.37 5.82
N SER A 59 -8.55 18.28 6.12
CA SER A 59 -8.63 17.75 7.47
C SER A 59 -7.38 18.06 8.25
N SER A 60 -6.35 18.67 7.59
CA SER A 60 -5.12 19.02 8.28
C SER A 60 -4.39 17.76 8.66
N VAL A 61 -4.43 16.74 7.78
CA VAL A 61 -3.75 15.50 8.06
C VAL A 61 -2.58 15.42 7.12
N PRO A 62 -1.42 15.10 7.68
CA PRO A 62 -0.21 14.99 6.90
C PRO A 62 -0.28 13.88 5.90
N VAL A 63 0.48 14.02 4.79
CA VAL A 63 0.42 13.03 3.74
C VAL A 63 1.01 11.70 4.20
N THR A 64 1.94 11.70 5.18
CA THR A 64 2.54 10.44 5.60
C THR A 64 1.59 9.71 6.53
N GLU A 65 0.90 10.46 7.42
CA GLU A 65 -0.03 9.84 8.34
C GLU A 65 -1.25 9.37 7.58
N LEU A 66 -1.62 10.14 6.53
CA LEU A 66 -2.80 9.81 5.76
C LEU A 66 -2.48 8.71 4.77
N VAL A 67 -1.17 8.37 4.58
CA VAL A 67 -0.86 7.35 3.61
C VAL A 67 -0.82 6.02 4.34
N ARG A 68 -0.53 6.05 5.67
CA ARG A 68 -0.47 4.84 6.47
C ARG A 68 -1.87 4.32 6.70
N LEU A 69 -2.79 5.19 7.19
CA LEU A 69 -4.15 4.76 7.48
C LEU A 69 -4.86 4.33 6.21
N PHE A 70 -4.64 5.04 5.08
CA PHE A 70 -5.29 4.68 3.82
C PHE A 70 -4.88 3.26 3.42
N GLY A 71 -3.59 2.91 3.63
CA GLY A 71 -3.10 1.60 3.26
C GLY A 71 -3.87 0.51 3.99
N LYS A 72 -4.13 0.70 5.30
CA LYS A 72 -4.83 -0.30 6.09
C LYS A 72 -6.24 -0.60 5.56
N LYS A 73 -7.04 0.45 5.26
CA LYS A 73 -8.42 0.22 4.82
C LYS A 73 -8.50 -0.54 3.51
N LEU A 74 -7.77 -0.10 2.46
CA LEU A 74 -7.88 -0.76 1.16
C LEU A 74 -7.37 -2.20 1.19
N PHE A 75 -6.26 -2.49 1.90
CA PHE A 75 -5.73 -3.83 1.91
C PHE A 75 -6.72 -4.83 2.50
N VAL A 76 -7.38 -4.50 3.63
CA VAL A 76 -8.32 -5.45 4.24
C VAL A 76 -9.53 -5.60 3.36
N GLU A 77 -9.77 -4.62 2.44
CA GLU A 77 -10.91 -4.73 1.56
C GLU A 77 -10.66 -5.85 0.58
N LEU A 78 -9.39 -6.00 0.10
CA LEU A 78 -9.08 -7.05 -0.85
C LEU A 78 -9.18 -8.39 -0.16
N ILE A 79 -8.90 -8.45 1.16
CA ILE A 79 -9.00 -9.72 1.88
C ILE A 79 -10.44 -10.15 1.88
N GLU A 80 -11.37 -9.18 2.08
CA GLU A 80 -12.78 -9.51 2.11
C GLU A 80 -13.33 -9.52 0.70
N GLY A 81 -12.45 -9.30 -0.30
CA GLY A 81 -12.89 -9.27 -1.67
C GLY A 81 -12.60 -10.59 -2.32
N HIS A 82 -11.51 -11.27 -1.91
CA HIS A 82 -11.17 -12.54 -2.52
C HIS A 82 -10.99 -13.58 -1.45
N PRO A 83 -12.04 -14.33 -1.24
CA PRO A 83 -12.05 -15.40 -0.25
C PRO A 83 -11.04 -16.49 -0.50
N GLU A 84 -10.83 -16.87 -1.79
CA GLU A 84 -9.89 -17.93 -2.08
C GLU A 84 -8.49 -17.39 -2.16
N ILE A 85 -8.30 -16.06 -2.12
CA ILE A 85 -6.95 -15.55 -2.16
C ILE A 85 -6.45 -15.64 -0.75
N ALA A 86 -7.40 -15.58 0.23
CA ALA A 86 -7.05 -15.67 1.62
C ALA A 86 -6.93 -17.11 2.03
N ASN A 87 -7.61 -18.05 1.33
CA ASN A 87 -7.52 -19.44 1.72
C ASN A 87 -6.32 -20.10 1.11
N GLU A 88 -5.70 -19.50 0.06
CA GLU A 88 -4.54 -20.12 -0.54
C GLU A 88 -3.29 -19.70 0.20
N MET A 89 -3.36 -18.62 1.00
CA MET A 89 -2.20 -18.17 1.74
C MET A 89 -2.10 -18.97 3.02
N LYS A 90 -0.86 -19.05 3.59
CA LYS A 90 -0.66 -19.82 4.79
C LYS A 90 -0.14 -18.93 5.89
N ASP A 91 0.54 -17.82 5.53
CA ASP A 91 1.09 -16.97 6.55
C ASP A 91 1.58 -15.73 5.85
N SER A 92 1.97 -14.70 6.63
CA SER A 92 2.45 -13.47 6.04
C SER A 92 3.83 -13.68 5.46
N PHE A 93 4.63 -14.61 6.04
CA PHE A 93 5.97 -14.84 5.52
C PHE A 93 5.82 -15.51 4.17
N ASP A 94 4.95 -16.56 4.11
CA ASP A 94 4.69 -17.22 2.84
C ASP A 94 4.14 -16.23 1.84
N LEU A 95 3.36 -15.23 2.31
CA LEU A 95 2.80 -14.22 1.45
C LEU A 95 3.92 -13.48 0.74
N LEU A 96 5.07 -13.25 1.44
CA LEU A 96 6.17 -12.53 0.85
C LEU A 96 6.76 -13.34 -0.28
N SER A 97 6.74 -14.69 -0.14
CA SER A 97 7.30 -15.54 -1.18
C SER A 97 6.22 -15.93 -2.18
N LYS A 98 5.05 -15.24 -2.16
CA LYS A 98 3.98 -15.61 -3.08
C LYS A 98 3.57 -14.38 -3.88
N ILE A 99 4.02 -13.18 -3.44
CA ILE A 99 3.62 -11.94 -4.10
C ILE A 99 4.05 -11.93 -5.56
N ASP A 100 5.34 -12.22 -5.85
CA ASP A 100 5.82 -12.17 -7.21
C ASP A 100 5.36 -13.36 -8.03
N SER A 101 5.28 -14.57 -7.44
CA SER A 101 4.95 -15.75 -8.23
C SER A 101 3.53 -15.75 -8.79
N PHE A 102 2.48 -15.54 -7.96
CA PHE A 102 1.14 -15.64 -8.52
C PHE A 102 0.29 -14.40 -8.31
N ILE A 103 0.44 -13.69 -7.18
CA ILE A 103 -0.44 -12.54 -6.95
C ILE A 103 -0.35 -11.48 -8.03
N HIS A 104 0.85 -10.99 -8.43
CA HIS A 104 0.87 -9.94 -9.43
C HIS A 104 1.04 -10.52 -10.81
N VAL A 105 1.08 -11.86 -10.94
CA VAL A 105 1.21 -12.47 -12.24
C VAL A 105 -0.18 -12.71 -12.75
N GLU A 106 -1.07 -13.15 -11.84
CA GLU A 106 -2.43 -13.41 -12.21
C GLU A 106 -3.10 -12.12 -12.61
N VAL A 107 -2.84 -11.02 -11.86
CA VAL A 107 -3.45 -9.74 -12.20
C VAL A 107 -2.92 -9.24 -13.53
N TYR A 108 -1.59 -9.28 -13.75
CA TYR A 108 -0.99 -8.80 -14.99
C TYR A 108 -1.60 -9.51 -16.18
N LYS A 109 -1.88 -10.82 -16.07
CA LYS A 109 -2.41 -11.55 -17.20
C LYS A 109 -3.86 -11.17 -17.40
N LEU A 110 -4.62 -10.97 -16.30
CA LEU A 110 -6.02 -10.65 -16.42
C LEU A 110 -6.25 -9.16 -16.28
N TYR A 111 -5.24 -8.30 -16.55
CA TYR A 111 -5.46 -6.87 -16.41
C TYR A 111 -4.24 -6.22 -17.03
N PRO A 112 -4.38 -5.89 -18.30
CA PRO A 112 -3.31 -5.31 -19.09
C PRO A 112 -3.10 -3.83 -18.94
N GLN A 113 -3.92 -3.13 -18.12
CA GLN A 113 -3.75 -1.70 -17.96
C GLN A 113 -2.87 -1.41 -16.78
N ALA A 114 -2.12 -2.42 -16.26
CA ALA A 114 -1.26 -2.16 -15.14
C ALA A 114 0.15 -2.48 -15.55
N GLU A 115 1.15 -1.88 -14.85
CA GLU A 115 2.53 -2.15 -15.17
C GLU A 115 3.30 -2.19 -13.88
N LEU A 116 4.25 -3.15 -13.76
CA LEU A 116 5.01 -3.28 -12.54
C LEU A 116 6.48 -3.40 -12.87
N PRO A 117 7.29 -3.06 -11.89
CA PRO A 117 8.74 -3.09 -11.99
C PRO A 117 9.37 -4.44 -11.74
N LYS A 118 10.70 -4.45 -11.43
CA LYS A 118 11.39 -5.70 -11.19
C LYS A 118 11.35 -6.02 -9.71
N PHE A 119 11.33 -7.34 -9.37
CA PHE A 119 11.26 -7.74 -7.98
C PHE A 119 12.21 -8.90 -7.75
N THR A 120 13.04 -8.84 -6.67
CA THR A 120 13.94 -9.93 -6.36
C THR A 120 13.89 -10.14 -4.86
N CYS A 121 14.32 -11.34 -4.37
CA CYS A 121 14.25 -11.57 -2.95
C CYS A 121 15.41 -12.45 -2.53
N ASP A 122 16.29 -11.89 -1.65
CA ASP A 122 17.41 -12.64 -1.15
C ASP A 122 17.07 -13.08 0.25
N ARG A 123 17.69 -14.19 0.73
CA ARG A 123 17.41 -14.65 2.07
C ARG A 123 18.69 -14.64 2.85
N LEU A 124 18.72 -13.84 3.94
CA LEU A 124 19.90 -13.78 4.76
C LEU A 124 19.81 -14.80 5.87
N GLY A 125 18.58 -15.20 6.25
CA GLY A 125 18.47 -16.16 7.32
C GLY A 125 17.02 -16.31 7.69
N ASP A 126 16.77 -16.48 9.01
CA ASP A 126 15.40 -16.67 9.46
C ASP A 126 14.87 -15.37 9.98
N ASN A 127 15.70 -14.59 10.70
CA ASN A 127 15.22 -13.34 11.26
C ASN A 127 15.64 -12.17 10.39
N ASP A 128 16.15 -12.44 9.17
CA ASP A 128 16.56 -11.36 8.28
C ASP A 128 16.14 -11.80 6.90
N ILE A 129 15.61 -10.89 6.05
CA ILE A 129 15.18 -11.26 4.72
C ILE A 129 15.43 -9.98 3.95
N ARG A 130 15.72 -10.01 2.63
CA ARG A 130 15.97 -8.76 1.94
C ARG A 130 15.08 -8.67 0.75
N LEU A 131 14.49 -7.47 0.57
CA LEU A 131 13.62 -7.24 -0.55
C LEU A 131 14.23 -6.14 -1.38
N HIS A 132 14.47 -6.42 -2.68
CA HIS A 132 15.05 -5.42 -3.55
C HIS A 132 13.97 -4.98 -4.47
N TYR A 133 13.76 -3.65 -4.61
CA TYR A 133 12.70 -3.17 -5.46
C TYR A 133 13.33 -2.22 -6.45
N GLN A 134 13.22 -2.54 -7.77
CA GLN A 134 13.82 -1.67 -8.76
C GLN A 134 12.71 -0.89 -9.41
N SER A 135 12.57 0.39 -8.99
CA SER A 135 11.53 1.24 -9.53
C SER A 135 12.03 2.66 -9.51
N LYS A 136 11.53 3.49 -10.47
CA LYS A 136 11.94 4.87 -10.55
C LYS A 136 10.94 5.72 -9.81
N ARG A 137 9.90 5.11 -9.20
CA ARG A 137 8.92 5.88 -8.47
C ARG A 137 8.69 5.17 -7.16
N PRO A 138 9.68 5.23 -6.28
CA PRO A 138 9.64 4.56 -5.01
C PRO A 138 9.26 5.42 -3.83
N PHE A 139 8.06 5.19 -3.26
CA PHE A 139 7.67 5.93 -2.08
C PHE A 139 7.68 4.93 -0.96
N ALA A 140 8.60 5.15 0.03
CA ALA A 140 8.74 4.24 1.15
C ALA A 140 7.50 4.22 2.00
N SER A 141 6.87 5.39 2.24
CA SER A 141 5.69 5.46 3.09
C SER A 141 4.57 4.61 2.51
N PHE A 142 4.39 4.63 1.18
CA PHE A 142 3.33 3.87 0.54
C PHE A 142 3.56 2.37 0.73
N ALA A 143 4.81 1.91 0.51
CA ALA A 143 5.11 0.49 0.62
C ALA A 143 4.84 -0.03 2.01
N GLU A 144 5.19 0.75 3.06
CA GLU A 144 4.97 0.30 4.42
C GLU A 144 3.49 0.18 4.70
N GLY A 145 2.68 1.07 4.09
CA GLY A 145 1.25 1.07 4.30
C GLY A 145 0.65 -0.26 3.87
N LEU A 146 1.15 -0.86 2.75
CA LEU A 146 0.56 -2.10 2.29
C LEU A 146 1.14 -3.30 3.03
N LEU A 147 2.46 -3.29 3.34
CA LEU A 147 3.06 -4.45 4.01
C LEU A 147 2.55 -4.56 5.43
N ASP A 148 2.44 -3.42 6.13
CA ASP A 148 1.98 -3.44 7.51
C ASP A 148 0.49 -3.73 7.57
N GLY A 149 -0.28 -3.36 6.50
CA GLY A 149 -1.72 -3.61 6.53
C GLY A 149 -1.96 -5.09 6.57
N CYS A 150 -1.18 -5.85 5.76
CA CYS A 150 -1.30 -7.30 5.76
C CYS A 150 -1.00 -7.84 7.14
N ALA A 151 0.04 -7.29 7.81
CA ALA A 151 0.40 -7.75 9.14
C ALA A 151 -0.63 -7.27 10.13
N GLU A 152 -1.57 -6.41 9.67
CA GLU A 152 -2.59 -5.90 10.55
C GLU A 152 -3.67 -6.94 10.71
N TYR A 153 -4.15 -7.52 9.57
CA TYR A 153 -5.18 -8.53 9.63
C TYR A 153 -4.68 -9.73 10.41
N PHE A 154 -3.45 -10.21 10.12
CA PHE A 154 -2.92 -11.38 10.79
C PHE A 154 -2.58 -11.07 12.24
N LYS A 155 -2.30 -9.78 12.56
CA LYS A 155 -1.95 -9.41 13.92
C LYS A 155 -0.59 -10.00 14.27
N GLU A 156 0.43 -9.77 13.42
CA GLU A 156 1.74 -10.29 13.71
C GLU A 156 2.61 -9.13 14.12
N ASP A 157 3.95 -9.34 14.15
CA ASP A 157 4.82 -8.27 14.56
C ASP A 157 6.11 -8.35 13.76
N PHE A 158 6.08 -7.81 12.52
CA PHE A 158 7.27 -7.80 11.69
C PHE A 158 7.65 -6.35 11.54
N THR A 159 8.95 -6.06 11.26
CA THR A 159 9.36 -4.68 11.15
C THR A 159 10.05 -4.49 9.83
N ILE A 160 9.58 -3.47 9.07
CA ILE A 160 10.18 -3.17 7.78
C ILE A 160 11.16 -2.03 7.99
N SER A 161 12.41 -2.21 7.49
CA SER A 161 13.42 -1.19 7.66
C SER A 161 13.91 -0.75 6.30
N ARG A 162 14.96 0.10 6.30
CA ARG A 162 15.50 0.63 5.06
C ARG A 162 16.95 0.97 5.29
N THR A 163 17.76 1.04 4.20
CA THR A 163 19.16 1.38 4.36
C THR A 163 19.37 2.79 3.88
N PRO A 164 20.30 3.45 4.52
CA PRO A 164 20.64 4.84 4.23
C PRO A 164 21.43 5.04 2.96
N GLU A 165 21.94 3.95 2.34
CA GLU A 165 22.71 4.09 1.14
C GLU A 165 21.80 4.52 0.01
N THR A 166 20.59 3.92 -0.06
CA THR A 166 19.67 4.27 -1.12
C THR A 166 18.44 4.86 -0.49
N GLN A 167 18.56 5.30 0.78
CA GLN A 167 17.45 5.90 1.48
C GLN A 167 16.98 7.13 0.75
N ASP A 168 17.92 7.95 0.21
CA ASP A 168 17.50 9.14 -0.48
C ASP A 168 17.88 9.03 -1.94
N SER A 169 17.57 7.89 -2.58
CA SER A 169 17.88 7.73 -3.97
C SER A 169 16.69 7.11 -4.64
N GLU A 170 16.45 7.46 -5.93
CA GLU A 170 15.33 6.91 -6.65
C GLU A 170 15.87 6.10 -7.79
N THR A 171 15.57 4.77 -7.78
CA THR A 171 16.03 3.83 -8.82
C THR A 171 16.09 2.47 -8.18
N ASP A 172 16.80 2.37 -7.03
CA ASP A 172 16.94 1.11 -6.36
C ASP A 172 16.82 1.36 -4.88
N VAL A 173 16.05 0.50 -4.17
CA VAL A 173 15.88 0.69 -2.74
C VAL A 173 16.14 -0.64 -2.08
N ILE A 174 16.90 -0.60 -0.95
CA ILE A 174 17.22 -1.81 -0.24
C ILE A 174 16.39 -1.84 1.02
N PHE A 175 15.55 -2.90 1.14
CA PHE A 175 14.70 -3.04 2.30
C PHE A 175 15.17 -4.19 3.12
N ASN A 176 14.91 -4.11 4.44
CA ASN A 176 15.35 -5.13 5.36
C ASN A 176 14.17 -5.50 6.25
N ILE A 177 13.78 -6.79 6.24
CA ILE A 177 12.67 -7.22 7.06
C ILE A 177 13.26 -8.03 8.18
N THR A 178 12.91 -7.70 9.44
CA THR A 178 13.48 -8.41 10.57
C THR A 178 12.37 -8.90 11.46
N ARG A 179 12.50 -10.16 11.98
CA ARG A 179 11.50 -10.70 12.85
C ARG A 179 11.97 -10.44 14.27
N ALA A 180 11.24 -9.60 15.01
CA ALA A 180 11.62 -9.29 16.37
C ALA A 180 10.96 -10.31 17.27
N PRO A 181 11.43 -10.37 18.50
CA PRO A 181 10.88 -11.28 19.52
C PRO A 181 9.42 -11.05 19.74
N ARG A 182 8.97 -9.83 19.38
CA ARG A 182 7.59 -9.42 19.48
C ARG A 182 7.31 -8.86 20.85
N GLY A 183 8.28 -8.97 21.78
CA GLY A 183 8.05 -8.45 23.11
C GLY A 183 9.33 -7.85 23.62
N ALA A 184 10.16 -7.32 22.71
CA ALA A 184 11.40 -6.72 23.15
C ALA A 184 11.75 -5.64 22.19
N GLU A 185 12.41 -4.56 22.71
CA GLU A 185 12.80 -3.47 21.86
C GLU A 185 13.89 -2.71 22.56
N ASN A 186 14.69 -1.94 21.77
CA ASN A 186 15.76 -1.14 22.33
C ASN A 186 16.87 -2.06 22.74
N LEU A 187 17.17 -3.07 21.91
CA LEU A 187 18.22 -4.00 22.23
C LEU A 187 19.51 -3.55 21.58
N TYR A 188 19.47 -2.53 20.69
CA TYR A 188 20.67 -2.09 20.05
C TYR A 188 20.73 -0.59 20.16
N PHE A 189 20.67 0.11 19.01
CA PHE A 189 20.74 1.55 19.03
C PHE A 189 19.97 2.08 17.86
N GLN A 190 19.58 3.37 17.94
CA GLN A 190 18.82 4.00 16.87
C GLN A 190 17.46 3.31 16.76
C01 IWP B . -8.10 6.26 10.39
C02 IWP B . -8.20 7.63 10.23
C03 IWP B . -8.54 5.66 11.56
C04 IWP B . -8.66 8.42 11.28
C05 IWP B . -9.73 2.60 16.33
C06 IWP B . -8.62 1.98 16.71
C07 IWP B . -11.67 2.96 13.83
C08 IWP B . -14.86 2.59 10.93
C09 IWP B . -9.41 5.79 13.92
C10 IWP B . -8.97 6.44 12.62
C11 IWP B . -9.02 7.82 12.49
C12 IWP B . -16.02 3.08 11.49
C13 IWP B . -9.53 2.89 14.99
C14 IWP B . -12.34 4.00 13.07
C15 IWP B . -10.51 3.57 14.20
C16 IWP B . -13.63 3.68 12.51
C17 IWP B . -15.90 3.91 12.60
F18 IWP B . -9.42 8.60 13.53
F19 IWP B . -17.23 2.78 10.97
N20 IWP B . -13.66 2.88 11.43
N21 IWP B . -14.71 4.21 13.12
N22 IWP B . -11.61 5.16 12.99
N23 IWP B . -8.35 2.48 14.52
N24 IWP B . -10.49 4.82 13.73
O25 IWP B . -17.02 4.42 13.18
O26 IWP B . -7.73 1.86 15.68
H01 IWP B . -7.67 5.65 9.60
H02 IWP B . -7.92 8.09 9.29
H03 IWP B . -8.53 4.58 11.65
H04 IWP B . -8.73 9.50 11.16
H05 IWP B . -10.61 2.84 16.93
H06 IWP B . -8.34 1.57 17.67
H07 IWP B . -12.02 1.96 14.05
H08 IWP B . -14.89 1.94 10.04
H091 IWP B . -8.55 5.29 14.37
H092 IWP B . -9.76 6.57 14.61
H25 IWP B . -17.08 5.37 12.97
CHA HEM C . 0.59 -2.28 -7.33
CHB HEM C . 2.87 -4.27 -3.72
CHC HEM C . -0.90 -7.01 -2.93
CHD HEM C . -2.72 -5.72 -7.16
C1A HEM C . 1.56 -2.61 -6.45
C2A HEM C . 2.74 -1.95 -6.32
C3A HEM C . 3.35 -2.45 -5.21
C4A HEM C . 2.61 -3.53 -4.83
CMA HEM C . 4.44 -1.84 -4.46
CAA HEM C . 3.18 -0.80 -7.09
CBA HEM C . 4.61 -0.84 -7.36
CGA HEM C . 4.95 0.14 -8.37
O1A HEM C . 5.00 -0.18 -9.54
O2A HEM C . 5.19 1.29 -8.04
C1B HEM C . 1.99 -5.12 -3.14
C2B HEM C . 2.11 -5.61 -1.87
C3B HEM C . 1.12 -6.53 -1.71
C4B HEM C . 0.29 -6.39 -2.79
CMB HEM C . 3.02 -5.14 -0.85
CAB HEM C . 0.76 -7.17 -0.46
CBB HEM C . 1.00 -6.63 0.75
C1C HEM C . -1.79 -6.79 -3.93
C2C HEM C . -2.99 -7.42 -4.06
C3C HEM C . -3.31 -7.36 -5.39
C4C HEM C . -2.51 -6.37 -5.90
CMC HEM C . -3.76 -8.06 -3.00
CAC HEM C . -3.87 -8.45 -6.15
CBC HEM C . -5.19 -8.68 -6.27
C1D HEM C . -1.82 -4.72 -7.67
C2D HEM C . -1.91 -4.14 -8.90
C3D HEM C . -1.08 -3.06 -8.88
C4D HEM C . -0.44 -3.09 -7.66
CMD HEM C . -2.62 -4.66 -10.05
CAD HEM C . -0.73 -2.21 -10.00
CBD HEM C . -1.23 -0.86 -9.82
CGD HEM C . -1.20 -0.51 -8.41
O1D HEM C . -1.35 -1.38 -7.57
O2D HEM C . -1.02 0.65 -8.08
NA HEM C . 1.49 -3.68 -5.60
NB HEM C . 0.82 -5.53 -3.72
NC HEM C . -1.50 -6.03 -5.04
ND HEM C . -0.81 -4.19 -6.93
FE HEM C . 0.00 -4.86 -5.33
HHB HEM C . 3.81 -4.08 -3.20
HHC HEM C . -1.13 -7.84 -2.24
HHD HEM C . -3.70 -5.79 -7.61
HMA HEM C . 5.08 -1.28 -5.15
HMAA HEM C . 5.03 -2.62 -3.98
HMAB HEM C . 4.03 -1.16 -3.71
HAA HEM C . 2.64 -0.79 -8.05
HAAA HEM C . 2.94 0.12 -6.55
HBA HEM C . 5.17 -0.62 -6.44
HBAA HEM C . 4.89 -1.84 -7.72
HMB HEM C . 2.45 -4.73 0.00
HMBA HEM C . 3.68 -4.37 -1.25
HMBB HEM C . 3.63 -5.98 -0.48
HAB HEM C . 0.37 -8.18 -0.49
HBB HEM C . 2.01 -6.28 0.98
HBBA HEM C . 0.15 -6.32 1.35
HMC HEM C . -3.13 -8.78 -2.47
HMCA HEM C . -4.12 -7.30 -2.29
HMCB HEM C . -4.62 -8.58 -3.44
HAC HEM C . -3.18 -9.12 -6.67
HBC HEM C . -5.86 -8.21 -5.57
HBCA HEM C . -5.50 -9.54 -6.87
HMD HEM C . -3.26 -5.49 -9.75
HMDA HEM C . -3.23 -3.87 -10.50
HMDB HEM C . -1.89 -5.02 -10.80
HAD HEM C . -1.18 -2.64 -10.92
HADA HEM C . 0.35 -2.18 -10.12
HBD HEM C . -0.60 -0.16 -10.38
HBDA HEM C . -2.26 -0.78 -10.19
HHA HEM C . 0.65 -1.30 -7.80
C CMO D . -0.87 -3.51 -4.31
O CMO D . -1.39 -2.69 -3.71
N MET A 1 -4.35 -0.05 -10.50
CA MET A 1 -5.15 0.19 -9.27
C MET A 1 -5.43 1.66 -9.12
N MET A 2 -6.64 2.11 -9.56
CA MET A 2 -6.97 3.49 -9.45
C MET A 2 -8.46 3.61 -9.25
N GLY A 3 -9.25 2.68 -9.85
CA GLY A 3 -10.68 2.74 -9.70
C GLY A 3 -11.06 2.31 -8.29
N MET A 4 -10.37 1.27 -7.74
CA MET A 4 -10.71 0.77 -6.41
C MET A 4 -10.03 1.62 -5.37
N VAL A 5 -9.12 2.53 -5.76
CA VAL A 5 -8.47 3.35 -4.77
C VAL A 5 -9.39 4.53 -4.54
N PHE A 6 -10.27 4.79 -5.54
CA PHE A 6 -11.22 5.86 -5.42
C PHE A 6 -12.31 5.42 -4.48
N THR A 7 -12.73 4.14 -4.58
CA THR A 7 -13.79 3.63 -3.72
C THR A 7 -13.38 3.72 -2.28
N GLY A 8 -12.14 3.28 -1.93
CA GLY A 8 -11.71 3.32 -0.55
C GLY A 8 -11.68 4.74 -0.04
N LEU A 9 -11.21 5.70 -0.86
CA LEU A 9 -11.09 7.08 -0.44
C LEU A 9 -12.46 7.71 -0.19
N MET A 10 -13.49 7.41 -1.02
CA MET A 10 -14.80 8.01 -0.85
C MET A 10 -15.45 7.52 0.42
N GLU A 11 -15.27 6.22 0.71
CA GLU A 11 -15.87 5.61 1.88
C GLU A 11 -15.19 6.09 3.16
N LEU A 12 -13.89 6.44 3.07
CA LEU A 12 -13.16 6.86 4.25
C LEU A 12 -13.58 8.25 4.71
N ILE A 13 -13.77 9.21 3.76
CA ILE A 13 -14.10 10.57 4.17
C ILE A 13 -15.55 10.68 4.56
N GLU A 14 -16.42 9.79 4.03
CA GLU A 14 -17.84 9.92 4.33
C GLU A 14 -18.11 9.45 5.73
N ASP A 15 -17.45 8.35 6.15
CA ASP A 15 -17.70 7.79 7.46
C ASP A 15 -16.90 8.49 8.53
N GLU A 16 -15.65 8.92 8.22
CA GLU A 16 -14.82 9.51 9.24
C GLU A 16 -15.27 10.90 9.62
N PHE A 17 -15.62 11.78 8.65
CA PHE A 17 -15.97 13.12 9.07
C PHE A 17 -17.34 13.55 8.61
N GLY A 18 -17.89 13.00 7.51
CA GLY A 18 -19.21 13.46 7.12
C GLY A 18 -19.33 13.43 5.62
N TYR A 19 -20.53 13.81 5.13
CA TYR A 19 -20.76 13.76 3.71
C TYR A 19 -20.57 15.15 3.18
N GLU A 20 -20.62 16.16 4.09
CA GLU A 20 -20.42 17.53 3.69
C GLU A 20 -18.96 17.69 3.33
N THR A 21 -18.07 17.06 4.12
CA THR A 21 -16.66 17.14 3.85
C THR A 21 -16.38 16.42 2.55
N LEU A 22 -17.04 15.26 2.31
CA LEU A 22 -16.84 14.55 1.05
C LEU A 22 -17.37 15.40 -0.08
N ASP A 23 -18.34 16.30 0.21
CA ASP A 23 -18.91 17.16 -0.80
C ASP A 23 -17.87 18.15 -1.26
N THR A 24 -17.05 18.67 -0.32
CA THR A 24 -16.02 19.64 -0.66
C THR A 24 -15.00 18.99 -1.57
N LEU A 25 -14.63 17.72 -1.28
CA LEU A 25 -13.64 17.00 -2.08
C LEU A 25 -14.15 16.90 -3.51
N LEU A 26 -15.47 16.63 -3.67
CA LEU A 26 -16.06 16.47 -4.98
C LEU A 26 -16.00 17.80 -5.72
N GLU A 27 -16.15 18.92 -5.00
CA GLU A 27 -16.15 20.22 -5.65
C GLU A 27 -14.78 20.51 -6.22
N SER A 28 -13.70 20.11 -5.50
CA SER A 28 -12.35 20.34 -5.99
C SER A 28 -12.15 19.62 -7.30
N CYS A 29 -12.69 18.39 -7.45
CA CYS A 29 -12.46 17.68 -8.69
C CYS A 29 -13.75 17.61 -9.46
N GLU A 30 -13.82 18.38 -10.59
CA GLU A 30 -15.01 18.39 -11.41
C GLU A 30 -15.16 17.04 -12.05
N LEU A 31 -16.42 16.53 -12.11
CA LEU A 31 -16.65 15.23 -12.69
C LEU A 31 -17.49 15.40 -13.92
N GLN A 32 -16.97 14.89 -15.06
CA GLN A 32 -17.67 15.00 -16.32
C GLN A 32 -18.83 14.01 -16.34
N SER A 33 -18.61 12.79 -15.82
CA SER A 33 -19.65 11.79 -15.86
C SER A 33 -20.30 11.66 -14.50
N GLU A 34 -20.63 10.41 -14.10
CA GLU A 34 -21.28 10.16 -12.82
C GLU A 34 -20.31 10.47 -11.72
N GLY A 35 -19.03 10.08 -11.89
CA GLY A 35 -18.05 10.37 -10.88
C GLY A 35 -17.73 9.13 -10.07
N ILE A 36 -18.57 8.07 -10.12
CA ILE A 36 -18.24 6.91 -9.35
C ILE A 36 -18.49 5.69 -10.20
N TYR A 37 -17.40 5.10 -10.75
CA TYR A 37 -17.51 3.94 -11.60
C TYR A 37 -17.31 2.69 -10.78
N THR A 38 -16.60 1.73 -11.40
CA THR A 38 -16.29 0.47 -10.76
C THR A 38 -14.85 0.22 -11.11
N SER A 39 -14.26 -0.91 -10.68
CA SER A 39 -12.86 -1.14 -10.98
C SER A 39 -12.78 -1.71 -12.36
N VAL A 40 -12.20 -0.90 -13.31
CA VAL A 40 -12.06 -1.36 -14.67
C VAL A 40 -11.32 -0.29 -15.46
N GLY A 41 -11.08 0.90 -14.85
CA GLY A 41 -10.41 1.96 -15.58
C GLY A 41 -9.19 2.40 -14.81
N SER A 42 -8.34 3.21 -15.47
CA SER A 42 -7.13 3.68 -14.84
C SER A 42 -6.95 5.13 -15.25
N TYR A 43 -6.93 6.06 -14.26
CA TYR A 43 -6.75 7.46 -14.57
C TYR A 43 -5.32 7.84 -14.36
N ASP A 44 -5.05 9.18 -14.39
CA ASP A 44 -3.71 9.68 -14.24
C ASP A 44 -3.29 9.59 -12.80
N HIS A 45 -2.00 9.91 -12.55
CA HIS A 45 -1.45 9.85 -11.21
C HIS A 45 -1.75 11.15 -10.51
N GLN A 46 -1.76 12.27 -11.28
CA GLN A 46 -2.01 13.57 -10.71
C GLN A 46 -3.44 13.63 -10.22
N GLU A 47 -4.35 12.83 -10.83
CA GLU A 47 -5.74 12.83 -10.41
C GLU A 47 -5.83 12.48 -8.95
N LEU A 48 -5.15 11.38 -8.55
CA LEU A 48 -5.15 10.94 -7.16
C LEU A 48 -4.48 11.98 -6.29
N LEU A 49 -3.46 12.67 -6.83
CA LEU A 49 -2.73 13.63 -6.03
C LEU A 49 -3.59 14.84 -5.76
N GLN A 50 -4.46 15.23 -6.71
CA GLN A 50 -5.31 16.39 -6.53
C GLN A 50 -6.26 16.14 -5.37
N LEU A 51 -6.79 14.90 -5.24
CA LEU A 51 -7.72 14.61 -4.16
C LEU A 51 -6.94 14.39 -2.88
N VAL A 52 -5.61 14.24 -2.99
CA VAL A 52 -4.82 13.98 -1.81
C VAL A 52 -4.42 15.32 -1.21
N VAL A 53 -4.07 16.32 -2.05
CA VAL A 53 -3.68 17.60 -1.52
C VAL A 53 -4.90 18.27 -0.92
N LYS A 54 -6.12 18.02 -1.47
CA LYS A 54 -7.29 18.62 -0.88
C LYS A 54 -7.55 17.97 0.45
N LEU A 55 -7.27 16.64 0.58
CA LEU A 55 -7.48 15.96 1.85
C LEU A 55 -6.44 16.37 2.84
N SER A 56 -5.38 17.04 2.38
CA SER A 56 -4.35 17.40 3.32
C SER A 56 -4.65 18.78 3.83
N GLU A 57 -5.50 19.57 3.11
CA GLU A 57 -5.81 20.90 3.56
C GLU A 57 -7.20 20.94 4.15
N VAL A 58 -8.07 19.97 3.81
CA VAL A 58 -9.42 20.00 4.31
C VAL A 58 -9.47 19.38 5.69
N SER A 59 -8.72 18.26 5.94
CA SER A 59 -8.80 17.66 7.25
C SER A 59 -7.56 17.99 8.04
N SER A 60 -6.54 18.64 7.41
CA SER A 60 -5.32 18.99 8.10
C SER A 60 -4.59 17.72 8.44
N VAL A 61 -4.65 16.74 7.51
CA VAL A 61 -3.98 15.48 7.73
C VAL A 61 -2.80 15.43 6.81
N PRO A 62 -1.64 15.18 7.38
CA PRO A 62 -0.40 15.09 6.64
C PRO A 62 -0.43 14.04 5.58
N VAL A 63 0.37 14.24 4.51
CA VAL A 63 0.38 13.30 3.41
C VAL A 63 1.00 11.99 3.82
N THR A 64 1.77 11.96 4.95
CA THR A 64 2.39 10.71 5.35
C THR A 64 1.50 10.00 6.34
N GLU A 65 0.83 10.75 7.24
CA GLU A 65 -0.06 10.12 8.21
C GLU A 65 -1.28 9.57 7.50
N LEU A 66 -1.69 10.25 6.41
CA LEU A 66 -2.87 9.83 5.69
C LEU A 66 -2.52 8.66 4.82
N VAL A 67 -1.27 8.64 4.27
CA VAL A 67 -0.87 7.53 3.42
C VAL A 67 -0.79 6.23 4.22
N ARG A 68 -0.52 6.32 5.55
CA ARG A 68 -0.40 5.11 6.37
C ARG A 68 -1.78 4.53 6.64
N LEU A 69 -2.71 5.36 7.19
CA LEU A 69 -4.05 4.89 7.52
C LEU A 69 -4.77 4.41 6.27
N PHE A 70 -4.60 5.11 5.13
CA PHE A 70 -5.26 4.73 3.90
C PHE A 70 -4.81 3.34 3.49
N GLY A 71 -3.51 3.01 3.69
CA GLY A 71 -3.00 1.72 3.31
C GLY A 71 -3.75 0.62 4.04
N LYS A 72 -4.02 0.81 5.36
CA LYS A 72 -4.72 -0.21 6.14
C LYS A 72 -6.12 -0.50 5.59
N LYS A 73 -6.91 0.54 5.31
CA LYS A 73 -8.29 0.33 4.84
C LYS A 73 -8.38 -0.44 3.53
N LEU A 74 -7.65 -0.03 2.49
CA LEU A 74 -7.76 -0.68 1.20
C LEU A 74 -7.24 -2.12 1.23
N PHE A 75 -6.12 -2.38 1.94
CA PHE A 75 -5.56 -3.73 1.94
C PHE A 75 -6.54 -4.73 2.54
N VAL A 76 -7.20 -4.40 3.69
CA VAL A 76 -8.13 -5.35 4.29
C VAL A 76 -9.36 -5.50 3.42
N GLU A 77 -9.60 -4.53 2.50
CA GLU A 77 -10.74 -4.62 1.63
C GLU A 77 -10.50 -5.76 0.65
N LEU A 78 -9.24 -5.91 0.18
CA LEU A 78 -8.92 -6.98 -0.76
C LEU A 78 -9.05 -8.32 -0.07
N ILE A 79 -8.72 -8.38 1.25
CA ILE A 79 -8.84 -9.64 1.97
C ILE A 79 -10.30 -10.03 2.01
N GLU A 80 -11.20 -9.05 2.21
CA GLU A 80 -12.61 -9.34 2.29
C GLU A 80 -13.19 -9.34 0.89
N GLY A 81 -12.33 -9.15 -0.14
CA GLY A 81 -12.82 -9.13 -1.49
C GLY A 81 -12.53 -10.45 -2.16
N HIS A 82 -11.47 -11.16 -1.71
CA HIS A 82 -11.13 -12.42 -2.32
C HIS A 82 -10.97 -13.46 -1.25
N PRO A 83 -12.05 -14.14 -0.98
CA PRO A 83 -12.09 -15.20 0.02
C PRO A 83 -11.15 -16.34 -0.25
N GLU A 84 -10.98 -16.72 -1.54
CA GLU A 84 -10.11 -17.83 -1.85
C GLU A 84 -8.69 -17.36 -2.01
N ILE A 85 -8.44 -16.04 -1.93
CA ILE A 85 -7.08 -15.59 -2.03
C ILE A 85 -6.51 -15.75 -0.65
N ALA A 86 -7.40 -15.61 0.37
CA ALA A 86 -7.00 -15.75 1.75
C ALA A 86 -6.74 -17.21 2.05
N ASN A 87 -7.59 -18.11 1.49
CA ASN A 87 -7.45 -19.53 1.75
C ASN A 87 -6.17 -20.08 1.15
N GLU A 88 -5.76 -19.58 -0.03
CA GLU A 88 -4.56 -20.09 -0.68
C GLU A 88 -3.32 -19.70 0.11
N MET A 89 -3.37 -18.59 0.87
CA MET A 89 -2.19 -18.16 1.61
C MET A 89 -2.11 -18.96 2.90
N LYS A 90 -0.88 -19.07 3.47
CA LYS A 90 -0.69 -19.85 4.67
C LYS A 90 -0.18 -18.98 5.79
N ASP A 91 0.53 -17.87 5.45
CA ASP A 91 1.08 -17.04 6.48
C ASP A 91 1.58 -15.79 5.81
N SER A 92 1.98 -14.78 6.63
CA SER A 92 2.47 -13.54 6.06
C SER A 92 3.84 -13.76 5.46
N PHE A 93 4.65 -14.70 6.01
CA PHE A 93 5.97 -14.93 5.48
C PHE A 93 5.81 -15.58 4.12
N ASP A 94 4.94 -16.62 4.04
CA ASP A 94 4.67 -17.27 2.76
C ASP A 94 4.10 -16.26 1.78
N LEU A 95 3.33 -15.27 2.29
CA LEU A 95 2.75 -14.24 1.43
C LEU A 95 3.86 -13.49 0.74
N LEU A 96 5.01 -13.29 1.42
CA LEU A 96 6.11 -12.53 0.82
C LEU A 96 6.71 -13.34 -0.30
N SER A 97 6.70 -14.69 -0.18
CA SER A 97 7.26 -15.53 -1.22
C SER A 97 6.19 -15.88 -2.23
N LYS A 98 5.02 -15.20 -2.20
CA LYS A 98 3.95 -15.53 -3.13
C LYS A 98 3.54 -14.27 -3.86
N ILE A 99 4.03 -13.09 -3.42
CA ILE A 99 3.64 -11.83 -4.03
C ILE A 99 4.04 -11.78 -5.49
N ASP A 100 5.31 -12.08 -5.81
CA ASP A 100 5.74 -11.99 -7.19
C ASP A 100 5.27 -13.17 -8.02
N SER A 101 5.20 -14.39 -7.43
CA SER A 101 4.85 -15.56 -8.21
C SER A 101 3.41 -15.54 -8.72
N PHE A 102 2.40 -15.34 -7.85
CA PHE A 102 1.03 -15.41 -8.36
C PHE A 102 0.23 -14.14 -8.12
N ILE A 103 0.47 -13.42 -7.00
CA ILE A 103 -0.34 -12.23 -6.73
C ILE A 103 -0.31 -11.23 -7.88
N HIS A 104 0.88 -10.81 -8.38
CA HIS A 104 0.88 -9.80 -9.42
C HIS A 104 0.98 -10.44 -10.78
N VAL A 105 1.02 -11.78 -10.86
CA VAL A 105 1.09 -12.43 -12.16
C VAL A 105 -0.31 -12.67 -12.61
N GLU A 106 -1.18 -13.10 -11.68
CA GLU A 106 -2.56 -13.36 -12.02
C GLU A 106 -3.22 -12.06 -12.40
N VAL A 107 -2.94 -10.97 -11.65
CA VAL A 107 -3.58 -9.69 -11.97
C VAL A 107 -3.08 -9.19 -13.32
N TYR A 108 -1.75 -9.25 -13.58
CA TYR A 108 -1.18 -8.76 -14.84
C TYR A 108 -1.82 -9.48 -16.02
N LYS A 109 -2.08 -10.79 -15.90
CA LYS A 109 -2.65 -11.51 -17.02
C LYS A 109 -4.10 -11.12 -17.19
N LEU A 110 -4.84 -10.96 -16.07
CA LEU A 110 -6.24 -10.63 -16.15
C LEU A 110 -6.48 -9.15 -16.00
N TYR A 111 -5.48 -8.27 -16.30
CA TYR A 111 -5.69 -6.84 -16.15
C TYR A 111 -4.48 -6.19 -16.74
N PRO A 112 -4.59 -5.83 -18.00
CA PRO A 112 -3.50 -5.22 -18.76
C PRO A 112 -3.27 -3.75 -18.53
N GLN A 113 -4.09 -3.09 -17.69
CA GLN A 113 -3.90 -1.67 -17.47
C GLN A 113 -2.91 -1.43 -16.36
N ALA A 114 -2.17 -2.47 -15.91
CA ALA A 114 -1.21 -2.27 -14.86
C ALA A 114 0.16 -2.60 -15.40
N GLU A 115 1.22 -2.00 -14.79
CA GLU A 115 2.56 -2.27 -15.22
C GLU A 115 3.43 -2.30 -13.99
N LEU A 116 4.38 -3.24 -13.93
CA LEU A 116 5.24 -3.34 -12.77
C LEU A 116 6.68 -3.43 -13.21
N PRO A 117 7.54 -3.06 -12.29
CA PRO A 117 8.98 -3.07 -12.49
C PRO A 117 9.64 -4.40 -12.18
N LYS A 118 10.90 -4.35 -11.65
CA LYS A 118 11.61 -5.58 -11.36
C LYS A 118 11.53 -5.87 -9.88
N PHE A 119 11.47 -7.19 -9.52
CA PHE A 119 11.38 -7.58 -8.13
C PHE A 119 12.29 -8.76 -7.90
N THR A 120 13.12 -8.72 -6.82
CA THR A 120 14.00 -9.84 -6.51
C THR A 120 13.91 -10.09 -5.03
N CYS A 121 14.31 -11.30 -4.56
CA CYS A 121 14.23 -11.58 -3.14
C CYS A 121 15.39 -12.46 -2.73
N ASP A 122 16.23 -11.92 -1.81
CA ASP A 122 17.36 -12.67 -1.31
C ASP A 122 17.02 -13.12 0.10
N ARG A 123 17.63 -14.22 0.56
CA ARG A 123 17.36 -14.71 1.89
C ARG A 123 18.64 -14.70 2.67
N LEU A 124 18.68 -13.93 3.78
CA LEU A 124 19.87 -13.89 4.59
C LEU A 124 19.78 -14.93 5.67
N GLY A 125 18.55 -15.34 6.05
CA GLY A 125 18.44 -16.32 7.11
C GLY A 125 16.99 -16.45 7.48
N ASP A 126 16.74 -16.67 8.79
CA ASP A 126 15.39 -16.84 9.25
C ASP A 126 14.87 -15.54 9.81
N ASN A 127 15.73 -14.78 10.53
CA ASN A 127 15.27 -13.54 11.12
C ASN A 127 15.66 -12.36 10.26
N ASP A 128 16.15 -12.60 9.02
CA ASP A 128 16.53 -11.51 8.14
C ASP A 128 16.08 -11.92 6.77
N ILE A 129 15.56 -10.98 5.93
CA ILE A 129 15.11 -11.32 4.60
C ILE A 129 15.35 -10.04 3.84
N ARG A 130 15.60 -10.05 2.51
CA ARG A 130 15.86 -8.79 1.83
C ARG A 130 15.01 -8.70 0.61
N LEU A 131 14.42 -7.51 0.38
CA LEU A 131 13.61 -7.32 -0.80
C LEU A 131 14.19 -6.15 -1.55
N HIS A 132 14.45 -6.34 -2.86
CA HIS A 132 15.01 -5.29 -3.66
C HIS A 132 13.93 -4.86 -4.62
N TYR A 133 13.72 -3.54 -4.77
CA TYR A 133 12.69 -3.08 -5.65
C TYR A 133 13.34 -2.08 -6.59
N GLN A 134 13.24 -2.33 -7.92
CA GLN A 134 13.83 -1.43 -8.89
C GLN A 134 12.72 -0.67 -9.56
N SER A 135 12.56 0.62 -9.14
CA SER A 135 11.51 1.44 -9.70
C SER A 135 11.96 2.88 -9.63
N LYS A 136 11.39 3.75 -10.52
CA LYS A 136 11.76 5.14 -10.55
C LYS A 136 10.80 5.93 -9.69
N ARG A 137 9.82 5.25 -9.03
CA ARG A 137 8.88 5.95 -8.19
C ARG A 137 8.83 5.21 -6.87
N PRO A 138 9.85 5.40 -6.08
CA PRO A 138 9.98 4.74 -4.80
C PRO A 138 9.51 5.52 -3.60
N PHE A 139 8.26 5.29 -3.15
CA PHE A 139 7.78 5.96 -1.97
C PHE A 139 7.78 4.94 -0.86
N ALA A 140 8.69 5.14 0.12
CA ALA A 140 8.82 4.21 1.23
C ALA A 140 7.59 4.22 2.10
N SER A 141 6.98 5.40 2.32
CA SER A 141 5.81 5.49 3.17
C SER A 141 4.67 4.66 2.61
N PHE A 142 4.51 4.65 1.27
CA PHE A 142 3.43 3.90 0.65
C PHE A 142 3.66 2.41 0.85
N ALA A 143 4.91 1.94 0.64
CA ALA A 143 5.21 0.52 0.75
C ALA A 143 4.95 0.02 2.16
N GLU A 144 5.31 0.79 3.20
CA GLU A 144 5.11 0.35 4.57
C GLU A 144 3.64 0.24 4.85
N GLY A 145 2.83 1.14 4.26
CA GLY A 145 1.41 1.14 4.49
C GLY A 145 0.80 -0.18 4.07
N LEU A 146 1.28 -0.79 2.96
CA LEU A 146 0.69 -2.02 2.48
C LEU A 146 1.27 -3.22 3.21
N LEU A 147 2.60 -3.24 3.52
CA LEU A 147 3.19 -4.41 4.16
C LEU A 147 2.70 -4.52 5.59
N ASP A 148 2.60 -3.38 6.31
CA ASP A 148 2.16 -3.41 7.68
C ASP A 148 0.67 -3.69 7.75
N GLY A 149 -0.11 -3.30 6.71
CA GLY A 149 -1.54 -3.55 6.73
C GLY A 149 -1.79 -5.04 6.75
N CYS A 150 -1.03 -5.79 5.92
CA CYS A 150 -1.16 -7.23 5.89
C CYS A 150 -0.86 -7.81 7.25
N ALA A 151 0.19 -7.28 7.93
CA ALA A 151 0.54 -7.80 9.25
C ALA A 151 -0.51 -7.33 10.25
N GLU A 152 -1.41 -6.43 9.82
CA GLU A 152 -2.43 -5.94 10.71
C GLU A 152 -3.51 -6.99 10.82
N TYR A 153 -3.99 -7.53 9.67
CA TYR A 153 -5.03 -8.55 9.71
C TYR A 153 -4.54 -9.77 10.46
N PHE A 154 -3.31 -10.25 10.16
CA PHE A 154 -2.80 -11.45 10.81
C PHE A 154 -2.46 -11.18 12.26
N LYS A 155 -2.17 -9.91 12.63
CA LYS A 155 -1.82 -9.58 14.00
C LYS A 155 -0.47 -10.19 14.32
N GLU A 156 0.54 -9.95 13.45
CA GLU A 156 1.86 -10.49 13.69
C GLU A 156 2.74 -9.35 14.14
N ASP A 157 4.07 -9.57 14.16
CA ASP A 157 4.95 -8.51 14.60
C ASP A 157 6.24 -8.59 13.81
N PHE A 158 6.22 -8.03 12.57
CA PHE A 158 7.40 -8.01 11.75
C PHE A 158 7.79 -6.56 11.62
N THR A 159 9.08 -6.26 11.34
CA THR A 159 9.50 -4.88 11.25
C THR A 159 10.18 -4.66 9.93
N ILE A 160 9.72 -3.63 9.20
CA ILE A 160 10.30 -3.30 7.91
C ILE A 160 11.30 -2.18 8.14
N SER A 161 12.54 -2.35 7.65
CA SER A 161 13.56 -1.34 7.82
C SER A 161 14.09 -0.93 6.47
N ARG A 162 15.20 -0.13 6.47
CA ARG A 162 15.76 0.35 5.24
C ARG A 162 17.23 0.60 5.47
N THR A 163 18.05 0.62 4.37
CA THR A 163 19.46 0.86 4.54
C THR A 163 19.77 2.28 4.09
N PRO A 164 20.78 2.84 4.71
CA PRO A 164 21.22 4.19 4.45
C PRO A 164 21.94 4.39 3.14
N GLU A 165 22.35 3.29 2.47
CA GLU A 165 23.06 3.43 1.22
C GLU A 165 22.10 3.94 0.17
N THR A 166 20.86 3.39 0.16
CA THR A 166 19.90 3.83 -0.83
C THR A 166 18.75 4.49 -0.10
N GLN A 167 19.00 4.92 1.16
CA GLN A 167 17.98 5.57 1.95
C GLN A 167 17.55 6.85 1.27
N ASP A 168 18.52 7.61 0.69
CA ASP A 168 18.14 8.85 0.04
C ASP A 168 18.57 8.76 -1.40
N SER A 169 18.24 7.65 -2.08
CA SER A 169 18.60 7.51 -3.47
C SER A 169 17.43 6.84 -4.15
N GLU A 170 17.21 7.18 -5.45
CA GLU A 170 16.10 6.61 -6.16
C GLU A 170 16.61 5.55 -7.10
N THR A 171 15.64 4.86 -7.76
CA THR A 171 15.91 3.80 -8.75
C THR A 171 16.08 2.46 -8.05
N ASP A 172 16.71 2.41 -6.87
CA ASP A 172 16.90 1.13 -6.21
C ASP A 172 16.80 1.34 -4.73
N VAL A 173 16.04 0.46 -4.02
CA VAL A 173 15.90 0.59 -2.59
C VAL A 173 16.11 -0.78 -1.98
N ILE A 174 16.89 -0.81 -0.87
CA ILE A 174 17.17 -2.05 -0.18
C ILE A 174 16.40 -2.04 1.11
N PHE A 175 15.52 -3.07 1.27
CA PHE A 175 14.73 -3.15 2.47
C PHE A 175 15.17 -4.37 3.25
N ASN A 176 15.05 -4.26 4.60
CA ASN A 176 15.48 -5.33 5.47
C ASN A 176 14.31 -5.68 6.36
N ILE A 177 13.85 -6.94 6.32
CA ILE A 177 12.74 -7.36 7.14
C ILE A 177 13.33 -8.21 8.24
N THR A 178 13.00 -7.89 9.51
CA THR A 178 13.57 -8.63 10.63
C THR A 178 12.47 -9.12 11.51
N ARG A 179 12.59 -10.39 12.00
CA ARG A 179 11.59 -10.93 12.89
C ARG A 179 12.08 -10.69 14.29
N ALA A 180 11.37 -9.82 15.03
CA ALA A 180 11.77 -9.52 16.39
C ALA A 180 11.12 -10.53 17.29
N PRO A 181 11.61 -10.59 18.52
CA PRO A 181 11.07 -11.50 19.55
C PRO A 181 9.61 -11.24 19.81
N ARG A 182 9.18 -10.02 19.41
CA ARG A 182 7.79 -9.60 19.52
C ARG A 182 7.54 -9.01 20.88
N GLY A 183 8.54 -9.08 21.79
CA GLY A 183 8.33 -8.52 23.11
C GLY A 183 9.64 -8.06 23.66
N ALA A 184 10.54 -7.58 22.78
CA ALA A 184 11.82 -7.12 23.25
C ALA A 184 12.30 -6.06 22.31
N GLU A 185 13.05 -5.08 22.85
CA GLU A 185 13.57 -4.03 22.02
C GLU A 185 14.74 -3.41 22.74
N ASN A 186 15.62 -2.70 21.97
CA ASN A 186 16.78 -2.04 22.55
C ASN A 186 17.74 -3.10 23.02
N LEU A 187 17.89 -4.18 22.23
CA LEU A 187 18.80 -5.24 22.61
C LEU A 187 20.19 -4.89 22.15
N TYR A 188 20.32 -4.21 20.99
CA TYR A 188 21.64 -3.87 20.51
C TYR A 188 21.77 -2.37 20.49
N PHE A 189 21.84 -1.78 19.28
CA PHE A 189 21.98 -0.35 19.19
C PHE A 189 21.34 0.10 17.90
N GLN A 190 21.01 1.41 17.82
CA GLN A 190 20.39 1.97 16.64
C GLN A 190 19.03 1.30 16.44
C01 IWP B . -8.12 6.19 10.16
C02 IWP B . -8.28 7.56 10.07
C03 IWP B . -8.55 5.51 11.31
C04 IWP B . -8.82 8.27 11.14
C05 IWP B . -9.45 1.92 15.73
C06 IWP B . -8.29 1.29 15.87
C07 IWP B . -11.68 2.79 13.75
C08 IWP B . -15.35 2.88 11.42
C09 IWP B . -9.30 5.52 13.71
C10 IWP B . -9.02 6.23 12.39
C11 IWP B . -9.24 7.61 12.28
C12 IWP B . -16.36 3.28 12.28
C13 IWP B . -9.37 2.53 14.49
C14 IWP B . -12.41 3.91 13.23
C15 IWP B . -10.44 3.32 13.97
C16 IWP B . -13.81 3.70 12.88
C17 IWP B . -16.01 3.91 13.46
F18 IWP B . -9.83 8.27 13.28
F19 IWP B . -17.67 3.06 11.97
N20 IWP B . -14.07 3.09 11.71
N21 IWP B . -14.73 4.13 13.78
N22 IWP B . -11.65 5.07 13.14
N23 IWP B . -8.23 2.31 13.85
N24 IWP B . -10.44 4.61 13.62
O25 IWP B . -16.98 4.31 14.34
O26 IWP B . -7.48 1.47 14.77
H01 IWP B . -7.65 5.63 9.36
H02 IWP B . -7.98 8.09 9.16
H03 IWP B . -8.53 4.43 11.34
H04 IWP B . -8.93 9.35 11.06
H05 IWP B . -10.28 1.95 16.43
H06 IWP B . -7.91 0.68 16.68
H07 IWP B . -12.04 1.78 13.91
H08 IWP B . -15.58 2.39 10.48
H091 IWP B . -8.42 4.95 14.00
H092 IWP B . -9.52 6.27 14.48
H25 IWP B . -17.38 5.13 14.00
CHA HEM C . 0.91 -2.69 -7.53
CHB HEM C . 2.97 -4.28 -3.61
CHC HEM C . -0.76 -7.02 -2.72
CHD HEM C . -2.68 -5.76 -6.93
C1A HEM C . 1.69 -2.77 -6.43
C2A HEM C . 2.76 -1.95 -6.18
C3A HEM C . 3.48 -2.56 -5.21
C4A HEM C . 2.72 -3.60 -4.75
CMA HEM C . 4.74 -2.11 -4.65
CAA HEM C . 3.03 -0.65 -6.78
CBA HEM C . 3.35 0.34 -5.76
CGA HEM C . 4.33 1.27 -6.28
O1A HEM C . 5.34 0.85 -6.82
O2A HEM C . 4.15 2.47 -6.17
C1B HEM C . 2.08 -5.07 -2.98
C2B HEM C . 2.14 -5.39 -1.65
C3B HEM C . 1.07 -6.19 -1.40
C4B HEM C . 0.36 -6.29 -2.56
CMB HEM C . 3.10 -4.89 -0.69
CAB HEM C . 0.94 -7.06 -0.25
CBB HEM C . 1.30 -6.72 1.00
C1C HEM C . -1.56 -6.98 -3.81
C2C HEM C . -2.71 -7.73 -3.94
C3C HEM C . -3.18 -7.46 -5.19
C4C HEM C . -2.42 -6.45 -5.70
CMC HEM C . -3.25 -8.68 -2.98
CAC HEM C . -4.49 -7.86 -5.69
CBC HEM C . -4.77 -9.08 -6.19
C1D HEM C . -1.76 -4.85 -7.52
C2D HEM C . -1.81 -4.43 -8.82
C3D HEM C . -0.67 -3.72 -9.04
C4D HEM C . -0.09 -3.56 -7.81
CMD HEM C . -2.82 -4.75 -9.80
CAD HEM C . -0.05 -3.43 -10.32
CBD HEM C . -0.53 -2.18 -10.87
CGD HEM C . -0.11 -1.09 -10.00
O1D HEM C . -0.20 -1.22 -8.79
O2D HEM C . 0.32 -0.07 -10.48
NA HEM C . 1.58 -3.74 -5.49
NB HEM C . 0.92 -5.52 -3.55
NC HEM C . -1.32 -6.21 -4.91
ND HEM C . -0.63 -4.41 -6.89
FE HEM C . 0.13 -4.98 -5.22
HHB HEM C . 3.92 -4.07 -3.10
HHC HEM C . -1.06 -7.67 -1.90
HHD HEM C . -3.70 -5.80 -7.33
HMA HEM C . 5.34 -1.63 -5.43
HMAA HEM C . 5.29 -2.95 -4.23
HMAB HEM C . 4.54 -1.37 -3.85
HAA HEM C . 3.87 -0.74 -7.47
HAAA HEM C . 2.14 -0.32 -7.33
HBA HEM C . 2.45 0.89 -5.48
HBAA HEM C . 3.77 -0.16 -4.87
HMB HEM C . 2.58 -4.62 0.23
HMBA HEM C . 3.60 -4.00 -1.10
HMBB HEM C . 3.85 -5.66 -0.47
HAB HEM C . 0.63 -8.09 -0.43
HBB HEM C . 2.36 -6.68 1.23
HBBA HEM C . 0.56 -6.25 1.64
HMC HEM C . -2.58 -9.54 -2.90
HMCA HEM C . -3.34 -8.21 -1.99
HMCB HEM C . -4.24 -9.01 -3.31
HAC HEM C . -5.26 -7.10 -5.75
HBC HEM C . -5.62 -9.18 -6.84
HBCA HEM C . -4.33 -9.94 -5.71
HMD HEM C . -3.50 -5.51 -9.40
HMDA HEM C . -3.40 -3.85 -10.05
HMDB HEM C . -2.35 -5.13 -10.71
HAD HEM C . -0.30 -4.24 -11.02
HADA HEM C . 1.03 -3.39 -10.20
HBD HEM C . -0.11 -2.02 -11.87
HBDA HEM C . -1.62 -2.19 -10.93
HHA HEM C . 1.08 -1.87 -8.24
C CMO D . -0.85 -3.61 -4.32
O CMO D . -1.44 -2.80 -3.78
N MET A 1 -4.63 0.11 -10.93
CA MET A 1 -5.27 0.28 -9.60
C MET A 1 -5.59 1.72 -9.34
N MET A 2 -6.82 2.16 -9.70
CA MET A 2 -7.18 3.54 -9.49
C MET A 2 -8.67 3.64 -9.25
N GLY A 3 -9.46 2.68 -9.82
CA GLY A 3 -10.90 2.74 -9.64
C GLY A 3 -11.27 2.32 -8.24
N MET A 4 -10.63 1.25 -7.69
CA MET A 4 -10.99 0.82 -6.36
C MET A 4 -10.20 1.59 -5.33
N VAL A 5 -9.26 2.45 -5.76
CA VAL A 5 -8.53 3.22 -4.78
C VAL A 5 -9.39 4.42 -4.50
N PHE A 6 -10.25 4.79 -5.48
CA PHE A 6 -11.15 5.90 -5.31
C PHE A 6 -12.26 5.45 -4.39
N THR A 7 -12.71 4.18 -4.53
CA THR A 7 -13.81 3.68 -3.72
C THR A 7 -13.44 3.73 -2.26
N GLY A 8 -12.22 3.25 -1.90
CA GLY A 8 -11.81 3.27 -0.50
C GLY A 8 -11.75 4.69 0.02
N LEU A 9 -11.22 5.63 -0.79
CA LEU A 9 -11.07 7.01 -0.36
C LEU A 9 -12.42 7.68 -0.12
N MET A 10 -13.44 7.40 -0.97
CA MET A 10 -14.75 8.04 -0.82
C MET A 10 -15.41 7.56 0.45
N GLU A 11 -15.28 6.26 0.75
CA GLU A 11 -15.91 5.67 1.91
C GLU A 11 -15.23 6.13 3.19
N LEU A 12 -13.92 6.45 3.12
CA LEU A 12 -13.19 6.85 4.31
C LEU A 12 -13.59 8.24 4.76
N ILE A 13 -13.75 9.21 3.82
CA ILE A 13 -14.05 10.57 4.24
C ILE A 13 -15.50 10.71 4.59
N GLU A 14 -16.38 9.82 4.06
CA GLU A 14 -17.80 9.97 4.35
C GLU A 14 -18.08 9.52 5.76
N ASP A 15 -17.44 8.42 6.20
CA ASP A 15 -17.70 7.89 7.52
C ASP A 15 -16.89 8.60 8.58
N GLU A 16 -15.65 9.02 8.27
CA GLU A 16 -14.82 9.62 9.29
C GLU A 16 -15.25 11.01 9.64
N PHE A 17 -15.59 11.87 8.65
CA PHE A 17 -15.96 13.23 9.04
C PHE A 17 -17.33 13.64 8.57
N GLY A 18 -17.87 13.04 7.49
CA GLY A 18 -19.19 13.48 7.07
C GLY A 18 -19.28 13.46 5.57
N TYR A 19 -20.46 13.83 5.04
CA TYR A 19 -20.64 13.78 3.63
C TYR A 19 -20.45 15.17 3.11
N GLU A 20 -20.52 16.17 4.02
CA GLU A 20 -20.31 17.55 3.63
C GLU A 20 -18.85 17.71 3.31
N THR A 21 -17.97 17.07 4.12
CA THR A 21 -16.55 17.15 3.88
C THR A 21 -16.24 16.45 2.59
N LEU A 22 -16.90 15.29 2.32
CA LEU A 22 -16.67 14.58 1.08
C LEU A 22 -17.17 15.44 -0.07
N ASP A 23 -18.15 16.34 0.20
CA ASP A 23 -18.69 17.21 -0.82
C ASP A 23 -17.62 18.20 -1.25
N THR A 24 -16.83 18.71 -0.28
CA THR A 24 -15.77 19.67 -0.59
C THR A 24 -14.74 19.03 -1.48
N LEU A 25 -14.40 17.74 -1.20
CA LEU A 25 -13.41 17.02 -1.98
C LEU A 25 -13.89 16.93 -3.42
N LEU A 26 -15.20 16.69 -3.60
CA LEU A 26 -15.78 16.55 -4.93
C LEU A 26 -15.69 17.87 -5.66
N GLU A 27 -15.85 19.00 -4.93
CA GLU A 27 -15.81 20.30 -5.57
C GLU A 27 -14.42 20.57 -6.11
N SER A 28 -13.36 20.14 -5.38
CA SER A 28 -12.01 20.37 -5.83
C SER A 28 -11.79 19.66 -7.15
N CYS A 29 -12.36 18.44 -7.32
CA CYS A 29 -12.12 17.73 -8.56
C CYS A 29 -13.40 17.71 -9.36
N GLU A 30 -13.44 18.51 -10.45
CA GLU A 30 -14.62 18.55 -11.29
C GLU A 30 -14.77 17.21 -11.98
N LEU A 31 -16.02 16.72 -12.10
CA LEU A 31 -16.25 15.44 -12.71
C LEU A 31 -17.06 15.66 -13.96
N GLN A 32 -16.56 15.12 -15.10
CA GLN A 32 -17.25 15.28 -16.35
C GLN A 32 -18.28 14.19 -16.51
N SER A 33 -17.98 12.95 -16.05
CA SER A 33 -18.92 11.86 -16.21
C SER A 33 -19.70 11.68 -14.94
N GLU A 34 -19.98 10.40 -14.57
CA GLU A 34 -20.74 10.12 -13.37
C GLU A 34 -19.91 10.50 -12.18
N GLY A 35 -18.60 10.17 -12.22
CA GLY A 35 -17.73 10.53 -11.13
C GLY A 35 -17.39 9.32 -10.31
N ILE A 36 -18.17 8.22 -10.40
CA ILE A 36 -17.83 7.06 -9.60
C ILE A 36 -18.12 5.84 -10.44
N TYR A 37 -17.05 5.26 -11.04
CA TYR A 37 -17.23 4.10 -11.88
C TYR A 37 -16.99 2.85 -11.07
N THR A 38 -16.18 1.94 -11.67
CA THR A 38 -15.84 0.69 -11.05
C THR A 38 -14.38 0.49 -11.35
N SER A 39 -13.76 -0.62 -10.88
CA SER A 39 -12.36 -0.81 -11.14
C SER A 39 -12.21 -1.39 -12.53
N VAL A 40 -11.64 -0.60 -13.47
CA VAL A 40 -11.46 -1.07 -14.82
C VAL A 40 -10.82 0.03 -15.64
N GLY A 41 -10.66 1.25 -15.05
CA GLY A 41 -10.09 2.35 -15.79
C GLY A 41 -8.60 2.40 -15.60
N SER A 42 -8.05 3.63 -15.43
CA SER A 42 -6.62 3.82 -15.29
C SER A 42 -6.35 5.29 -15.44
N TYR A 43 -6.55 6.08 -14.36
CA TYR A 43 -6.32 7.50 -14.44
C TYR A 43 -4.86 7.79 -14.17
N ASP A 44 -4.53 9.11 -14.13
CA ASP A 44 -3.17 9.54 -13.91
C ASP A 44 -2.82 9.41 -12.45
N HIS A 45 -1.54 9.70 -12.13
CA HIS A 45 -1.07 9.60 -10.77
C HIS A 45 -1.36 10.89 -10.06
N GLN A 46 -1.29 12.02 -10.81
CA GLN A 46 -1.54 13.33 -10.23
C GLN A 46 -2.99 13.44 -9.85
N GLU A 47 -3.87 12.62 -10.48
CA GLU A 47 -5.29 12.66 -10.18
C GLU A 47 -5.48 12.32 -8.71
N LEU A 48 -4.83 11.22 -8.26
CA LEU A 48 -4.92 10.79 -6.88
C LEU A 48 -4.25 11.80 -5.98
N LEU A 49 -3.18 12.47 -6.48
CA LEU A 49 -2.44 13.40 -5.66
C LEU A 49 -3.28 14.63 -5.42
N GLN A 50 -4.13 15.02 -6.40
CA GLN A 50 -4.95 16.21 -6.25
C GLN A 50 -5.94 15.98 -5.13
N LEU A 51 -6.49 14.76 -5.00
CA LEU A 51 -7.45 14.48 -3.94
C LEU A 51 -6.72 14.25 -2.65
N VAL A 52 -5.39 14.09 -2.71
CA VAL A 52 -4.63 13.84 -1.51
C VAL A 52 -4.22 15.17 -0.91
N VAL A 53 -3.84 16.16 -1.76
CA VAL A 53 -3.44 17.44 -1.23
C VAL A 53 -4.67 18.12 -0.66
N LYS A 54 -5.88 17.88 -1.24
CA LYS A 54 -7.05 18.51 -0.67
C LYS A 54 -7.35 17.86 0.66
N LEU A 55 -7.08 16.54 0.80
CA LEU A 55 -7.33 15.86 2.08
C LEU A 55 -6.29 16.28 3.09
N SER A 56 -5.21 16.95 2.63
CA SER A 56 -4.20 17.30 3.57
C SER A 56 -4.49 18.69 4.07
N GLU A 57 -5.33 19.46 3.34
CA GLU A 57 -5.64 20.81 3.75
C GLU A 57 -7.03 20.87 4.33
N VAL A 58 -7.90 19.88 4.00
CA VAL A 58 -9.27 19.92 4.49
C VAL A 58 -9.32 19.31 5.88
N SER A 59 -8.60 18.18 6.13
CA SER A 59 -8.68 17.59 7.44
C SER A 59 -7.46 17.93 8.25
N SER A 60 -6.44 18.57 7.63
CA SER A 60 -5.22 18.93 8.34
C SER A 60 -4.50 17.66 8.72
N VAL A 61 -4.56 16.66 7.81
CA VAL A 61 -3.90 15.40 8.07
C VAL A 61 -2.71 15.34 7.14
N PRO A 62 -1.56 15.01 7.71
CA PRO A 62 -0.34 14.90 6.94
C PRO A 62 -0.40 13.81 5.93
N VAL A 63 0.37 13.95 4.83
CA VAL A 63 0.33 12.97 3.76
C VAL A 63 0.92 11.65 4.22
N THR A 64 1.84 11.63 5.20
CA THR A 64 2.43 10.38 5.61
C THR A 64 1.50 9.65 6.54
N GLU A 65 0.81 10.39 7.44
CA GLU A 65 -0.13 9.77 8.36
C GLU A 65 -1.34 9.31 7.60
N LEU A 66 -1.73 10.07 6.55
CA LEU A 66 -2.89 9.75 5.77
C LEU A 66 -2.57 8.66 4.79
N VAL A 67 -1.28 8.31 4.60
CA VAL A 67 -0.96 7.29 3.63
C VAL A 67 -0.90 5.97 4.36
N ARG A 68 -0.62 6.02 5.69
CA ARG A 68 -0.53 4.81 6.49
C ARG A 68 -1.93 4.27 6.72
N LEU A 69 -2.86 5.14 7.22
CA LEU A 69 -4.22 4.70 7.50
C LEU A 69 -4.92 4.28 6.23
N PHE A 70 -4.70 5.00 5.11
CA PHE A 70 -5.34 4.64 3.85
C PHE A 70 -4.92 3.24 3.44
N GLY A 71 -3.64 2.89 3.65
CA GLY A 71 -3.13 1.58 3.28
C GLY A 71 -3.90 0.49 4.00
N LYS A 72 -4.19 0.68 5.31
CA LYS A 72 -4.89 -0.34 6.09
C LYS A 72 -6.29 -0.63 5.55
N LYS A 73 -7.08 0.42 5.24
CA LYS A 73 -8.45 0.21 4.78
C LYS A 73 -8.54 -0.54 3.47
N LEU A 74 -7.80 -0.12 2.42
CA LEU A 74 -7.89 -0.75 1.13
C LEU A 74 -7.37 -2.18 1.15
N PHE A 75 -6.25 -2.46 1.88
CA PHE A 75 -5.70 -3.81 1.87
C PHE A 75 -6.68 -4.81 2.46
N VAL A 76 -7.35 -4.47 3.60
CA VAL A 76 -8.28 -5.42 4.21
C VAL A 76 -9.50 -5.57 3.33
N GLU A 77 -9.74 -4.60 2.42
CA GLU A 77 -10.88 -4.70 1.54
C GLU A 77 -10.64 -5.82 0.56
N LEU A 78 -9.37 -5.98 0.07
CA LEU A 78 -9.06 -7.03 -0.87
C LEU A 78 -9.14 -8.37 -0.17
N ILE A 79 -8.87 -8.41 1.16
CA ILE A 79 -8.95 -9.66 1.88
C ILE A 79 -10.38 -10.12 1.87
N GLU A 80 -11.34 -9.17 2.05
CA GLU A 80 -12.74 -9.53 2.08
C GLU A 80 -13.27 -9.53 0.65
N GLY A 81 -12.39 -9.27 -0.33
CA GLY A 81 -12.82 -9.24 -1.71
C GLY A 81 -12.49 -10.55 -2.36
N HIS A 82 -11.42 -11.23 -1.89
CA HIS A 82 -11.03 -12.49 -2.48
C HIS A 82 -10.90 -13.51 -1.39
N PRO A 83 -11.98 -14.19 -1.13
CA PRO A 83 -12.04 -15.24 -0.12
C PRO A 83 -11.09 -16.38 -0.35
N GLU A 84 -10.89 -16.77 -1.63
CA GLU A 84 -10.02 -17.89 -1.91
C GLU A 84 -8.60 -17.41 -2.05
N ILE A 85 -8.36 -16.08 -1.98
CA ILE A 85 -7.00 -15.63 -2.08
C ILE A 85 -6.44 -15.76 -0.68
N ALA A 86 -7.35 -15.63 0.32
CA ALA A 86 -6.96 -15.75 1.71
C ALA A 86 -6.72 -17.20 2.04
N ASN A 87 -7.56 -18.11 1.49
CA ASN A 87 -7.43 -19.52 1.77
C ASN A 87 -6.13 -20.07 1.21
N GLU A 88 -5.70 -19.59 0.02
CA GLU A 88 -4.49 -20.10 -0.60
C GLU A 88 -3.27 -19.68 0.19
N MET A 89 -3.35 -18.55 0.93
CA MET A 89 -2.21 -18.08 1.68
C MET A 89 -2.10 -18.88 2.96
N LYS A 90 -0.85 -18.99 3.51
CA LYS A 90 -0.65 -19.78 4.71
C LYS A 90 -0.14 -18.89 5.81
N ASP A 91 0.56 -17.77 5.46
CA ASP A 91 1.11 -16.92 6.49
C ASP A 91 1.58 -15.68 5.80
N SER A 92 1.96 -14.65 6.59
CA SER A 92 2.44 -13.42 6.01
C SER A 92 3.83 -13.60 5.44
N PHE A 93 4.64 -14.54 6.02
CA PHE A 93 5.96 -14.75 5.50
C PHE A 93 5.82 -15.43 4.14
N ASP A 94 4.97 -16.49 4.07
CA ASP A 94 4.73 -17.15 2.81
C ASP A 94 4.14 -16.17 1.82
N LEU A 95 3.39 -15.15 2.32
CA LEU A 95 2.81 -14.14 1.45
C LEU A 95 3.92 -13.40 0.73
N LEU A 96 5.07 -13.18 1.39
CA LEU A 96 6.16 -12.45 0.77
C LEU A 96 6.75 -13.29 -0.33
N SER A 97 6.74 -14.63 -0.18
CA SER A 97 7.29 -15.49 -1.21
C SER A 97 6.20 -15.87 -2.20
N LYS A 98 5.05 -15.18 -2.19
CA LYS A 98 3.97 -15.54 -3.11
C LYS A 98 3.55 -14.30 -3.87
N ILE A 99 4.03 -13.11 -3.43
CA ILE A 99 3.62 -11.86 -4.06
C ILE A 99 3.99 -11.81 -5.53
N ASP A 100 5.25 -12.12 -5.89
CA ASP A 100 5.64 -12.02 -7.28
C ASP A 100 5.25 -13.25 -8.08
N SER A 101 5.24 -14.45 -7.47
CA SER A 101 4.95 -15.66 -8.23
C SER A 101 3.54 -15.71 -8.77
N PHE A 102 2.48 -15.53 -7.92
CA PHE A 102 1.14 -15.67 -8.46
C PHE A 102 0.28 -14.44 -8.25
N ILE A 103 0.41 -13.73 -7.11
CA ILE A 103 -0.47 -12.60 -6.87
C ILE A 103 -0.40 -11.55 -7.97
N HIS A 104 0.79 -11.06 -8.39
CA HIS A 104 0.80 -10.03 -9.40
C HIS A 104 0.93 -10.62 -10.78
N VAL A 105 0.95 -11.97 -10.89
CA VAL A 105 1.06 -12.59 -12.19
C VAL A 105 -0.34 -12.87 -12.66
N GLU A 106 -1.21 -13.31 -11.73
CA GLU A 106 -2.56 -13.61 -12.07
C GLU A 106 -3.26 -12.33 -12.46
N VAL A 107 -3.01 -11.21 -11.73
CA VAL A 107 -3.66 -9.95 -12.06
C VAL A 107 -3.13 -9.44 -13.40
N TYR A 108 -1.80 -9.49 -13.62
CA TYR A 108 -1.22 -9.01 -14.87
C TYR A 108 -1.84 -9.71 -16.06
N LYS A 109 -2.13 -11.01 -15.93
CA LYS A 109 -2.70 -11.74 -17.05
C LYS A 109 -4.14 -11.33 -17.22
N LEU A 110 -4.87 -11.14 -16.10
CA LEU A 110 -6.27 -10.80 -16.17
C LEU A 110 -6.48 -9.30 -16.02
N TYR A 111 -5.46 -8.46 -16.37
CA TYR A 111 -5.62 -7.01 -16.24
C TYR A 111 -4.41 -6.42 -16.89
N PRO A 112 -4.52 -6.14 -18.16
CA PRO A 112 -3.43 -5.61 -18.97
C PRO A 112 -3.18 -4.13 -18.86
N GLN A 113 -3.97 -3.39 -18.05
CA GLN A 113 -3.75 -1.97 -17.94
C GLN A 113 -2.83 -1.68 -16.78
N ALA A 114 -2.08 -2.69 -16.29
CA ALA A 114 -1.17 -2.43 -15.19
C ALA A 114 0.22 -2.75 -15.66
N GLU A 115 1.23 -2.14 -15.00
CA GLU A 115 2.60 -2.39 -15.37
C GLU A 115 3.42 -2.41 -14.10
N LEU A 116 4.37 -3.36 -14.01
CA LEU A 116 5.17 -3.46 -12.81
C LEU A 116 6.63 -3.51 -13.19
N PRO A 117 7.45 -3.15 -12.23
CA PRO A 117 8.90 -3.11 -12.38
C PRO A 117 9.58 -4.42 -12.09
N LYS A 118 10.85 -4.37 -11.61
CA LYS A 118 11.58 -5.60 -11.35
C LYS A 118 11.52 -5.89 -9.86
N PHE A 119 11.43 -7.20 -9.50
CA PHE A 119 11.35 -7.58 -8.10
C PHE A 119 12.22 -8.80 -7.88
N THR A 120 13.07 -8.77 -6.81
CA THR A 120 13.91 -9.92 -6.51
C THR A 120 13.85 -10.12 -5.02
N CYS A 121 14.25 -11.33 -4.53
CA CYS A 121 14.19 -11.57 -3.10
C CYS A 121 15.34 -12.44 -2.68
N ASP A 122 16.20 -11.89 -1.79
CA ASP A 122 17.33 -12.64 -1.29
C ASP A 122 17.00 -13.05 0.13
N ARG A 123 17.63 -14.14 0.62
CA ARG A 123 17.36 -14.59 1.97
C ARG A 123 18.65 -14.56 2.74
N LEU A 124 18.69 -13.75 3.83
CA LEU A 124 19.88 -13.68 4.64
C LEU A 124 19.80 -14.69 5.76
N GLY A 125 18.57 -15.08 6.16
CA GLY A 125 18.46 -16.03 7.24
C GLY A 125 17.01 -16.17 7.62
N ASP A 126 16.76 -16.37 8.93
CA ASP A 126 15.41 -16.55 9.38
C ASP A 126 14.86 -15.24 9.91
N ASN A 127 15.72 -14.47 10.62
CA ASN A 127 15.25 -13.22 11.19
C ASN A 127 15.64 -12.05 10.32
N ASP A 128 16.15 -12.32 9.08
CA ASP A 128 16.54 -11.25 8.19
C ASP A 128 16.10 -11.69 6.82
N ILE A 129 15.56 -10.79 5.95
CA ILE A 129 15.13 -11.17 4.64
C ILE A 129 15.38 -9.90 3.84
N ARG A 130 15.62 -9.96 2.51
CA ARG A 130 15.89 -8.72 1.81
C ARG A 130 15.00 -8.64 0.60
N LEU A 131 14.41 -7.45 0.39
CA LEU A 131 13.57 -7.26 -0.77
C LEU A 131 14.18 -6.13 -1.57
N HIS A 132 14.44 -6.38 -2.86
CA HIS A 132 15.02 -5.37 -3.71
C HIS A 132 13.94 -4.92 -4.63
N TYR A 133 13.76 -3.58 -4.77
CA TYR A 133 12.72 -3.10 -5.64
C TYR A 133 13.33 -2.07 -6.56
N GLN A 134 13.23 -2.32 -7.90
CA GLN A 134 13.79 -1.38 -8.86
C GLN A 134 12.66 -0.66 -9.52
N SER A 135 12.48 0.63 -9.15
CA SER A 135 11.41 1.43 -9.71
C SER A 135 11.84 2.88 -9.69
N LYS A 136 11.26 3.70 -10.60
CA LYS A 136 11.61 5.10 -10.67
C LYS A 136 10.64 5.90 -9.83
N ARG A 137 9.67 5.24 -9.16
CA ARG A 137 8.72 5.97 -8.34
C ARG A 137 8.64 5.23 -7.03
N PRO A 138 9.65 5.40 -6.21
CA PRO A 138 9.75 4.75 -4.93
C PRO A 138 9.30 5.54 -3.74
N PHE A 139 8.05 5.30 -3.27
CA PHE A 139 7.58 5.98 -2.10
C PHE A 139 7.59 4.97 -0.99
N ALA A 140 8.50 5.17 -0.01
CA ALA A 140 8.64 4.26 1.11
C ALA A 140 7.41 4.25 1.97
N SER A 141 6.79 5.44 2.19
CA SER A 141 5.62 5.51 3.04
C SER A 141 4.49 4.66 2.48
N PHE A 142 4.32 4.64 1.14
CA PHE A 142 3.25 3.88 0.54
C PHE A 142 3.50 2.39 0.72
N ALA A 143 4.75 1.95 0.51
CA ALA A 143 5.09 0.53 0.62
C ALA A 143 4.82 0.01 2.02
N GLU A 144 5.17 0.80 3.06
CA GLU A 144 4.97 0.36 4.44
C GLU A 144 3.49 0.25 4.71
N GLY A 145 2.68 1.13 4.10
CA GLY A 145 1.26 1.13 4.32
C GLY A 145 0.66 -0.19 3.90
N LEU A 146 1.17 -0.81 2.81
CA LEU A 146 0.59 -2.05 2.34
C LEU A 146 1.16 -3.25 3.09
N LEU A 147 2.49 -3.24 3.41
CA LEU A 147 3.09 -4.40 4.08
C LEU A 147 2.59 -4.49 5.51
N ASP A 148 2.48 -3.33 6.19
CA ASP A 148 2.04 -3.33 7.57
C ASP A 148 0.55 -3.62 7.65
N GLY A 149 -0.23 -3.24 6.60
CA GLY A 149 -1.66 -3.49 6.62
C GLY A 149 -1.90 -4.98 6.66
N CYS A 150 -1.11 -5.74 5.85
CA CYS A 150 -1.23 -7.18 5.81
C CYS A 150 -0.94 -7.74 7.19
N ALA A 151 0.10 -7.21 7.88
CA ALA A 151 0.44 -7.70 9.19
C ALA A 151 -0.59 -7.21 10.19
N GLU A 152 -1.50 -6.33 9.74
CA GLU A 152 -2.53 -5.82 10.63
C GLU A 152 -3.61 -6.87 10.76
N TYR A 153 -4.09 -7.43 9.61
CA TYR A 153 -5.13 -8.43 9.66
C TYR A 153 -4.64 -9.65 10.42
N PHE A 154 -3.41 -10.14 10.12
CA PHE A 154 -2.90 -11.32 10.78
C PHE A 154 -2.56 -11.03 12.23
N LYS A 155 -2.26 -9.75 12.56
CA LYS A 155 -1.90 -9.38 13.93
C LYS A 155 -0.55 -9.97 14.26
N GLU A 156 0.45 -9.73 13.38
CA GLU A 156 1.78 -10.24 13.63
C GLU A 156 2.64 -9.08 14.04
N ASP A 157 3.99 -9.27 14.07
CA ASP A 157 4.85 -8.19 14.47
C ASP A 157 6.13 -8.27 13.69
N PHE A 158 6.12 -7.74 12.45
CA PHE A 158 7.31 -7.72 11.63
C PHE A 158 7.71 -6.28 11.50
N THR A 159 9.00 -6.00 11.23
CA THR A 159 9.43 -4.62 11.13
C THR A 159 10.12 -4.42 9.81
N ILE A 160 9.67 -3.40 9.06
CA ILE A 160 10.25 -3.09 7.77
C ILE A 160 11.27 -1.99 8.00
N SER A 161 12.52 -2.22 7.52
CA SER A 161 13.56 -1.22 7.70
C SER A 161 14.08 -0.80 6.34
N ARG A 162 15.17 0.00 6.35
CA ARG A 162 15.75 0.49 5.11
C ARG A 162 17.22 0.74 5.36
N THR A 163 18.05 0.74 4.28
CA THR A 163 19.46 1.00 4.46
C THR A 163 19.77 2.41 4.01
N PRO A 164 20.76 2.97 4.64
CA PRO A 164 21.21 4.34 4.37
C PRO A 164 21.93 4.53 3.07
N GLU A 165 22.35 3.43 2.40
CA GLU A 165 23.07 3.57 1.16
C GLU A 165 22.12 4.09 0.10
N THR A 166 20.88 3.55 0.08
CA THR A 166 19.91 4.00 -0.90
C THR A 166 18.76 4.63 -0.19
N GLN A 167 18.99 5.05 1.08
CA GLN A 167 17.96 5.68 1.87
C GLN A 167 17.51 6.95 1.19
N ASP A 168 18.46 7.73 0.63
CA ASP A 168 18.07 8.97 -0.02
C ASP A 168 18.44 8.88 -1.47
N SER A 169 18.14 7.73 -2.11
CA SER A 169 18.45 7.57 -3.51
C SER A 169 17.27 6.93 -4.17
N GLU A 170 17.06 7.22 -5.47
CA GLU A 170 15.94 6.66 -6.17
C GLU A 170 16.44 5.61 -7.14
N THR A 171 15.48 4.93 -7.81
CA THR A 171 15.76 3.89 -8.80
C THR A 171 16.00 2.55 -8.15
N ASP A 172 16.66 2.51 -6.97
CA ASP A 172 16.91 1.24 -6.33
C ASP A 172 16.84 1.44 -4.84
N VAL A 173 16.09 0.56 -4.14
CA VAL A 173 15.96 0.69 -2.70
C VAL A 173 16.21 -0.67 -2.09
N ILE A 174 16.97 -0.68 -0.97
CA ILE A 174 17.28 -1.92 -0.28
C ILE A 174 16.49 -1.93 0.99
N PHE A 175 15.60 -2.96 1.13
CA PHE A 175 14.78 -3.06 2.32
C PHE A 175 15.23 -4.25 3.11
N ASN A 176 15.07 -4.14 4.46
CA ASN A 176 15.49 -5.18 5.36
C ASN A 176 14.32 -5.50 6.26
N ILE A 177 13.84 -6.77 6.24
CA ILE A 177 12.73 -7.14 7.08
C ILE A 177 13.31 -7.97 8.20
N THR A 178 12.96 -7.61 9.46
CA THR A 178 13.53 -8.32 10.59
C THR A 178 12.42 -8.81 11.47
N ARG A 179 12.55 -10.07 11.99
CA ARG A 179 11.54 -10.61 12.87
C ARG A 179 12.00 -10.35 14.28
N ALA A 180 11.26 -9.49 15.01
CA ALA A 180 11.63 -9.19 16.37
C ALA A 180 10.95 -10.19 17.27
N PRO A 181 11.40 -10.24 18.51
CA PRO A 181 10.84 -11.13 19.53
C PRO A 181 9.37 -10.89 19.74
N ARG A 182 8.93 -9.67 19.34
CA ARG A 182 7.55 -9.26 19.42
C ARG A 182 7.26 -8.67 20.78
N GLY A 183 8.23 -8.74 21.71
CA GLY A 183 7.99 -8.19 23.02
C GLY A 183 9.29 -7.72 23.60
N ALA A 184 10.20 -7.24 22.74
CA ALA A 184 11.47 -6.77 23.24
C ALA A 184 11.97 -5.71 22.31
N GLU A 185 12.68 -4.70 22.87
CA GLU A 185 13.21 -3.65 22.05
C GLU A 185 14.33 -2.99 22.81
N ASN A 186 15.21 -2.25 22.07
CA ASN A 186 16.32 -1.55 22.68
C ASN A 186 17.30 -2.58 23.23
N LEU A 187 17.49 -3.68 22.47
CA LEU A 187 18.41 -4.71 22.90
C LEU A 187 19.81 -4.28 22.59
N TYR A 188 20.04 -3.63 21.44
CA TYR A 188 21.37 -3.21 21.08
C TYR A 188 21.38 -1.72 20.94
N PHE A 189 21.54 -1.22 19.70
CA PHE A 189 21.57 0.20 19.49
C PHE A 189 21.05 0.48 18.10
N GLN A 190 20.61 1.75 17.88
CA GLN A 190 20.09 2.14 16.59
C GLN A 190 18.81 1.34 16.32
C01 IWP B . -8.34 6.19 10.40
C02 IWP B . -8.53 7.56 10.26
C03 IWP B . -8.74 5.56 11.58
C04 IWP B . -9.05 8.30 11.30
C05 IWP B . -9.59 2.25 16.30
C06 IWP B . -8.43 1.67 16.54
C07 IWP B . -11.77 2.82 14.12
C08 IWP B . -15.29 2.52 11.64
C09 IWP B . -9.49 5.65 13.98
C10 IWP B . -9.20 6.31 12.65
C11 IWP B . -9.40 7.68 12.49
C12 IWP B . -16.37 3.04 12.34
C13 IWP B . -9.49 2.73 15.00
C14 IWP B . -12.51 3.88 13.47
C15 IWP B . -10.55 3.42 14.36
C16 IWP B . -13.87 3.58 13.07
C17 IWP B . -16.11 3.85 13.44
F18 IWP B . -9.94 8.40 13.51
F19 IWP B . -17.64 2.76 11.97
N20 IWP B . -14.03 2.79 12.00
N21 IWP B . -14.86 4.13 13.81
N22 IWP B . -11.79 5.05 13.33
N23 IWP B . -8.32 2.46 14.42
N24 IWP B . -10.59 4.68 13.91
O25 IWP B . -17.13 4.38 14.15
O26 IWP B . -7.59 1.74 15.46
H01 IWP B . -7.87 5.61 9.61
H02 IWP B . -8.26 8.05 9.32
H03 IWP B . -8.70 4.47 11.65
H04 IWP B . -9.18 9.38 11.19
H05 IWP B . -10.45 2.35 16.97
H06 IWP B . -8.06 1.17 17.42
H07 IWP B . -12.09 1.82 14.36
H08 IWP B . -15.44 1.88 10.78
H091 IWP B . -8.58 5.13 14.32
H092 IWP B . -9.75 6.41 14.72
H25 IWP B . -17.97 4.10 13.76
CHA HEM C . 0.71 -2.75 -8.11
CHB HEM C . 2.75 -3.95 -4.03
CHC HEM C . -0.84 -6.85 -3.05
CHD HEM C . -2.86 -5.79 -7.26
C1A HEM C . 1.52 -2.76 -7.02
C2A HEM C . 2.57 -1.90 -6.83
C3A HEM C . 3.02 -2.13 -5.57
C4A HEM C . 2.43 -3.29 -5.17
CMA HEM C . 3.83 -1.24 -4.77
CAA HEM C . 3.12 -0.97 -7.80
CBA HEM C . 2.64 0.38 -7.57
CGA HEM C . 3.76 1.25 -7.26
O1A HEM C . 4.90 0.86 -7.46
O2A HEM C . 3.55 2.36 -6.80
C1B HEM C . 1.93 -4.81 -3.39
C2B HEM C . 2.11 -5.24 -2.11
C3B HEM C . 1.02 -5.98 -1.79
C4B HEM C . 0.28 -6.10 -2.93
CMB HEM C . 3.24 -4.93 -1.25
CAB HEM C . 0.91 -6.82 -0.60
CBB HEM C . 1.79 -6.79 0.41
C1C HEM C . -1.77 -6.69 -4.01
C2C HEM C . -2.99 -7.30 -4.03
C3C HEM C . -3.42 -7.24 -5.32
C4C HEM C . -2.62 -6.33 -5.95
CMC HEM C . -3.68 -7.92 -2.91
CAC HEM C . -4.65 -7.81 -5.84
CBC HEM C . -4.78 -9.08 -6.25
C1D HEM C . -1.94 -4.92 -7.92
C2D HEM C . -1.96 -4.63 -9.26
C3D HEM C . -0.80 -3.97 -9.52
C4D HEM C . -0.29 -3.62 -8.30
CMD HEM C . -3.04 -4.89 -10.19
CAD HEM C . -0.14 -3.87 -10.80
CBD HEM C . -0.55 -2.70 -11.53
CGD HEM C . -0.33 -1.52 -10.72
O1D HEM C . -0.51 -1.58 -9.52
O2D HEM C . 0.03 -0.48 -11.24
NA HEM C . 1.39 -3.64 -5.98
NB HEM C . 0.75 -5.28 -3.92
NC HEM C . -1.55 -5.99 -5.17
ND HEM C . -0.85 -4.37 -7.30
FE HEM C . -0.07 -4.83 -5.60
HHB HEM C . 3.71 -3.73 -3.58
HHC HEM C . -0.91 -7.76 -2.45
HHD HEM C . -3.85 -5.92 -7.70
HMA HEM C . 3.20 -0.45 -4.32
HMAA HEM C . 4.60 -0.77 -5.40
HMAB HEM C . 4.31 -1.80 -3.97
HAA HEM C . 4.22 -0.98 -7.73
HAAA HEM C . 2.84 -1.28 -8.81
HBA HEM C . 2.14 0.76 -8.48
HBAA HEM C . 1.93 0.39 -6.74
HMB HEM C . 3.38 -3.84 -1.21
HMBA HEM C . 4.15 -5.40 -1.64
HMBB HEM C . 3.04 -5.31 -0.24
HAB HEM C . 0.02 -7.42 -0.49
HBB HEM C . 2.84 -6.94 0.18
HBBA HEM C . 1.48 -6.33 1.35
HMC HEM C . -2.98 -8.56 -2.36
HMCA HEM C . -4.06 -7.14 -2.24
HMCB HEM C . -4.51 -8.53 -3.28
HAC HEM C . -5.51 -7.15 -5.93
HBC HEM C . -5.56 -9.32 -6.97
HBCA HEM C . -4.34 -9.87 -5.63
HMD HEM C . -3.71 -5.64 -9.76
HMDA HEM C . -3.59 -3.97 -10.38
HMDB HEM C . -2.62 -5.27 -11.13
HAD HEM C . -0.36 -4.77 -11.38
HADA HEM C . 0.95 -3.83 -10.62
HBD HEM C . 0.04 -2.61 -12.45
HBDA HEM C . -1.61 -2.77 -11.79
HHA HEM C . 0.79 -1.91 -8.79
C CMO D . -0.99 -3.39 -4.78
O CMO D . -1.54 -2.52 -4.29
N MET A 1 -4.40 0.32 -10.66
CA MET A 1 -5.26 0.51 -9.45
C MET A 1 -5.59 1.96 -9.25
N MET A 2 -6.81 2.37 -9.68
CA MET A 2 -7.18 3.75 -9.51
C MET A 2 -8.67 3.82 -9.32
N GLY A 3 -9.44 2.89 -9.93
CA GLY A 3 -10.88 2.91 -9.80
C GLY A 3 -11.27 2.44 -8.41
N MET A 4 -10.61 1.37 -7.88
CA MET A 4 -10.97 0.86 -6.57
C MET A 4 -10.28 1.67 -5.50
N VAL A 5 -9.34 2.56 -5.88
CA VAL A 5 -8.67 3.34 -4.87
C VAL A 5 -9.54 4.54 -4.61
N PHE A 6 -10.39 4.90 -5.62
CA PHE A 6 -11.28 6.03 -5.46
C PHE A 6 -12.38 5.63 -4.52
N THR A 7 -12.89 4.38 -4.65
CA THR A 7 -13.98 3.92 -3.81
C THR A 7 -13.54 3.89 -2.36
N GLY A 8 -12.35 3.34 -2.06
CA GLY A 8 -11.90 3.29 -0.69
C GLY A 8 -11.73 4.67 -0.09
N LEU A 9 -11.16 5.61 -0.88
CA LEU A 9 -10.92 6.95 -0.39
C LEU A 9 -12.21 7.69 -0.06
N MET A 10 -13.28 7.57 -0.90
CA MET A 10 -14.50 8.31 -0.62
C MET A 10 -15.26 7.68 0.53
N GLU A 11 -15.11 6.35 0.74
CA GLU A 11 -15.82 5.69 1.82
C GLU A 11 -15.18 6.10 3.13
N LEU A 12 -13.86 6.40 3.11
CA LEU A 12 -13.14 6.76 4.32
C LEU A 12 -13.54 8.14 4.78
N ILE A 13 -13.68 9.12 3.84
CA ILE A 13 -13.98 10.49 4.25
C ILE A 13 -15.42 10.62 4.66
N GLU A 14 -16.32 9.75 4.15
CA GLU A 14 -17.72 9.89 4.47
C GLU A 14 -17.99 9.41 5.88
N ASP A 15 -17.36 8.28 6.27
CA ASP A 15 -17.60 7.72 7.58
C ASP A 15 -16.80 8.42 8.66
N GLU A 16 -15.56 8.84 8.35
CA GLU A 16 -14.72 9.44 9.37
C GLU A 16 -15.17 10.83 9.74
N PHE A 17 -15.51 11.71 8.76
CA PHE A 17 -15.87 13.05 9.18
C PHE A 17 -17.24 13.49 8.71
N GLY A 18 -17.79 12.93 7.62
CA GLY A 18 -19.10 13.40 7.22
C GLY A 18 -19.22 13.37 5.73
N TYR A 19 -20.42 13.75 5.23
CA TYR A 19 -20.65 13.70 3.81
C TYR A 19 -20.46 15.09 3.28
N GLU A 20 -20.50 16.11 4.17
CA GLU A 20 -20.30 17.47 3.76
C GLU A 20 -18.86 17.62 3.37
N THR A 21 -17.95 16.98 4.16
CA THR A 21 -16.54 17.06 3.88
C THR A 21 -16.27 16.33 2.59
N LEU A 22 -16.93 15.15 2.37
CA LEU A 22 -16.73 14.41 1.15
C LEU A 22 -17.22 15.26 -0.03
N ASP A 23 -18.24 16.12 0.21
CA ASP A 23 -18.77 16.97 -0.84
C ASP A 23 -17.71 17.96 -1.29
N THR A 24 -16.91 18.49 -0.34
CA THR A 24 -15.87 19.46 -0.70
C THR A 24 -14.85 18.80 -1.59
N LEU A 25 -14.46 17.53 -1.26
CA LEU A 25 -13.48 16.80 -2.04
C LEU A 25 -14.02 16.60 -3.45
N LEU A 26 -15.34 16.34 -3.55
CA LEU A 26 -15.98 16.12 -4.83
C LEU A 26 -15.92 17.39 -5.65
N GLU A 27 -16.01 18.56 -4.97
CA GLU A 27 -16.00 19.83 -5.69
C GLU A 27 -14.65 20.06 -6.34
N SER A 28 -13.53 19.70 -5.66
CA SER A 28 -12.23 19.91 -6.26
C SER A 28 -12.10 19.07 -7.50
N CYS A 29 -12.79 17.90 -7.53
CA CYS A 29 -12.72 17.03 -8.69
C CYS A 29 -13.76 17.47 -9.69
N GLU A 30 -13.42 17.35 -10.99
CA GLU A 30 -14.36 17.71 -12.02
C GLU A 30 -14.91 16.43 -12.55
N LEU A 31 -16.25 16.22 -12.39
CA LEU A 31 -16.84 14.99 -12.86
C LEU A 31 -17.66 15.27 -14.08
N GLN A 32 -17.22 14.71 -15.23
CA GLN A 32 -17.93 14.91 -16.45
C GLN A 32 -18.97 13.82 -16.59
N SER A 33 -18.68 12.60 -16.10
CA SER A 33 -19.64 11.51 -16.23
C SER A 33 -20.37 11.34 -14.92
N GLU A 34 -20.68 10.07 -14.56
CA GLU A 34 -21.43 9.79 -13.35
C GLU A 34 -20.56 10.08 -12.15
N GLY A 35 -19.27 9.65 -12.22
CA GLY A 35 -18.39 9.91 -11.12
C GLY A 35 -17.97 8.61 -10.48
N ILE A 36 -18.92 7.68 -10.25
CA ILE A 36 -18.55 6.43 -9.62
C ILE A 36 -18.76 5.32 -10.61
N TYR A 37 -17.64 4.82 -11.18
CA TYR A 37 -17.71 3.74 -12.13
C TYR A 37 -17.56 2.43 -11.40
N THR A 38 -16.73 1.55 -11.98
CA THR A 38 -16.45 0.27 -11.40
C THR A 38 -14.96 0.12 -11.55
N SER A 39 -14.36 -1.00 -11.08
CA SER A 39 -12.93 -1.13 -11.22
C SER A 39 -12.66 -1.68 -12.58
N VAL A 40 -12.05 -0.84 -13.47
CA VAL A 40 -11.75 -1.28 -14.80
C VAL A 40 -11.05 -0.16 -15.55
N GLY A 41 -10.90 1.03 -14.91
CA GLY A 41 -10.26 2.14 -15.59
C GLY A 41 -9.03 2.54 -14.82
N SER A 42 -8.16 3.34 -15.49
CA SER A 42 -6.94 3.78 -14.86
C SER A 42 -6.74 5.24 -15.20
N TYR A 43 -6.76 6.13 -14.18
CA TYR A 43 -6.56 7.54 -14.42
C TYR A 43 -5.11 7.89 -14.22
N ASP A 44 -4.81 9.22 -14.21
CA ASP A 44 -3.46 9.68 -14.05
C ASP A 44 -3.05 9.57 -12.59
N HIS A 45 -1.76 9.88 -12.32
CA HIS A 45 -1.23 9.80 -10.98
C HIS A 45 -1.52 11.10 -10.28
N GLN A 46 -1.49 12.22 -11.03
CA GLN A 46 -1.73 13.53 -10.46
C GLN A 46 -3.17 13.61 -10.01
N GLU A 47 -4.05 12.78 -10.61
CA GLU A 47 -5.46 12.78 -10.25
C GLU A 47 -5.58 12.42 -8.77
N LEU A 48 -4.87 11.35 -8.35
CA LEU A 48 -4.88 10.91 -6.97
C LEU A 48 -4.24 11.96 -6.09
N LEU A 49 -3.22 12.66 -6.62
CA LEU A 49 -2.50 13.64 -5.82
C LEU A 49 -3.39 14.84 -5.56
N GLN A 50 -4.27 15.20 -6.51
CA GLN A 50 -5.14 16.35 -6.35
C GLN A 50 -6.09 16.09 -5.19
N LEU A 51 -6.60 14.83 -5.06
CA LEU A 51 -7.52 14.53 -3.97
C LEU A 51 -6.74 14.33 -2.69
N VAL A 52 -5.42 14.21 -2.79
CA VAL A 52 -4.62 13.99 -1.61
C VAL A 52 -4.24 15.32 -1.00
N VAL A 53 -3.89 16.32 -1.85
CA VAL A 53 -3.51 17.61 -1.31
C VAL A 53 -4.73 18.27 -0.71
N LYS A 54 -5.96 18.03 -1.28
CA LYS A 54 -7.13 18.63 -0.70
C LYS A 54 -7.43 17.95 0.61
N LEU A 55 -7.14 16.62 0.74
CA LEU A 55 -7.39 15.92 1.99
C LEU A 55 -6.38 16.34 3.03
N SER A 56 -5.33 17.06 2.61
CA SER A 56 -4.32 17.44 3.56
C SER A 56 -4.69 18.81 4.09
N GLU A 57 -5.43 19.62 3.30
CA GLU A 57 -5.78 20.94 3.75
C GLU A 57 -7.19 20.96 4.30
N VAL A 58 -8.03 19.96 3.94
CA VAL A 58 -9.40 19.97 4.41
C VAL A 58 -9.47 19.33 5.78
N SER A 59 -8.73 18.21 6.02
CA SER A 59 -8.81 17.58 7.32
C SER A 59 -7.58 17.94 8.14
N SER A 60 -6.58 18.58 7.51
CA SER A 60 -5.37 18.95 8.23
C SER A 60 -4.60 17.68 8.54
N VAL A 61 -4.68 16.70 7.61
CA VAL A 61 -3.99 15.45 7.81
C VAL A 61 -2.87 15.40 6.81
N PRO A 62 -1.66 15.25 7.32
CA PRO A 62 -0.47 15.19 6.49
C PRO A 62 -0.50 14.05 5.53
N VAL A 63 0.28 14.17 4.43
CA VAL A 63 0.27 13.15 3.41
C VAL A 63 0.88 11.85 3.91
N THR A 64 1.79 11.87 4.91
CA THR A 64 2.39 10.62 5.35
C THR A 64 1.46 9.91 6.30
N GLU A 65 0.77 10.67 7.18
CA GLU A 65 -0.16 10.07 8.12
C GLU A 65 -1.36 9.56 7.35
N LEU A 66 -1.75 10.28 6.27
CA LEU A 66 -2.91 9.90 5.51
C LEU A 66 -2.55 8.81 4.53
N VAL A 67 -1.25 8.47 4.36
CA VAL A 67 -0.89 7.45 3.41
C VAL A 67 -0.84 6.14 4.16
N ARG A 68 -0.56 6.20 5.50
CA ARG A 68 -0.48 5.00 6.31
C ARG A 68 -1.87 4.47 6.54
N LEU A 69 -2.79 5.34 7.05
CA LEU A 69 -4.14 4.90 7.34
C LEU A 69 -4.85 4.44 6.08
N PHE A 70 -4.63 5.15 4.94
CA PHE A 70 -5.29 4.76 3.70
C PHE A 70 -4.87 3.36 3.31
N GLY A 71 -3.58 3.01 3.51
CA GLY A 71 -3.07 1.71 3.15
C GLY A 71 -3.82 0.62 3.89
N LYS A 72 -4.08 0.81 5.21
CA LYS A 72 -4.76 -0.20 6.00
C LYS A 72 -6.17 -0.50 5.49
N LYS A 73 -6.98 0.54 5.19
CA LYS A 73 -8.36 0.31 4.76
C LYS A 73 -8.46 -0.45 3.45
N LEU A 74 -7.75 -0.02 2.39
CA LEU A 74 -7.88 -0.68 1.10
C LEU A 74 -7.34 -2.10 1.12
N PHE A 75 -6.21 -2.36 1.82
CA PHE A 75 -5.66 -3.72 1.82
C PHE A 75 -6.62 -4.72 2.43
N VAL A 76 -7.27 -4.39 3.58
CA VAL A 76 -8.18 -5.33 4.21
C VAL A 76 -9.42 -5.49 3.36
N GLU A 77 -9.68 -4.53 2.44
CA GLU A 77 -10.83 -4.63 1.58
C GLU A 77 -10.61 -5.76 0.59
N LEU A 78 -9.35 -5.91 0.11
CA LEU A 78 -9.05 -6.98 -0.83
C LEU A 78 -9.13 -8.31 -0.14
N ILE A 79 -8.83 -8.35 1.19
CA ILE A 79 -8.91 -9.61 1.92
C ILE A 79 -10.35 -10.06 1.93
N GLU A 80 -11.30 -9.10 2.13
CA GLU A 80 -12.70 -9.44 2.18
C GLU A 80 -13.26 -9.44 0.77
N GLY A 81 -12.39 -9.20 -0.24
CA GLY A 81 -12.86 -9.17 -1.60
C GLY A 81 -12.53 -10.49 -2.27
N HIS A 82 -11.47 -11.18 -1.79
CA HIS A 82 -11.09 -12.44 -2.40
C HIS A 82 -10.95 -13.48 -1.32
N PRO A 83 -12.04 -14.17 -1.07
CA PRO A 83 -12.10 -15.23 -0.08
C PRO A 83 -11.15 -16.37 -0.32
N GLU A 84 -10.94 -16.74 -1.61
CA GLU A 84 -10.06 -17.84 -1.89
C GLU A 84 -8.65 -17.37 -2.03
N ILE A 85 -8.41 -16.04 -1.94
CA ILE A 85 -7.04 -15.59 -2.04
C ILE A 85 -6.50 -15.73 -0.64
N ALA A 86 -7.41 -15.61 0.37
CA ALA A 86 -7.03 -15.75 1.76
C ALA A 86 -6.77 -17.21 2.06
N ASN A 87 -7.60 -18.11 1.50
CA ASN A 87 -7.46 -19.54 1.76
C ASN A 87 -6.17 -20.08 1.17
N GLU A 88 -5.75 -19.58 -0.01
CA GLU A 88 -4.55 -20.08 -0.64
C GLU A 88 -3.31 -19.70 0.15
N MET A 89 -3.36 -18.57 0.91
CA MET A 89 -2.21 -18.14 1.67
C MET A 89 -2.13 -18.94 2.96
N LYS A 90 -0.89 -19.04 3.53
CA LYS A 90 -0.72 -19.81 4.74
C LYS A 90 -0.19 -18.94 5.84
N ASP A 91 0.50 -17.84 5.50
CA ASP A 91 1.07 -17.00 6.53
C ASP A 91 1.57 -15.75 5.84
N SER A 92 1.96 -14.74 6.64
CA SER A 92 2.46 -13.51 6.07
C SER A 92 3.83 -13.72 5.49
N PHE A 93 4.63 -14.66 6.05
CA PHE A 93 5.96 -14.89 5.51
C PHE A 93 5.79 -15.55 4.16
N ASP A 94 4.93 -16.60 4.08
CA ASP A 94 4.66 -17.25 2.81
C ASP A 94 4.10 -16.25 1.82
N LEU A 95 3.32 -15.26 2.31
CA LEU A 95 2.76 -14.23 1.45
C LEU A 95 3.88 -13.48 0.76
N LEU A 96 5.03 -13.28 1.46
CA LEU A 96 6.13 -12.54 0.86
C LEU A 96 6.72 -13.35 -0.26
N SER A 97 6.71 -14.70 -0.14
CA SER A 97 7.27 -15.53 -1.18
C SER A 97 6.20 -15.90 -2.18
N LYS A 98 5.03 -15.20 -2.16
CA LYS A 98 3.96 -15.56 -3.08
C LYS A 98 3.54 -14.30 -3.83
N ILE A 99 4.03 -13.12 -3.40
CA ILE A 99 3.62 -11.87 -4.02
C ILE A 99 4.02 -11.83 -5.48
N ASP A 100 5.30 -12.12 -5.81
CA ASP A 100 5.73 -12.05 -7.18
C ASP A 100 5.25 -13.23 -7.99
N SER A 101 5.17 -14.44 -7.40
CA SER A 101 4.80 -15.62 -8.17
C SER A 101 3.37 -15.59 -8.68
N PHE A 102 2.35 -15.35 -7.82
CA PHE A 102 0.99 -15.40 -8.34
C PHE A 102 0.19 -14.14 -8.09
N ILE A 103 0.43 -13.42 -6.99
CA ILE A 103 -0.38 -12.24 -6.71
C ILE A 103 -0.34 -11.23 -7.85
N HIS A 104 0.85 -10.81 -8.35
CA HIS A 104 0.84 -9.80 -9.38
C HIS A 104 0.95 -10.44 -10.75
N VAL A 105 1.00 -11.78 -10.82
CA VAL A 105 1.08 -12.44 -12.12
C VAL A 105 -0.32 -12.67 -12.58
N GLU A 106 -1.21 -13.10 -11.66
CA GLU A 106 -2.58 -13.36 -12.01
C GLU A 106 -3.24 -12.05 -12.38
N VAL A 107 -2.95 -10.95 -11.64
CA VAL A 107 -3.58 -9.69 -11.95
C VAL A 107 -3.09 -9.17 -13.30
N TYR A 108 -1.76 -9.23 -13.57
CA TYR A 108 -1.21 -8.76 -14.83
C TYR A 108 -1.83 -9.47 -16.01
N LYS A 109 -2.10 -10.78 -15.89
CA LYS A 109 -2.67 -11.50 -17.00
C LYS A 109 -4.12 -11.10 -17.17
N LEU A 110 -4.85 -10.94 -16.04
CA LEU A 110 -6.25 -10.60 -16.12
C LEU A 110 -6.48 -9.11 -15.95
N TYR A 111 -5.48 -8.24 -16.27
CA TYR A 111 -5.67 -6.81 -16.10
C TYR A 111 -4.44 -6.17 -16.70
N PRO A 112 -4.55 -5.81 -17.95
CA PRO A 112 -3.45 -5.23 -18.71
C PRO A 112 -3.21 -3.76 -18.50
N GLN A 113 -4.02 -3.08 -17.67
CA GLN A 113 -3.83 -1.66 -17.47
C GLN A 113 -2.84 -1.42 -16.34
N ALA A 114 -2.13 -2.46 -15.87
CA ALA A 114 -1.17 -2.26 -14.81
C ALA A 114 0.19 -2.59 -15.34
N GLU A 115 1.25 -2.01 -14.73
CA GLU A 115 2.59 -2.29 -15.16
C GLU A 115 3.46 -2.31 -13.94
N LEU A 116 4.42 -3.26 -13.88
CA LEU A 116 5.27 -3.36 -12.72
C LEU A 116 6.70 -3.49 -13.18
N PRO A 117 7.59 -3.11 -12.28
CA PRO A 117 9.02 -3.14 -12.51
C PRO A 117 9.68 -4.45 -12.18
N LYS A 118 10.93 -4.40 -11.64
CA LYS A 118 11.65 -5.64 -11.33
C LYS A 118 11.54 -5.92 -9.85
N PHE A 119 11.47 -7.24 -9.50
CA PHE A 119 11.35 -7.64 -8.11
C PHE A 119 12.28 -8.81 -7.87
N THR A 120 13.09 -8.75 -6.77
CA THR A 120 13.98 -9.86 -6.46
C THR A 120 13.89 -10.09 -4.97
N CYS A 121 14.29 -11.30 -4.48
CA CYS A 121 14.21 -11.56 -3.06
C CYS A 121 15.35 -12.46 -2.65
N ASP A 122 16.21 -11.92 -1.75
CA ASP A 122 17.33 -12.69 -1.24
C ASP A 122 17.00 -13.12 0.16
N ARG A 123 17.63 -14.22 0.63
CA ARG A 123 17.36 -14.69 1.97
C ARG A 123 18.65 -14.68 2.75
N LEU A 124 18.68 -13.91 3.86
CA LEU A 124 19.88 -13.85 4.66
C LEU A 124 19.79 -14.89 5.76
N GLY A 125 18.56 -15.30 6.14
CA GLY A 125 18.44 -16.26 7.21
C GLY A 125 16.99 -16.40 7.58
N ASP A 126 16.74 -16.58 8.90
CA ASP A 126 15.39 -16.74 9.36
C ASP A 126 14.87 -15.44 9.91
N ASN A 127 15.73 -14.68 10.62
CA ASN A 127 15.29 -13.43 11.20
C ASN A 127 15.67 -12.26 10.33
N ASP A 128 16.16 -12.51 9.09
CA ASP A 128 16.55 -11.44 8.21
C ASP A 128 16.11 -11.87 6.83
N ILE A 129 15.58 -10.96 5.98
CA ILE A 129 15.14 -11.32 4.66
C ILE A 129 15.39 -10.04 3.87
N ARG A 130 15.65 -10.09 2.54
CA ARG A 130 15.92 -8.84 1.86
C ARG A 130 15.02 -8.73 0.67
N LEU A 131 14.46 -7.52 0.48
CA LEU A 131 13.60 -7.26 -0.63
C LEU A 131 14.20 -6.12 -1.41
N HIS A 132 14.46 -6.36 -2.73
CA HIS A 132 15.03 -5.33 -3.56
C HIS A 132 13.97 -4.92 -4.52
N TYR A 133 13.77 -3.60 -4.71
CA TYR A 133 12.74 -3.15 -5.61
C TYR A 133 13.37 -2.15 -6.54
N GLN A 134 13.28 -2.39 -7.87
CA GLN A 134 13.87 -1.47 -8.83
C GLN A 134 12.75 -0.73 -9.50
N SER A 135 12.58 0.56 -9.12
CA SER A 135 11.52 1.38 -9.69
C SER A 135 11.97 2.82 -9.66
N LYS A 136 11.39 3.65 -10.56
CA LYS A 136 11.75 5.04 -10.62
C LYS A 136 10.79 5.86 -9.79
N ARG A 137 9.81 5.19 -9.12
CA ARG A 137 8.86 5.91 -8.31
C ARG A 137 8.78 5.20 -6.99
N PRO A 138 9.79 5.40 -6.18
CA PRO A 138 9.90 4.76 -4.89
C PRO A 138 9.44 5.56 -3.70
N PHE A 139 8.19 5.31 -3.25
CA PHE A 139 7.70 6.00 -2.08
C PHE A 139 7.71 4.99 -0.96
N ALA A 140 8.61 5.19 0.03
CA ALA A 140 8.73 4.28 1.15
C ALA A 140 7.49 4.28 2.00
N SER A 141 6.87 5.46 2.21
CA SER A 141 5.68 5.54 3.04
C SER A 141 4.57 4.69 2.46
N PHE A 142 4.41 4.69 1.12
CA PHE A 142 3.35 3.92 0.50
C PHE A 142 3.58 2.43 0.72
N ALA A 143 4.83 1.95 0.51
CA ALA A 143 5.14 0.54 0.64
C ALA A 143 4.88 0.04 2.05
N GLU A 144 5.24 0.84 3.08
CA GLU A 144 5.04 0.41 4.46
C GLU A 144 3.57 0.29 4.74
N GLY A 145 2.76 1.18 4.13
CA GLY A 145 1.33 1.17 4.37
C GLY A 145 0.72 -0.15 3.95
N LEU A 146 1.21 -0.76 2.84
CA LEU A 146 0.62 -1.99 2.38
C LEU A 146 1.20 -3.19 3.11
N LEU A 147 2.53 -3.19 3.42
CA LEU A 147 3.13 -4.35 4.06
C LEU A 147 2.64 -4.47 5.49
N ASP A 148 2.53 -3.33 6.20
CA ASP A 148 2.09 -3.35 7.58
C ASP A 148 0.60 -3.62 7.65
N GLY A 149 -0.17 -3.24 6.60
CA GLY A 149 -1.60 -3.50 6.63
C GLY A 149 -1.85 -4.99 6.65
N CYS A 150 -1.08 -5.74 5.83
CA CYS A 150 -1.21 -7.19 5.80
C CYS A 150 -0.91 -7.75 7.18
N ALA A 151 0.13 -7.21 7.86
CA ALA A 151 0.48 -7.70 9.18
C ALA A 151 -0.57 -7.23 10.18
N GLU A 152 -1.47 -6.34 9.74
CA GLU A 152 -2.50 -5.84 10.62
C GLU A 152 -3.58 -6.90 10.76
N TYR A 153 -4.06 -7.45 9.61
CA TYR A 153 -5.09 -8.46 9.66
C TYR A 153 -4.59 -9.68 10.41
N PHE A 154 -3.36 -10.16 10.12
CA PHE A 154 -2.84 -11.34 10.78
C PHE A 154 -2.51 -11.06 12.23
N LYS A 155 -2.21 -9.78 12.57
CA LYS A 155 -1.87 -9.42 13.93
C LYS A 155 -0.53 -10.05 14.27
N GLU A 156 0.50 -9.81 13.42
CA GLU A 156 1.80 -10.37 13.67
C GLU A 156 2.70 -9.24 14.12
N ASP A 157 4.03 -9.47 14.14
CA ASP A 157 4.92 -8.42 14.57
C ASP A 157 6.19 -8.51 13.77
N PHE A 158 6.18 -7.94 12.55
CA PHE A 158 7.36 -7.92 11.71
C PHE A 158 7.74 -6.47 11.57
N THR A 159 9.03 -6.17 11.28
CA THR A 159 9.43 -4.79 11.17
C THR A 159 10.11 -4.58 9.84
N ILE A 160 9.65 -3.56 9.10
CA ILE A 160 10.24 -3.24 7.81
C ILE A 160 11.22 -2.13 8.03
N SER A 161 12.48 -2.31 7.53
CA SER A 161 13.50 -1.31 7.72
C SER A 161 14.03 -0.90 6.36
N ARG A 162 15.12 -0.09 6.37
CA ARG A 162 15.69 0.42 5.15
C ARG A 162 17.16 0.67 5.40
N THR A 163 17.99 0.70 4.32
CA THR A 163 19.40 0.96 4.53
C THR A 163 19.71 2.37 4.07
N PRO A 164 20.69 2.94 4.72
CA PRO A 164 21.14 4.31 4.46
C PRO A 164 21.87 4.50 3.16
N GLU A 165 22.31 3.40 2.51
CA GLU A 165 23.04 3.53 1.26
C GLU A 165 22.09 4.03 0.19
N THR A 166 20.85 3.47 0.15
CA THR A 166 19.91 3.90 -0.84
C THR A 166 18.74 4.55 -0.15
N GLN A 167 18.97 4.99 1.11
CA GLN A 167 17.93 5.63 1.87
C GLN A 167 17.49 6.90 1.18
N ASP A 168 18.44 7.67 0.60
CA ASP A 168 18.05 8.90 -0.06
C ASP A 168 18.46 8.81 -1.50
N SER A 169 18.20 7.65 -2.15
CA SER A 169 18.55 7.50 -3.54
C SER A 169 17.38 6.87 -4.23
N GLU A 170 17.19 7.19 -5.53
CA GLU A 170 16.08 6.63 -6.26
C GLU A 170 16.61 5.57 -7.20
N THR A 171 15.65 4.85 -7.85
CA THR A 171 15.92 3.78 -8.81
C THR A 171 16.11 2.45 -8.11
N ASP A 172 16.76 2.42 -6.92
CA ASP A 172 16.96 1.15 -6.26
C ASP A 172 16.85 1.37 -4.78
N VAL A 173 16.09 0.49 -4.08
CA VAL A 173 15.94 0.63 -2.65
C VAL A 173 16.17 -0.72 -2.03
N ILE A 174 16.96 -0.74 -0.92
CA ILE A 174 17.25 -1.98 -0.23
C ILE A 174 16.45 -1.99 1.04
N PHE A 175 15.59 -3.03 1.18
CA PHE A 175 14.77 -3.15 2.36
C PHE A 175 15.23 -4.33 3.16
N ASN A 176 15.00 -4.25 4.49
CA ASN A 176 15.43 -5.30 5.38
C ASN A 176 14.26 -5.63 6.28
N ILE A 177 13.81 -6.91 6.25
CA ILE A 177 12.70 -7.30 7.08
C ILE A 177 13.29 -8.15 8.19
N THR A 178 12.95 -7.81 9.46
CA THR A 178 13.52 -8.53 10.58
C THR A 178 12.41 -9.02 11.47
N ARG A 179 12.55 -10.27 11.99
CA ARG A 179 11.55 -10.81 12.88
C ARG A 179 12.05 -10.57 14.27
N ALA A 180 11.34 -9.71 15.03
CA ALA A 180 11.74 -9.43 16.38
C ALA A 180 11.12 -10.46 17.29
N PRO A 181 11.65 -10.56 18.49
CA PRO A 181 11.14 -11.49 19.51
C PRO A 181 9.70 -11.25 19.80
N ARG A 182 9.27 -10.00 19.52
CA ARG A 182 7.89 -9.57 19.68
C ARG A 182 7.69 -9.07 21.09
N GLY A 183 8.67 -9.26 21.99
CA GLY A 183 8.51 -8.80 23.34
C GLY A 183 9.68 -7.96 23.73
N ALA A 184 10.30 -7.27 22.76
CA ALA A 184 11.44 -6.45 23.09
C ALA A 184 11.43 -5.28 22.14
N GLU A 185 11.93 -4.12 22.63
CA GLU A 185 11.96 -2.94 21.80
C GLU A 185 13.00 -2.00 22.35
N ASN A 186 13.51 -1.10 21.48
CA ASN A 186 14.51 -0.13 21.88
C ASN A 186 15.77 -0.86 22.28
N LEU A 187 16.22 -1.77 21.38
CA LEU A 187 17.42 -2.54 21.65
C LEU A 187 18.62 -1.62 21.54
N TYR A 188 18.60 -0.69 20.56
CA TYR A 188 19.71 0.21 20.40
C TYR A 188 19.20 1.61 20.64
N PHE A 189 19.65 2.57 19.80
CA PHE A 189 19.23 3.93 19.97
C PHE A 189 19.15 4.57 18.61
N GLN A 190 18.37 5.68 18.51
CA GLN A 190 18.21 6.38 17.26
C GLN A 190 17.44 5.47 16.30
C01 IWP B . -8.01 6.06 10.07
C02 IWP B . -8.17 7.43 9.84
C03 IWP B . -8.38 5.53 11.30
C04 IWP B . -8.50 8.28 10.88
C05 IWP B . -9.44 2.38 15.90
C06 IWP B . -8.32 1.69 16.09
C07 IWP B . -11.64 3.16 13.79
C08 IWP B . -15.26 3.08 11.52
C09 IWP B . -9.15 5.79 13.68
C10 IWP B . -8.77 6.37 12.33
C11 IWP B . -8.79 7.74 12.13
C12 IWP B . -16.26 3.77 12.17
C13 IWP B . -9.35 2.84 14.60
C14 IWP B . -12.31 4.28 13.20
C15 IWP B . -10.37 3.65 14.01
C16 IWP B . -13.70 4.11 12.83
C17 IWP B . -15.90 4.64 13.17
F18 IWP B . -9.13 8.57 13.15
F19 IWP B . -17.55 3.58 11.84
N20 IWP B . -13.96 3.24 11.84
N21 IWP B . -14.61 4.83 13.51
N22 IWP B . -11.50 5.40 13.07
N23 IWP B . -8.24 2.47 13.97
N24 IWP B . -10.31 4.92 13.61
O25 IWP B . -16.85 5.36 13.84
O26 IWP B . -7.53 1.68 14.97
H01 IWP B . -7.59 5.42 9.30
H02 IWP B . -8.03 7.83 8.83
H03 IWP B . -8.37 4.46 11.45
H04 IWP B . -8.52 9.35 10.72
H05 IWP B . -10.24 2.55 16.61
H06 IWP B . -7.96 1.14 16.95
H07 IWP B . -12.02 2.17 14.00
H08 IWP B . -15.48 2.37 10.72
H091 IWP B . -8.31 5.22 14.08
H092 IWP B . -9.37 6.61 14.38
H25 IWP B . -17.73 5.04 13.57
CHA HEM C . 0.55 -2.33 -7.20
CHB HEM C . 2.93 -4.33 -3.66
CHC HEM C . -0.84 -7.02 -2.72
CHD HEM C . -2.75 -5.78 -6.95
C1A HEM C . 1.48 -2.59 -6.26
C2A HEM C . 2.61 -1.85 -6.08
C3A HEM C . 3.39 -2.55 -5.20
C4A HEM C . 2.63 -3.60 -4.76
CMA HEM C . 4.69 -2.15 -4.70
CAA HEM C . 2.92 -0.56 -6.66
CBA HEM C . 3.50 0.35 -5.68
CGA HEM C . 4.58 1.10 -6.30
O1A HEM C . 5.27 0.57 -7.16
O2A HEM C . 4.79 2.24 -5.96
C1B HEM C . 2.09 -5.22 -3.08
C2B HEM C . 2.27 -5.72 -1.82
C3B HEM C . 1.09 -6.31 -1.48
C4B HEM C . 0.32 -6.33 -2.60
CMB HEM C . 3.41 -5.50 -0.96
CAB HEM C . 0.88 -7.12 -0.29
CBB HEM C . 1.17 -6.71 0.96
C1C HEM C . -1.65 -6.96 -3.80
C2C HEM C . -2.78 -7.73 -3.96
C3C HEM C . -3.23 -7.50 -5.22
C4C HEM C . -2.48 -6.48 -5.73
CMC HEM C . -3.32 -8.68 -3.00
CAC HEM C . -4.53 -7.90 -5.73
CBC HEM C . -4.79 -9.12 -6.24
C1D HEM C . -1.87 -4.77 -7.48
C2D HEM C . -1.99 -4.21 -8.72
C3D HEM C . -1.09 -3.18 -8.75
C4D HEM C . -0.45 -3.19 -7.54
CMD HEM C . -2.82 -4.67 -9.80
CAD HEM C . -0.79 -2.34 -9.89
CBD HEM C . -0.95 -0.93 -9.56
CGD HEM C . -1.03 -0.77 -8.12
O1D HEM C . -1.17 -1.75 -7.41
O2D HEM C . -0.93 0.33 -7.63
NA HEM C . 1.46 -3.69 -5.44
NB HEM C . 0.88 -5.58 -3.60
NC HEM C . -1.41 -6.19 -4.90
ND HEM C . -0.82 -4.26 -6.79
FE HEM C . 0.03 -4.93 -5.19
HHB HEM C . 3.85 -4.09 -3.13
HHC HEM C . -1.12 -7.69 -1.91
HHD HEM C . -3.75 -5.86 -7.37
HMA HEM C . 4.57 -1.34 -3.97
HMAA HEM C . 5.33 -1.81 -5.52
HMAB HEM C . 5.18 -3.01 -4.21
HAA HEM C . 3.63 -0.70 -7.49
HAAA HEM C . 2.00 -0.12 -7.06
HBA HEM C . 2.74 1.04 -5.32
HBAA HEM C . 3.90 -0.23 -4.84
HMB HEM C . 3.74 -4.47 -1.05
HMBA HEM C . 4.23 -6.18 -1.26
HMBB HEM C . 3.13 -5.71 0.08
HAB HEM C . 0.56 -8.15 -0.42
HBB HEM C . 2.22 -6.58 1.23
HBBA HEM C . 0.37 -6.25 1.55
HMC HEM C . -2.68 -9.57 -2.97
HMCA HEM C . -3.36 -8.23 -2.00
HMCB HEM C . -4.34 -8.98 -3.29
HAC HEM C . -5.31 -7.16 -5.81
HBC HEM C . -5.64 -9.23 -6.89
HBCA HEM C . -4.32 -9.99 -5.77
HMD HEM C . -2.20 -5.00 -10.64
HMDA HEM C . -3.44 -5.51 -9.46
HMDB HEM C . -3.48 -3.85 -10.14
HAD HEM C . -1.47 -2.60 -10.72
HADA HEM C . 0.25 -2.52 -10.21
HBD HEM C . -0.10 -0.36 -9.95
HBDA HEM C . -1.87 -0.55 -10.01
HHA HEM C . 0.64 -1.40 -7.77
C CMO D . -0.92 -3.64 -4.16
O CMO D . -1.47 -2.87 -3.54
N MET A 1 -3.83 -0.05 -9.08
CA MET A 1 -5.26 0.24 -8.76
C MET A 1 -5.51 1.73 -8.78
N MET A 2 -6.70 2.13 -9.31
CA MET A 2 -7.02 3.54 -9.34
C MET A 2 -8.51 3.69 -9.20
N GLY A 3 -9.29 2.79 -9.84
CA GLY A 3 -10.74 2.88 -9.73
C GLY A 3 -11.16 2.44 -8.34
N MET A 4 -10.51 1.37 -7.80
CA MET A 4 -10.89 0.87 -6.49
C MET A 4 -10.23 1.68 -5.41
N VAL A 5 -9.29 2.58 -5.76
CA VAL A 5 -8.66 3.37 -4.74
C VAL A 5 -9.54 4.56 -4.52
N PHE A 6 -10.41 4.87 -5.52
CA PHE A 6 -11.32 5.98 -5.40
C PHE A 6 -12.43 5.56 -4.48
N THR A 7 -12.90 4.29 -4.62
CA THR A 7 -13.99 3.81 -3.79
C THR A 7 -13.58 3.84 -2.33
N GLY A 8 -12.37 3.32 -1.99
CA GLY A 8 -11.94 3.31 -0.61
C GLY A 8 -11.82 4.71 -0.05
N LEU A 9 -11.29 5.66 -0.85
CA LEU A 9 -11.08 7.02 -0.38
C LEU A 9 -12.41 7.71 -0.09
N MET A 10 -13.47 7.49 -0.90
CA MET A 10 -14.75 8.16 -0.68
C MET A 10 -15.38 7.66 0.60
N GLU A 11 -15.27 6.34 0.86
CA GLU A 11 -15.88 5.74 2.02
C GLU A 11 -15.16 6.18 3.28
N LEU A 12 -13.85 6.48 3.19
CA LEU A 12 -13.08 6.86 4.36
C LEU A 12 -13.47 8.24 4.83
N ILE A 13 -13.65 9.23 3.90
CA ILE A 13 -13.93 10.59 4.33
C ILE A 13 -15.38 10.72 4.74
N GLU A 14 -16.28 9.84 4.24
CA GLU A 14 -17.67 9.98 4.56
C GLU A 14 -17.92 9.53 5.99
N ASP A 15 -17.28 8.42 6.40
CA ASP A 15 -17.50 7.88 7.72
C ASP A 15 -16.66 8.60 8.76
N GLU A 16 -15.44 9.01 8.42
CA GLU A 16 -14.57 9.61 9.41
C GLU A 16 -14.99 11.01 9.77
N PHE A 17 -15.35 11.87 8.80
CA PHE A 17 -15.68 13.23 9.21
C PHE A 17 -17.06 13.65 8.78
N GLY A 18 -17.64 13.10 7.70
CA GLY A 18 -18.96 13.56 7.32
C GLY A 18 -19.12 13.51 5.84
N TYR A 19 -20.33 13.91 5.36
CA TYR A 19 -20.58 13.84 3.95
C TYR A 19 -20.39 15.23 3.41
N GLU A 20 -20.42 16.25 4.31
CA GLU A 20 -20.21 17.61 3.89
C GLU A 20 -18.77 17.76 3.51
N THR A 21 -17.86 17.11 4.29
CA THR A 21 -16.46 17.19 4.00
C THR A 21 -16.20 16.46 2.71
N LEU A 22 -16.87 15.30 2.50
CA LEU A 22 -16.69 14.56 1.25
C LEU A 22 -17.22 15.40 0.11
N ASP A 23 -18.19 16.31 0.41
CA ASP A 23 -18.76 17.17 -0.61
C ASP A 23 -17.71 18.14 -1.10
N THR A 24 -16.87 18.66 -0.17
CA THR A 24 -15.83 19.61 -0.54
C THR A 24 -14.82 18.93 -1.44
N LEU A 25 -14.45 17.67 -1.12
CA LEU A 25 -13.48 16.93 -1.92
C LEU A 25 -14.00 16.78 -3.34
N LEU A 26 -15.33 16.53 -3.46
CA LEU A 26 -15.95 16.34 -4.77
C LEU A 26 -15.90 17.63 -5.54
N GLU A 27 -16.03 18.79 -4.85
CA GLU A 27 -16.03 20.07 -5.54
C GLU A 27 -14.68 20.32 -6.17
N SER A 28 -13.57 19.96 -5.46
CA SER A 28 -12.25 20.18 -6.01
C SER A 28 -12.11 19.37 -7.29
N CYS A 29 -12.67 18.14 -7.31
CA CYS A 29 -12.54 17.31 -8.49
C CYS A 29 -13.61 17.70 -9.48
N GLU A 30 -13.34 17.49 -10.79
CA GLU A 30 -14.32 17.82 -11.80
C GLU A 30 -14.83 16.50 -12.33
N LEU A 31 -16.16 16.27 -12.19
CA LEU A 31 -16.71 15.02 -12.67
C LEU A 31 -17.66 15.34 -13.79
N GLN A 32 -17.44 14.73 -14.97
CA GLN A 32 -18.28 14.97 -16.11
C GLN A 32 -19.35 13.90 -16.17
N SER A 33 -19.06 12.66 -15.73
CA SER A 33 -20.04 11.61 -15.81
C SER A 33 -20.69 11.44 -14.46
N GLU A 34 -21.01 10.17 -14.08
CA GLU A 34 -21.66 9.92 -12.81
C GLU A 34 -20.69 10.18 -11.70
N GLY A 35 -19.42 9.71 -11.87
CA GLY A 35 -18.44 9.94 -10.85
C GLY A 35 -18.03 8.64 -10.23
N ILE A 36 -18.94 7.64 -10.16
CA ILE A 36 -18.55 6.38 -9.55
C ILE A 36 -18.70 5.29 -10.56
N TYR A 37 -17.56 4.80 -11.10
CA TYR A 37 -17.59 3.73 -12.06
C TYR A 37 -17.44 2.42 -11.33
N THR A 38 -16.65 1.53 -11.95
CA THR A 38 -16.37 0.24 -11.38
C THR A 38 -14.89 0.08 -11.54
N SER A 39 -14.29 -1.02 -11.04
CA SER A 39 -12.87 -1.16 -11.18
C SER A 39 -12.60 -1.74 -12.54
N VAL A 40 -11.97 -0.94 -13.43
CA VAL A 40 -11.68 -1.41 -14.76
C VAL A 40 -10.97 -0.32 -15.52
N GLY A 41 -10.76 0.87 -14.89
CA GLY A 41 -10.12 1.95 -15.59
C GLY A 41 -8.93 2.40 -14.80
N SER A 42 -8.07 3.24 -15.45
CA SER A 42 -6.88 3.73 -14.80
C SER A 42 -6.73 5.18 -15.20
N TYR A 43 -6.75 6.10 -14.20
CA TYR A 43 -6.58 7.51 -14.50
C TYR A 43 -5.15 7.90 -14.29
N ASP A 44 -4.90 9.23 -14.30
CA ASP A 44 -3.57 9.75 -14.13
C ASP A 44 -3.16 9.66 -12.69
N HIS A 45 -1.87 9.99 -12.44
CA HIS A 45 -1.34 9.93 -11.10
C HIS A 45 -1.65 11.22 -10.40
N GLN A 46 -1.67 12.34 -11.17
CA GLN A 46 -1.95 13.64 -10.61
C GLN A 46 -3.37 13.68 -10.11
N GLU A 47 -4.27 12.85 -10.70
CA GLU A 47 -5.66 12.82 -10.28
C GLU A 47 -5.73 12.47 -8.81
N LEU A 48 -5.06 11.36 -8.42
CA LEU A 48 -5.04 10.92 -7.03
C LEU A 48 -4.38 11.96 -6.17
N LEU A 49 -3.36 12.66 -6.72
CA LEU A 49 -2.61 13.62 -5.93
C LEU A 49 -3.46 14.83 -5.64
N GLN A 50 -4.35 15.23 -6.59
CA GLN A 50 -5.19 16.39 -6.39
C GLN A 50 -6.13 16.14 -5.23
N LEU A 51 -6.66 14.90 -5.10
CA LEU A 51 -7.58 14.60 -4.01
C LEU A 51 -6.79 14.36 -2.74
N VAL A 52 -5.45 14.23 -2.85
CA VAL A 52 -4.66 13.97 -1.69
C VAL A 52 -4.24 15.30 -1.08
N VAL A 53 -3.90 16.29 -1.93
CA VAL A 53 -3.50 17.57 -1.40
C VAL A 53 -4.72 18.25 -0.81
N LYS A 54 -5.94 18.00 -1.36
CA LYS A 54 -7.11 18.62 -0.78
C LYS A 54 -7.38 17.96 0.55
N LEU A 55 -7.09 16.64 0.69
CA LEU A 55 -7.31 15.96 1.97
C LEU A 55 -6.26 16.38 2.95
N SER A 56 -5.21 17.05 2.49
CA SER A 56 -4.18 17.42 3.43
C SER A 56 -4.47 18.80 3.93
N GLU A 57 -5.31 19.58 3.22
CA GLU A 57 -5.62 20.92 3.64
C GLU A 57 -7.01 20.98 4.23
N VAL A 58 -7.89 20.01 3.88
CA VAL A 58 -9.24 20.04 4.38
C VAL A 58 -9.28 19.43 5.77
N SER A 59 -8.55 18.31 6.03
CA SER A 59 -8.60 17.71 7.34
C SER A 59 -7.37 18.05 8.13
N SER A 60 -6.36 18.68 7.48
CA SER A 60 -5.12 19.04 8.18
C SER A 60 -4.41 17.76 8.54
N VAL A 61 -4.49 16.76 7.64
CA VAL A 61 -3.84 15.50 7.89
C VAL A 61 -2.67 15.40 6.96
N PRO A 62 -1.51 15.12 7.53
CA PRO A 62 -0.28 15.00 6.77
C PRO A 62 -0.37 13.92 5.74
N VAL A 63 0.40 14.08 4.63
CA VAL A 63 0.35 13.10 3.56
C VAL A 63 0.92 11.78 4.02
N THR A 64 1.84 11.77 5.01
CA THR A 64 2.44 10.50 5.42
C THR A 64 1.50 9.79 6.37
N GLU A 65 0.81 10.54 7.25
CA GLU A 65 -0.12 9.94 8.18
C GLU A 65 -1.34 9.46 7.40
N LEU A 66 -1.72 10.22 6.35
CA LEU A 66 -2.89 9.87 5.57
C LEU A 66 -2.54 8.79 4.57
N VAL A 67 -1.25 8.44 4.40
CA VAL A 67 -0.91 7.43 3.44
C VAL A 67 -0.86 6.10 4.17
N ARG A 68 -0.59 6.15 5.51
CA ARG A 68 -0.52 4.95 6.32
C ARG A 68 -1.93 4.42 6.55
N LEU A 69 -2.84 5.29 7.05
CA LEU A 69 -4.21 4.86 7.33
C LEU A 69 -4.90 4.41 6.07
N PHE A 70 -4.68 5.12 4.93
CA PHE A 70 -5.32 4.73 3.69
C PHE A 70 -4.90 3.32 3.30
N GLY A 71 -3.61 2.98 3.51
CA GLY A 71 -3.10 1.67 3.16
C GLY A 71 -3.86 0.58 3.90
N LYS A 72 -4.13 0.77 5.22
CA LYS A 72 -4.82 -0.24 6.00
C LYS A 72 -6.23 -0.53 5.49
N LYS A 73 -7.03 0.52 5.20
CA LYS A 73 -8.41 0.29 4.76
C LYS A 73 -8.51 -0.48 3.46
N LEU A 74 -7.79 -0.05 2.40
CA LEU A 74 -7.92 -0.72 1.11
C LEU A 74 -7.37 -2.15 1.15
N PHE A 75 -6.25 -2.40 1.86
CA PHE A 75 -5.68 -3.75 1.87
C PHE A 75 -6.66 -4.75 2.47
N VAL A 76 -7.32 -4.43 3.62
CA VAL A 76 -8.23 -5.39 4.23
C VAL A 76 -9.46 -5.53 3.36
N GLU A 77 -9.72 -4.57 2.46
CA GLU A 77 -10.85 -4.67 1.58
C GLU A 77 -10.60 -5.80 0.59
N LEU A 78 -9.33 -5.94 0.12
CA LEU A 78 -9.01 -6.98 -0.83
C LEU A 78 -9.10 -8.32 -0.15
N ILE A 79 -8.83 -8.38 1.17
CA ILE A 79 -8.93 -9.66 1.89
C ILE A 79 -10.37 -10.10 1.86
N GLU A 80 -11.31 -9.15 2.06
CA GLU A 80 -12.72 -9.49 2.06
C GLU A 80 -13.24 -9.46 0.64
N GLY A 81 -12.35 -9.22 -0.34
CA GLY A 81 -12.77 -9.17 -1.71
C GLY A 81 -12.42 -10.47 -2.41
N HIS A 82 -11.36 -11.16 -1.94
CA HIS A 82 -10.97 -12.41 -2.57
C HIS A 82 -10.84 -13.46 -1.51
N PRO A 83 -11.91 -14.18 -1.32
CA PRO A 83 -11.97 -15.27 -0.34
C PRO A 83 -10.98 -16.38 -0.58
N GLU A 84 -10.75 -16.75 -1.87
CA GLU A 84 -9.83 -17.82 -2.13
C GLU A 84 -8.42 -17.32 -2.21
N ILE A 85 -8.21 -15.99 -2.11
CA ILE A 85 -6.86 -15.50 -2.15
C ILE A 85 -6.35 -15.61 -0.73
N ALA A 86 -7.30 -15.55 0.25
CA ALA A 86 -6.94 -15.65 1.64
C ALA A 86 -6.81 -17.10 2.03
N ASN A 87 -7.56 -18.02 1.35
CA ASN A 87 -7.48 -19.42 1.72
C ASN A 87 -6.23 -20.06 1.14
N GLU A 88 -5.70 -19.53 0.01
CA GLU A 88 -4.52 -20.13 -0.58
C GLU A 88 -3.28 -19.74 0.18
N MET A 89 -3.35 -18.65 0.99
CA MET A 89 -2.20 -18.20 1.72
C MET A 89 -2.09 -19.01 3.00
N LYS A 90 -0.85 -19.10 3.56
CA LYS A 90 -0.63 -19.90 4.76
C LYS A 90 -0.10 -19.02 5.86
N ASP A 91 0.58 -17.91 5.51
CA ASP A 91 1.14 -17.06 6.53
C ASP A 91 1.61 -15.81 5.83
N SER A 92 2.01 -14.79 6.62
CA SER A 92 2.48 -13.56 6.04
C SER A 92 3.86 -13.76 5.45
N PHE A 93 4.66 -14.70 6.01
CA PHE A 93 5.99 -14.92 5.48
C PHE A 93 5.84 -15.58 4.12
N ASP A 94 4.97 -16.63 4.05
CA ASP A 94 4.70 -17.28 2.77
C ASP A 94 4.15 -16.27 1.79
N LEU A 95 3.39 -15.27 2.29
CA LEU A 95 2.83 -14.23 1.45
C LEU A 95 3.95 -13.50 0.75
N LEU A 96 5.10 -13.29 1.43
CA LEU A 96 6.20 -12.57 0.83
C LEU A 96 6.78 -13.39 -0.31
N SER A 97 6.77 -14.73 -0.18
CA SER A 97 7.31 -15.58 -1.22
C SER A 97 6.23 -15.94 -2.23
N LYS A 98 5.06 -15.24 -2.21
CA LYS A 98 3.98 -15.59 -3.12
C LYS A 98 3.57 -14.34 -3.89
N ILE A 99 4.05 -13.16 -3.43
CA ILE A 99 3.66 -11.91 -4.06
C ILE A 99 4.08 -11.86 -5.52
N ASP A 100 5.36 -12.16 -5.82
CA ASP A 100 5.82 -12.09 -7.19
C ASP A 100 5.37 -13.27 -8.02
N SER A 101 5.31 -14.49 -7.44
CA SER A 101 4.98 -15.66 -8.23
C SER A 101 3.56 -15.66 -8.78
N PHE A 102 2.51 -15.49 -7.94
CA PHE A 102 1.17 -15.58 -8.50
C PHE A 102 0.31 -14.35 -8.26
N ILE A 103 0.45 -13.66 -7.12
CA ILE A 103 -0.43 -12.53 -6.86
C ILE A 103 -0.36 -11.46 -7.95
N HIS A 104 0.84 -10.95 -8.35
CA HIS A 104 0.84 -9.90 -9.35
C HIS A 104 1.02 -10.48 -10.73
N VAL A 105 1.07 -11.83 -10.85
CA VAL A 105 1.21 -12.43 -12.15
C VAL A 105 -0.17 -12.69 -12.66
N GLU A 106 -1.06 -13.16 -11.76
CA GLU A 106 -2.41 -13.45 -12.14
C GLU A 106 -3.11 -12.16 -12.53
N VAL A 107 -2.86 -11.07 -11.77
CA VAL A 107 -3.50 -9.79 -12.09
C VAL A 107 -2.96 -9.27 -13.42
N TYR A 108 -1.62 -9.31 -13.62
CA TYR A 108 -1.02 -8.80 -14.85
C TYR A 108 -1.61 -9.50 -16.07
N LYS A 109 -1.89 -10.81 -15.98
CA LYS A 109 -2.42 -11.53 -17.11
C LYS A 109 -3.87 -11.14 -17.31
N LEU A 110 -4.63 -10.98 -16.22
CA LEU A 110 -6.03 -10.66 -16.34
C LEU A 110 -6.27 -9.17 -16.16
N TYR A 111 -5.27 -8.30 -16.42
CA TYR A 111 -5.48 -6.87 -16.24
C TYR A 111 -4.26 -6.20 -16.81
N PRO A 112 -4.36 -5.81 -18.05
CA PRO A 112 -3.26 -5.18 -18.78
C PRO A 112 -3.06 -3.71 -18.53
N GLN A 113 -3.90 -3.08 -17.69
CA GLN A 113 -3.75 -1.66 -17.44
C GLN A 113 -2.75 -1.42 -16.32
N ALA A 114 -2.03 -2.47 -15.87
CA ALA A 114 -1.07 -2.27 -14.81
C ALA A 114 0.28 -2.65 -15.34
N GLU A 115 1.35 -2.09 -14.72
CA GLU A 115 2.69 -2.40 -15.14
C GLU A 115 3.55 -2.43 -13.91
N LEU A 116 4.49 -3.39 -13.84
CA LEU A 116 5.34 -3.50 -12.68
C LEU A 116 6.77 -3.64 -13.14
N PRO A 117 7.66 -3.25 -12.25
CA PRO A 117 9.09 -3.29 -12.49
C PRO A 117 9.75 -4.60 -12.14
N LYS A 118 11.01 -4.56 -11.63
CA LYS A 118 11.71 -5.78 -11.32
C LYS A 118 11.60 -6.07 -9.83
N PHE A 119 11.60 -7.38 -9.46
CA PHE A 119 11.48 -7.76 -8.07
C PHE A 119 12.41 -8.92 -7.80
N THR A 120 13.21 -8.85 -6.70
CA THR A 120 14.09 -9.95 -6.38
C THR A 120 14.00 -10.17 -4.88
N CYS A 121 14.41 -11.36 -4.39
CA CYS A 121 14.32 -11.62 -2.97
C CYS A 121 15.49 -12.47 -2.55
N ASP A 122 16.32 -11.92 -1.63
CA ASP A 122 17.45 -12.65 -1.12
C ASP A 122 17.11 -13.10 0.28
N ARG A 123 17.72 -14.21 0.74
CA ARG A 123 17.43 -14.69 2.08
C ARG A 123 18.71 -14.67 2.87
N LEU A 124 18.73 -13.89 3.98
CA LEU A 124 19.91 -13.82 4.81
C LEU A 124 19.81 -14.85 5.90
N GLY A 125 18.58 -15.26 6.27
CA GLY A 125 18.46 -16.23 7.34
C GLY A 125 17.00 -16.38 7.68
N ASP A 126 16.72 -16.58 9.00
CA ASP A 126 15.36 -16.76 9.42
C ASP A 126 14.83 -15.46 9.96
N ASN A 127 15.68 -14.69 10.68
CA ASN A 127 15.20 -13.44 11.26
C ASN A 127 15.61 -12.27 10.40
N ASP A 128 16.10 -12.53 9.16
CA ASP A 128 16.50 -11.44 8.29
C ASP A 128 16.09 -11.86 6.91
N ILE A 129 15.57 -10.94 6.06
CA ILE A 129 15.15 -11.29 4.73
C ILE A 129 15.40 -10.00 3.96
N ARG A 130 15.68 -10.01 2.64
CA ARG A 130 15.93 -8.76 1.97
C ARG A 130 15.04 -8.67 0.77
N LEU A 131 14.43 -7.48 0.58
CA LEU A 131 13.57 -7.26 -0.54
C LEU A 131 14.17 -6.14 -1.34
N HIS A 132 14.42 -6.39 -2.65
CA HIS A 132 14.98 -5.37 -3.49
C HIS A 132 13.92 -5.01 -4.48
N TYR A 133 13.67 -3.69 -4.66
CA TYR A 133 12.65 -3.28 -5.58
C TYR A 133 13.30 -2.30 -6.51
N GLN A 134 13.30 -2.61 -7.84
CA GLN A 134 13.92 -1.72 -8.79
C GLN A 134 12.83 -0.92 -9.45
N SER A 135 12.69 0.34 -9.00
CA SER A 135 11.67 1.21 -9.54
C SER A 135 12.20 2.63 -9.51
N LYS A 136 11.73 3.47 -10.46
CA LYS A 136 12.16 4.84 -10.54
C LYS A 136 11.16 5.71 -9.81
N ARG A 137 10.09 5.10 -9.24
CA ARG A 137 9.10 5.90 -8.54
C ARG A 137 8.78 5.17 -7.24
N PRO A 138 9.72 5.12 -6.34
CA PRO A 138 9.57 4.43 -5.09
C PRO A 138 9.23 5.30 -3.90
N PHE A 139 8.02 5.10 -3.32
CA PHE A 139 7.65 5.84 -2.15
C PHE A 139 7.67 4.86 -1.01
N ALA A 140 8.58 5.09 -0.03
CA ALA A 140 8.72 4.20 1.11
C ALA A 140 7.47 4.20 1.96
N SER A 141 6.85 5.39 2.17
CA SER A 141 5.67 5.47 2.99
C SER A 141 4.55 4.62 2.44
N PHE A 142 4.38 4.60 1.10
CA PHE A 142 3.32 3.83 0.49
C PHE A 142 3.54 2.34 0.72
N ALA A 143 4.79 1.87 0.53
CA ALA A 143 5.10 0.46 0.66
C ALA A 143 4.83 -0.03 2.07
N GLU A 144 5.18 0.77 3.10
CA GLU A 144 4.98 0.36 4.47
C GLU A 144 3.50 0.24 4.76
N GLY A 145 2.68 1.12 4.14
CA GLY A 145 1.26 1.10 4.37
C GLY A 145 0.66 -0.22 3.95
N LEU A 146 1.15 -0.82 2.83
CA LEU A 146 0.58 -2.06 2.37
C LEU A 146 1.16 -3.26 3.11
N LEU A 147 2.48 -3.25 3.43
CA LEU A 147 3.09 -4.40 4.08
C LEU A 147 2.59 -4.52 5.50
N ASP A 148 2.48 -3.38 6.22
CA ASP A 148 2.04 -3.40 7.59
C ASP A 148 0.55 -3.69 7.66
N GLY A 149 -0.23 -3.30 6.62
CA GLY A 149 -1.67 -3.55 6.64
C GLY A 149 -1.89 -5.05 6.67
N CYS A 150 -1.13 -5.79 5.85
CA CYS A 150 -1.25 -7.23 5.82
C CYS A 150 -0.94 -7.79 7.19
N ALA A 151 0.11 -7.25 7.87
CA ALA A 151 0.46 -7.75 9.19
C ALA A 151 -0.56 -7.27 10.19
N GLU A 152 -1.51 -6.41 9.75
CA GLU A 152 -2.51 -5.91 10.66
C GLU A 152 -3.60 -6.95 10.78
N TYR A 153 -4.09 -7.50 9.63
CA TYR A 153 -5.13 -8.51 9.68
C TYR A 153 -4.62 -9.73 10.42
N PHE A 154 -3.38 -10.22 10.10
CA PHE A 154 -2.87 -11.40 10.75
C PHE A 154 -2.51 -11.12 12.20
N LYS A 155 -2.20 -9.84 12.54
CA LYS A 155 -1.83 -9.50 13.91
C LYS A 155 -0.49 -10.10 14.22
N GLU A 156 0.50 -9.89 13.33
CA GLU A 156 1.83 -10.43 13.57
C GLU A 156 2.70 -9.30 14.05
N ASP A 157 4.04 -9.52 14.10
CA ASP A 157 4.91 -8.49 14.55
C ASP A 157 6.19 -8.54 13.75
N PHE A 158 6.15 -7.97 12.52
CA PHE A 158 7.34 -7.94 11.69
C PHE A 158 7.70 -6.49 11.56
N THR A 159 8.99 -6.18 11.29
CA THR A 159 9.38 -4.78 11.19
C THR A 159 10.06 -4.57 9.87
N ILE A 160 9.57 -3.55 9.13
CA ILE A 160 10.16 -3.23 7.84
C ILE A 160 11.13 -2.09 8.06
N SER A 161 12.38 -2.24 7.56
CA SER A 161 13.38 -1.21 7.74
C SER A 161 13.88 -0.79 6.38
N ARG A 162 14.95 0.03 6.37
CA ARG A 162 15.50 0.55 5.14
C ARG A 162 16.95 0.87 5.35
N THR A 163 17.75 0.93 4.26
CA THR A 163 19.15 1.26 4.42
C THR A 163 19.38 2.67 3.92
N PRO A 164 20.31 3.33 4.56
CA PRO A 164 20.68 4.72 4.27
C PRO A 164 21.43 4.90 2.97
N GLU A 165 21.89 3.79 2.35
CA GLU A 165 22.64 3.90 1.12
C GLU A 165 21.70 4.34 0.01
N THR A 166 20.48 3.75 -0.04
CA THR A 166 19.55 4.11 -1.06
C THR A 166 18.35 4.74 -0.42
N GLN A 167 18.51 5.18 0.86
CA GLN A 167 17.43 5.81 1.57
C GLN A 167 16.97 7.05 0.84
N ASP A 168 17.90 7.86 0.30
CA ASP A 168 17.51 9.06 -0.38
C ASP A 168 17.95 8.97 -1.82
N SER A 169 17.66 7.83 -2.50
CA SER A 169 18.06 7.71 -3.88
C SER A 169 16.82 7.65 -4.72
N GLU A 170 16.88 6.90 -5.85
CA GLU A 170 15.75 6.80 -6.74
C GLU A 170 16.16 5.93 -7.90
N THR A 171 15.81 4.61 -7.82
CA THR A 171 16.16 3.64 -8.86
C THR A 171 16.15 2.28 -8.20
N ASP A 172 16.74 2.19 -6.99
CA ASP A 172 16.81 0.94 -6.29
C ASP A 172 16.69 1.22 -4.82
N VAL A 173 15.91 0.39 -4.09
CA VAL A 173 15.74 0.59 -2.67
C VAL A 173 15.99 -0.73 -2.00
N ILE A 174 16.79 -0.71 -0.90
CA ILE A 174 17.10 -1.92 -0.19
C ILE A 174 16.30 -1.92 1.08
N PHE A 175 15.43 -2.96 1.24
CA PHE A 175 14.61 -3.08 2.42
C PHE A 175 15.10 -4.24 3.23
N ASN A 176 14.87 -4.17 4.56
CA ASN A 176 15.32 -5.20 5.46
C ASN A 176 14.15 -5.57 6.34
N ILE A 177 13.74 -6.86 6.32
CA ILE A 177 12.64 -7.30 7.15
C ILE A 177 13.24 -8.11 8.26
N THR A 178 12.89 -7.80 9.52
CA THR A 178 13.46 -8.51 10.64
C THR A 178 12.37 -9.01 11.54
N ARG A 179 12.50 -10.27 12.03
CA ARG A 179 11.50 -10.82 12.92
C ARG A 179 11.97 -10.56 14.33
N ALA A 180 11.25 -9.71 15.07
CA ALA A 180 11.63 -9.41 16.42
C ALA A 180 10.98 -10.42 17.33
N PRO A 181 11.46 -10.48 18.56
CA PRO A 181 10.92 -11.38 19.58
C PRO A 181 9.46 -11.15 19.83
N ARG A 182 9.01 -9.94 19.44
CA ARG A 182 7.62 -9.54 19.55
C ARG A 182 7.35 -8.97 20.92
N GLY A 183 8.33 -9.06 21.84
CA GLY A 183 8.12 -8.54 23.16
C GLY A 183 9.39 -7.97 23.68
N ALA A 184 10.24 -7.44 22.79
CA ALA A 184 11.49 -6.88 23.22
C ALA A 184 11.85 -5.77 22.28
N GLU A 185 12.53 -4.72 22.81
CA GLU A 185 12.92 -3.63 21.98
C GLU A 185 14.08 -2.94 22.65
N ASN A 186 14.90 -2.21 21.84
CA ASN A 186 16.05 -1.49 22.38
C ASN A 186 17.11 -2.49 22.75
N LEU A 187 17.25 -3.56 21.93
CA LEU A 187 18.24 -4.57 22.19
C LEU A 187 19.62 -4.01 21.97
N TYR A 188 19.78 -3.18 20.90
CA TYR A 188 21.08 -2.62 20.63
C TYR A 188 20.97 -1.13 20.69
N PHE A 189 21.11 -0.46 19.53
CA PHE A 189 21.02 0.97 19.50
C PHE A 189 20.51 1.39 18.15
N GLN A 190 19.98 2.65 18.07
CA GLN A 190 19.46 3.17 16.83
C GLN A 190 18.24 2.33 16.42
C01 IWP B . -8.05 6.21 10.25
C02 IWP B . -8.19 7.58 10.10
C03 IWP B . -8.47 5.60 11.43
C04 IWP B . -8.67 8.35 11.15
C05 IWP B . -9.72 1.92 15.71
C06 IWP B . -8.59 1.21 15.78
C07 IWP B . -11.85 3.30 14.07
C08 IWP B . -15.66 4.07 11.99
C09 IWP B . -9.16 5.72 13.85
C10 IWP B . -8.88 6.37 12.50
C11 IWP B . -9.02 7.74 12.35
C12 IWP B . -16.55 4.40 13.00
C13 IWP B . -9.53 2.74 14.60
C14 IWP B . -12.48 4.52 13.63
C15 IWP B . -10.54 3.67 14.18
C16 IWP B . -13.91 4.48 13.41
C17 IWP B . -16.03 4.78 14.22
F18 IWP B . -9.52 8.48 13.37
F19 IWP B . -17.88 4.36 12.79
N20 IWP B . -14.33 4.12 12.18
N21 IWP B . -14.70 4.83 14.44
N22 IWP B . -11.59 5.56 13.48
N23 IWP B . -8.36 2.59 13.99
N24 IWP B . -10.41 4.96 13.85
O25 IWP B . -16.86 5.12 15.25
O26 IWP B . -7.71 1.55 14.79
H01 IWP B . -7.60 5.62 9.46
H02 IWP B . -7.95 8.06 9.15
H03 IWP B . -8.47 4.51 11.50
H04 IWP B . -8.77 9.43 11.04
H05 IWP B . -10.58 1.86 16.35
H06 IWP B . -8.28 0.45 16.49
H07 IWP B . -12.31 2.34 14.27
H08 IWP B . -16.01 3.77 11.01
H091 IWP B . -8.33 5.04 14.10
H092 IWP B . -9.22 6.49 14.62
H25 IWP B . -16.40 4.95 16.09
CHA HEM C . 0.50 -2.20 -7.47
CHB HEM C . 2.85 -4.15 -3.88
CHC HEM C . -0.90 -6.86 -2.93
CHD HEM C . -2.88 -5.57 -7.09
C1A HEM C . 1.49 -2.55 -6.62
C2A HEM C . 2.72 -1.94 -6.56
C3A HEM C . 3.40 -2.53 -5.55
C4A HEM C . 2.59 -3.49 -5.03
CMA HEM C . 4.68 -2.09 -5.02
CAA HEM C . 3.16 -0.82 -7.38
CBA HEM C . 3.35 0.38 -6.58
CGA HEM C . 4.27 1.27 -7.26
O1A HEM C . 5.20 0.82 -7.90
O2A HEM C . 4.10 2.48 -7.18
C1B HEM C . 1.98 -4.98 -3.26
C2B HEM C . 2.15 -5.46 -1.99
C3B HEM C . 0.99 -6.10 -1.66
C4B HEM C . 0.24 -6.16 -2.80
CMB HEM C . 3.30 -5.25 -1.13
CAB HEM C . 0.80 -6.92 -0.48
CBB HEM C . 1.06 -6.51 0.78
C1C HEM C . -1.83 -6.63 -3.89
C2C HEM C . -3.03 -7.29 -3.99
C3C HEM C . -3.38 -7.22 -5.30
C4C HEM C . -2.63 -6.22 -5.84
CMC HEM C . -3.75 -7.95 -2.90
CAC HEM C . -3.94 -8.32 -6.05
CBC HEM C . -5.25 -8.63 -6.10
C1D HEM C . -2.00 -4.57 -7.63
C2D HEM C . -2.19 -3.93 -8.83
C3D HEM C . -1.44 -2.79 -8.76
C4D HEM C . -0.62 -2.94 -7.69
CMD HEM C . -2.88 -4.44 -10.00
CAD HEM C . -1.48 -1.67 -9.69
CBD HEM C . -0.19 -1.02 -9.79
CGD HEM C . 0.02 -0.61 -11.18
O1D HEM C . 0.05 0.57 -11.46
O2D HEM C . 0.16 -1.45 -12.04
NA HEM C . 1.41 -3.59 -5.73
NB HEM C . 0.77 -5.37 -3.79
NC HEM C . -1.60 -5.86 -4.99
ND HEM C . -0.95 -4.05 -6.95
FE HEM C . -0.09 -4.72 -5.37
HHB HEM C . 3.77 -3.93 -3.36
HHC HEM C . -1.01 -7.77 -2.34
HHD HEM C . -3.89 -5.63 -7.50
HMA HEM C . 5.33 -1.75 -5.84
HMAA HEM C . 5.16 -2.93 -4.50
HMAB HEM C . 4.52 -1.27 -4.31
HAA HEM C . 4.11 -1.09 -7.86
HAAA HEM C . 2.41 -0.62 -8.16
HBA HEM C . 2.38 0.88 -6.45
HBAA HEM C . 3.76 0.11 -5.60
HMB HEM C . 3.62 -4.20 -1.19
HMBA HEM C . 4.12 -5.90 -1.45
HMBB HEM C . 3.03 -5.48 -0.09
HAB HEM C . 0.56 -7.97 -0.62
HBB HEM C . 2.07 -6.19 1.03
HBBA HEM C . 0.22 -6.30 1.44
HMC HEM C . -3.07 -8.61 -2.36
HMCA HEM C . -4.15 -7.20 -2.22
HMCB HEM C . -4.58 -8.53 -3.33
HAC HEM C . -3.24 -9.00 -6.55
HBC HEM C . -5.67 -8.98 -7.04
HBCA HEM C . -5.88 -8.32 -5.28
HMD HEM C . -3.40 -5.37 -9.73
HMDA HEM C . -3.62 -3.70 -10.33
HMDB HEM C . -2.17 -4.64 -10.79
HAD HEM C . -2.22 -0.95 -9.35
HADA HEM C . -1.78 -2.04 -10.68
HBD HEM C . -0.18 -0.13 -9.15
HBDA HEM C . 0.61 -1.71 -9.49
HHA HEM C . 0.60 -1.27 -8.03
C CMO D . -0.89 -3.33 -4.35
O CMO D . -1.38 -2.50 -3.75
N MET A 1 -4.42 0.29 -11.27
CA MET A 1 -5.06 0.34 -9.92
C MET A 1 -5.36 1.76 -9.54
N MET A 2 -6.62 2.21 -9.80
CA MET A 2 -6.97 3.56 -9.46
C MET A 2 -8.46 3.61 -9.25
N GLY A 3 -9.21 2.62 -9.79
CA GLY A 3 -10.65 2.61 -9.64
C GLY A 3 -11.02 2.19 -8.23
N MET A 4 -10.37 1.15 -7.67
CA MET A 4 -10.74 0.70 -6.35
C MET A 4 -10.03 1.52 -5.31
N VAL A 5 -9.12 2.42 -5.73
CA VAL A 5 -8.44 3.23 -4.75
C VAL A 5 -9.34 4.41 -4.50
N PHE A 6 -10.22 4.72 -5.48
CA PHE A 6 -11.15 5.81 -5.36
C PHE A 6 -12.26 5.35 -4.45
N THR A 7 -12.68 4.07 -4.57
CA THR A 7 -13.77 3.57 -3.76
C THR A 7 -13.41 3.63 -2.29
N GLY A 8 -12.18 3.18 -1.93
CA GLY A 8 -11.77 3.23 -0.54
C GLY A 8 -11.73 4.65 -0.02
N LEU A 9 -11.23 5.59 -0.84
CA LEU A 9 -11.10 6.98 -0.42
C LEU A 9 -12.46 7.63 -0.17
N MET A 10 -13.49 7.32 -1.01
CA MET A 10 -14.80 7.95 -0.85
C MET A 10 -15.44 7.47 0.44
N GLU A 11 -15.29 6.17 0.75
CA GLU A 11 -15.90 5.60 1.93
C GLU A 11 -15.21 6.09 3.19
N LEU A 12 -13.90 6.41 3.11
CA LEU A 12 -13.17 6.84 4.28
C LEU A 12 -13.58 8.23 4.73
N ILE A 13 -13.77 9.18 3.79
CA ILE A 13 -14.07 10.54 4.20
C ILE A 13 -15.53 10.67 4.56
N GLU A 14 -16.41 9.78 4.04
CA GLU A 14 -17.82 9.91 4.32
C GLU A 14 -18.11 9.47 5.73
N ASP A 15 -17.47 8.36 6.17
CA ASP A 15 -17.72 7.81 7.48
C ASP A 15 -16.93 8.54 8.54
N GLU A 16 -15.68 8.95 8.24
CA GLU A 16 -14.86 9.56 9.27
C GLU A 16 -15.31 10.95 9.62
N PHE A 17 -15.64 11.82 8.63
CA PHE A 17 -16.01 13.17 9.04
C PHE A 17 -17.37 13.59 8.57
N GLY A 18 -17.94 13.00 7.50
CA GLY A 18 -19.25 13.44 7.09
C GLY A 18 -19.36 13.42 5.59
N TYR A 19 -20.54 13.81 5.08
CA TYR A 19 -20.76 13.75 3.67
C TYR A 19 -20.56 15.14 3.14
N GLU A 20 -20.62 16.16 4.05
CA GLU A 20 -20.40 17.53 3.65
C GLU A 20 -18.95 17.70 3.33
N THR A 21 -18.06 17.05 4.13
CA THR A 21 -16.65 17.14 3.90
C THR A 21 -16.35 16.42 2.60
N LEU A 22 -17.01 15.26 2.35
CA LEU A 22 -16.78 14.55 1.10
C LEU A 22 -17.30 15.39 -0.04
N ASP A 23 -18.27 16.29 0.24
CA ASP A 23 -18.82 17.15 -0.79
C ASP A 23 -17.78 18.15 -1.23
N THR A 24 -16.97 18.67 -0.27
CA THR A 24 -15.93 19.63 -0.61
C THR A 24 -14.90 18.98 -1.49
N LEU A 25 -14.53 17.71 -1.20
CA LEU A 25 -13.55 17.00 -1.98
C LEU A 25 -14.05 16.86 -3.41
N LEU A 26 -15.38 16.60 -3.55
CA LEU A 26 -15.98 16.44 -4.85
C LEU A 26 -15.91 17.73 -5.62
N GLU A 27 -16.05 18.89 -4.92
CA GLU A 27 -16.04 20.18 -5.59
C GLU A 27 -14.68 20.44 -6.20
N SER A 28 -13.59 20.04 -5.50
CA SER A 28 -12.25 20.25 -6.04
C SER A 28 -12.11 19.46 -7.33
N CYS A 29 -12.71 18.24 -7.38
CA CYS A 29 -12.61 17.42 -8.57
C CYS A 29 -13.64 17.87 -9.57
N GLU A 30 -13.33 17.70 -10.88
CA GLU A 30 -14.26 18.09 -11.91
C GLU A 30 -14.86 16.82 -12.45
N LEU A 31 -16.21 16.69 -12.33
CA LEU A 31 -16.85 15.48 -12.79
C LEU A 31 -17.57 15.76 -14.08
N GLN A 32 -17.02 15.23 -15.20
CA GLN A 32 -17.66 15.42 -16.49
C GLN A 32 -18.71 14.35 -16.69
N SER A 33 -18.40 13.09 -16.27
CA SER A 33 -19.36 12.02 -16.45
C SER A 33 -20.05 11.78 -15.14
N GLU A 34 -20.24 10.49 -14.75
CA GLU A 34 -20.91 10.19 -13.51
C GLU A 34 -20.00 10.56 -12.38
N GLY A 35 -18.68 10.27 -12.53
CA GLY A 35 -17.74 10.62 -11.51
C GLY A 35 -17.37 9.42 -10.67
N ILE A 36 -18.15 8.32 -10.73
CA ILE A 36 -17.80 7.18 -9.91
C ILE A 36 -18.10 5.91 -10.68
N TYR A 37 -17.03 5.27 -11.20
CA TYR A 37 -17.18 4.03 -11.94
C TYR A 37 -17.15 2.88 -10.98
N THR A 38 -16.98 1.65 -11.53
CA THR A 38 -16.92 0.49 -10.70
C THR A 38 -15.47 0.05 -10.63
N SER A 39 -14.87 -0.31 -11.79
CA SER A 39 -13.48 -0.74 -11.79
C SER A 39 -13.11 -1.11 -13.20
N VAL A 40 -12.74 -0.11 -14.02
CA VAL A 40 -12.39 -0.37 -15.41
C VAL A 40 -11.51 0.79 -15.90
N GLY A 41 -11.34 1.85 -15.07
CA GLY A 41 -10.58 3.01 -15.50
C GLY A 41 -9.09 2.77 -15.38
N SER A 42 -8.36 3.90 -15.25
CA SER A 42 -6.91 3.91 -15.18
C SER A 42 -6.53 5.36 -15.34
N TYR A 43 -6.71 6.16 -14.27
CA TYR A 43 -6.41 7.58 -14.34
C TYR A 43 -4.94 7.82 -14.10
N ASP A 44 -4.57 9.12 -14.09
CA ASP A 44 -3.21 9.53 -13.89
C ASP A 44 -2.87 9.44 -12.42
N HIS A 45 -1.59 9.75 -12.11
CA HIS A 45 -1.13 9.69 -10.74
C HIS A 45 -1.43 11.01 -10.08
N GLN A 46 -1.39 12.11 -10.85
CA GLN A 46 -1.65 13.43 -10.31
C GLN A 46 -3.10 13.52 -9.89
N GLU A 47 -3.98 12.70 -10.50
CA GLU A 47 -5.39 12.74 -10.17
C GLU A 47 -5.56 12.39 -8.70
N LEU A 48 -4.88 11.30 -8.25
CA LEU A 48 -4.96 10.87 -6.87
C LEU A 48 -4.30 11.90 -5.98
N LEU A 49 -3.27 12.60 -6.50
CA LEU A 49 -2.54 13.56 -5.69
C LEU A 49 -3.42 14.78 -5.47
N GLN A 50 -4.25 15.15 -6.46
CA GLN A 50 -5.12 16.31 -6.32
C GLN A 50 -6.10 16.07 -5.19
N LEU A 51 -6.64 14.83 -5.06
CA LEU A 51 -7.59 14.56 -3.99
C LEU A 51 -6.85 14.34 -2.70
N VAL A 52 -5.52 14.19 -2.77
CA VAL A 52 -4.76 13.95 -1.57
C VAL A 52 -4.35 15.28 -0.97
N VAL A 53 -3.99 16.27 -1.82
CA VAL A 53 -3.60 17.56 -1.29
C VAL A 53 -4.83 18.24 -0.72
N LYS A 54 -6.04 17.98 -1.30
CA LYS A 54 -7.22 18.59 -0.76
C LYS A 54 -7.52 17.96 0.58
N LEU A 55 -7.22 16.63 0.75
CA LEU A 55 -7.46 15.96 2.03
C LEU A 55 -6.43 16.39 3.02
N SER A 56 -5.36 17.06 2.56
CA SER A 56 -4.35 17.42 3.50
C SER A 56 -4.64 18.83 3.98
N GLU A 57 -5.49 19.58 3.25
CA GLU A 57 -5.81 20.93 3.65
C GLU A 57 -7.21 20.98 4.23
N VAL A 58 -8.07 19.99 3.91
CA VAL A 58 -9.42 20.03 4.42
C VAL A 58 -9.48 19.42 5.80
N SER A 59 -8.75 18.29 6.06
CA SER A 59 -8.83 17.70 7.37
C SER A 59 -7.62 18.05 8.19
N SER A 60 -6.59 18.69 7.57
CA SER A 60 -5.39 19.06 8.29
C SER A 60 -4.65 17.79 8.66
N VAL A 61 -4.68 16.79 7.75
CA VAL A 61 -4.01 15.55 8.00
C VAL A 61 -2.82 15.50 7.09
N PRO A 62 -1.68 15.18 7.65
CA PRO A 62 -0.44 15.10 6.90
C PRO A 62 -0.48 14.00 5.88
N VAL A 63 0.30 14.15 4.80
CA VAL A 63 0.28 13.17 3.73
C VAL A 63 0.88 11.85 4.18
N THR A 64 1.80 11.85 5.19
CA THR A 64 2.39 10.58 5.59
C THR A 64 1.48 9.85 6.54
N GLU A 65 0.77 10.59 7.42
CA GLU A 65 -0.15 9.96 8.35
C GLU A 65 -1.36 9.48 7.58
N LEU A 66 -1.73 10.22 6.51
CA LEU A 66 -2.89 9.88 5.73
C LEU A 66 -2.54 8.79 4.74
N VAL A 67 -1.24 8.48 4.56
CA VAL A 67 -0.89 7.46 3.59
C VAL A 67 -0.82 6.13 4.33
N ARG A 68 -0.54 6.17 5.65
CA ARG A 68 -0.46 4.95 6.45
C ARG A 68 -1.85 4.41 6.69
N LEU A 69 -2.77 5.27 7.20
CA LEU A 69 -4.13 4.83 7.48
C LEU A 69 -4.82 4.39 6.22
N PHE A 70 -4.61 5.11 5.09
CA PHE A 70 -5.25 4.75 3.84
C PHE A 70 -4.83 3.36 3.42
N GLY A 71 -3.55 3.00 3.63
CA GLY A 71 -3.04 1.69 3.24
C GLY A 71 -3.80 0.60 3.97
N LYS A 72 -4.07 0.77 5.29
CA LYS A 72 -4.76 -0.25 6.06
C LYS A 72 -6.16 -0.54 5.53
N LYS A 73 -6.97 0.51 5.24
CA LYS A 73 -8.34 0.29 4.80
C LYS A 73 -8.42 -0.48 3.48
N LEU A 74 -7.66 -0.06 2.45
CA LEU A 74 -7.76 -0.71 1.15
C LEU A 74 -7.27 -2.15 1.19
N PHE A 75 -6.16 -2.46 1.92
CA PHE A 75 -5.65 -3.81 1.92
C PHE A 75 -6.65 -4.80 2.51
N VAL A 76 -7.32 -4.45 3.65
CA VAL A 76 -8.26 -5.38 4.26
C VAL A 76 -9.49 -5.50 3.38
N GLU A 77 -9.71 -4.51 2.47
CA GLU A 77 -10.86 -4.59 1.60
C GLU A 77 -10.63 -5.71 0.60
N LEU A 78 -9.37 -5.90 0.13
CA LEU A 78 -9.07 -6.96 -0.82
C LEU A 78 -9.16 -8.30 -0.14
N ILE A 79 -8.81 -8.39 1.17
CA ILE A 79 -8.87 -9.67 1.86
C ILE A 79 -10.29 -10.18 1.84
N GLU A 80 -11.26 -9.29 2.15
CA GLU A 80 -12.65 -9.68 2.18
C GLU A 80 -13.14 -9.96 0.77
N GLY A 81 -12.63 -9.18 -0.20
CA GLY A 81 -13.04 -9.31 -1.58
C GLY A 81 -12.69 -10.66 -2.16
N HIS A 82 -11.52 -11.23 -1.81
CA HIS A 82 -11.14 -12.50 -2.39
C HIS A 82 -10.96 -13.51 -1.29
N PRO A 83 -12.04 -14.24 -1.04
CA PRO A 83 -12.06 -15.28 -0.03
C PRO A 83 -11.11 -16.41 -0.28
N GLU A 84 -10.92 -16.80 -1.56
CA GLU A 84 -10.05 -17.90 -1.85
C GLU A 84 -8.64 -17.41 -2.00
N ILE A 85 -8.40 -16.08 -1.95
CA ILE A 85 -7.04 -15.61 -2.06
C ILE A 85 -6.48 -15.75 -0.66
N ALA A 86 -7.38 -15.63 0.36
CA ALA A 86 -6.98 -15.77 1.74
C ALA A 86 -6.72 -17.22 2.05
N ASN A 87 -7.56 -18.13 1.49
CA ASN A 87 -7.43 -19.55 1.74
C ASN A 87 -6.13 -20.09 1.18
N GLU A 88 -5.71 -19.59 -0.01
CA GLU A 88 -4.50 -20.09 -0.63
C GLU A 88 -3.27 -19.67 0.17
N MET A 89 -3.37 -18.54 0.91
CA MET A 89 -2.23 -18.07 1.68
C MET A 89 -2.13 -18.87 2.97
N LYS A 90 -0.89 -18.99 3.51
CA LYS A 90 -0.70 -19.77 4.71
C LYS A 90 -0.18 -18.88 5.82
N ASP A 91 0.52 -17.78 5.46
CA ASP A 91 1.08 -16.92 6.48
C ASP A 91 1.57 -15.69 5.79
N SER A 92 1.96 -14.66 6.59
CA SER A 92 2.45 -13.43 6.01
C SER A 92 3.83 -13.63 5.43
N PHE A 93 4.64 -14.57 6.00
CA PHE A 93 5.97 -14.80 5.48
C PHE A 93 5.81 -15.47 4.13
N ASP A 94 4.96 -16.52 4.06
CA ASP A 94 4.69 -17.19 2.80
C ASP A 94 4.12 -16.20 1.80
N LEU A 95 3.35 -15.18 2.29
CA LEU A 95 2.78 -14.18 1.42
C LEU A 95 3.89 -13.44 0.70
N LEU A 96 5.04 -13.23 1.39
CA LEU A 96 6.14 -12.49 0.77
C LEU A 96 6.72 -13.33 -0.35
N SER A 97 6.71 -14.67 -0.20
CA SER A 97 7.25 -15.53 -1.23
C SER A 97 6.16 -15.90 -2.22
N LYS A 98 5.00 -15.21 -2.22
CA LYS A 98 3.93 -15.56 -3.12
C LYS A 98 3.50 -14.31 -3.88
N ILE A 99 3.98 -13.12 -3.44
CA ILE A 99 3.56 -11.87 -4.08
C ILE A 99 3.92 -11.83 -5.55
N ASP A 100 5.18 -12.11 -5.92
CA ASP A 100 5.55 -12.02 -7.31
C ASP A 100 5.16 -13.24 -8.10
N SER A 101 5.15 -14.44 -7.51
CA SER A 101 4.87 -15.65 -8.27
C SER A 101 3.45 -15.69 -8.81
N PHE A 102 2.41 -15.49 -7.97
CA PHE A 102 1.05 -15.61 -8.52
C PHE A 102 0.20 -14.37 -8.29
N ILE A 103 0.36 -13.66 -7.16
CA ILE A 103 -0.51 -12.51 -6.91
C ILE A 103 -0.43 -11.46 -8.01
N HIS A 104 0.76 -10.99 -8.45
CA HIS A 104 0.76 -9.95 -9.45
C HIS A 104 0.88 -10.55 -10.83
N VAL A 105 0.92 -11.89 -10.94
CA VAL A 105 1.02 -12.53 -12.24
C VAL A 105 -0.39 -12.77 -12.71
N GLU A 106 -1.27 -13.21 -11.78
CA GLU A 106 -2.63 -13.48 -12.12
C GLU A 106 -3.31 -12.19 -12.51
N VAL A 107 -3.03 -11.08 -11.76
CA VAL A 107 -3.65 -9.81 -12.08
C VAL A 107 -3.16 -9.32 -13.43
N TYR A 108 -1.82 -9.37 -13.68
CA TYR A 108 -1.26 -8.90 -14.94
C TYR A 108 -1.90 -9.61 -16.12
N LYS A 109 -2.18 -10.92 -16.00
CA LYS A 109 -2.76 -11.64 -17.10
C LYS A 109 -4.20 -11.23 -17.27
N LEU A 110 -4.93 -11.03 -16.14
CA LEU A 110 -6.33 -10.68 -16.23
C LEU A 110 -6.51 -9.19 -16.07
N TYR A 111 -5.50 -8.35 -16.41
CA TYR A 111 -5.66 -6.92 -16.26
C TYR A 111 -4.42 -6.31 -16.88
N PRO A 112 -4.52 -6.01 -18.14
CA PRO A 112 -3.41 -5.46 -18.92
C PRO A 112 -3.18 -3.98 -18.79
N GLN A 113 -4.00 -3.26 -18.00
CA GLN A 113 -3.82 -1.83 -17.87
C GLN A 113 -2.88 -1.53 -16.72
N ALA A 114 -2.14 -2.54 -16.20
CA ALA A 114 -1.23 -2.27 -15.11
C ALA A 114 0.17 -2.61 -15.57
N GLU A 115 1.18 -2.02 -14.89
CA GLU A 115 2.56 -2.30 -15.26
C GLU A 115 3.37 -2.32 -13.99
N LEU A 116 4.32 -3.28 -13.89
CA LEU A 116 5.13 -3.38 -12.70
C LEU A 116 6.60 -3.44 -13.08
N PRO A 117 7.42 -3.08 -12.12
CA PRO A 117 8.87 -3.06 -12.27
C PRO A 117 9.55 -4.38 -11.99
N LYS A 118 10.81 -4.35 -11.50
CA LYS A 118 11.54 -5.57 -11.25
C LYS A 118 11.50 -5.89 -9.77
N PHE A 119 11.43 -7.20 -9.42
CA PHE A 119 11.35 -7.60 -8.04
C PHE A 119 12.24 -8.81 -7.84
N THR A 120 13.11 -8.79 -6.77
CA THR A 120 13.96 -9.94 -6.50
C THR A 120 13.90 -10.17 -5.01
N CYS A 121 14.29 -11.39 -4.55
CA CYS A 121 14.22 -11.66 -3.12
C CYS A 121 15.38 -12.53 -2.71
N ASP A 122 16.24 -11.99 -1.82
CA ASP A 122 17.36 -12.74 -1.31
C ASP A 122 17.02 -13.15 0.11
N ARG A 123 17.65 -14.25 0.60
CA ARG A 123 17.36 -14.70 1.94
C ARG A 123 18.64 -14.67 2.73
N LEU A 124 18.67 -13.89 3.83
CA LEU A 124 19.85 -13.83 4.66
C LEU A 124 19.75 -14.86 5.74
N GLY A 125 18.53 -15.26 6.14
CA GLY A 125 18.41 -16.23 7.20
C GLY A 125 16.97 -16.38 7.58
N ASP A 126 16.71 -16.55 8.89
CA ASP A 126 15.37 -16.75 9.35
C ASP A 126 14.83 -15.43 9.89
N ASN A 127 15.67 -14.66 10.60
CA ASN A 127 15.20 -13.41 11.17
C ASN A 127 15.59 -12.25 10.30
N ASP A 128 16.10 -12.49 9.07
CA ASP A 128 16.48 -11.42 8.19
C ASP A 128 16.06 -11.85 6.81
N ILE A 129 15.53 -10.94 5.94
CA ILE A 129 15.11 -11.32 4.62
C ILE A 129 15.36 -10.05 3.83
N ARG A 130 15.63 -10.08 2.50
CA ARG A 130 15.89 -8.84 1.82
C ARG A 130 15.02 -8.76 0.59
N LEU A 131 14.41 -7.57 0.38
CA LEU A 131 13.58 -7.39 -0.79
C LEU A 131 14.16 -6.23 -1.55
N HIS A 132 14.43 -6.45 -2.86
CA HIS A 132 14.98 -5.39 -3.68
C HIS A 132 13.89 -4.94 -4.59
N TYR A 133 13.70 -3.61 -4.69
CA TYR A 133 12.65 -3.10 -5.54
C TYR A 133 13.29 -2.10 -6.46
N GLN A 134 13.21 -2.33 -7.80
CA GLN A 134 13.81 -1.41 -8.73
C GLN A 134 12.70 -0.67 -9.41
N SER A 135 12.57 0.65 -9.08
CA SER A 135 11.52 1.46 -9.67
C SER A 135 11.96 2.90 -9.65
N LYS A 136 11.32 3.73 -10.51
CA LYS A 136 11.66 5.13 -10.59
C LYS A 136 10.72 5.92 -9.70
N ARG A 137 9.79 5.24 -9.00
CA ARG A 137 8.86 5.95 -8.14
C ARG A 137 8.84 5.24 -6.82
N PRO A 138 9.88 5.45 -6.04
CA PRO A 138 10.04 4.82 -4.76
C PRO A 138 9.54 5.60 -3.57
N PHE A 139 8.27 5.38 -3.17
CA PHE A 139 7.75 6.04 -2.00
C PHE A 139 7.74 5.03 -0.89
N ALA A 140 8.64 5.22 0.10
CA ALA A 140 8.77 4.30 1.21
C ALA A 140 7.52 4.28 2.07
N SER A 141 6.90 5.47 2.29
CA SER A 141 5.71 5.53 3.12
C SER A 141 4.60 4.70 2.55
N PHE A 142 4.43 4.71 1.20
CA PHE A 142 3.36 3.95 0.58
C PHE A 142 3.58 2.46 0.76
N ALA A 143 4.83 1.98 0.54
CA ALA A 143 5.13 0.56 0.64
C ALA A 143 4.88 0.05 2.04
N GLU A 144 5.25 0.83 3.08
CA GLU A 144 5.06 0.38 4.45
C GLU A 144 3.58 0.27 4.74
N GLY A 145 2.77 1.17 4.13
CA GLY A 145 1.34 1.17 4.36
C GLY A 145 0.74 -0.15 3.93
N LEU A 146 1.24 -0.75 2.83
CA LEU A 146 0.65 -2.00 2.35
C LEU A 146 1.24 -3.20 3.07
N LEU A 147 2.56 -3.21 3.38
CA LEU A 147 3.15 -4.37 4.02
C LEU A 147 2.67 -4.49 5.44
N ASP A 148 2.57 -3.34 6.15
CA ASP A 148 2.13 -3.36 7.53
C ASP A 148 0.64 -3.63 7.60
N GLY A 149 -0.14 -3.25 6.55
CA GLY A 149 -1.56 -3.49 6.57
C GLY A 149 -1.83 -4.98 6.62
N CYS A 150 -1.06 -5.74 5.79
CA CYS A 150 -1.21 -7.19 5.79
C CYS A 150 -0.90 -7.74 7.16
N ALA A 151 0.16 -7.21 7.83
CA ALA A 151 0.51 -7.69 9.15
C ALA A 151 -0.52 -7.21 10.16
N GLU A 152 -1.42 -6.30 9.72
CA GLU A 152 -2.44 -5.80 10.61
C GLU A 152 -3.53 -6.83 10.73
N TYR A 153 -4.01 -7.39 9.59
CA TYR A 153 -5.06 -8.39 9.63
C TYR A 153 -4.59 -9.61 10.40
N PHE A 154 -3.35 -10.11 10.11
CA PHE A 154 -2.85 -11.29 10.78
C PHE A 154 -2.52 -11.00 12.23
N LYS A 155 -2.24 -9.72 12.58
CA LYS A 155 -1.89 -9.37 13.94
C LYS A 155 -0.54 -9.96 14.28
N GLU A 156 0.47 -9.72 13.42
CA GLU A 156 1.79 -10.24 13.69
C GLU A 156 2.66 -9.08 14.09
N ASP A 157 4.00 -9.30 14.12
CA ASP A 157 4.88 -8.21 14.51
C ASP A 157 6.16 -8.32 13.72
N PHE A 158 6.15 -7.78 12.48
CA PHE A 158 7.33 -7.78 11.65
C PHE A 158 7.74 -6.34 11.51
N THR A 159 9.03 -6.07 11.23
CA THR A 159 9.47 -4.69 11.13
C THR A 159 10.16 -4.51 9.82
N ILE A 160 9.72 -3.48 9.06
CA ILE A 160 10.31 -3.18 7.78
C ILE A 160 11.31 -2.06 7.99
N SER A 161 12.57 -2.27 7.51
CA SER A 161 13.59 -1.26 7.69
C SER A 161 14.14 -0.88 6.33
N ARG A 162 15.23 -0.09 6.33
CA ARG A 162 15.83 0.38 5.10
C ARG A 162 17.30 0.62 5.34
N THR A 163 18.13 0.60 4.27
CA THR A 163 19.54 0.84 4.46
C THR A 163 19.86 2.24 4.02
N PRO A 164 20.87 2.80 4.67
CA PRO A 164 21.33 4.16 4.41
C PRO A 164 22.05 4.35 3.11
N GLU A 165 22.48 3.25 2.44
CA GLU A 165 23.20 3.38 1.19
C GLU A 165 22.23 3.89 0.13
N THR A 166 20.99 3.36 0.12
CA THR A 166 20.03 3.79 -0.87
C THR A 166 18.90 4.46 -0.15
N GLN A 167 19.13 4.88 1.10
CA GLN A 167 18.13 5.55 1.90
C GLN A 167 17.70 6.83 1.21
N ASP A 168 18.65 7.59 0.63
CA ASP A 168 18.29 8.83 -0.01
C ASP A 168 18.68 8.74 -1.47
N SER A 169 18.38 7.60 -2.12
CA SER A 169 18.70 7.44 -3.51
C SER A 169 17.51 6.83 -4.18
N GLU A 170 17.31 7.17 -5.48
CA GLU A 170 16.17 6.64 -6.20
C GLU A 170 16.67 5.58 -7.15
N THR A 171 15.69 4.89 -7.80
CA THR A 171 15.94 3.83 -8.79
C THR A 171 16.14 2.49 -8.11
N ASP A 172 16.84 2.43 -6.94
CA ASP A 172 17.05 1.16 -6.31
C ASP A 172 16.95 1.35 -4.83
N VAL A 173 16.19 0.46 -4.14
CA VAL A 173 16.04 0.57 -2.70
C VAL A 173 16.24 -0.79 -2.09
N ILE A 174 17.02 -0.83 -0.98
CA ILE A 174 17.28 -2.07 -0.29
C ILE A 174 16.50 -2.07 1.00
N PHE A 175 15.61 -3.08 1.15
CA PHE A 175 14.80 -3.17 2.34
C PHE A 175 15.23 -4.37 3.13
N ASN A 176 15.10 -4.24 4.47
CA ASN A 176 15.50 -5.30 5.37
C ASN A 176 14.32 -5.61 6.26
N ILE A 177 13.86 -6.89 6.25
CA ILE A 177 12.74 -7.28 7.06
C ILE A 177 13.32 -8.11 8.19
N THR A 178 12.98 -7.76 9.44
CA THR A 178 13.53 -8.46 10.58
C THR A 178 12.42 -8.93 11.47
N ARG A 179 12.54 -10.18 12.00
CA ARG A 179 11.54 -10.70 12.90
C ARG A 179 12.00 -10.39 14.29
N ALA A 180 11.29 -9.48 14.98
CA ALA A 180 11.69 -9.12 16.32
C ALA A 180 11.03 -10.09 17.27
N PRO A 181 11.53 -10.11 18.50
CA PRO A 181 10.99 -10.95 19.56
C PRO A 181 9.55 -10.67 19.84
N ARG A 182 9.12 -9.47 19.37
CA ARG A 182 7.74 -9.03 19.49
C ARG A 182 7.53 -8.37 20.83
N GLY A 183 8.54 -8.40 21.72
CA GLY A 183 8.37 -7.77 23.00
C GLY A 183 9.71 -7.39 23.55
N ALA A 184 10.65 -7.01 22.65
CA ALA A 184 11.96 -6.63 23.11
C ALA A 184 12.54 -5.67 22.12
N GLU A 185 13.37 -4.73 22.60
CA GLU A 185 13.98 -3.78 21.72
C GLU A 185 15.23 -3.27 22.36
N ASN A 186 16.16 -2.73 21.52
CA ASN A 186 17.42 -2.18 22.01
C ASN A 186 18.30 -3.32 22.48
N LEU A 187 18.17 -4.50 21.83
CA LEU A 187 18.99 -5.63 22.21
C LEU A 187 20.41 -5.39 21.78
N TYR A 188 20.62 -4.78 20.58
CA TYR A 188 21.96 -4.53 20.13
C TYR A 188 22.19 -3.04 20.11
N PHE A 189 22.20 -2.44 18.91
CA PHE A 189 22.43 -1.03 18.81
C PHE A 189 21.74 -0.52 17.57
N GLN A 190 21.50 0.81 17.53
CA GLN A 190 20.84 1.42 16.40
C GLN A 190 19.41 0.87 16.29
C01 IWP B . -8.20 6.00 10.14
C02 IWP B . -8.30 7.37 9.91
C03 IWP B . -8.70 5.45 11.30
C04 IWP B . -8.80 8.20 10.92
C05 IWP B . -9.13 2.04 15.28
C06 IWP B . -7.91 1.54 15.29
C07 IWP B . -11.60 2.61 13.37
C08 IWP B . -15.26 1.87 11.51
C09 IWP B . -9.68 5.68 13.62
C10 IWP B . -9.23 6.27 12.30
C11 IWP B . -9.31 7.65 12.08
C12 IWP B . -16.35 2.53 12.04
C13 IWP B . -9.25 2.64 14.03
C14 IWP B . -12.52 3.66 13.00
C15 IWP B . -10.46 3.30 13.62
C16 IWP B . -13.88 3.27 12.65
C17 IWP B . -16.13 3.59 12.90
F18 IWP B . -9.89 8.43 13.00
F19 IWP B . -17.62 2.16 11.74
N20 IWP B . -14.01 2.23 11.81
N21 IWP B . -14.87 3.97 13.21
N22 IWP B . -11.95 4.92 13.04
N23 IWP B . -8.16 2.55 13.27
N24 IWP B . -10.67 4.61 13.44
O25 IWP B . -17.17 4.27 13.46
O26 IWP B . -7.23 1.81 14.12
H01 IWP B . -7.72 5.36 9.39
H02 IWP B . -7.99 7.79 8.96
H03 IWP B . -8.70 4.37 11.44
H04 IWP B . -8.80 9.28 10.78
H05 IWP B . -9.88 1.99 16.05
H06 IWP B . -7.37 1.00 16.05
H07 IWP B . -11.78 1.54 13.42
H08 IWP B . -15.39 1.04 10.82
H091 IWP B . -8.82 5.28 14.15
H092 IWP B . -10.13 6.47 14.23
H25 IWP B . -17.11 5.20 13.17
CHA HEM C . 0.72 -2.54 -7.69
CHB HEM C . 2.87 -4.16 -3.81
CHC HEM C . -0.87 -6.86 -2.85
CHD HEM C . -2.73 -5.80 -7.14
C1A HEM C . 1.56 -2.66 -6.63
C2A HEM C . 2.59 -1.81 -6.37
C3A HEM C . 3.24 -2.30 -5.28
C4A HEM C . 2.59 -3.44 -4.93
CMA HEM C . 4.30 -1.65 -4.54
CAA HEM C . 2.91 -0.58 -7.08
CBA HEM C . 2.91 0.56 -6.19
CGA HEM C . 4.18 1.27 -6.31
O1A HEM C . 5.13 0.73 -6.83
O2A HEM C . 4.28 2.41 -5.87
C1B HEM C . 1.98 -4.95 -3.17
C2B HEM C . 2.06 -5.25 -1.85
C3B HEM C . 1.05 -6.13 -1.61
C4B HEM C . 0.29 -6.17 -2.74
CMB HEM C . 2.99 -4.71 -0.88
CAB HEM C . 1.06 -7.13 -0.56
CBB HEM C . 2.18 -7.65 -0.03
C1C HEM C . -1.72 -6.76 -3.90
C2C HEM C . -2.93 -7.40 -3.98
C3C HEM C . -3.30 -7.34 -5.28
C4C HEM C . -2.49 -6.43 -5.87
CMC HEM C . -3.70 -7.94 -2.86
CAC HEM C . -4.57 -7.80 -5.81
CBC HEM C . -4.81 -9.05 -6.25
C1D HEM C . -1.83 -4.87 -7.73
C2D HEM C . -1.89 -4.42 -9.02
C3D HEM C . -0.86 -3.56 -9.20
C4D HEM C . -0.27 -3.41 -7.96
CMD HEM C . -2.91 -4.77 -10.01
CAD HEM C . -0.46 -2.90 -10.42
CBD HEM C . -0.42 -1.47 -10.27
CGD HEM C . -0.82 -1.12 -8.92
O1D HEM C . -1.18 -1.99 -8.15
O2D HEM C . -0.80 0.06 -8.57
NA HEM C . 1.48 -3.67 -5.71
NB HEM C . 0.83 -5.40 -3.73
NC HEM C . -1.45 -6.08 -5.06
ND HEM C . -0.76 -4.33 -7.07
FE HEM C . 0.02 -4.88 -5.40
HHB HEM C . 3.82 -3.95 -3.32
HHC HEM C . -1.13 -7.54 -2.04
HHD HEM C . -3.73 -5.89 -7.57
HMA HEM C . 3.87 -1.05 -3.74
HMAA HEM C . 4.88 -1.00 -5.21
HMAB HEM C . 4.96 -2.41 -4.10
HAA HEM C . 3.91 -0.68 -7.54
HAAA HEM C . 2.17 -0.42 -7.87
HBA HEM C . 2.10 1.25 -6.45
HBAA HEM C . 2.78 0.23 -5.15
HMB HEM C . 2.53 -4.71 0.11
HMBA HEM C . 3.25 -3.67 -1.15
HMBB HEM C . 3.90 -5.32 -0.86
HAB HEM C . 0.11 -7.39 -0.09
HBB HEM C . 2.18 -7.90 1.03
HBBA HEM C . 3.11 -7.52 -0.57
HMC HEM C . -3.07 -8.62 -2.27
HMCA HEM C . -4.05 -7.13 -2.22
HMCB HEM C . -4.56 -8.50 -3.26
HAC HEM C . -5.39 -7.09 -5.87
HBC HEM C . -5.65 -9.20 -6.92
HBCA HEM C . -4.37 -9.87 -5.70
HMD HEM C . -3.67 -5.41 -9.55
HMDA HEM C . -3.37 -3.86 -10.40
HMDB HEM C . -2.43 -5.32 -10.84
HAD HEM C . -1.18 -3.16 -11.21
HADA HEM C . 0.53 -3.27 -10.72
HBD HEM C . 0.60 -1.10 -10.45
HBDA HEM C . -1.10 -0.99 -10.99
HHA HEM C . 0.85 -1.69 -8.36
C CMO D . -0.91 -3.49 -4.51
O CMO D . -1.49 -2.66 -3.97
N MET A 1 -4.51 0.03 -10.58
CA MET A 1 -5.13 0.37 -9.26
C MET A 1 -5.45 1.84 -9.20
N MET A 2 -6.72 2.21 -9.55
CA MET A 2 -7.07 3.60 -9.51
C MET A 2 -8.58 3.70 -9.28
N GLY A 3 -9.37 2.76 -9.86
CA GLY A 3 -10.80 2.80 -9.69
C GLY A 3 -11.16 2.38 -8.28
N MET A 4 -10.50 1.33 -7.74
CA MET A 4 -10.84 0.87 -6.41
C MET A 4 -10.08 1.67 -5.38
N VAL A 5 -9.16 2.56 -5.80
CA VAL A 5 -8.45 3.35 -4.82
C VAL A 5 -9.34 4.54 -4.56
N PHE A 6 -10.22 4.86 -5.53
CA PHE A 6 -11.13 5.96 -5.37
C PHE A 6 -12.25 5.50 -4.47
N THR A 7 -12.67 4.22 -4.59
CA THR A 7 -13.75 3.70 -3.79
C THR A 7 -13.37 3.76 -2.33
N GLY A 8 -12.16 3.29 -1.96
CA GLY A 8 -11.74 3.33 -0.58
C GLY A 8 -11.68 4.75 -0.06
N LEU A 9 -11.19 5.69 -0.88
CA LEU A 9 -11.04 7.07 -0.46
C LEU A 9 -12.41 7.72 -0.22
N MET A 10 -13.43 7.43 -1.05
CA MET A 10 -14.74 8.05 -0.89
C MET A 10 -15.39 7.56 0.38
N GLU A 11 -15.24 6.26 0.68
CA GLU A 11 -15.86 5.66 1.83
C GLU A 11 -15.17 6.14 3.10
N LEU A 12 -13.87 6.48 3.03
CA LEU A 12 -13.14 6.90 4.21
C LEU A 12 -13.56 8.28 4.66
N ILE A 13 -13.74 9.25 3.72
CA ILE A 13 -14.05 10.61 4.14
C ILE A 13 -15.50 10.74 4.50
N GLU A 14 -16.38 9.85 3.97
CA GLU A 14 -17.79 9.99 4.25
C GLU A 14 -18.07 9.51 5.66
N ASP A 15 -17.42 8.42 6.08
CA ASP A 15 -17.67 7.87 7.39
C ASP A 15 -16.86 8.57 8.45
N GLU A 16 -15.63 9.01 8.14
CA GLU A 16 -14.80 9.61 9.16
C GLU A 16 -15.25 11.00 9.54
N PHE A 17 -15.61 11.87 8.57
CA PHE A 17 -15.99 13.21 8.98
C PHE A 17 -17.36 13.62 8.51
N GLY A 18 -17.90 13.04 7.43
CA GLY A 18 -19.22 13.48 7.02
C GLY A 18 -19.32 13.47 5.52
N TYR A 19 -20.50 13.85 5.00
CA TYR A 19 -20.69 13.82 3.58
C TYR A 19 -20.50 15.22 3.08
N GLU A 20 -20.57 16.22 4.01
CA GLU A 20 -20.35 17.60 3.63
C GLU A 20 -18.90 17.77 3.31
N THR A 21 -18.01 17.11 4.10
CA THR A 21 -16.59 17.20 3.86
C THR A 21 -16.30 16.50 2.56
N LEU A 22 -16.96 15.34 2.30
CA LEU A 22 -16.74 14.64 1.04
C LEU A 22 -17.26 15.50 -0.10
N ASP A 23 -18.20 16.42 0.20
CA ASP A 23 -18.76 17.28 -0.81
C ASP A 23 -17.69 18.27 -1.26
N THR A 24 -16.88 18.77 -0.30
CA THR A 24 -15.83 19.73 -0.63
C THR A 24 -14.81 19.07 -1.52
N LEU A 25 -14.44 17.80 -1.23
CA LEU A 25 -13.46 17.08 -2.02
C LEU A 25 -13.95 16.96 -3.44
N LEU A 26 -15.27 16.70 -3.60
CA LEU A 26 -15.88 16.53 -4.90
C LEU A 26 -15.80 17.84 -5.67
N GLU A 27 -15.93 18.98 -4.97
CA GLU A 27 -15.92 20.27 -5.62
C GLU A 27 -14.54 20.55 -6.20
N SER A 28 -13.46 20.16 -5.49
CA SER A 28 -12.12 20.39 -5.99
C SER A 28 -11.95 19.62 -7.28
N CYS A 29 -12.50 18.39 -7.36
CA CYS A 29 -12.34 17.59 -8.54
C CYS A 29 -13.37 18.01 -9.57
N GLU A 30 -13.02 17.89 -10.86
CA GLU A 30 -13.94 18.25 -11.90
C GLU A 30 -14.43 16.96 -12.48
N LEU A 31 -15.75 16.71 -12.40
CA LEU A 31 -16.28 15.46 -12.91
C LEU A 31 -17.15 15.77 -14.10
N GLN A 32 -16.78 15.19 -15.27
CA GLN A 32 -17.55 15.40 -16.47
C GLN A 32 -18.62 14.34 -16.58
N SER A 33 -18.32 13.09 -16.14
CA SER A 33 -19.30 12.03 -16.25
C SER A 33 -19.97 11.83 -14.93
N GLU A 34 -20.22 10.55 -14.53
CA GLU A 34 -20.89 10.27 -13.28
C GLU A 34 -19.95 10.64 -12.15
N GLY A 35 -18.65 10.29 -12.31
CA GLY A 35 -17.70 10.62 -11.29
C GLY A 35 -17.35 9.41 -10.46
N ILE A 36 -18.16 8.32 -10.51
CA ILE A 36 -17.82 7.18 -9.70
C ILE A 36 -18.10 5.93 -10.52
N TYR A 37 -17.02 5.35 -11.10
CA TYR A 37 -17.17 4.17 -11.92
C TYR A 37 -16.91 2.94 -11.11
N THR A 38 -16.11 2.03 -11.70
CA THR A 38 -15.75 0.78 -11.07
C THR A 38 -14.29 0.60 -11.40
N SER A 39 -13.67 -0.51 -10.95
CA SER A 39 -12.26 -0.71 -11.23
C SER A 39 -12.15 -1.29 -12.61
N VAL A 40 -11.56 -0.51 -13.56
CA VAL A 40 -11.41 -0.98 -14.91
C VAL A 40 -10.80 0.13 -15.75
N GLY A 41 -10.63 1.35 -15.16
CA GLY A 41 -10.09 2.45 -15.92
C GLY A 41 -8.59 2.55 -15.71
N SER A 42 -8.10 3.80 -15.52
CA SER A 42 -6.68 4.05 -15.37
C SER A 42 -6.47 5.53 -15.56
N TYR A 43 -6.70 6.33 -14.49
CA TYR A 43 -6.53 7.77 -14.61
C TYR A 43 -5.09 8.12 -14.35
N ASP A 44 -4.81 9.45 -14.35
CA ASP A 44 -3.47 9.93 -14.14
C ASP A 44 -3.10 9.80 -12.69
N HIS A 45 -1.81 10.09 -12.39
CA HIS A 45 -1.32 9.99 -11.04
C HIS A 45 -1.62 11.28 -10.33
N GLN A 46 -1.62 12.40 -11.09
CA GLN A 46 -1.89 13.70 -10.51
C GLN A 46 -3.32 13.76 -10.04
N GLU A 47 -4.22 12.96 -10.66
CA GLU A 47 -5.62 12.96 -10.26
C GLU A 47 -5.72 12.58 -8.79
N LEU A 48 -5.09 11.45 -8.40
CA LEU A 48 -5.11 10.99 -7.03
C LEU A 48 -4.42 12.00 -6.14
N LEU A 49 -3.38 12.69 -6.66
CA LEU A 49 -2.62 13.60 -5.85
C LEU A 49 -3.46 14.83 -5.54
N GLN A 50 -4.30 15.27 -6.50
CA GLN A 50 -5.14 16.43 -6.30
C GLN A 50 -6.10 16.18 -5.16
N LEU A 51 -6.64 14.93 -5.05
CA LEU A 51 -7.58 14.65 -3.98
C LEU A 51 -6.83 14.39 -2.70
N VAL A 52 -5.49 14.24 -2.80
CA VAL A 52 -4.72 13.97 -1.62
C VAL A 52 -4.30 15.29 -0.99
N VAL A 53 -3.92 16.29 -1.82
CA VAL A 53 -3.50 17.56 -1.26
C VAL A 53 -4.72 18.24 -0.68
N LYS A 54 -5.94 18.03 -1.27
CA LYS A 54 -7.11 18.64 -0.71
C LYS A 54 -7.42 17.98 0.62
N LEU A 55 -7.17 16.65 0.75
CA LEU A 55 -7.44 15.96 2.00
C LEU A 55 -6.41 16.36 3.03
N SER A 56 -5.34 17.05 2.58
CA SER A 56 -4.31 17.41 3.51
C SER A 56 -4.62 18.79 4.04
N GLU A 57 -5.39 19.61 3.27
CA GLU A 57 -5.70 20.94 3.72
C GLU A 57 -7.10 20.99 4.28
N VAL A 58 -7.98 20.02 3.92
CA VAL A 58 -9.34 20.06 4.40
C VAL A 58 -9.40 19.44 5.79
N SER A 59 -8.68 18.30 6.02
CA SER A 59 -8.75 17.69 7.34
C SER A 59 -7.51 18.02 8.12
N SER A 60 -6.50 18.65 7.47
CA SER A 60 -5.27 18.99 8.17
C SER A 60 -4.54 17.71 8.47
N VAL A 61 -4.64 16.72 7.55
CA VAL A 61 -3.99 15.46 7.76
C VAL A 61 -2.86 15.38 6.77
N PRO A 62 -1.66 15.24 7.28
CA PRO A 62 -0.46 15.15 6.45
C PRO A 62 -0.51 14.01 5.49
N VAL A 63 0.27 14.11 4.40
CA VAL A 63 0.25 13.10 3.37
C VAL A 63 0.89 11.81 3.87
N THR A 64 1.81 11.84 4.86
CA THR A 64 2.44 10.61 5.28
C THR A 64 1.55 9.87 6.25
N GLU A 65 0.87 10.60 7.17
CA GLU A 65 -0.01 9.93 8.11
C GLU A 65 -1.26 9.48 7.40
N LEU A 66 -1.62 10.17 6.29
CA LEU A 66 -2.82 9.81 5.56
C LEU A 66 -2.49 8.72 4.57
N VAL A 67 -1.19 8.39 4.38
CA VAL A 67 -0.87 7.37 3.43
C VAL A 67 -0.79 6.06 4.19
N ARG A 68 -0.50 6.13 5.52
CA ARG A 68 -0.41 4.93 6.34
C ARG A 68 -1.80 4.40 6.60
N LEU A 69 -2.71 5.28 7.13
CA LEU A 69 -4.06 4.85 7.44
C LEU A 69 -4.79 4.40 6.19
N PHE A 70 -4.57 5.11 5.04
CA PHE A 70 -5.23 4.74 3.81
C PHE A 70 -4.82 3.33 3.40
N GLY A 71 -3.54 2.98 3.61
CA GLY A 71 -3.05 1.67 3.24
C GLY A 71 -3.81 0.58 3.97
N LYS A 72 -4.07 0.76 5.29
CA LYS A 72 -4.77 -0.25 6.07
C LYS A 72 -6.18 -0.51 5.54
N LYS A 73 -6.97 0.55 5.26
CA LYS A 73 -8.34 0.36 4.81
C LYS A 73 -8.44 -0.42 3.51
N LEU A 74 -7.69 -0.02 2.46
CA LEU A 74 -7.81 -0.68 1.17
C LEU A 74 -7.28 -2.12 1.20
N PHE A 75 -6.18 -2.38 1.92
CA PHE A 75 -5.62 -3.74 1.92
C PHE A 75 -6.61 -4.74 2.52
N VAL A 76 -7.26 -4.41 3.67
CA VAL A 76 -8.18 -5.36 4.28
C VAL A 76 -9.42 -5.48 3.42
N GLU A 77 -9.66 -4.49 2.54
CA GLU A 77 -10.81 -4.56 1.66
C GLU A 77 -10.60 -5.67 0.67
N LEU A 78 -9.33 -5.85 0.19
CA LEU A 78 -9.04 -6.89 -0.77
C LEU A 78 -9.10 -8.26 -0.10
N ILE A 79 -8.76 -8.35 1.21
CA ILE A 79 -8.80 -9.65 1.89
C ILE A 79 -10.22 -10.15 1.87
N GLU A 80 -11.19 -9.28 2.19
CA GLU A 80 -12.58 -9.69 2.21
C GLU A 80 -13.06 -9.93 0.80
N GLY A 81 -12.54 -9.13 -0.17
CA GLY A 81 -12.95 -9.23 -1.55
C GLY A 81 -12.61 -10.58 -2.14
N HIS A 82 -11.45 -11.17 -1.79
CA HIS A 82 -11.09 -12.44 -2.39
C HIS A 82 -10.89 -13.45 -1.30
N PRO A 83 -11.95 -14.19 -1.04
CA PRO A 83 -11.95 -15.24 -0.03
C PRO A 83 -10.99 -16.35 -0.30
N GLU A 84 -10.78 -16.70 -1.59
CA GLU A 84 -9.89 -17.78 -1.91
C GLU A 84 -8.48 -17.28 -2.04
N ILE A 85 -8.25 -15.96 -1.96
CA ILE A 85 -6.89 -15.49 -2.05
C ILE A 85 -6.34 -15.63 -0.65
N ALA A 86 -7.24 -15.53 0.36
CA ALA A 86 -6.84 -15.66 1.74
C ALA A 86 -6.62 -17.13 2.06
N ASN A 87 -7.47 -18.03 1.53
CA ASN A 87 -7.33 -19.45 1.81
C ASN A 87 -6.08 -20.02 1.19
N GLU A 88 -5.66 -19.49 0.02
CA GLU A 88 -4.48 -20.02 -0.64
C GLU A 88 -3.24 -19.65 0.15
N MET A 89 -3.28 -18.56 0.94
CA MET A 89 -2.11 -18.14 1.70
C MET A 89 -2.02 -18.98 2.96
N LYS A 90 -0.78 -19.12 3.50
CA LYS A 90 -0.58 -19.93 4.69
C LYS A 90 -0.03 -19.07 5.79
N ASP A 91 0.67 -17.96 5.45
CA ASP A 91 1.25 -17.13 6.47
C ASP A 91 1.74 -15.89 5.79
N SER A 92 2.15 -14.88 6.58
CA SER A 92 2.63 -13.64 5.99
C SER A 92 4.01 -13.86 5.41
N PHE A 93 4.78 -14.85 5.91
CA PHE A 93 6.11 -15.08 5.39
C PHE A 93 5.93 -15.72 4.02
N ASP A 94 5.06 -16.76 3.94
CA ASP A 94 4.78 -17.39 2.67
C ASP A 94 4.20 -16.36 1.71
N LEU A 95 3.47 -15.36 2.24
CA LEU A 95 2.89 -14.32 1.41
C LEU A 95 3.99 -13.58 0.69
N LEU A 96 5.15 -13.38 1.36
CA LEU A 96 6.25 -12.65 0.74
C LEU A 96 6.82 -13.47 -0.40
N SER A 97 6.80 -14.81 -0.28
CA SER A 97 7.34 -15.65 -1.34
C SER A 97 6.24 -16.01 -2.32
N LYS A 98 5.08 -15.31 -2.28
CA LYS A 98 4.00 -15.64 -3.19
C LYS A 98 3.56 -14.38 -3.92
N ILE A 99 4.06 -13.20 -3.47
CA ILE A 99 3.65 -11.94 -4.08
C ILE A 99 4.02 -11.87 -5.55
N ASP A 100 5.28 -12.17 -5.92
CA ASP A 100 5.66 -12.06 -7.31
C ASP A 100 5.25 -13.27 -8.13
N SER A 101 5.23 -14.48 -7.54
CA SER A 101 4.93 -15.66 -8.33
C SER A 101 3.51 -15.68 -8.87
N PHE A 102 2.47 -15.50 -8.01
CA PHE A 102 1.12 -15.61 -8.54
C PHE A 102 0.26 -14.39 -8.28
N ILE A 103 0.44 -13.70 -7.13
CA ILE A 103 -0.43 -12.57 -6.84
C ILE A 103 -0.37 -11.49 -7.92
N HIS A 104 0.82 -11.01 -8.35
CA HIS A 104 0.82 -9.95 -9.34
C HIS A 104 0.93 -10.53 -10.73
N VAL A 105 0.96 -11.87 -10.87
CA VAL A 105 1.06 -12.48 -12.18
C VAL A 105 -0.35 -12.71 -12.64
N GLU A 106 -1.22 -13.17 -11.71
CA GLU A 106 -2.59 -13.43 -12.05
C GLU A 106 -3.26 -12.12 -12.41
N VAL A 107 -2.98 -11.03 -11.65
CA VAL A 107 -3.60 -9.75 -11.95
C VAL A 107 -3.12 -9.24 -13.30
N TYR A 108 -1.78 -9.31 -13.58
CA TYR A 108 -1.23 -8.83 -14.84
C TYR A 108 -1.89 -9.52 -16.02
N LYS A 109 -2.18 -10.83 -15.90
CA LYS A 109 -2.78 -11.55 -17.00
C LYS A 109 -4.23 -11.14 -17.14
N LEU A 110 -4.93 -10.95 -15.99
CA LEU A 110 -6.33 -10.59 -16.04
C LEU A 110 -6.52 -9.10 -15.87
N TYR A 111 -5.51 -8.26 -16.23
CA TYR A 111 -5.65 -6.83 -16.08
C TYR A 111 -4.43 -6.23 -16.72
N PRO A 112 -4.54 -5.97 -18.00
CA PRO A 112 -3.45 -5.45 -18.81
C PRO A 112 -3.18 -3.97 -18.69
N GLN A 113 -3.98 -3.24 -17.89
CA GLN A 113 -3.76 -1.81 -17.78
C GLN A 113 -2.85 -1.52 -16.62
N ALA A 114 -2.09 -2.53 -16.13
CA ALA A 114 -1.20 -2.29 -15.03
C ALA A 114 0.20 -2.61 -15.49
N GLU A 115 1.21 -2.01 -14.84
CA GLU A 115 2.58 -2.28 -15.22
C GLU A 115 3.41 -2.31 -13.96
N LEU A 116 4.36 -3.27 -13.87
CA LEU A 116 5.18 -3.38 -12.70
C LEU A 116 6.63 -3.45 -13.10
N PRO A 117 7.47 -3.09 -12.15
CA PRO A 117 8.91 -3.07 -12.32
C PRO A 117 9.57 -4.40 -12.05
N LYS A 118 10.84 -4.37 -11.55
CA LYS A 118 11.55 -5.61 -11.30
C LYS A 118 11.49 -5.93 -9.83
N PHE A 119 11.44 -7.25 -9.47
CA PHE A 119 11.35 -7.65 -8.09
C PHE A 119 12.23 -8.87 -7.88
N THR A 120 13.07 -8.85 -6.81
CA THR A 120 13.92 -10.00 -6.52
C THR A 120 13.86 -10.22 -5.03
N CYS A 121 14.27 -11.42 -4.55
CA CYS A 121 14.21 -11.68 -3.12
C CYS A 121 15.39 -12.52 -2.71
N ASP A 122 16.23 -11.96 -1.81
CA ASP A 122 17.38 -12.68 -1.30
C ASP A 122 17.05 -13.12 0.10
N ARG A 123 17.68 -14.23 0.58
CA ARG A 123 17.40 -14.70 1.91
C ARG A 123 18.69 -14.68 2.68
N LEU A 124 18.73 -13.91 3.79
CA LEU A 124 19.93 -13.84 4.61
C LEU A 124 19.84 -14.88 5.70
N GLY A 125 18.61 -15.29 6.09
CA GLY A 125 18.50 -16.25 7.14
C GLY A 125 17.06 -16.41 7.52
N ASP A 126 16.80 -16.61 8.84
CA ASP A 126 15.45 -16.81 9.29
C ASP A 126 14.92 -15.51 9.84
N ASN A 127 15.76 -14.74 10.57
CA ASN A 127 15.28 -13.51 11.16
C ASN A 127 15.68 -12.33 10.30
N ASP A 128 16.19 -12.58 9.08
CA ASP A 128 16.58 -11.48 8.20
C ASP A 128 16.15 -11.91 6.83
N ILE A 129 15.61 -10.98 5.98
CA ILE A 129 15.17 -11.33 4.66
C ILE A 129 15.40 -10.05 3.88
N ARG A 130 15.67 -10.08 2.56
CA ARG A 130 15.90 -8.82 1.88
C ARG A 130 15.05 -8.76 0.65
N LEU A 131 14.37 -7.61 0.45
CA LEU A 131 13.55 -7.46 -0.73
C LEU A 131 14.14 -6.31 -1.50
N HIS A 132 14.40 -6.53 -2.81
CA HIS A 132 14.96 -5.49 -3.63
C HIS A 132 13.88 -5.04 -4.55
N TYR A 133 13.69 -3.71 -4.67
CA TYR A 133 12.65 -3.21 -5.52
C TYR A 133 13.30 -2.21 -6.45
N GLN A 134 13.24 -2.47 -7.77
CA GLN A 134 13.85 -1.55 -8.72
C GLN A 134 12.74 -0.78 -9.36
N SER A 135 12.60 0.50 -8.93
CA SER A 135 11.57 1.35 -9.46
C SER A 135 12.05 2.78 -9.40
N LYS A 136 11.55 3.62 -10.34
CA LYS A 136 11.95 5.00 -10.39
C LYS A 136 10.95 5.83 -9.61
N ARG A 137 9.92 5.18 -9.01
CA ARG A 137 8.95 5.91 -8.23
C ARG A 137 8.75 5.17 -6.94
N PRO A 138 9.75 5.21 -6.09
CA PRO A 138 9.73 4.51 -4.83
C PRO A 138 9.36 5.34 -3.63
N PHE A 139 8.13 5.14 -3.10
CA PHE A 139 7.75 5.85 -1.91
C PHE A 139 7.75 4.84 -0.80
N ALA A 140 8.66 5.04 0.17
CA ALA A 140 8.79 4.12 1.29
C ALA A 140 7.54 4.11 2.13
N SER A 141 6.92 5.30 2.35
CA SER A 141 5.73 5.37 3.18
C SER A 141 4.61 4.53 2.59
N PHE A 142 4.46 4.53 1.25
CA PHE A 142 3.40 3.77 0.61
C PHE A 142 3.62 2.28 0.82
N ALA A 143 4.87 1.79 0.61
CA ALA A 143 5.16 0.38 0.73
C ALA A 143 4.90 -0.12 2.15
N GLU A 144 5.27 0.67 3.18
CA GLU A 144 5.07 0.25 4.55
C GLU A 144 3.59 0.15 4.84
N GLY A 145 2.78 1.05 4.24
CA GLY A 145 1.36 1.04 4.48
C GLY A 145 0.75 -0.28 4.06
N LEU A 146 1.23 -0.88 2.95
CA LEU A 146 0.63 -2.12 2.48
C LEU A 146 1.21 -3.31 3.21
N LEU A 147 2.54 -3.33 3.52
CA LEU A 147 3.12 -4.49 4.18
C LEU A 147 2.64 -4.59 5.61
N ASP A 148 2.54 -3.44 6.32
CA ASP A 148 2.10 -3.45 7.68
C ASP A 148 0.62 -3.74 7.77
N GLY A 149 -0.17 -3.36 6.73
CA GLY A 149 -1.60 -3.62 6.77
C GLY A 149 -1.85 -5.11 6.77
N CYS A 150 -1.07 -5.84 5.94
CA CYS A 150 -1.21 -7.28 5.88
C CYS A 150 -0.91 -7.87 7.25
N ALA A 151 0.14 -7.37 7.93
CA ALA A 151 0.49 -7.88 9.24
C ALA A 151 -0.54 -7.43 10.25
N GLU A 152 -1.42 -6.48 9.83
CA GLU A 152 -2.43 -6.00 10.73
C GLU A 152 -3.52 -7.04 10.85
N TYR A 153 -4.00 -7.59 9.70
CA TYR A 153 -5.04 -8.60 9.73
C TYR A 153 -4.54 -9.83 10.47
N PHE A 154 -3.31 -10.32 10.17
CA PHE A 154 -2.80 -11.50 10.83
C PHE A 154 -2.48 -11.24 12.28
N LYS A 155 -2.22 -9.97 12.65
CA LYS A 155 -1.88 -9.63 14.03
C LYS A 155 -0.52 -10.18 14.36
N GLU A 156 0.49 -9.87 13.51
CA GLU A 156 1.82 -10.35 13.77
C GLU A 156 2.65 -9.16 14.20
N ASP A 157 3.99 -9.32 14.24
CA ASP A 157 4.83 -8.23 14.67
C ASP A 157 6.14 -8.33 13.92
N PHE A 158 6.15 -7.85 12.66
CA PHE A 158 7.36 -7.87 11.87
C PHE A 158 7.78 -6.44 11.72
N THR A 159 9.07 -6.17 11.41
CA THR A 159 9.50 -4.80 11.30
C THR A 159 10.17 -4.61 9.96
N ILE A 160 9.70 -3.58 9.22
CA ILE A 160 10.26 -3.28 7.93
C ILE A 160 11.26 -2.15 8.13
N SER A 161 12.51 -2.36 7.64
CA SER A 161 13.54 -1.35 7.80
C SER A 161 14.03 -0.92 6.43
N ARG A 162 15.10 -0.10 6.42
CA ARG A 162 15.63 0.42 5.18
C ARG A 162 17.09 0.73 5.39
N THR A 163 17.88 0.79 4.28
CA THR A 163 19.28 1.11 4.43
C THR A 163 19.50 2.53 3.98
N PRO A 164 20.47 3.15 4.61
CA PRO A 164 20.83 4.55 4.35
C PRO A 164 21.57 4.77 3.07
N GLU A 165 22.04 3.70 2.41
CA GLU A 165 22.78 3.86 1.18
C GLU A 165 21.83 4.33 0.10
N THR A 166 20.61 3.74 0.05
CA THR A 166 19.66 4.12 -0.96
C THR A 166 18.46 4.71 -0.28
N GLN A 167 18.64 5.13 0.99
CA GLN A 167 17.57 5.72 1.76
C GLN A 167 17.08 6.98 1.06
N ASP A 168 18.01 7.79 0.50
CA ASP A 168 17.59 9.00 -0.16
C ASP A 168 17.99 8.93 -1.61
N SER A 169 17.62 7.82 -2.30
CA SER A 169 17.96 7.71 -3.70
C SER A 169 16.78 7.08 -4.39
N GLU A 170 16.54 7.46 -5.66
CA GLU A 170 15.41 6.92 -6.38
C GLU A 170 15.94 6.13 -7.56
N THR A 171 15.61 4.80 -7.59
CA THR A 171 16.04 3.88 -8.65
C THR A 171 16.07 2.51 -8.05
N ASP A 172 16.71 2.37 -6.87
CA ASP A 172 16.82 1.08 -6.22
C ASP A 172 16.72 1.32 -4.74
N VAL A 173 15.95 0.46 -4.04
CA VAL A 173 15.80 0.60 -2.61
C VAL A 173 16.05 -0.75 -1.98
N ILE A 174 16.83 -0.76 -0.86
CA ILE A 174 17.15 -1.99 -0.18
C ILE A 174 16.35 -2.02 1.09
N PHE A 175 15.47 -3.06 1.22
CA PHE A 175 14.65 -3.18 2.40
C PHE A 175 15.13 -4.37 3.19
N ASN A 176 15.01 -4.25 4.54
CA ASN A 176 15.45 -5.29 5.42
C ASN A 176 14.29 -5.65 6.31
N ILE A 177 13.85 -6.93 6.29
CA ILE A 177 12.74 -7.34 7.12
C ILE A 177 13.34 -8.18 8.23
N THR A 178 13.00 -7.84 9.49
CA THR A 178 13.57 -8.55 10.62
C THR A 178 12.47 -9.05 11.51
N ARG A 179 12.61 -10.31 12.01
CA ARG A 179 11.61 -10.86 12.90
C ARG A 179 12.08 -10.57 14.31
N ALA A 180 11.36 -9.69 15.02
CA ALA A 180 11.75 -9.36 16.37
C ALA A 180 11.09 -10.36 17.30
N PRO A 181 11.56 -10.38 18.52
CA PRO A 181 11.02 -11.28 19.56
C PRO A 181 9.57 -10.97 19.86
N ARG A 182 9.14 -9.78 19.40
CA ARG A 182 7.78 -9.32 19.54
C ARG A 182 7.55 -8.72 20.91
N GLY A 183 8.55 -8.78 21.81
CA GLY A 183 8.35 -8.22 23.12
C GLY A 183 9.67 -7.77 23.67
N ALA A 184 10.57 -7.31 22.80
CA ALA A 184 11.86 -6.86 23.27
C ALA A 184 12.39 -5.87 22.28
N GLU A 185 13.22 -4.92 22.77
CA GLU A 185 13.78 -3.92 21.90
C GLU A 185 14.99 -3.33 22.59
N ASN A 186 15.86 -2.67 21.79
CA ASN A 186 17.05 -2.03 22.33
C ASN A 186 17.99 -3.10 22.84
N LEU A 187 18.11 -4.20 22.07
CA LEU A 187 18.99 -5.27 22.49
C LEU A 187 20.28 -5.19 21.70
N TYR A 188 20.40 -4.23 20.76
CA TYR A 188 21.61 -4.13 19.99
C TYR A 188 22.06 -2.69 20.00
N PHE A 189 21.95 -2.01 18.85
CA PHE A 189 22.37 -0.63 18.78
C PHE A 189 21.52 0.07 17.76
N GLN A 190 21.48 1.43 17.84
CA GLN A 190 20.70 2.22 16.92
C GLN A 190 19.21 1.91 17.14
C01 IWP B . -8.11 6.17 10.29
C02 IWP B . -8.26 7.55 10.24
C03 IWP B . -8.44 5.47 11.44
C04 IWP B . -8.68 8.24 11.37
C05 IWP B . -9.02 2.04 16.09
C06 IWP B . -7.85 1.45 16.32
C07 IWP B . -11.22 2.48 13.83
C08 IWP B . -14.69 1.83 11.53
C09 IWP B . -9.07 5.40 13.88
C10 IWP B . -8.81 6.16 12.59
C11 IWP B . -8.92 7.55 12.56
C12 IWP B . -15.78 2.57 11.94
C13 IWP B . -8.97 2.44 14.76
C14 IWP B . -11.99 3.53 13.21
C15 IWP B . -10.04 3.11 14.13
C16 IWP B . -13.34 3.19 12.77
C17 IWP B . -15.57 3.65 12.79
F18 IWP B . -9.28 8.21 13.68
F19 IWP B . -17.03 2.26 11.51
N20 IWP B . -13.45 2.13 11.95
N21 IWP B . -14.34 3.97 13.21
N22 IWP B . -11.32 4.74 13.15
N23 IWP B . -7.81 2.13 14.15
N24 IWP B . -10.11 4.40 13.74
O25 IWP B . -16.62 4.41 13.21
O26 IWP B . -7.06 1.45 15.20
H01 IWP B . -7.74 5.63 9.42
H02 IWP B . -8.05 8.09 9.32
H03 IWP B . -8.43 4.39 11.44
H04 IWP B . -8.82 9.31 11.34
H05 IWP B . -9.84 2.19 16.78
H06 IWP B . -7.45 0.99 17.21
H07 IWP B . -11.50 1.45 14.01
H08 IWP B . -14.80 0.98 10.87
H091 IWP B . -8.15 4.90 14.19
H092 IWP B . -9.36 6.11 14.67
H25 IWP B . -16.42 5.34 12.99
CHA HEM C . 0.81 -2.50 -7.25
CHB HEM C . 2.95 -4.47 -3.53
CHC HEM C . -0.85 -7.14 -2.76
CHD HEM C . -2.67 -5.77 -6.98
C1A HEM C . 1.70 -2.79 -6.28
C2A HEM C . 2.86 -2.08 -6.07
C3A HEM C . 3.42 -2.58 -4.93
C4A HEM C . 2.69 -3.70 -4.61
CMA HEM C . 4.48 -1.98 -4.14
CAA HEM C . 3.35 -0.96 -6.85
CBA HEM C . 3.28 0.29 -6.10
CGA HEM C . 4.21 1.25 -6.68
O1A HEM C . 5.16 0.85 -7.34
O2A HEM C . 4.04 2.44 -6.50
C1B HEM C . 2.05 -5.31 -2.96
C2B HEM C . 2.15 -5.77 -1.68
C3B HEM C . 0.95 -6.35 -1.39
C4B HEM C . 0.27 -6.42 -2.56
CMB HEM C . 3.26 -5.58 -0.76
CAB HEM C . 0.66 -7.12 -0.20
CBB HEM C . 0.67 -6.62 1.05
C1C HEM C . -1.71 -6.95 -3.79
C2C HEM C . -2.93 -7.56 -3.91
C3C HEM C . -3.31 -7.38 -5.21
C4C HEM C . -2.48 -6.42 -5.72
CMC HEM C . -3.68 -8.21 -2.86
CAC HEM C . -4.57 -7.80 -5.78
CBC HEM C . -4.81 -9.03 -6.26
C1D HEM C . -1.73 -4.82 -7.50
C2D HEM C . -1.79 -4.28 -8.77
C3D HEM C . -0.85 -3.30 -8.81
C4D HEM C . -0.23 -3.31 -7.58
CMD HEM C . -2.63 -4.73 -9.86
CAD HEM C . -0.46 -2.53 -9.97
CBD HEM C . -0.30 -1.11 -9.65
CGD HEM C . 0.01 -0.39 -10.87
O1D HEM C . -0.03 0.83 -10.87
O2D HEM C . 0.30 -1.00 -11.88
NA HEM C . 1.59 -3.84 -5.41
NB HEM C . 0.86 -5.65 -3.53
NC HEM C . -1.43 -6.16 -4.88
ND HEM C . -0.68 -4.33 -6.79
FE HEM C . 0.08 -5.00 -5.16
HHB HEM C . 3.87 -4.27 -2.98
HHC HEM C . -0.98 -8.04 -2.16
HHD HEM C . -3.65 -5.83 -7.45
HMA HEM C . 4.83 -1.07 -4.64
HMAA HEM C . 5.31 -2.69 -4.05
HMAB HEM C . 4.10 -1.72 -3.15
HAA HEM C . 4.39 -1.15 -7.13
HAAA HEM C . 2.75 -0.87 -7.76
HBA HEM C . 2.27 0.70 -6.15
HBAA HEM C . 3.55 0.11 -5.06
HMB HEM C . 3.20 -4.58 -0.31
HMBA HEM C . 4.20 -5.66 -1.31
HMBB HEM C . 3.23 -6.33 0.02
HAB HEM C . 0.46 -8.19 -0.31
HBB HEM C . -0.27 -6.34 1.51
HBBA HEM C . 1.63 -6.26 1.45
HMC HEM C . -3.01 -8.86 -2.27
HMCA HEM C . -4.12 -7.45 -2.20
HMCB HEM C . -4.49 -8.81 -3.30
HAC HEM C . -5.38 -7.07 -5.81
HBC HEM C . -5.62 -9.16 -6.97
HBCA HEM C . -4.41 -9.89 -5.71
HMD HEM C . -2.69 -5.82 -9.85
HMDA HEM C . -3.62 -4.30 -9.76
HMDB HEM C . -2.19 -4.40 -10.81
HAD HEM C . -1.21 -2.64 -10.74
HADA HEM C . 0.50 -2.92 -10.34
HBD HEM C . -1.23 -0.73 -9.23
HBDA HEM C . 0.52 -0.98 -8.93
HHA HEM C . 0.93 -1.58 -7.80
C CMO D . -0.81 -3.62 -4.19
O CMO D . -1.34 -2.79 -3.61
N MET A 1 -4.75 -0.02 -10.54
CA MET A 1 -5.35 0.33 -9.22
C MET A 1 -5.70 1.80 -9.17
N MET A 2 -6.91 2.16 -9.63
CA MET A 2 -7.31 3.54 -9.61
C MET A 2 -8.80 3.60 -9.32
N GLY A 3 -9.59 2.64 -9.85
CA GLY A 3 -11.02 2.66 -9.63
C GLY A 3 -11.34 2.24 -8.21
N MET A 4 -10.65 1.18 -7.67
CA MET A 4 -10.96 0.75 -6.33
C MET A 4 -10.19 1.55 -5.32
N VAL A 5 -9.25 2.42 -5.77
CA VAL A 5 -8.53 3.21 -4.80
C VAL A 5 -9.40 4.40 -4.51
N PHE A 6 -10.29 4.75 -5.48
CA PHE A 6 -11.20 5.85 -5.30
C PHE A 6 -12.29 5.40 -4.39
N THR A 7 -12.72 4.11 -4.51
CA THR A 7 -13.80 3.60 -3.69
C THR A 7 -13.41 3.66 -2.23
N GLY A 8 -12.18 3.22 -1.88
CA GLY A 8 -11.76 3.26 -0.49
C GLY A 8 -11.71 4.69 0.01
N LEU A 9 -11.23 5.63 -0.82
CA LEU A 9 -11.10 7.02 -0.40
C LEU A 9 -12.47 7.66 -0.16
N MET A 10 -13.49 7.35 -1.00
CA MET A 10 -14.80 7.98 -0.85
C MET A 10 -15.46 7.49 0.43
N GLU A 11 -15.30 6.19 0.72
CA GLU A 11 -15.91 5.60 1.89
C GLU A 11 -15.24 6.07 3.16
N LEU A 12 -13.94 6.40 3.10
CA LEU A 12 -13.22 6.83 4.28
C LEU A 12 -13.63 8.22 4.71
N ILE A 13 -13.80 9.18 3.76
CA ILE A 13 -14.11 10.54 4.18
C ILE A 13 -15.57 10.67 4.54
N GLU A 14 -16.45 9.77 4.03
CA GLU A 14 -17.85 9.90 4.32
C GLU A 14 -18.13 9.45 5.74
N ASP A 15 -17.48 8.35 6.16
CA ASP A 15 -17.72 7.80 7.48
C ASP A 15 -16.92 8.53 8.54
N GLU A 16 -15.69 8.96 8.23
CA GLU A 16 -14.86 9.58 9.23
C GLU A 16 -15.32 10.97 9.59
N PHE A 17 -15.66 11.83 8.61
CA PHE A 17 -16.04 13.18 9.00
C PHE A 17 -17.42 13.56 8.52
N GLY A 18 -17.95 12.99 7.43
CA GLY A 18 -19.26 13.40 7.00
C GLY A 18 -19.35 13.38 5.51
N TYR A 19 -20.54 13.74 4.97
CA TYR A 19 -20.72 13.70 3.55
C TYR A 19 -20.53 15.10 3.04
N GLU A 20 -20.61 16.10 3.95
CA GLU A 20 -20.41 17.47 3.56
C GLU A 20 -18.95 17.65 3.24
N THR A 21 -18.07 17.01 4.05
CA THR A 21 -16.65 17.10 3.81
C THR A 21 -16.34 16.40 2.51
N LEU A 22 -17.00 15.23 2.25
CA LEU A 22 -16.76 14.53 1.00
C LEU A 22 -17.27 15.40 -0.15
N ASP A 23 -18.25 16.29 0.13
CA ASP A 23 -18.80 17.16 -0.89
C ASP A 23 -17.73 18.15 -1.32
N THR A 24 -16.94 18.68 -0.34
CA THR A 24 -15.89 19.64 -0.65
C THR A 24 -14.86 19.00 -1.55
N LEU A 25 -14.50 17.73 -1.27
CA LEU A 25 -13.51 17.02 -2.06
C LEU A 25 -13.99 16.92 -3.50
N LEU A 26 -15.31 16.68 -3.68
CA LEU A 26 -15.87 16.53 -5.00
C LEU A 26 -15.81 17.85 -5.73
N GLU A 27 -15.97 18.98 -5.00
CA GLU A 27 -15.95 20.28 -5.62
C GLU A 27 -14.57 20.58 -6.17
N SER A 28 -13.51 20.17 -5.44
CA SER A 28 -12.16 20.41 -5.88
C SER A 28 -11.92 19.72 -7.21
N CYS A 29 -12.47 18.49 -7.39
CA CYS A 29 -12.22 17.80 -8.64
C CYS A 29 -13.50 17.77 -9.43
N GLU A 30 -13.54 18.56 -10.54
CA GLU A 30 -14.71 18.59 -11.39
C GLU A 30 -14.84 17.25 -12.06
N LEU A 31 -16.09 16.74 -12.18
CA LEU A 31 -16.29 15.45 -12.79
C LEU A 31 -17.12 15.64 -14.03
N GLN A 32 -16.59 15.16 -15.18
CA GLN A 32 -17.28 15.28 -16.44
C GLN A 32 -18.42 14.29 -16.48
N SER A 33 -18.20 13.06 -15.99
CA SER A 33 -19.24 12.06 -16.04
C SER A 33 -19.89 11.92 -14.68
N GLU A 34 -20.22 10.66 -14.28
CA GLU A 34 -20.86 10.43 -13.01
C GLU A 34 -19.88 10.73 -11.91
N GLY A 35 -18.61 10.29 -12.09
CA GLY A 35 -17.60 10.55 -11.11
C GLY A 35 -17.40 9.34 -10.23
N ILE A 36 -18.09 8.22 -10.47
CA ILE A 36 -17.89 7.06 -9.63
C ILE A 36 -18.16 5.83 -10.48
N TYR A 37 -17.07 5.26 -11.06
CA TYR A 37 -17.22 4.09 -11.90
C TYR A 37 -16.96 2.85 -11.10
N THR A 38 -16.15 1.95 -11.70
CA THR A 38 -15.80 0.70 -11.07
C THR A 38 -14.35 0.51 -11.37
N SER A 39 -13.73 -0.60 -10.91
CA SER A 39 -12.33 -0.80 -11.17
C SER A 39 -12.19 -1.38 -12.55
N VAL A 40 -11.62 -0.60 -13.49
CA VAL A 40 -11.45 -1.08 -14.84
C VAL A 40 -10.84 0.03 -15.68
N GLY A 41 -10.67 1.25 -15.11
CA GLY A 41 -10.13 2.35 -15.87
C GLY A 41 -8.63 2.41 -15.72
N SER A 42 -8.11 3.65 -15.56
CA SER A 42 -6.68 3.85 -15.45
C SER A 42 -6.42 5.34 -15.60
N TYR A 43 -6.66 6.11 -14.52
CA TYR A 43 -6.44 7.54 -14.58
C TYR A 43 -5.00 7.84 -14.31
N ASP A 44 -4.67 9.16 -14.27
CA ASP A 44 -3.32 9.59 -14.06
C ASP A 44 -2.96 9.45 -12.60
N HIS A 45 -1.68 9.76 -12.28
CA HIS A 45 -1.21 9.64 -10.93
C HIS A 45 -1.52 10.94 -10.21
N GLN A 46 -1.47 12.06 -10.96
CA GLN A 46 -1.73 13.36 -10.38
C GLN A 46 -3.18 13.46 -9.99
N GLU A 47 -4.05 12.62 -10.60
CA GLU A 47 -5.47 12.63 -10.29
C GLU A 47 -5.64 12.29 -8.82
N LEU A 48 -4.96 11.22 -8.36
CA LEU A 48 -5.03 10.78 -6.98
C LEU A 48 -4.36 11.81 -6.09
N LEU A 49 -3.33 12.50 -6.61
CA LEU A 49 -2.59 13.44 -5.80
C LEU A 49 -3.44 14.67 -5.56
N GLN A 50 -4.30 15.04 -6.54
CA GLN A 50 -5.13 16.21 -6.39
C GLN A 50 -6.11 15.99 -5.26
N LEU A 51 -6.66 14.75 -5.12
CA LEU A 51 -7.61 14.48 -4.05
C LEU A 51 -6.85 14.25 -2.76
N VAL A 52 -5.53 14.10 -2.85
CA VAL A 52 -4.75 13.85 -1.65
C VAL A 52 -4.34 15.18 -1.06
N VAL A 53 -3.99 16.18 -1.91
CA VAL A 53 -3.59 17.46 -1.38
C VAL A 53 -4.81 18.15 -0.80
N LYS A 54 -6.02 17.90 -1.37
CA LYS A 54 -7.19 18.53 -0.79
C LYS A 54 -7.48 17.87 0.53
N LEU A 55 -7.20 16.54 0.68
CA LEU A 55 -7.45 15.86 1.94
C LEU A 55 -6.41 16.26 2.93
N SER A 56 -5.35 16.94 2.49
CA SER A 56 -4.33 17.29 3.43
C SER A 56 -4.61 18.68 3.93
N GLU A 57 -5.45 19.46 3.21
CA GLU A 57 -5.75 20.80 3.64
C GLU A 57 -7.14 20.85 4.22
N VAL A 58 -8.02 19.88 3.89
CA VAL A 58 -9.38 19.92 4.39
C VAL A 58 -9.42 19.29 5.78
N SER A 59 -8.70 18.17 6.01
CA SER A 59 -8.76 17.56 7.32
C SER A 59 -7.53 17.88 8.11
N SER A 60 -6.50 18.51 7.47
CA SER A 60 -5.28 18.85 8.17
C SER A 60 -4.56 17.57 8.50
N VAL A 61 -4.63 16.59 7.58
CA VAL A 61 -3.97 15.33 7.81
C VAL A 61 -2.80 15.26 6.88
N PRO A 62 -1.64 15.02 7.46
CA PRO A 62 -0.39 14.93 6.70
C PRO A 62 -0.43 13.87 5.64
N VAL A 63 0.36 14.08 4.56
CA VAL A 63 0.38 13.14 3.46
C VAL A 63 0.99 11.82 3.88
N THR A 64 1.76 11.79 5.01
CA THR A 64 2.37 10.54 5.41
C THR A 64 1.49 9.84 6.41
N GLU A 65 0.81 10.60 7.30
CA GLU A 65 -0.07 10.00 8.28
C GLU A 65 -1.30 9.46 7.58
N LEU A 66 -1.69 10.11 6.47
CA LEU A 66 -2.88 9.70 5.74
C LEU A 66 -2.52 8.52 4.87
N VAL A 67 -1.28 8.48 4.32
CA VAL A 67 -0.88 7.38 3.49
C VAL A 67 -0.79 6.09 4.30
N ARG A 68 -0.54 6.20 5.63
CA ARG A 68 -0.43 5.00 6.47
C ARG A 68 -1.81 4.41 6.73
N LEU A 69 -2.74 5.24 7.28
CA LEU A 69 -4.08 4.76 7.60
C LEU A 69 -4.80 4.31 6.36
N PHE A 70 -4.63 5.04 5.22
CA PHE A 70 -5.30 4.68 3.99
C PHE A 70 -4.85 3.30 3.55
N GLY A 71 -3.56 2.97 3.74
CA GLY A 71 -3.04 1.69 3.34
C GLY A 71 -3.79 0.58 4.06
N LYS A 72 -4.07 0.74 5.37
CA LYS A 72 -4.78 -0.27 6.13
C LYS A 72 -6.16 -0.57 5.58
N LYS A 73 -6.97 0.48 5.28
CA LYS A 73 -8.34 0.26 4.80
C LYS A 73 -8.40 -0.49 3.48
N LEU A 74 -7.65 -0.05 2.45
CA LEU A 74 -7.72 -0.69 1.14
C LEU A 74 -7.21 -2.12 1.17
N PHE A 75 -6.10 -2.40 1.90
CA PHE A 75 -5.56 -3.75 1.90
C PHE A 75 -6.55 -4.75 2.48
N VAL A 76 -7.23 -4.42 3.61
CA VAL A 76 -8.16 -5.36 4.21
C VAL A 76 -9.39 -5.49 3.34
N GLU A 77 -9.61 -4.51 2.42
CA GLU A 77 -10.76 -4.59 1.54
C GLU A 77 -10.53 -5.73 0.56
N LEU A 78 -9.26 -5.90 0.09
CA LEU A 78 -8.96 -6.96 -0.84
C LEU A 78 -9.08 -8.29 -0.14
N ILE A 79 -8.76 -8.35 1.17
CA ILE A 79 -8.86 -9.60 1.91
C ILE A 79 -10.33 -10.00 1.94
N GLU A 80 -11.23 -9.01 2.14
CA GLU A 80 -12.65 -9.31 2.21
C GLU A 80 -13.21 -9.32 0.80
N GLY A 81 -12.35 -9.12 -0.22
CA GLY A 81 -12.83 -9.09 -1.58
C GLY A 81 -12.55 -10.43 -2.22
N HIS A 82 -11.50 -11.13 -1.78
CA HIS A 82 -11.18 -12.41 -2.37
C HIS A 82 -10.97 -13.41 -1.28
N PRO A 83 -12.05 -14.09 -0.94
CA PRO A 83 -12.06 -15.11 0.09
C PRO A 83 -11.13 -16.26 -0.18
N GLU A 84 -10.98 -16.66 -1.46
CA GLU A 84 -10.13 -17.77 -1.78
C GLU A 84 -8.70 -17.32 -1.95
N ILE A 85 -8.44 -16.00 -1.88
CA ILE A 85 -7.08 -15.56 -2.01
C ILE A 85 -6.51 -15.69 -0.61
N ALA A 86 -7.38 -15.54 0.40
CA ALA A 86 -6.97 -15.65 1.79
C ALA A 86 -6.72 -17.12 2.11
N ASN A 87 -7.57 -18.02 1.58
CA ASN A 87 -7.43 -19.44 1.84
C ASN A 87 -6.16 -19.99 1.23
N GLU A 88 -5.76 -19.49 0.05
CA GLU A 88 -4.57 -20.00 -0.62
C GLU A 88 -3.32 -19.63 0.16
N MET A 89 -3.33 -18.51 0.92
CA MET A 89 -2.15 -18.10 1.64
C MET A 89 -2.06 -18.89 2.94
N LYS A 90 -0.82 -19.02 3.48
CA LYS A 90 -0.63 -19.79 4.68
C LYS A 90 -0.10 -18.91 5.79
N ASP A 91 0.57 -17.79 5.44
CA ASP A 91 1.12 -16.94 6.46
C ASP A 91 1.59 -15.69 5.77
N SER A 92 1.97 -14.66 6.56
CA SER A 92 2.44 -13.42 5.97
C SER A 92 3.82 -13.62 5.39
N PHE A 93 4.63 -14.55 5.95
CA PHE A 93 5.96 -14.76 5.42
C PHE A 93 5.81 -15.43 4.07
N ASP A 94 4.95 -16.48 3.98
CA ASP A 94 4.68 -17.14 2.73
C ASP A 94 4.11 -16.14 1.74
N LEU A 95 3.33 -15.14 2.24
CA LEU A 95 2.73 -14.12 1.39
C LEU A 95 3.85 -13.37 0.68
N LEU A 96 5.01 -13.17 1.36
CA LEU A 96 6.10 -12.42 0.75
C LEU A 96 6.68 -13.24 -0.38
N SER A 97 6.68 -14.58 -0.25
CA SER A 97 7.23 -15.43 -1.29
C SER A 97 6.14 -15.80 -2.28
N LYS A 98 4.97 -15.11 -2.25
CA LYS A 98 3.89 -15.46 -3.16
C LYS A 98 3.47 -14.22 -3.92
N ILE A 99 3.93 -13.03 -3.47
CA ILE A 99 3.52 -11.79 -4.11
C ILE A 99 3.98 -11.75 -5.56
N ASP A 100 5.26 -12.03 -5.83
CA ASP A 100 5.75 -11.97 -7.20
C ASP A 100 5.26 -13.15 -8.02
N SER A 101 5.19 -14.36 -7.44
CA SER A 101 4.85 -15.54 -8.22
C SER A 101 3.40 -15.52 -8.73
N PHE A 102 2.39 -15.32 -7.85
CA PHE A 102 1.03 -15.39 -8.35
C PHE A 102 0.21 -14.14 -8.11
N ILE A 103 0.43 -13.42 -6.99
CA ILE A 103 -0.41 -12.25 -6.71
C ILE A 103 -0.35 -11.23 -7.84
N HIS A 104 0.83 -10.79 -8.32
CA HIS A 104 0.84 -9.79 -9.36
C HIS A 104 0.96 -10.42 -10.72
N VAL A 105 0.98 -11.77 -10.81
CA VAL A 105 1.06 -12.42 -12.10
C VAL A 105 -0.34 -12.66 -12.56
N GLU A 106 -1.21 -13.10 -11.63
CA GLU A 106 -2.59 -13.37 -11.98
C GLU A 106 -3.25 -12.07 -12.36
N VAL A 107 -2.97 -10.97 -11.62
CA VAL A 107 -3.59 -9.69 -11.95
C VAL A 107 -3.08 -9.20 -13.30
N TYR A 108 -1.75 -9.28 -13.55
CA TYR A 108 -1.18 -8.83 -14.81
C TYR A 108 -1.82 -9.55 -15.99
N LYS A 109 -2.10 -10.86 -15.86
CA LYS A 109 -2.67 -11.59 -16.96
C LYS A 109 -4.12 -11.19 -17.12
N LEU A 110 -4.85 -11.02 -16.00
CA LEU A 110 -6.25 -10.68 -16.07
C LEU A 110 -6.47 -9.19 -15.93
N TYR A 111 -5.47 -8.34 -16.28
CA TYR A 111 -5.64 -6.90 -16.15
C TYR A 111 -4.42 -6.30 -16.79
N PRO A 112 -4.52 -6.06 -18.08
CA PRO A 112 -3.43 -5.54 -18.88
C PRO A 112 -3.17 -4.06 -18.78
N GLN A 113 -3.96 -3.32 -17.99
CA GLN A 113 -3.74 -1.90 -17.90
C GLN A 113 -2.82 -1.59 -16.73
N ALA A 114 -2.06 -2.59 -16.23
CA ALA A 114 -1.17 -2.34 -15.13
C ALA A 114 0.24 -2.66 -15.60
N GLU A 115 1.26 -2.06 -14.94
CA GLU A 115 2.62 -2.31 -15.32
C GLU A 115 3.44 -2.38 -14.06
N LEU A 116 4.39 -3.34 -14.01
CA LEU A 116 5.20 -3.48 -12.83
C LEU A 116 6.66 -3.49 -13.23
N PRO A 117 7.49 -3.15 -12.27
CA PRO A 117 8.93 -3.10 -12.43
C PRO A 117 9.62 -4.41 -12.15
N LYS A 118 10.87 -4.35 -11.60
CA LYS A 118 11.60 -5.58 -11.32
C LYS A 118 11.51 -5.89 -9.85
N PHE A 119 11.42 -7.20 -9.50
CA PHE A 119 11.31 -7.60 -8.11
C PHE A 119 12.22 -8.79 -7.88
N THR A 120 13.06 -8.74 -6.81
CA THR A 120 13.92 -9.86 -6.51
C THR A 120 13.86 -10.09 -5.01
N CYS A 121 14.27 -11.29 -4.53
CA CYS A 121 14.20 -11.54 -3.11
C CYS A 121 15.34 -12.43 -2.70
N ASP A 122 16.22 -11.90 -1.81
CA ASP A 122 17.33 -12.67 -1.32
C ASP A 122 17.00 -13.08 0.10
N ARG A 123 17.62 -14.20 0.57
CA ARG A 123 17.35 -14.65 1.91
C ARG A 123 18.65 -14.64 2.68
N LEU A 124 18.70 -13.85 3.78
CA LEU A 124 19.91 -13.80 4.58
C LEU A 124 19.81 -14.81 5.69
N GLY A 125 18.58 -15.20 6.10
CA GLY A 125 18.46 -16.15 7.17
C GLY A 125 17.02 -16.29 7.53
N ASP A 126 16.75 -16.49 8.85
CA ASP A 126 15.40 -16.67 9.29
C ASP A 126 14.86 -15.37 9.83
N ASN A 127 15.71 -14.60 10.55
CA ASN A 127 15.25 -13.36 11.12
C ASN A 127 15.66 -12.19 10.26
N ASP A 128 16.17 -12.45 9.03
CA ASP A 128 16.57 -11.37 8.14
C ASP A 128 16.12 -11.79 6.77
N ILE A 129 15.60 -10.87 5.92
CA ILE A 129 15.15 -11.23 4.60
C ILE A 129 15.42 -9.95 3.82
N ARG A 130 15.65 -10.00 2.49
CA ARG A 130 15.93 -8.76 1.79
C ARG A 130 15.04 -8.67 0.59
N LEU A 131 14.46 -7.45 0.39
CA LEU A 131 13.61 -7.23 -0.75
C LEU A 131 14.20 -6.09 -1.54
N HIS A 132 14.44 -6.33 -2.84
CA HIS A 132 15.01 -5.30 -3.68
C HIS A 132 13.92 -4.88 -4.62
N TYR A 133 13.72 -3.55 -4.78
CA TYR A 133 12.67 -3.09 -5.65
C TYR A 133 13.29 -2.08 -6.57
N GLN A 134 13.19 -2.31 -7.91
CA GLN A 134 13.76 -1.39 -8.87
C GLN A 134 12.63 -0.65 -9.52
N SER A 135 12.45 0.63 -9.10
CA SER A 135 11.39 1.45 -9.63
C SER A 135 11.83 2.90 -9.59
N LYS A 136 11.25 3.74 -10.48
CA LYS A 136 11.61 5.14 -10.52
C LYS A 136 10.65 5.93 -9.64
N ARG A 137 9.69 5.25 -8.97
CA ARG A 137 8.76 5.95 -8.12
C ARG A 137 8.71 5.21 -6.83
N PRO A 138 9.74 5.37 -6.04
CA PRO A 138 9.87 4.70 -4.76
C PRO A 138 9.45 5.49 -3.56
N PHE A 139 8.20 5.27 -3.09
CA PHE A 139 7.75 5.95 -1.90
C PHE A 139 7.78 4.93 -0.79
N ALA A 140 8.69 5.13 0.18
CA ALA A 140 8.83 4.20 1.28
C ALA A 140 7.60 4.19 2.14
N SER A 141 6.99 5.37 2.37
CA SER A 141 5.80 5.46 3.21
C SER A 141 4.67 4.63 2.64
N PHE A 142 4.51 4.62 1.30
CA PHE A 142 3.42 3.88 0.69
C PHE A 142 3.65 2.39 0.86
N ALA A 143 4.90 1.93 0.66
CA ALA A 143 5.20 0.50 0.76
C ALA A 143 4.93 -0.01 2.15
N GLU A 144 5.28 0.78 3.20
CA GLU A 144 5.06 0.34 4.56
C GLU A 144 3.59 0.24 4.84
N GLY A 145 2.79 1.14 4.23
CA GLY A 145 1.36 1.15 4.44
C GLY A 145 0.75 -0.18 4.02
N LEU A 146 1.24 -0.78 2.91
CA LEU A 146 0.65 -2.03 2.45
C LEU A 146 1.25 -3.23 3.16
N LEU A 147 2.57 -3.22 3.49
CA LEU A 147 3.16 -4.38 4.12
C LEU A 147 2.67 -4.51 5.55
N ASP A 148 2.57 -3.37 6.26
CA ASP A 148 2.12 -3.39 7.63
C ASP A 148 0.63 -3.68 7.69
N GLY A 149 -0.14 -3.28 6.65
CA GLY A 149 -1.57 -3.53 6.66
C GLY A 149 -1.81 -5.02 6.69
N CYS A 150 -1.03 -5.77 5.87
CA CYS A 150 -1.15 -7.22 5.84
C CYS A 150 -0.86 -7.78 7.21
N ALA A 151 0.19 -7.26 7.89
CA ALA A 151 0.53 -7.76 9.21
C ALA A 151 -0.50 -7.27 10.21
N GLU A 152 -1.42 -6.39 9.77
CA GLU A 152 -2.44 -5.89 10.66
C GLU A 152 -3.53 -6.92 10.77
N TYR A 153 -4.02 -7.45 9.62
CA TYR A 153 -5.07 -8.46 9.65
C TYR A 153 -4.59 -9.68 10.41
N PHE A 154 -3.36 -10.18 10.10
CA PHE A 154 -2.85 -11.36 10.77
C PHE A 154 -2.51 -11.07 12.21
N LYS A 155 -2.20 -9.79 12.55
CA LYS A 155 -1.83 -9.42 13.90
C LYS A 155 -0.49 -10.03 14.23
N GLU A 156 0.52 -9.79 13.37
CA GLU A 156 1.84 -10.34 13.63
C GLU A 156 2.71 -9.18 14.05
N ASP A 157 4.06 -9.40 14.07
CA ASP A 157 4.93 -8.34 14.48
C ASP A 157 6.21 -8.42 13.68
N PHE A 158 6.19 -7.84 12.46
CA PHE A 158 7.37 -7.82 11.63
C PHE A 158 7.78 -6.37 11.52
N THR A 159 9.08 -6.09 11.24
CA THR A 159 9.50 -4.70 11.16
C THR A 159 10.19 -4.50 9.84
N ILE A 160 9.72 -3.48 9.09
CA ILE A 160 10.31 -3.16 7.81
C ILE A 160 11.31 -2.04 8.02
N SER A 161 12.56 -2.23 7.54
CA SER A 161 13.57 -1.22 7.71
C SER A 161 14.12 -0.84 6.35
N ARG A 162 15.23 -0.05 6.36
CA ARG A 162 15.82 0.42 5.13
C ARG A 162 17.28 0.64 5.37
N THR A 163 18.11 0.64 4.29
CA THR A 163 19.53 0.87 4.47
C THR A 163 19.86 2.27 4.03
N PRO A 164 20.88 2.81 4.65
CA PRO A 164 21.34 4.18 4.39
C PRO A 164 22.05 4.36 3.08
N GLU A 165 22.43 3.26 2.39
CA GLU A 165 23.12 3.39 1.14
C GLU A 165 22.16 3.92 0.10
N THR A 166 20.91 3.40 0.10
CA THR A 166 19.94 3.86 -0.86
C THR A 166 18.81 4.53 -0.12
N GLN A 167 19.08 4.94 1.13
CA GLN A 167 18.08 5.60 1.94
C GLN A 167 17.65 6.89 1.27
N ASP A 168 18.60 7.64 0.68
CA ASP A 168 18.23 8.88 0.05
C ASP A 168 18.59 8.79 -1.42
N SER A 169 18.24 7.65 -2.06
CA SER A 169 18.54 7.49 -3.46
C SER A 169 17.33 6.86 -4.10
N GLU A 170 17.12 7.16 -5.40
CA GLU A 170 15.98 6.60 -6.08
C GLU A 170 16.47 5.56 -7.07
N THR A 171 15.49 4.89 -7.74
CA THR A 171 15.75 3.85 -8.74
C THR A 171 15.97 2.52 -8.09
N ASP A 172 16.64 2.46 -6.91
CA ASP A 172 16.88 1.18 -6.28
C ASP A 172 16.81 1.38 -4.80
N VAL A 173 16.05 0.49 -4.10
CA VAL A 173 15.93 0.61 -2.66
C VAL A 173 16.16 -0.74 -2.05
N ILE A 174 16.96 -0.77 -0.95
CA ILE A 174 17.25 -2.02 -0.27
C ILE A 174 16.48 -2.01 1.02
N PHE A 175 15.59 -3.02 1.17
CA PHE A 175 14.79 -3.11 2.38
C PHE A 175 15.24 -4.30 3.17
N ASN A 176 15.08 -4.19 4.51
CA ASN A 176 15.49 -5.25 5.40
C ASN A 176 14.33 -5.57 6.30
N ILE A 177 13.87 -6.84 6.28
CA ILE A 177 12.75 -7.23 7.10
C ILE A 177 13.34 -8.07 8.21
N THR A 178 12.99 -7.74 9.48
CA THR A 178 13.56 -8.46 10.60
C THR A 178 12.44 -8.96 11.48
N ARG A 179 12.57 -10.23 11.98
CA ARG A 179 11.57 -10.78 12.85
C ARG A 179 12.02 -10.55 14.26
N ALA A 180 11.28 -9.71 15.01
CA ALA A 180 11.65 -9.44 16.38
C ALA A 180 10.96 -10.47 17.25
N PRO A 181 11.41 -10.56 18.49
CA PRO A 181 10.84 -11.49 19.48
C PRO A 181 9.38 -11.24 19.70
N ARG A 182 8.95 -9.99 19.38
CA ARG A 182 7.56 -9.58 19.47
C ARG A 182 7.29 -9.07 20.87
N GLY A 183 8.24 -9.24 21.80
CA GLY A 183 8.01 -8.79 23.14
C GLY A 183 9.23 -8.09 23.65
N ALA A 184 10.00 -7.46 22.74
CA ALA A 184 11.19 -6.77 23.16
C ALA A 184 11.39 -5.60 22.24
N GLU A 185 11.94 -4.49 22.80
CA GLU A 185 12.19 -3.33 22.00
C GLU A 185 13.20 -2.48 22.73
N ASN A 186 13.89 -1.58 21.97
CA ASN A 186 14.88 -0.70 22.56
C ASN A 186 16.09 -1.52 22.92
N LEU A 187 16.48 -2.43 21.99
CA LEU A 187 17.63 -3.27 22.23
C LEU A 187 18.89 -2.43 22.15
N TYR A 188 18.94 -1.47 21.20
CA TYR A 188 20.12 -0.65 21.07
C TYR A 188 19.69 0.79 21.19
N PHE A 189 19.71 1.53 20.05
CA PHE A 189 19.33 2.91 20.10
C PHE A 189 18.78 3.28 18.74
N GLN A 190 18.01 4.41 18.70
CA GLN A 190 17.41 4.87 17.47
C GLN A 190 16.40 3.82 16.99
C01 IWP B . -8.17 5.99 10.25
C02 IWP B . -8.21 7.38 10.16
C03 IWP B . -8.60 5.36 11.40
C04 IWP B . -8.56 8.13 11.28
C05 IWP B . -9.85 1.67 15.86
C06 IWP B . -8.68 1.17 16.28
C07 IWP B . -11.69 2.64 13.69
C08 IWP B . -14.97 2.40 10.91
C09 IWP B . -9.35 5.42 13.81
C10 IWP B . -8.95 6.12 12.52
C11 IWP B . -8.92 7.50 12.46
C12 IWP B . -16.09 2.94 11.49
C13 IWP B . -9.50 2.49 14.79
C14 IWP B . -12.33 3.71 12.99
C15 IWP B . -10.49 3.21 14.06
C16 IWP B . -13.67 3.45 12.45
C17 IWP B . -15.92 3.76 12.58
F18 IWP B . -9.24 8.23 13.55
F19 IWP B . -17.32 2.68 11.00
N20 IWP B . -13.73 2.65 11.38
N21 IWP B . -14.71 4.03 13.09
N22 IWP B . -11.59 4.87 12.94
N23 IWP B . -8.20 2.53 14.53
N24 IWP B . -10.45 4.48 13.62
O25 IWP B . -17.01 4.33 13.20
O26 IWP B . -7.63 1.64 15.53
H01 IWP B . -7.79 5.41 9.42
H02 IWP B . -7.98 7.87 9.22
H03 IWP B . -8.67 4.27 11.44
H04 IWP B . -8.55 9.22 11.21
H05 IWP B . -10.83 1.48 16.25
H06 IWP B . -8.45 0.49 17.08
H07 IWP B . -12.04 1.63 13.88
H08 IWP B . -15.04 1.75 10.04
H091 IWP B . -8.49 4.87 14.22
H092 IWP B . -9.66 6.18 14.55
H25 IWP B . -17.78 4.23 12.62
CHA HEM C . 0.82 -2.31 -7.05
CHB HEM C . 3.12 -4.44 -3.50
CHC HEM C . -0.84 -6.81 -2.56
CHD HEM C . -2.50 -5.76 -6.93
C1A HEM C . 1.75 -2.63 -6.12
C2A HEM C . 2.91 -1.92 -5.92
C3A HEM C . 3.59 -2.57 -4.93
C4A HEM C . 2.83 -3.64 -4.56
CMA HEM C . 4.83 -2.13 -4.30
CAA HEM C . 3.37 -0.77 -6.68
CBA HEM C . 3.35 0.44 -5.89
CGA HEM C . 4.47 1.29 -6.29
O1A HEM C . 5.37 0.82 -6.96
O2A HEM C . 4.49 2.46 -5.94
C1B HEM C . 2.28 -5.38 -3.00
C2B HEM C . 2.49 -6.04 -1.83
C3B HEM C . 1.36 -6.76 -1.58
C4B HEM C . 0.45 -6.40 -2.54
CMB HEM C . 3.64 -5.91 -0.96
CAB HEM C . 1.03 -7.38 -0.32
CBB HEM C . 1.44 -6.93 0.88
C1C HEM C . -1.61 -6.80 -3.68
C2C HEM C . -2.67 -7.63 -3.89
C3C HEM C . -3.09 -7.41 -5.17
C4C HEM C . -2.28 -6.44 -5.68
CMC HEM C . -3.15 -8.67 -2.99
CAC HEM C . -4.38 -7.82 -5.71
CBC HEM C . -4.66 -9.04 -6.17
C1D HEM C . -1.62 -4.72 -7.42
C2D HEM C . -1.65 -4.18 -8.66
C3D HEM C . -0.70 -3.20 -8.68
C4D HEM C . -0.19 -3.14 -7.42
CMD HEM C . -2.42 -4.65 -9.79
CAD HEM C . -0.19 -2.51 -9.85
CBD HEM C . 0.62 -1.36 -9.49
CGD HEM C . -0.25 -0.32 -8.98
O1D HEM C . -0.89 -0.50 -7.96
O2D HEM C . -0.32 0.75 -9.56
NA HEM C . 1.70 -3.73 -5.32
NB HEM C . 1.04 -5.65 -3.51
NC HEM C . -1.29 -6.10 -4.81
ND HEM C . -0.62 -4.19 -6.66
FE HEM C . 0.20 -4.92 -5.08
HHB HEM C . 4.04 -4.24 -2.96
HHC HEM C . -1.32 -7.03 -1.61
HHD HEM C . -3.46 -5.88 -7.44
HMA HEM C . 5.05 -1.10 -4.61
HMAA HEM C . 5.65 -2.78 -4.61
HMAB HEM C . 4.72 -2.16 -3.22
HAA HEM C . 4.39 -0.97 -7.04
HAAA HEM C . 2.72 -0.65 -7.56
HBA HEM C . 2.42 0.98 -6.06
HBAA HEM C . 3.46 0.19 -4.83
HMB HEM C . 4.55 -5.75 -1.56
HMBA HEM C . 3.76 -6.82 -0.36
HMBB HEM C . 3.49 -5.06 -0.28
HAB HEM C . 0.32 -8.21 -0.32
HBB HEM C . 1.91 -7.63 1.56
HBBA HEM C . 1.06 -5.98 1.23
HMC HEM C . -2.31 -9.28 -2.63
HMCA HEM C . -3.65 -8.22 -2.12
HMCB HEM C . -3.86 -9.32 -3.51
HAC HEM C . -5.16 -7.06 -5.76
HBC HEM C . -5.50 -9.17 -6.84
HBCA HEM C . -4.25 -9.90 -5.63
HMD HEM C . -3.16 -5.39 -9.45
HMDA HEM C . -2.94 -3.81 -10.27
HMDB HEM C . -1.76 -5.13 -10.53
HAD HEM C . -1.03 -2.20 -10.48
HADA HEM C . 0.43 -3.21 -10.43
HBD HEM C . 1.34 -1.64 -8.71
HBDA HEM C . 1.15 -0.99 -10.37
HHA HEM C . 0.86 -1.33 -7.50
C CMO D . -0.66 -3.61 -4.02
O CMO D . -1.17 -2.81 -3.38
N MET A 1 -4.99 -0.03 -10.78
CA MET A 1 -5.49 0.27 -9.41
C MET A 1 -5.76 1.74 -9.25
N MET A 2 -6.97 2.19 -9.65
CA MET A 2 -7.29 3.59 -9.51
C MET A 2 -8.77 3.70 -9.26
N GLY A 3 -9.58 2.75 -9.80
CA GLY A 3 -11.01 2.82 -9.60
C GLY A 3 -11.36 2.38 -8.19
N MET A 4 -10.73 1.29 -7.67
CA MET A 4 -11.06 0.82 -6.35
C MET A 4 -10.28 1.58 -5.32
N VAL A 5 -9.32 2.43 -5.74
CA VAL A 5 -8.58 3.18 -4.77
C VAL A 5 -9.43 4.38 -4.44
N PHE A 6 -10.29 4.78 -5.42
CA PHE A 6 -11.19 5.89 -5.20
C PHE A 6 -12.30 5.43 -4.30
N THR A 7 -12.74 4.15 -4.44
CA THR A 7 -13.83 3.63 -3.62
C THR A 7 -13.45 3.68 -2.17
N GLY A 8 -12.23 3.21 -1.81
CA GLY A 8 -11.81 3.24 -0.42
C GLY A 8 -11.74 4.66 0.09
N LEU A 9 -11.23 5.60 -0.73
CA LEU A 9 -11.07 6.98 -0.32
C LEU A 9 -12.42 7.65 -0.06
N MET A 10 -13.46 7.37 -0.90
CA MET A 10 -14.76 8.02 -0.73
C MET A 10 -15.40 7.54 0.56
N GLU A 11 -15.25 6.24 0.84
CA GLU A 11 -15.87 5.63 2.01
C GLU A 11 -15.18 6.12 3.28
N LEU A 12 -13.88 6.46 3.20
CA LEU A 12 -13.15 6.89 4.37
C LEU A 12 -13.58 8.28 4.80
N ILE A 13 -13.76 9.23 3.84
CA ILE A 13 -14.09 10.59 4.23
C ILE A 13 -15.54 10.71 4.61
N GLU A 14 -16.41 9.81 4.10
CA GLU A 14 -17.83 9.92 4.38
C GLU A 14 -18.10 9.48 5.81
N ASP A 15 -17.44 8.39 6.25
CA ASP A 15 -17.68 7.86 7.57
C ASP A 15 -16.88 8.60 8.62
N GLU A 16 -15.65 9.03 8.31
CA GLU A 16 -14.81 9.65 9.31
C GLU A 16 -15.28 11.06 9.64
N PHE A 17 -15.64 11.89 8.64
CA PHE A 17 -16.01 13.24 9.01
C PHE A 17 -17.38 13.64 8.54
N GLY A 18 -17.93 13.04 7.46
CA GLY A 18 -19.25 13.46 7.04
C GLY A 18 -19.35 13.42 5.55
N TYR A 19 -20.55 13.77 5.03
CA TYR A 19 -20.74 13.69 3.61
C TYR A 19 -20.57 15.08 3.08
N GLU A 20 -20.64 16.11 3.97
CA GLU A 20 -20.44 17.48 3.56
C GLU A 20 -18.98 17.64 3.23
N THR A 21 -18.10 17.01 4.03
CA THR A 21 -16.68 17.10 3.80
C THR A 21 -16.37 16.39 2.51
N LEU A 22 -17.02 15.22 2.26
CA LEU A 22 -16.78 14.50 1.02
C LEU A 22 -17.29 15.35 -0.14
N ASP A 23 -18.27 16.25 0.14
CA ASP A 23 -18.81 17.11 -0.90
C ASP A 23 -17.76 18.11 -1.34
N THR A 24 -16.96 18.63 -0.36
CA THR A 24 -15.91 19.60 -0.68
C THR A 24 -14.88 18.95 -1.56
N LEU A 25 -14.52 17.68 -1.27
CA LEU A 25 -13.52 16.96 -2.06
C LEU A 25 -14.00 16.85 -3.48
N LEU A 26 -15.32 16.58 -3.66
CA LEU A 26 -15.90 16.42 -4.97
C LEU A 26 -15.83 17.74 -5.72
N GLU A 27 -16.01 18.87 -5.01
CA GLU A 27 -15.99 20.17 -5.66
C GLU A 27 -14.62 20.45 -6.23
N SER A 28 -13.54 20.08 -5.48
CA SER A 28 -12.20 20.32 -5.96
C SER A 28 -11.97 19.59 -7.26
N CYS A 29 -12.52 18.36 -7.41
CA CYS A 29 -12.27 17.63 -8.64
C CYS A 29 -13.54 17.59 -9.43
N GLU A 30 -13.59 18.40 -10.53
CA GLU A 30 -14.76 18.43 -11.38
C GLU A 30 -14.89 17.09 -12.06
N LEU A 31 -16.16 16.60 -12.20
CA LEU A 31 -16.37 15.32 -12.83
C LEU A 31 -17.14 15.53 -14.10
N GLN A 32 -16.54 15.10 -15.23
CA GLN A 32 -17.18 15.25 -16.52
C GLN A 32 -18.30 14.25 -16.65
N SER A 33 -18.08 13.00 -16.18
CA SER A 33 -19.10 11.98 -16.31
C SER A 33 -19.85 11.82 -15.01
N GLU A 34 -20.20 10.55 -14.66
CA GLU A 34 -20.94 10.29 -13.45
C GLU A 34 -20.07 10.60 -12.26
N GLY A 35 -18.78 10.20 -12.34
CA GLY A 35 -17.88 10.48 -11.26
C GLY A 35 -17.58 9.24 -10.46
N ILE A 36 -18.40 8.18 -10.55
CA ILE A 36 -18.10 7.00 -9.78
C ILE A 36 -18.31 5.80 -10.67
N TYR A 37 -17.18 5.25 -11.21
CA TYR A 37 -17.27 4.11 -12.07
C TYR A 37 -17.05 2.85 -11.29
N THR A 38 -16.21 1.96 -11.86
CA THR A 38 -15.88 0.71 -11.24
C THR A 38 -14.41 0.53 -11.49
N SER A 39 -13.79 -0.57 -11.00
CA SER A 39 -12.37 -0.75 -11.22
C SER A 39 -12.19 -1.36 -12.58
N VAL A 40 -11.58 -0.59 -13.51
CA VAL A 40 -11.37 -1.10 -14.85
C VAL A 40 -10.76 0.00 -15.70
N GLY A 41 -10.58 1.22 -15.13
CA GLY A 41 -10.03 2.32 -15.90
C GLY A 41 -8.53 2.39 -15.70
N SER A 42 -8.03 3.64 -15.50
CA SER A 42 -6.60 3.85 -15.34
C SER A 42 -6.36 5.34 -15.51
N TYR A 43 -6.61 6.12 -14.44
CA TYR A 43 -6.41 7.56 -14.51
C TYR A 43 -4.96 7.87 -14.26
N ASP A 44 -4.65 9.20 -14.22
CA ASP A 44 -3.30 9.65 -14.00
C ASP A 44 -2.95 9.49 -12.55
N HIS A 45 -1.67 9.77 -12.23
CA HIS A 45 -1.20 9.64 -10.88
C HIS A 45 -1.49 10.94 -10.16
N GLN A 46 -1.43 12.07 -10.92
CA GLN A 46 -1.68 13.37 -10.34
C GLN A 46 -3.14 13.48 -9.98
N GLU A 47 -4.02 12.66 -10.62
CA GLU A 47 -5.44 12.70 -10.32
C GLU A 47 -5.63 12.34 -8.86
N LEU A 48 -4.97 11.25 -8.40
CA LEU A 48 -5.06 10.80 -7.04
C LEU A 48 -4.39 11.81 -6.12
N LEU A 49 -3.33 12.50 -6.62
CA LEU A 49 -2.60 13.43 -5.80
C LEU A 49 -3.44 14.65 -5.56
N GLN A 50 -4.30 15.03 -6.53
CA GLN A 50 -5.13 16.21 -6.38
C GLN A 50 -6.12 15.97 -5.25
N LEU A 51 -6.67 14.75 -5.13
CA LEU A 51 -7.61 14.47 -4.06
C LEU A 51 -6.85 14.25 -2.76
N VAL A 52 -5.53 14.10 -2.85
CA VAL A 52 -4.75 13.85 -1.66
C VAL A 52 -4.34 15.19 -1.06
N VAL A 53 -3.99 16.18 -1.91
CA VAL A 53 -3.60 17.46 -1.40
C VAL A 53 -4.81 18.15 -0.81
N LYS A 54 -6.03 17.91 -1.38
CA LYS A 54 -7.20 18.53 -0.80
C LYS A 54 -7.49 17.88 0.52
N LEU A 55 -7.21 16.55 0.67
CA LEU A 55 -7.45 15.86 1.93
C LEU A 55 -6.42 16.28 2.93
N SER A 56 -5.34 16.95 2.47
CA SER A 56 -4.33 17.31 3.42
C SER A 56 -4.62 18.70 3.93
N GLU A 57 -5.46 19.48 3.20
CA GLU A 57 -5.76 20.82 3.64
C GLU A 57 -7.15 20.87 4.23
N VAL A 58 -8.02 19.90 3.89
CA VAL A 58 -9.38 19.93 4.39
C VAL A 58 -9.43 19.31 5.77
N SER A 59 -8.68 18.20 6.01
CA SER A 59 -8.75 17.58 7.32
C SER A 59 -7.51 17.91 8.12
N SER A 60 -6.48 18.52 7.47
CA SER A 60 -5.25 18.86 8.16
C SER A 60 -4.53 17.58 8.49
N VAL A 61 -4.60 16.60 7.58
CA VAL A 61 -3.94 15.33 7.79
C VAL A 61 -2.78 15.27 6.86
N PRO A 62 -1.61 15.02 7.42
CA PRO A 62 -0.37 14.93 6.65
C PRO A 62 -0.43 13.86 5.59
N VAL A 63 0.36 14.06 4.51
CA VAL A 63 0.35 13.11 3.41
C VAL A 63 0.98 11.80 3.83
N THR A 64 1.75 11.77 4.95
CA THR A 64 2.37 10.52 5.34
C THR A 64 1.50 9.82 6.37
N GLU A 65 0.84 10.58 7.27
CA GLU A 65 -0.03 9.98 8.26
C GLU A 65 -1.27 9.45 7.57
N LEU A 66 -1.67 10.10 6.46
CA LEU A 66 -2.86 9.69 5.75
C LEU A 66 -2.52 8.50 4.89
N VAL A 67 -1.29 8.46 4.34
CA VAL A 67 -0.89 7.35 3.50
C VAL A 67 -0.80 6.07 4.32
N ARG A 68 -0.54 6.18 5.66
CA ARG A 68 -0.42 4.99 6.49
C ARG A 68 -1.80 4.41 6.77
N LEU A 69 -2.71 5.24 7.32
CA LEU A 69 -4.06 4.77 7.65
C LEU A 69 -4.79 4.31 6.41
N PHE A 70 -4.62 5.02 5.27
CA PHE A 70 -5.29 4.66 4.04
C PHE A 70 -4.85 3.27 3.61
N GLY A 71 -3.55 2.96 3.80
CA GLY A 71 -3.03 1.66 3.40
C GLY A 71 -3.78 0.56 4.12
N LYS A 72 -4.05 0.74 5.44
CA LYS A 72 -4.76 -0.29 6.21
C LYS A 72 -6.16 -0.57 5.67
N LYS A 73 -6.95 0.50 5.38
CA LYS A 73 -8.33 0.29 4.92
C LYS A 73 -8.42 -0.47 3.61
N LEU A 74 -7.70 -0.04 2.56
CA LEU A 74 -7.82 -0.68 1.26
C LEU A 74 -7.28 -2.10 1.27
N PHE A 75 -6.16 -2.37 1.99
CA PHE A 75 -5.60 -3.71 1.98
C PHE A 75 -6.59 -4.72 2.57
N VAL A 76 -7.24 -4.39 3.70
CA VAL A 76 -8.18 -5.34 4.31
C VAL A 76 -9.40 -5.47 3.44
N GLU A 77 -9.64 -4.49 2.54
CA GLU A 77 -10.78 -4.58 1.66
C GLU A 77 -10.54 -5.69 0.66
N LEU A 78 -9.28 -5.85 0.19
CA LEU A 78 -8.98 -6.91 -0.76
C LEU A 78 -9.08 -8.25 -0.08
N ILE A 79 -8.81 -8.31 1.26
CA ILE A 79 -8.92 -9.57 1.97
C ILE A 79 -10.37 -10.01 1.94
N GLU A 80 -11.30 -9.05 2.14
CA GLU A 80 -12.71 -9.37 2.14
C GLU A 80 -13.23 -9.34 0.71
N GLY A 81 -12.33 -9.08 -0.26
CA GLY A 81 -12.75 -9.00 -1.63
C GLY A 81 -12.47 -10.33 -2.30
N HIS A 82 -11.41 -11.05 -1.86
CA HIS A 82 -11.09 -12.32 -2.47
C HIS A 82 -10.93 -13.34 -1.38
N PRO A 83 -12.01 -14.01 -1.09
CA PRO A 83 -12.06 -15.05 -0.06
C PRO A 83 -11.13 -16.21 -0.31
N GLU A 84 -10.96 -16.61 -1.59
CA GLU A 84 -10.10 -17.74 -1.87
C GLU A 84 -8.69 -17.28 -2.03
N ILE A 85 -8.42 -15.96 -1.94
CA ILE A 85 -7.05 -15.52 -2.04
C ILE A 85 -6.50 -15.66 -0.64
N ALA A 86 -7.41 -15.52 0.36
CA ALA A 86 -7.01 -15.66 1.75
C ALA A 86 -6.77 -17.12 2.05
N ASN A 87 -7.62 -18.02 1.48
CA ASN A 87 -7.48 -19.44 1.73
C ASN A 87 -6.18 -19.97 1.16
N GLU A 88 -5.76 -19.48 -0.02
CA GLU A 88 -4.54 -19.98 -0.64
C GLU A 88 -3.33 -19.57 0.15
N MET A 89 -3.40 -18.45 0.91
CA MET A 89 -2.25 -18.00 1.67
C MET A 89 -2.15 -18.80 2.95
N LYS A 90 -0.91 -18.92 3.50
CA LYS A 90 -0.70 -19.70 4.69
C LYS A 90 -0.18 -18.82 5.80
N ASP A 91 0.53 -17.73 5.45
CA ASP A 91 1.10 -16.87 6.46
C ASP A 91 1.59 -15.65 5.77
N SER A 92 1.99 -14.61 6.55
CA SER A 92 2.47 -13.39 5.96
C SER A 92 3.86 -13.61 5.38
N PHE A 93 4.65 -14.54 5.95
CA PHE A 93 5.98 -14.77 5.43
C PHE A 93 5.82 -15.45 4.08
N ASP A 94 4.96 -16.49 4.01
CA ASP A 94 4.69 -17.17 2.76
C ASP A 94 4.12 -16.17 1.76
N LEU A 95 3.37 -15.15 2.27
CA LEU A 95 2.80 -14.14 1.40
C LEU A 95 3.91 -13.41 0.68
N LEU A 96 5.08 -13.20 1.34
CA LEU A 96 6.16 -12.49 0.72
C LEU A 96 6.74 -13.32 -0.40
N SER A 97 6.71 -14.67 -0.25
CA SER A 97 7.25 -15.53 -1.29
C SER A 97 6.16 -15.89 -2.28
N LYS A 98 5.00 -15.18 -2.26
CA LYS A 98 3.92 -15.51 -3.17
C LYS A 98 3.51 -14.25 -3.91
N ILE A 99 4.01 -13.08 -3.46
CA ILE A 99 3.62 -11.81 -4.07
C ILE A 99 3.98 -11.75 -5.53
N ASP A 100 5.24 -12.05 -5.90
CA ASP A 100 5.62 -11.95 -7.30
C ASP A 100 5.22 -13.17 -8.10
N SER A 101 5.20 -14.38 -7.48
CA SER A 101 4.91 -15.57 -8.25
C SER A 101 3.48 -15.60 -8.79
N PHE A 102 2.43 -15.42 -7.95
CA PHE A 102 1.09 -15.53 -8.50
C PHE A 102 0.23 -14.31 -8.25
N ILE A 103 0.38 -13.62 -7.11
CA ILE A 103 -0.51 -12.49 -6.84
C ILE A 103 -0.44 -11.41 -7.93
N HIS A 104 0.76 -10.93 -8.33
CA HIS A 104 0.79 -9.89 -9.33
C HIS A 104 0.94 -10.48 -10.72
N VAL A 105 0.96 -11.83 -10.83
CA VAL A 105 1.07 -12.45 -12.13
C VAL A 105 -0.31 -12.72 -12.61
N GLU A 106 -1.20 -13.17 -11.69
CA GLU A 106 -2.56 -13.46 -12.06
C GLU A 106 -3.23 -12.17 -12.46
N VAL A 107 -2.98 -11.07 -11.71
CA VAL A 107 -3.61 -9.79 -12.04
C VAL A 107 -3.08 -9.30 -13.38
N TYR A 108 -1.73 -9.35 -13.59
CA TYR A 108 -1.13 -8.87 -14.83
C TYR A 108 -1.74 -9.58 -16.03
N LYS A 109 -2.02 -10.89 -15.92
CA LYS A 109 -2.57 -11.62 -17.03
C LYS A 109 -4.01 -11.22 -17.23
N LEU A 110 -4.77 -11.04 -16.13
CA LEU A 110 -6.16 -10.70 -16.24
C LEU A 110 -6.37 -9.21 -16.08
N TYR A 111 -5.36 -8.36 -16.39
CA TYR A 111 -5.54 -6.93 -16.25
C TYR A 111 -4.31 -6.31 -16.88
N PRO A 112 -4.41 -6.07 -18.16
CA PRO A 112 -3.31 -5.52 -18.96
C PRO A 112 -3.07 -4.03 -18.83
N GLN A 113 -3.88 -3.31 -18.04
CA GLN A 113 -3.67 -1.89 -17.91
C GLN A 113 -2.77 -1.60 -16.75
N ALA A 114 -2.02 -2.61 -16.25
CA ALA A 114 -1.12 -2.38 -15.14
C ALA A 114 0.27 -2.70 -15.60
N GLU A 115 1.29 -2.13 -14.92
CA GLU A 115 2.66 -2.40 -15.30
C GLU A 115 3.47 -2.45 -14.04
N LEU A 116 4.44 -3.41 -13.98
CA LEU A 116 5.25 -3.55 -12.79
C LEU A 116 6.70 -3.55 -13.20
N PRO A 117 7.53 -3.17 -12.25
CA PRO A 117 8.97 -3.11 -12.42
C PRO A 117 9.68 -4.41 -12.14
N LYS A 118 10.92 -4.34 -11.60
CA LYS A 118 11.66 -5.57 -11.34
C LYS A 118 11.59 -5.86 -9.86
N PHE A 119 11.49 -7.18 -9.51
CA PHE A 119 11.40 -7.56 -8.11
C PHE A 119 12.27 -8.78 -7.89
N THR A 120 13.12 -8.75 -6.82
CA THR A 120 13.96 -9.90 -6.52
C THR A 120 13.88 -10.13 -5.03
N CYS A 121 14.26 -11.34 -4.55
CA CYS A 121 14.19 -11.61 -3.13
C CYS A 121 15.36 -12.46 -2.71
N ASP A 122 16.20 -11.91 -1.81
CA ASP A 122 17.33 -12.65 -1.31
C ASP A 122 17.00 -13.07 0.10
N ARG A 123 17.63 -14.17 0.59
CA ARG A 123 17.35 -14.62 1.93
C ARG A 123 18.64 -14.59 2.71
N LEU A 124 18.67 -13.79 3.80
CA LEU A 124 19.85 -13.72 4.61
C LEU A 124 19.76 -14.74 5.71
N GLY A 125 18.53 -15.14 6.11
CA GLY A 125 18.40 -16.10 7.16
C GLY A 125 16.94 -16.23 7.53
N ASP A 126 16.68 -16.43 8.84
CA ASP A 126 15.32 -16.59 9.28
C ASP A 126 14.80 -15.28 9.82
N ASN A 127 15.66 -14.52 10.53
CA ASN A 127 15.22 -13.28 11.12
C ASN A 127 15.63 -12.11 10.25
N ASP A 128 16.11 -12.37 9.00
CA ASP A 128 16.52 -11.29 8.13
C ASP A 128 16.09 -11.72 6.75
N ILE A 129 15.56 -10.79 5.90
CA ILE A 129 15.13 -11.17 4.57
C ILE A 129 15.38 -9.88 3.79
N ARG A 130 15.63 -9.92 2.46
CA ARG A 130 15.89 -8.68 1.77
C ARG A 130 15.03 -8.61 0.53
N LEU A 131 14.41 -7.44 0.31
CA LEU A 131 13.60 -7.27 -0.87
C LEU A 131 14.18 -6.11 -1.64
N HIS A 132 14.45 -6.34 -2.94
CA HIS A 132 15.01 -5.29 -3.76
C HIS A 132 13.94 -4.87 -4.70
N TYR A 133 13.72 -3.54 -4.85
CA TYR A 133 12.68 -3.09 -5.73
C TYR A 133 13.31 -2.04 -6.63
N GLN A 134 13.24 -2.27 -7.96
CA GLN A 134 13.83 -1.31 -8.88
C GLN A 134 12.70 -0.59 -9.57
N SER A 135 12.51 0.69 -9.15
CA SER A 135 11.45 1.51 -9.71
C SER A 135 11.90 2.95 -9.65
N LYS A 136 11.34 3.80 -10.55
CA LYS A 136 11.70 5.21 -10.58
C LYS A 136 10.74 5.99 -9.71
N ARG A 137 9.77 5.30 -9.07
CA ARG A 137 8.82 6.00 -8.22
C ARG A 137 8.74 5.24 -6.93
N PRO A 138 9.76 5.38 -6.12
CA PRO A 138 9.87 4.68 -4.86
C PRO A 138 9.43 5.47 -3.65
N PHE A 139 8.19 5.22 -3.18
CA PHE A 139 7.72 5.88 -1.99
C PHE A 139 7.75 4.86 -0.89
N ALA A 140 8.67 5.05 0.08
CA ALA A 140 8.82 4.13 1.19
C ALA A 140 7.59 4.14 2.07
N SER A 141 6.99 5.33 2.30
CA SER A 141 5.83 5.44 3.16
C SER A 141 4.69 4.62 2.61
N PHE A 142 4.50 4.61 1.27
CA PHE A 142 3.40 3.87 0.67
C PHE A 142 3.62 2.38 0.84
N ALA A 143 4.87 1.91 0.63
CA ALA A 143 5.17 0.49 0.73
C ALA A 143 4.90 -0.02 2.12
N GLU A 144 5.26 0.76 3.17
CA GLU A 144 5.05 0.33 4.54
C GLU A 144 3.58 0.22 4.82
N GLY A 145 2.79 1.12 4.20
CA GLY A 145 1.35 1.13 4.43
C GLY A 145 0.74 -0.19 4.01
N LEU A 146 1.24 -0.80 2.91
CA LEU A 146 0.64 -2.03 2.44
C LEU A 146 1.23 -3.24 3.16
N LEU A 147 2.55 -3.24 3.46
CA LEU A 147 3.14 -4.41 4.11
C LEU A 147 2.67 -4.51 5.53
N ASP A 148 2.57 -3.37 6.24
CA ASP A 148 2.13 -3.38 7.62
C ASP A 148 0.64 -3.66 7.69
N GLY A 149 -0.14 -3.28 6.65
CA GLY A 149 -1.57 -3.53 6.68
C GLY A 149 -1.82 -5.02 6.71
N CYS A 150 -1.04 -5.77 5.90
CA CYS A 150 -1.17 -7.22 5.89
C CYS A 150 -0.86 -7.77 7.27
N ALA A 151 0.18 -7.24 7.93
CA ALA A 151 0.55 -7.72 9.25
C ALA A 151 -0.47 -7.22 10.26
N GLU A 152 -1.41 -6.36 9.81
CA GLU A 152 -2.41 -5.84 10.71
C GLU A 152 -3.51 -6.87 10.84
N TYR A 153 -4.00 -7.42 9.70
CA TYR A 153 -5.06 -8.40 9.76
C TYR A 153 -4.58 -9.63 10.51
N PHE A 154 -3.35 -10.13 10.20
CA PHE A 154 -2.85 -11.32 10.87
C PHE A 154 -2.48 -11.01 12.31
N LYS A 155 -2.16 -9.73 12.62
CA LYS A 155 -1.77 -9.35 13.97
C LYS A 155 -0.43 -9.99 14.27
N GLU A 156 0.56 -9.79 13.38
CA GLU A 156 1.87 -10.35 13.60
C GLU A 156 2.76 -9.23 14.06
N ASP A 157 4.10 -9.47 14.09
CA ASP A 157 4.98 -8.43 14.54
C ASP A 157 6.26 -8.49 13.72
N PHE A 158 6.22 -7.87 12.52
CA PHE A 158 7.40 -7.83 11.68
C PHE A 158 7.77 -6.38 11.57
N THR A 159 9.08 -6.08 11.29
CA THR A 159 9.48 -4.69 11.21
C THR A 159 10.17 -4.49 9.89
N ILE A 160 9.70 -3.48 9.12
CA ILE A 160 10.29 -3.18 7.84
C ILE A 160 11.28 -2.06 8.06
N SER A 161 12.53 -2.23 7.57
CA SER A 161 13.54 -1.22 7.75
C SER A 161 14.08 -0.83 6.39
N ARG A 162 15.19 -0.05 6.39
CA ARG A 162 15.77 0.41 5.15
C ARG A 162 17.24 0.64 5.40
N THR A 163 18.07 0.63 4.31
CA THR A 163 19.48 0.86 4.50
C THR A 163 19.80 2.27 4.07
N PRO A 164 20.82 2.82 4.68
CA PRO A 164 21.28 4.18 4.42
C PRO A 164 21.98 4.38 3.11
N GLU A 165 22.37 3.27 2.43
CA GLU A 165 23.06 3.40 1.17
C GLU A 165 22.10 3.92 0.12
N THR A 166 20.85 3.40 0.13
CA THR A 166 19.87 3.84 -0.84
C THR A 166 18.75 4.53 -0.10
N GLN A 167 19.02 4.93 1.16
CA GLN A 167 18.02 5.60 1.96
C GLN A 167 17.60 6.89 1.30
N ASP A 168 18.57 7.63 0.70
CA ASP A 168 18.21 8.86 0.06
C ASP A 168 18.61 8.79 -1.38
N SER A 169 18.25 7.67 -2.06
CA SER A 169 18.58 7.54 -3.46
C SER A 169 17.41 6.86 -4.12
N GLU A 170 17.17 7.16 -5.41
CA GLU A 170 16.05 6.59 -6.10
C GLU A 170 16.55 5.54 -7.07
N THR A 171 15.57 4.87 -7.75
CA THR A 171 15.82 3.83 -8.75
C THR A 171 16.02 2.48 -8.08
N ASP A 172 16.65 2.43 -6.89
CA ASP A 172 16.85 1.14 -6.26
C ASP A 172 16.77 1.35 -4.77
N VAL A 173 16.02 0.47 -4.06
CA VAL A 173 15.89 0.59 -2.63
C VAL A 173 16.10 -0.77 -2.03
N ILE A 174 16.88 -0.80 -0.92
CA ILE A 174 17.16 -2.04 -0.23
C ILE A 174 16.39 -2.03 1.05
N PHE A 175 15.49 -3.03 1.22
CA PHE A 175 14.69 -3.11 2.42
C PHE A 175 15.15 -4.30 3.21
N ASN A 176 15.05 -4.17 4.56
CA ASN A 176 15.47 -5.23 5.44
C ASN A 176 14.31 -5.56 6.34
N ILE A 177 13.84 -6.83 6.30
CA ILE A 177 12.73 -7.23 7.13
C ILE A 177 13.32 -8.07 8.24
N THR A 178 12.98 -7.74 9.50
CA THR A 178 13.54 -8.46 10.63
C THR A 178 12.42 -8.95 11.50
N ARG A 179 12.54 -10.22 11.99
CA ARG A 179 11.52 -10.77 12.85
C ARG A 179 11.99 -10.56 14.27
N ALA A 180 11.27 -9.71 15.04
CA ALA A 180 11.66 -9.45 16.40
C ALA A 180 10.97 -10.48 17.27
N PRO A 181 11.42 -10.58 18.51
CA PRO A 181 10.84 -11.50 19.49
C PRO A 181 9.37 -11.27 19.69
N ARG A 182 8.94 -10.04 19.34
CA ARG A 182 7.55 -9.62 19.40
C ARG A 182 7.25 -9.08 20.77
N GLY A 183 8.20 -9.20 21.72
CA GLY A 183 7.94 -8.69 23.04
C GLY A 183 9.21 -8.17 23.62
N ALA A 184 10.11 -7.65 22.77
CA ALA A 184 11.34 -7.13 23.27
C ALA A 184 11.76 -5.99 22.39
N GLU A 185 12.38 -4.96 22.98
CA GLU A 185 12.83 -3.83 22.22
C GLU A 185 13.84 -3.09 23.03
N ASN A 186 14.65 -2.23 22.34
CA ASN A 186 15.67 -1.44 23.02
C ASN A 186 16.72 -2.38 23.55
N LEU A 187 17.12 -3.35 22.70
CA LEU A 187 18.13 -4.30 23.11
C LEU A 187 19.50 -3.73 22.85
N TYR A 188 19.66 -2.97 21.74
CA TYR A 188 20.96 -2.41 21.45
C TYR A 188 20.81 -0.91 21.38
N PHE A 189 20.97 -0.33 20.16
CA PHE A 189 20.85 1.09 20.03
C PHE A 189 20.33 1.38 18.64
N GLN A 190 19.78 2.61 18.47
CA GLN A 190 19.23 3.03 17.19
C GLN A 190 18.03 2.13 16.86
C01 IWP B . -8.16 6.02 10.18
C02 IWP B . -8.30 7.39 10.02
C03 IWP B . -8.64 5.41 11.34
C04 IWP B . -8.81 8.17 11.05
C05 IWP B . -9.48 1.88 15.81
C06 IWP B . -8.26 1.42 16.09
C07 IWP B . -11.59 2.61 13.71
C08 IWP B . -15.06 1.97 11.35
C09 IWP B . -9.47 5.55 13.71
C10 IWP B . -9.12 6.19 12.39
C11 IWP B . -9.28 7.56 12.22
C12 IWP B . -16.18 2.60 11.89
C13 IWP B . -9.32 2.59 14.63
C14 IWP B . -12.38 3.63 13.10
C15 IWP B . -10.42 3.25 14.00
C16 IWP B . -13.73 3.27 12.66
C17 IWP B . -15.98 3.59 12.84
F18 IWP B . -9.88 8.30 13.17
F19 IWP B . -17.42 2.25 11.50
N20 IWP B . -13.83 2.30 11.74
N21 IWP B . -14.75 3.93 13.23
N22 IWP B . -11.73 4.84 13.01
N23 IWP B . -8.07 2.60 14.16
N24 IWP B . -10.51 4.53 13.59
O25 IWP B . -17.04 4.24 13.40
O26 IWP B . -7.35 1.80 15.13
H01 IWP B . -7.67 5.43 9.42
H02 IWP B . -8.01 7.86 9.08
H03 IWP B . -8.65 4.33 11.42
H04 IWP B . -8.85 9.25 10.95
H05 IWP B . -10.39 1.74 16.38
H06 IWP B . -7.91 0.82 16.91
H07 IWP B . -11.85 1.57 13.91
H08 IWP B . -15.17 1.19 10.61
H091 IWP B . -8.57 5.09 14.14
H092 IWP B . -9.83 6.32 14.41
H25 IWP B . -16.79 5.17 13.52
CHA HEM C . 0.55 -2.30 -7.39
CHB HEM C . 2.77 -4.22 -3.69
CHC HEM C . -0.96 -6.99 -2.91
CHD HEM C . -2.78 -5.70 -7.15
C1A HEM C . 1.43 -2.52 -6.38
C2A HEM C . 2.53 -1.74 -6.14
C3A HEM C . 3.15 -2.28 -5.06
C4A HEM C . 2.47 -3.43 -4.75
CMA HEM C . 4.27 -1.71 -4.33
CAA HEM C . 2.95 -0.57 -6.89
CBA HEM C . 3.14 0.57 -6.03
CGA HEM C . 4.16 1.45 -6.59
O1A HEM C . 5.06 0.97 -7.26
O2A HEM C . 4.10 2.64 -6.39
C1B HEM C . 1.92 -5.09 -3.12
C2B HEM C . 2.05 -5.59 -1.86
C3B HEM C . 0.88 -6.19 -1.56
C4B HEM C . 0.17 -6.25 -2.72
CMB HEM C . 3.19 -5.41 -0.97
CAB HEM C . 0.61 -6.97 -0.36
CBB HEM C . 0.83 -6.52 0.89
C1C HEM C . -1.84 -6.78 -3.91
C2C HEM C . -3.11 -7.29 -3.95
C3C HEM C . -3.59 -7.01 -5.19
C4C HEM C . -2.63 -6.28 -5.84
CMC HEM C . -3.81 -7.95 -2.87
CAC HEM C . -4.71 -7.69 -5.84
CBC HEM C . -4.69 -8.97 -6.24
C1D HEM C . -1.88 -4.73 -7.67
C2D HEM C . -1.90 -4.24 -8.94
C3D HEM C . -0.94 -3.28 -9.00
C4D HEM C . -0.44 -3.16 -7.74
CMD HEM C . -2.72 -4.71 -10.04
CAD HEM C . -0.38 -2.69 -10.21
CBD HEM C . 0.43 -1.52 -9.91
CGD HEM C . -0.42 -0.44 -9.45
O1D HEM C . -1.02 -0.56 -8.40
O2D HEM C . -0.50 0.58 -10.11
NA HEM C . 1.36 -3.59 -5.54
NB HEM C . 0.71 -5.45 -3.68
NC HEM C . -1.57 -6.02 -5.02
ND HEM C . -0.88 -4.16 -6.93
FE HEM C . -0.09 -4.81 -5.30
HHB HEM C . 3.72 -4.03 -3.18
HHC HEM C . -1.07 -7.90 -2.32
HHD HEM C . -3.72 -5.88 -7.68
HMA HEM C . 4.63 -0.81 -4.85
HMAA HEM C . 5.08 -2.44 -4.26
HMAB HEM C . 3.94 -1.43 -3.32
HAA HEM C . 3.90 -0.80 -7.41
HAAA HEM C . 2.19 -0.34 -7.64
HBA HEM C . 2.20 1.12 -5.94
HBAA HEM C . 3.46 0.24 -5.04
HMB HEM C . 3.60 -4.40 -1.10
HMBA HEM C . 3.97 -6.14 -1.20
HMBB HEM C . 2.86 -5.53 0.07
HAB HEM C . 0.35 -8.01 -0.48
HBB HEM C . 1.81 -6.08 1.11
HBBA HEM C . -0.02 -6.36 1.54
HMC HEM C . -3.11 -8.54 -2.27
HMCA HEM C . -4.30 -7.20 -2.23
HMCB HEM C . -4.59 -8.61 -3.28
HAC HEM C . -5.63 -7.13 -5.98
HBC HEM C . -5.39 -9.28 -7.00
HBCA HEM C . -4.21 -9.70 -5.58
HMD HEM C . -3.35 -5.55 -9.70
HMDA HEM C . -3.37 -3.90 -10.40
HMDB HEM C . -2.08 -5.05 -10.86
HAD HEM C . -1.20 -2.40 -10.88
HADA HEM C . 0.24 -3.44 -10.71
HBD HEM C . 1.16 -1.76 -9.13
HBDA HEM C . 0.97 -1.20 -10.81
HHA HEM C . 0.64 -1.37 -7.96
C CMO D . -1.02 -3.48 -4.32
O CMO D . -1.58 -2.68 -3.72
N MET A 1 -4.84 -0.13 -10.92
CA MET A 1 -5.30 0.14 -9.53
C MET A 1 -5.58 1.61 -9.35
N MET A 2 -6.81 2.05 -9.67
CA MET A 2 -7.14 3.44 -9.51
C MET A 2 -8.63 3.56 -9.27
N GLY A 3 -9.43 2.63 -9.84
CA GLY A 3 -10.87 2.70 -9.65
C GLY A 3 -11.23 2.29 -8.23
N MET A 4 -10.58 1.22 -7.69
CA MET A 4 -10.92 0.79 -6.35
C MET A 4 -10.16 1.58 -5.33
N VAL A 5 -9.23 2.45 -5.75
CA VAL A 5 -8.52 3.25 -4.78
C VAL A 5 -9.40 4.44 -4.51
N PHE A 6 -10.27 4.77 -5.50
CA PHE A 6 -11.18 5.88 -5.34
C PHE A 6 -12.28 5.44 -4.42
N THR A 7 -12.73 4.16 -4.54
CA THR A 7 -13.82 3.67 -3.71
C THR A 7 -13.43 3.73 -2.26
N GLY A 8 -12.21 3.26 -1.89
CA GLY A 8 -11.80 3.30 -0.50
C GLY A 8 -11.73 4.71 0.02
N LEU A 9 -11.22 5.65 -0.81
CA LEU A 9 -11.07 7.04 -0.38
C LEU A 9 -12.43 7.70 -0.13
N MET A 10 -13.45 7.41 -0.97
CA MET A 10 -14.75 8.05 -0.82
C MET A 10 -15.41 7.57 0.46
N GLU A 11 -15.28 6.26 0.76
CA GLU A 11 -15.90 5.67 1.92
C GLU A 11 -15.22 6.13 3.20
N LEU A 12 -13.90 6.46 3.12
CA LEU A 12 -13.18 6.86 4.32
C LEU A 12 -13.58 8.25 4.76
N ILE A 13 -13.74 9.22 3.82
CA ILE A 13 -14.03 10.59 4.24
C ILE A 13 -15.49 10.73 4.60
N GLU A 14 -16.37 9.84 4.07
CA GLU A 14 -17.78 9.99 4.35
C GLU A 14 -18.08 9.54 5.76
N ASP A 15 -17.45 8.42 6.19
CA ASP A 15 -17.72 7.87 7.50
C ASP A 15 -16.92 8.59 8.57
N GLU A 16 -15.67 9.01 8.27
CA GLU A 16 -14.85 9.60 9.30
C GLU A 16 -15.29 11.00 9.65
N PHE A 17 -15.60 11.88 8.66
CA PHE A 17 -15.96 13.22 9.07
C PHE A 17 -17.31 13.66 8.58
N GLY A 18 -17.87 13.09 7.49
CA GLY A 18 -19.17 13.54 7.07
C GLY A 18 -19.26 13.51 5.57
N TYR A 19 -20.44 13.90 5.05
CA TYR A 19 -20.64 13.84 3.63
C TYR A 19 -20.44 15.23 3.10
N GLU A 20 -20.50 16.25 4.01
CA GLU A 20 -20.28 17.62 3.62
C GLU A 20 -18.82 17.77 3.29
N THR A 21 -17.94 17.12 4.09
CA THR A 21 -16.53 17.20 3.85
C THR A 21 -16.23 16.49 2.56
N LEU A 22 -16.89 15.33 2.31
CA LEU A 22 -16.67 14.61 1.06
C LEU A 22 -17.18 15.47 -0.09
N ASP A 23 -18.15 16.37 0.18
CA ASP A 23 -18.69 17.24 -0.85
C ASP A 23 -17.62 18.22 -1.29
N THR A 24 -16.82 18.74 -0.32
CA THR A 24 -15.77 19.70 -0.64
C THR A 24 -14.74 19.04 -1.52
N LEU A 25 -14.39 17.76 -1.23
CA LEU A 25 -13.39 17.05 -2.01
C LEU A 25 -13.86 16.95 -3.45
N LEU A 26 -15.17 16.69 -3.66
CA LEU A 26 -15.73 16.55 -4.98
C LEU A 26 -15.64 17.87 -5.72
N GLU A 27 -15.82 19.00 -4.99
CA GLU A 27 -15.78 20.30 -5.64
C GLU A 27 -14.39 20.57 -6.17
N SER A 28 -13.34 20.16 -5.43
CA SER A 28 -11.98 20.39 -5.87
C SER A 28 -11.74 19.68 -7.18
N CYS A 29 -12.28 18.46 -7.36
CA CYS A 29 -12.03 17.75 -8.60
C CYS A 29 -13.30 17.74 -9.42
N GLU A 30 -13.34 18.54 -10.50
CA GLU A 30 -14.50 18.59 -11.37
C GLU A 30 -14.65 17.25 -12.06
N LEU A 31 -15.90 16.78 -12.19
CA LEU A 31 -16.13 15.50 -12.83
C LEU A 31 -16.97 15.73 -14.06
N GLN A 32 -16.52 15.17 -15.19
CA GLN A 32 -17.25 15.34 -16.43
C GLN A 32 -18.31 14.27 -16.55
N SER A 33 -18.02 13.03 -16.10
CA SER A 33 -18.98 11.96 -16.23
C SER A 33 -19.75 11.81 -14.94
N GLU A 34 -20.07 10.55 -14.56
CA GLU A 34 -20.82 10.29 -13.35
C GLU A 34 -19.97 10.67 -12.17
N GLY A 35 -18.67 10.31 -12.22
CA GLY A 35 -17.79 10.65 -11.14
C GLY A 35 -17.44 9.43 -10.33
N ILE A 36 -18.23 8.33 -10.41
CA ILE A 36 -17.89 7.17 -9.63
C ILE A 36 -18.17 5.95 -10.48
N TYR A 37 -17.09 5.36 -11.06
CA TYR A 37 -17.24 4.19 -11.90
C TYR A 37 -17.04 2.95 -11.10
N THR A 38 -16.27 2.01 -11.70
CA THR A 38 -15.96 0.75 -11.09
C THR A 38 -14.49 0.54 -11.39
N SER A 39 -13.88 -0.58 -10.94
CA SER A 39 -12.48 -0.78 -11.21
C SER A 39 -12.33 -1.36 -12.59
N VAL A 40 -11.75 -0.55 -13.52
CA VAL A 40 -11.56 -1.02 -14.88
C VAL A 40 -10.92 0.09 -15.69
N GLY A 41 -10.75 1.30 -15.09
CA GLY A 41 -10.18 2.40 -15.83
C GLY A 41 -8.69 2.44 -15.64
N SER A 42 -8.14 3.67 -15.48
CA SER A 42 -6.70 3.86 -15.34
C SER A 42 -6.43 5.34 -15.51
N TYR A 43 -6.65 6.14 -14.44
CA TYR A 43 -6.43 7.56 -14.53
C TYR A 43 -4.97 7.87 -14.27
N ASP A 44 -4.65 9.19 -14.24
CA ASP A 44 -3.30 9.63 -14.04
C ASP A 44 -2.94 9.49 -12.58
N HIS A 45 -1.66 9.81 -12.27
CA HIS A 45 -1.16 9.69 -10.93
C HIS A 45 -1.46 10.99 -10.21
N GLN A 46 -1.41 12.12 -10.96
CA GLN A 46 -1.66 13.42 -10.37
C GLN A 46 -3.11 13.53 -9.98
N GLU A 47 -3.98 12.67 -10.58
CA GLU A 47 -5.41 12.72 -10.26
C GLU A 47 -5.57 12.37 -8.79
N LEU A 48 -4.92 11.26 -8.35
CA LEU A 48 -4.98 10.83 -6.97
C LEU A 48 -4.31 11.84 -6.08
N LEU A 49 -3.25 12.51 -6.59
CA LEU A 49 -2.51 13.44 -5.77
C LEU A 49 -3.34 14.68 -5.51
N GLN A 50 -4.20 15.07 -6.49
CA GLN A 50 -5.02 16.25 -6.33
C GLN A 50 -6.00 16.03 -5.19
N LEU A 51 -6.55 14.79 -5.06
CA LEU A 51 -7.49 14.53 -3.97
C LEU A 51 -6.74 14.29 -2.68
N VAL A 52 -5.41 14.13 -2.78
CA VAL A 52 -4.64 13.87 -1.58
C VAL A 52 -4.22 15.19 -0.97
N VAL A 53 -3.85 16.18 -1.82
CA VAL A 53 -3.44 17.47 -1.28
C VAL A 53 -4.66 18.16 -0.71
N LYS A 54 -5.88 17.92 -1.28
CA LYS A 54 -7.05 18.54 -0.71
C LYS A 54 -7.35 17.89 0.61
N LEU A 55 -7.07 16.56 0.77
CA LEU A 55 -7.31 15.89 2.05
C LEU A 55 -6.28 16.31 3.05
N SER A 56 -5.20 16.97 2.60
CA SER A 56 -4.19 17.32 3.55
C SER A 56 -4.47 18.72 4.04
N GLU A 57 -5.31 19.49 3.30
CA GLU A 57 -5.61 20.84 3.73
C GLU A 57 -7.01 20.91 4.29
N VAL A 58 -7.89 19.93 3.95
CA VAL A 58 -9.24 19.98 4.45
C VAL A 58 -9.31 19.37 5.84
N SER A 59 -8.58 18.25 6.10
CA SER A 59 -8.67 17.66 7.41
C SER A 59 -7.43 17.99 8.22
N SER A 60 -6.40 18.62 7.59
CA SER A 60 -5.19 18.97 8.29
C SER A 60 -4.48 17.69 8.67
N VAL A 61 -4.53 16.69 7.78
CA VAL A 61 -3.88 15.42 8.05
C VAL A 61 -2.70 15.34 7.13
N PRO A 62 -1.55 15.05 7.72
CA PRO A 62 -0.31 14.93 6.97
C PRO A 62 -0.38 13.86 5.93
N VAL A 63 0.40 14.02 4.85
CA VAL A 63 0.37 13.05 3.78
C VAL A 63 0.95 11.72 4.22
N THR A 64 1.86 11.70 5.23
CA THR A 64 2.45 10.45 5.63
C THR A 64 1.51 9.72 6.58
N GLU A 65 0.81 10.47 7.45
CA GLU A 65 -0.13 9.86 8.38
C GLU A 65 -1.33 9.38 7.61
N LEU A 66 -1.70 10.13 6.54
CA LEU A 66 -2.87 9.80 5.76
C LEU A 66 -2.53 8.71 4.77
N VAL A 67 -1.24 8.37 4.59
CA VAL A 67 -0.90 7.35 3.62
C VAL A 67 -0.85 6.03 4.35
N ARG A 68 -0.57 6.07 5.68
CA ARG A 68 -0.49 4.85 6.47
C ARG A 68 -1.89 4.32 6.71
N LEU A 69 -2.82 5.19 7.22
CA LEU A 69 -4.18 4.76 7.51
C LEU A 69 -4.88 4.33 6.24
N PHE A 70 -4.66 5.05 5.12
CA PHE A 70 -5.31 4.69 3.86
C PHE A 70 -4.90 3.28 3.46
N GLY A 71 -3.61 2.93 3.67
CA GLY A 71 -3.12 1.62 3.28
C GLY A 71 -3.88 0.53 4.01
N LYS A 72 -4.15 0.72 5.33
CA LYS A 72 -4.87 -0.29 6.11
C LYS A 72 -6.26 -0.58 5.57
N LYS A 73 -7.06 0.47 5.28
CA LYS A 73 -8.43 0.25 4.83
C LYS A 73 -8.52 -0.52 3.51
N LEU A 74 -7.78 -0.09 2.47
CA LEU A 74 -7.88 -0.74 1.18
C LEU A 74 -7.36 -2.18 1.21
N PHE A 75 -6.26 -2.46 1.93
CA PHE A 75 -5.72 -3.81 1.94
C PHE A 75 -6.70 -4.82 2.53
N VAL A 76 -7.36 -4.48 3.66
CA VAL A 76 -8.29 -5.43 4.28
C VAL A 76 -9.51 -5.57 3.39
N GLU A 77 -9.75 -4.61 2.48
CA GLU A 77 -10.88 -4.71 1.58
C GLU A 77 -10.63 -5.84 0.60
N LEU A 78 -9.37 -6.00 0.14
CA LEU A 78 -9.05 -7.05 -0.81
C LEU A 78 -9.13 -8.39 -0.11
N ILE A 79 -8.87 -8.44 1.22
CA ILE A 79 -8.95 -9.70 1.94
C ILE A 79 -10.41 -10.14 1.92
N GLU A 80 -11.34 -9.19 2.10
CA GLU A 80 -12.75 -9.51 2.12
C GLU A 80 -13.27 -9.51 0.70
N GLY A 81 -12.39 -9.27 -0.30
CA GLY A 81 -12.81 -9.23 -1.67
C GLY A 81 -12.51 -10.56 -2.32
N HIS A 82 -11.41 -11.23 -1.90
CA HIS A 82 -11.06 -12.50 -2.51
C HIS A 82 -10.90 -13.52 -1.42
N PRO A 83 -11.98 -14.23 -1.18
CA PRO A 83 -12.03 -15.28 -0.17
C PRO A 83 -11.06 -16.42 -0.41
N GLU A 84 -10.86 -16.81 -1.68
CA GLU A 84 -9.97 -17.91 -1.95
C GLU A 84 -8.56 -17.43 -2.07
N ILE A 85 -8.32 -16.09 -2.00
CA ILE A 85 -6.96 -15.64 -2.08
C ILE A 85 -6.43 -15.77 -0.67
N ALA A 86 -7.34 -15.64 0.32
CA ALA A 86 -6.97 -15.76 1.71
C ALA A 86 -6.72 -17.22 2.04
N ASN A 87 -7.55 -18.13 1.47
CA ASN A 87 -7.40 -19.55 1.77
C ASN A 87 -6.10 -20.09 1.20
N GLU A 88 -5.67 -19.62 0.01
CA GLU A 88 -4.45 -20.13 -0.59
C GLU A 88 -3.23 -19.70 0.21
N MET A 89 -3.32 -18.58 0.96
CA MET A 89 -2.18 -18.12 1.72
C MET A 89 -2.07 -18.91 3.01
N LYS A 90 -0.84 -19.01 3.57
CA LYS A 90 -0.64 -19.78 4.77
C LYS A 90 -0.12 -18.90 5.87
N ASP A 91 0.58 -17.80 5.52
CA ASP A 91 1.14 -16.95 6.54
C ASP A 91 1.63 -15.71 5.85
N SER A 92 2.02 -14.68 6.63
CA SER A 92 2.51 -13.45 6.03
C SER A 92 3.90 -13.66 5.47
N PHE A 93 4.70 -14.59 6.04
CA PHE A 93 6.03 -14.83 5.52
C PHE A 93 5.88 -15.48 4.17
N ASP A 94 5.01 -16.53 4.09
CA ASP A 94 4.75 -17.18 2.83
C ASP A 94 4.19 -16.19 1.83
N LEU A 95 3.43 -15.18 2.33
CA LEU A 95 2.86 -14.15 1.46
C LEU A 95 3.97 -13.43 0.75
N LEU A 96 5.13 -13.20 1.42
CA LEU A 96 6.23 -12.47 0.81
C LEU A 96 6.82 -13.30 -0.31
N SER A 97 6.81 -14.64 -0.16
CA SER A 97 7.37 -15.50 -1.19
C SER A 97 6.29 -15.88 -2.19
N LYS A 98 5.12 -15.20 -2.18
CA LYS A 98 4.05 -15.58 -3.09
C LYS A 98 3.62 -14.34 -3.85
N ILE A 99 4.11 -13.14 -3.44
CA ILE A 99 3.70 -11.89 -4.05
C ILE A 99 4.05 -11.85 -5.54
N ASP A 100 5.31 -12.16 -5.91
CA ASP A 100 5.67 -12.08 -7.30
C ASP A 100 5.27 -13.30 -8.10
N SER A 101 5.24 -14.50 -7.48
CA SER A 101 4.95 -15.71 -8.24
C SER A 101 3.52 -15.74 -8.78
N PHE A 102 2.48 -15.54 -7.93
CA PHE A 102 1.14 -15.66 -8.48
C PHE A 102 0.28 -14.43 -8.27
N ILE A 103 0.43 -13.72 -7.14
CA ILE A 103 -0.45 -12.58 -6.89
C ILE A 103 -0.37 -11.53 -7.99
N HIS A 104 0.81 -11.04 -8.42
CA HIS A 104 0.82 -10.00 -9.43
C HIS A 104 0.94 -10.61 -10.81
N VAL A 105 0.98 -11.95 -10.92
CA VAL A 105 1.07 -12.57 -12.22
C VAL A 105 -0.33 -12.83 -12.69
N GLU A 106 -1.20 -13.27 -11.76
CA GLU A 106 -2.56 -13.54 -12.10
C GLU A 106 -3.25 -12.25 -12.47
N VAL A 107 -2.97 -11.15 -11.73
CA VAL A 107 -3.61 -9.88 -12.05
C VAL A 107 -3.11 -9.37 -13.40
N TYR A 108 -1.78 -9.43 -13.64
CA TYR A 108 -1.21 -8.97 -14.91
C TYR A 108 -1.86 -9.66 -16.09
N LYS A 109 -2.16 -10.97 -15.96
CA LYS A 109 -2.74 -11.68 -17.07
C LYS A 109 -4.19 -11.28 -17.22
N LEU A 110 -4.90 -11.09 -16.09
CA LEU A 110 -6.31 -10.74 -16.15
C LEU A 110 -6.51 -9.24 -16.03
N TYR A 111 -5.50 -8.40 -16.36
CA TYR A 111 -5.67 -6.96 -16.25
C TYR A 111 -4.45 -6.36 -16.90
N PRO A 112 -4.59 -6.07 -18.18
CA PRO A 112 -3.51 -5.55 -19.00
C PRO A 112 -3.24 -4.07 -18.88
N GLN A 113 -4.01 -3.34 -18.05
CA GLN A 113 -3.78 -1.91 -17.93
C GLN A 113 -2.85 -1.62 -16.78
N ALA A 114 -2.10 -2.63 -16.29
CA ALA A 114 -1.19 -2.38 -15.20
C ALA A 114 0.21 -2.71 -15.67
N GLU A 115 1.22 -2.10 -15.01
CA GLU A 115 2.59 -2.35 -15.40
C GLU A 115 3.41 -2.38 -14.13
N LEU A 116 4.37 -3.34 -14.05
CA LEU A 116 5.18 -3.45 -12.86
C LEU A 116 6.64 -3.50 -13.26
N PRO A 117 7.46 -3.13 -12.31
CA PRO A 117 8.91 -3.10 -12.48
C PRO A 117 9.59 -4.42 -12.18
N LYS A 118 10.86 -4.36 -11.67
CA LYS A 118 11.58 -5.60 -11.40
C LYS A 118 11.54 -5.88 -9.92
N PHE A 119 11.49 -7.19 -9.54
CA PHE A 119 11.42 -7.58 -8.14
C PHE A 119 12.32 -8.77 -7.92
N THR A 120 13.17 -8.73 -6.85
CA THR A 120 14.03 -9.86 -6.54
C THR A 120 13.96 -10.07 -5.05
N CYS A 121 14.36 -11.28 -4.56
CA CYS A 121 14.30 -11.53 -3.14
C CYS A 121 15.45 -12.39 -2.70
N ASP A 122 16.28 -11.84 -1.79
CA ASP A 122 17.42 -12.57 -1.28
C ASP A 122 17.07 -12.99 0.14
N ARG A 123 17.69 -14.09 0.63
CA ARG A 123 17.41 -14.54 1.97
C ARG A 123 18.69 -14.52 2.76
N LEU A 124 18.73 -13.72 3.85
CA LEU A 124 19.91 -13.66 4.67
C LEU A 124 19.83 -14.69 5.76
N GLY A 125 18.60 -15.09 6.16
CA GLY A 125 18.50 -16.07 7.21
C GLY A 125 17.06 -16.22 7.59
N ASP A 126 16.80 -16.40 8.91
CA ASP A 126 15.45 -16.59 9.36
C ASP A 126 14.90 -15.29 9.90
N ASN A 127 15.74 -14.51 10.62
CA ASN A 127 15.27 -13.27 11.19
C ASN A 127 15.64 -12.10 10.31
N ASP A 128 16.16 -12.36 9.08
CA ASP A 128 16.53 -11.27 8.19
C ASP A 128 16.09 -11.70 6.82
N ILE A 129 15.57 -10.79 5.96
CA ILE A 129 15.13 -11.16 4.64
C ILE A 129 15.37 -9.89 3.85
N ARG A 130 15.62 -9.93 2.53
CA ARG A 130 15.87 -8.68 1.83
C ARG A 130 15.03 -8.61 0.60
N LEU A 131 14.41 -7.43 0.35
CA LEU A 131 13.62 -7.26 -0.83
C LEU A 131 14.20 -6.11 -1.60
N HIS A 132 14.46 -6.32 -2.91
CA HIS A 132 15.00 -5.26 -3.73
C HIS A 132 13.92 -4.86 -4.67
N TYR A 133 13.71 -3.53 -4.82
CA TYR A 133 12.66 -3.08 -5.70
C TYR A 133 13.27 -2.05 -6.61
N GLN A 134 13.19 -2.28 -7.95
CA GLN A 134 13.76 -1.33 -8.89
C GLN A 134 12.63 -0.63 -9.58
N SER A 135 12.44 0.66 -9.21
CA SER A 135 11.38 1.46 -9.79
C SER A 135 11.79 2.92 -9.75
N LYS A 136 11.18 3.75 -10.63
CA LYS A 136 11.51 5.16 -10.67
C LYS A 136 10.55 5.93 -9.80
N ARG A 137 9.60 5.25 -9.13
CA ARG A 137 8.66 5.96 -8.28
C ARG A 137 8.62 5.23 -6.96
N PRO A 138 9.64 5.43 -6.16
CA PRO A 138 9.78 4.77 -4.89
C PRO A 138 9.33 5.56 -3.69
N PHE A 139 8.10 5.30 -3.20
CA PHE A 139 7.64 5.99 -2.01
C PHE A 139 7.64 4.96 -0.91
N ALA A 140 8.56 5.16 0.07
CA ALA A 140 8.70 4.23 1.17
C ALA A 140 7.45 4.21 2.03
N SER A 141 6.83 5.38 2.28
CA SER A 141 5.65 5.44 3.11
C SER A 141 4.53 4.60 2.54
N PHE A 142 4.37 4.61 1.20
CA PHE A 142 3.30 3.84 0.57
C PHE A 142 3.54 2.35 0.75
N ALA A 143 4.79 1.89 0.54
CA ALA A 143 5.09 0.47 0.65
C ALA A 143 4.84 -0.04 2.04
N GLU A 144 5.18 0.75 3.10
CA GLU A 144 4.97 0.30 4.46
C GLU A 144 3.49 0.19 4.73
N GLY A 145 2.68 1.07 4.12
CA GLY A 145 1.26 1.07 4.33
C GLY A 145 0.66 -0.26 3.92
N LEU A 146 1.16 -0.87 2.81
CA LEU A 146 0.58 -2.12 2.35
C LEU A 146 1.15 -3.31 3.10
N LEU A 147 2.48 -3.31 3.43
CA LEU A 147 3.08 -4.46 4.09
C LEU A 147 2.58 -4.56 5.52
N ASP A 148 2.46 -3.42 6.21
CA ASP A 148 2.02 -3.42 7.58
C ASP A 148 0.53 -3.70 7.66
N GLY A 149 -0.25 -3.32 6.61
CA GLY A 149 -1.68 -3.56 6.64
C GLY A 149 -1.93 -5.06 6.68
N CYS A 150 -1.16 -5.81 5.86
CA CYS A 150 -1.29 -7.26 5.84
C CYS A 150 -0.98 -7.80 7.22
N ALA A 151 0.06 -7.27 7.89
CA ALA A 151 0.41 -7.76 9.22
C ALA A 151 -0.62 -7.27 10.21
N GLU A 152 -1.54 -6.38 9.77
CA GLU A 152 -2.56 -5.88 10.65
C GLU A 152 -3.64 -6.93 10.79
N TYR A 153 -4.12 -7.49 9.65
CA TYR A 153 -5.15 -8.51 9.72
C TYR A 153 -4.66 -9.72 10.48
N PHE A 154 -3.41 -10.21 10.18
CA PHE A 154 -2.90 -11.39 10.85
C PHE A 154 -2.55 -11.08 12.29
N LYS A 155 -2.26 -9.81 12.62
CA LYS A 155 -1.90 -9.42 13.98
C LYS A 155 -0.56 -10.04 14.32
N GLU A 156 0.47 -9.80 13.46
CA GLU A 156 1.79 -10.32 13.74
C GLU A 156 2.66 -9.17 14.15
N ASP A 157 4.00 -9.38 14.17
CA ASP A 157 4.87 -8.31 14.57
C ASP A 157 6.15 -8.38 13.78
N PHE A 158 6.13 -7.83 12.54
CA PHE A 158 7.31 -7.82 11.71
C PHE A 158 7.68 -6.36 11.57
N THR A 159 8.98 -6.07 11.30
CA THR A 159 9.38 -4.68 11.18
C THR A 159 10.08 -4.48 9.87
N ILE A 160 9.63 -3.47 9.11
CA ILE A 160 10.23 -3.16 7.82
C ILE A 160 11.20 -2.03 8.04
N SER A 161 12.46 -2.20 7.56
CA SER A 161 13.47 -1.17 7.73
C SER A 161 14.00 -0.77 6.37
N ARG A 162 15.08 0.03 6.37
CA ARG A 162 15.66 0.51 5.13
C ARG A 162 17.13 0.77 5.37
N THR A 163 17.95 0.78 4.28
CA THR A 163 19.37 1.03 4.47
C THR A 163 19.66 2.44 4.01
N PRO A 164 20.67 3.01 4.63
CA PRO A 164 21.11 4.38 4.36
C PRO A 164 21.84 4.56 3.05
N GLU A 165 22.25 3.46 2.39
CA GLU A 165 22.96 3.58 1.15
C GLU A 165 22.00 4.08 0.08
N THR A 166 20.76 3.54 0.08
CA THR A 166 19.80 3.95 -0.91
C THR A 166 18.65 4.62 -0.19
N GLN A 167 18.89 5.05 1.06
CA GLN A 167 17.87 5.71 1.85
C GLN A 167 17.44 6.98 1.16
N ASP A 168 18.40 7.74 0.58
CA ASP A 168 18.02 8.97 -0.07
C ASP A 168 18.44 8.88 -1.52
N SER A 169 18.09 7.76 -2.19
CA SER A 169 18.44 7.61 -3.59
C SER A 169 17.27 6.93 -4.26
N GLU A 170 17.04 7.25 -5.54
CA GLU A 170 15.93 6.67 -6.25
C GLU A 170 16.44 5.61 -7.19
N THR A 171 15.48 4.90 -7.85
CA THR A 171 15.75 3.84 -8.83
C THR A 171 15.96 2.50 -8.13
N ASP A 172 16.61 2.47 -6.94
CA ASP A 172 16.82 1.20 -6.30
C ASP A 172 16.74 1.42 -4.81
N VAL A 173 15.97 0.53 -4.11
CA VAL A 173 15.84 0.67 -2.67
C VAL A 173 16.06 -0.69 -2.05
N ILE A 174 16.84 -0.71 -0.95
CA ILE A 174 17.13 -1.95 -0.25
C ILE A 174 16.35 -1.94 1.04
N PHE A 175 15.49 -2.97 1.20
CA PHE A 175 14.69 -3.07 2.40
C PHE A 175 15.13 -4.26 3.20
N ASN A 176 15.01 -4.13 4.54
CA ASN A 176 15.44 -5.17 5.44
C ASN A 176 14.26 -5.51 6.33
N ILE A 177 13.82 -6.79 6.31
CA ILE A 177 12.70 -7.20 7.13
C ILE A 177 13.29 -8.04 8.24
N THR A 178 12.95 -7.69 9.51
CA THR A 178 13.51 -8.40 10.64
C THR A 178 12.40 -8.90 11.51
N ARG A 179 12.53 -10.15 12.03
CA ARG A 179 11.52 -10.70 12.90
C ARG A 179 11.99 -10.46 14.31
N ALA A 180 11.27 -9.61 15.07
CA ALA A 180 11.66 -9.33 16.43
C ALA A 180 11.00 -10.34 17.32
N PRO A 181 11.46 -10.41 18.55
CA PRO A 181 10.91 -11.31 19.57
C PRO A 181 9.44 -11.08 19.79
N ARG A 182 9.00 -9.86 19.40
CA ARG A 182 7.61 -9.46 19.48
C ARG A 182 7.32 -8.88 20.84
N GLY A 183 8.29 -8.95 21.78
CA GLY A 183 8.03 -8.41 23.08
C GLY A 183 9.32 -7.88 23.66
N ALA A 184 10.22 -7.38 22.80
CA ALA A 184 11.46 -6.86 23.29
C ALA A 184 11.92 -5.78 22.35
N GLU A 185 12.62 -4.76 22.91
CA GLU A 185 13.11 -3.69 22.09
C GLU A 185 14.23 -3.02 22.82
N ASN A 186 15.11 -2.28 22.06
CA ASN A 186 16.22 -1.56 22.65
C ASN A 186 17.23 -2.57 23.15
N LEU A 187 17.36 -3.71 22.42
CA LEU A 187 18.29 -4.74 22.82
C LEU A 187 19.70 -4.28 22.51
N TYR A 188 19.92 -3.60 21.36
CA TYR A 188 21.25 -3.17 21.01
C TYR A 188 21.26 -1.68 20.93
N PHE A 189 21.40 -1.12 19.70
CA PHE A 189 21.44 0.30 19.54
C PHE A 189 20.88 0.64 18.19
N GLN A 190 20.47 1.93 18.03
CA GLN A 190 19.91 2.40 16.78
C GLN A 190 18.60 1.64 16.52
C01 IWP B . -8.20 6.14 10.28
C02 IWP B . -8.28 7.51 10.08
C03 IWP B . -8.68 5.58 11.47
C04 IWP B . -8.77 8.33 11.08
C05 IWP B . -9.81 2.18 15.88
C06 IWP B . -8.62 1.65 16.17
C07 IWP B . -11.85 2.95 13.71
C08 IWP B . -15.27 2.79 11.03
C09 IWP B . -9.62 5.81 13.80
C10 IWP B . -9.17 6.41 12.47
C11 IWP B . -9.25 7.78 12.27
C12 IWP B . -16.39 3.16 11.76
C13 IWP B . -9.61 2.84 14.68
C14 IWP B . -12.58 4.01 13.09
C15 IWP B . -10.67 3.55 14.02
C16 IWP B . -13.93 3.71 12.62
C17 IWP B . -16.19 3.82 12.97
F18 IWP B . -9.80 8.57 13.21
F19 IWP B . -17.63 2.87 11.34
N20 IWP B . -14.03 3.06 11.44
N21 IWP B . -14.96 4.11 13.40
N22 IWP B . -11.88 5.19 13.02
N23 IWP B . -8.37 2.75 14.21
N24 IWP B . -10.70 4.83 13.63
O25 IWP B . -17.25 4.20 13.72
O26 IWP B . -7.69 1.94 15.21
H01 IWP B . -7.77 5.49 9.52
H02 IWP B . -7.96 7.93 9.13
H03 IWP B . -8.67 4.50 11.61
H04 IWP B . -8.77 9.41 10.96
H05 IWP B . -10.72 2.12 16.46
H06 IWP B . -8.30 1.05 17.01
H07 IWP B . -12.16 1.92 13.88
H08 IWP B . -15.38 2.26 10.07
H091 IWP B . -8.77 5.32 14.27
H092 IWP B . -9.97 6.62 14.45
H25 IWP B . -17.03 4.04 14.66
CHA HEM C . 0.94 -2.74 -7.65
CHB HEM C . 2.89 -4.38 -3.68
CHC HEM C . -0.83 -7.20 -2.98
CHD HEM C . -2.75 -5.73 -7.11
C1A HEM C . 1.70 -2.85 -6.55
C2A HEM C . 2.71 -1.99 -6.22
C3A HEM C . 3.36 -2.54 -5.15
C4A HEM C . 2.64 -3.64 -4.79
CMA HEM C . 4.48 -1.97 -4.43
CAA HEM C . 3.06 -0.75 -6.89
CBA HEM C . 3.24 0.34 -5.95
CGA HEM C . 4.33 1.20 -6.40
O1A HEM C . 5.22 0.74 -7.08
O2A HEM C . 4.34 2.38 -6.08
C1B HEM C . 2.01 -5.23 -3.11
C2B HEM C . 2.16 -5.77 -1.88
C3B HEM C . 1.11 -6.63 -1.69
C4B HEM C . 0.31 -6.51 -2.79
CMB HEM C . 3.20 -5.46 -0.92
CAB HEM C . 0.70 -7.17 -0.41
CBB HEM C . 1.10 -6.66 0.78
C1C HEM C . -1.74 -6.92 -3.95
C2C HEM C . -3.04 -7.34 -3.93
C3C HEM C . -3.56 -7.02 -5.14
C4C HEM C . -2.60 -6.30 -5.80
CMC HEM C . -3.72 -7.98 -2.82
CAC HEM C . -4.68 -7.70 -5.77
CBC HEM C . -4.66 -8.98 -6.18
C1D HEM C . -1.77 -4.88 -7.70
C2D HEM C . -1.76 -4.50 -9.01
C3D HEM C . -0.66 -3.71 -9.18
C4D HEM C . -0.11 -3.56 -7.94
CMD HEM C . -2.76 -4.82 -10.02
CAD HEM C . -0.15 -3.18 -10.43
CBD HEM C . -0.24 -1.73 -10.47
CGD HEM C . -0.67 -1.24 -9.18
O1D HEM C . -1.01 -2.02 -8.31
O2D HEM C . -0.67 -0.04 -8.96
NA HEM C . 1.55 -3.84 -5.61
NB HEM C . 0.82 -5.59 -3.68
NC HEM C . -1.47 -6.15 -5.04
ND HEM C . -0.67 -4.41 -7.03
FE HEM C . 0.05 -5.00 -5.35
HHB HEM C . 3.81 -4.17 -3.15
HHC HEM C . -0.98 -8.10 -2.40
HHD HEM C . -3.72 -5.82 -7.60
HMA HEM C . 4.11 -1.30 -3.64
HMAA HEM C . 5.12 -1.41 -5.13
HMAB HEM C . 5.07 -2.78 -3.98
HAA HEM C . 3.98 -0.89 -7.46
HAAA HEM C . 2.26 -0.48 -7.60
HBA HEM C . 2.32 0.93 -5.89
HBAA HEM C . 3.48 -0.06 -4.96
HMB HEM C . 3.46 -4.39 -0.97
HMBA HEM C . 4.10 -6.06 -1.15
HMBB HEM C . 2.86 -5.70 0.09
HAB HEM C . 0.17 -8.11 -0.41
HBB HEM C . 2.11 -6.28 0.86
HBBA HEM C . 0.33 -6.42 1.52
HMC HEM C . -3.02 -8.62 -2.26
HMCA HEM C . -4.14 -7.23 -2.14
HMCB HEM C . -4.54 -8.60 -3.20
HAC HEM C . -5.59 -7.13 -5.92
HBC HEM C . -5.37 -9.28 -6.93
HBCA HEM C . -4.16 -9.71 -5.54
HMD HEM C . -3.50 -5.50 -9.60
HMDA HEM C . -3.26 -3.89 -10.35
HMDB HEM C . -2.27 -5.29 -10.88
HAD HEM C . -0.73 -3.60 -11.26
HADA HEM C . 0.89 -3.48 -10.54
HBD HEM C . 0.74 -1.31 -10.71
HBDA HEM C . -0.97 -1.43 -11.24
HHA HEM C . 1.18 -1.96 -8.37
C CMO D . -0.85 -3.59 -4.45
O CMO D . -1.39 -2.75 -3.91
N MET A 1 -4.64 -0.27 -10.28
CA MET A 1 -5.37 0.12 -9.04
C MET A 1 -5.58 1.60 -8.99
N MET A 2 -6.76 2.06 -9.47
CA MET A 2 -7.05 3.47 -9.45
C MET A 2 -8.54 3.62 -9.26
N GLY A 3 -9.33 2.71 -9.87
CA GLY A 3 -10.78 2.78 -9.71
C GLY A 3 -11.15 2.34 -8.32
N MET A 4 -10.48 1.28 -7.79
CA MET A 4 -10.82 0.79 -6.46
C MET A 4 -10.14 1.61 -5.40
N VAL A 5 -9.20 2.51 -5.79
CA VAL A 5 -8.55 3.31 -4.78
C VAL A 5 -9.46 4.49 -4.54
N PHE A 6 -10.32 4.79 -5.54
CA PHE A 6 -11.26 5.88 -5.42
C PHE A 6 -12.34 5.44 -4.48
N THR A 7 -12.77 4.15 -4.59
CA THR A 7 -13.84 3.64 -3.74
C THR A 7 -13.44 3.70 -2.30
N GLY A 8 -12.20 3.26 -1.94
CA GLY A 8 -11.78 3.30 -0.56
C GLY A 8 -11.74 4.72 -0.04
N LEU A 9 -11.25 5.67 -0.84
CA LEU A 9 -11.14 7.06 -0.42
C LEU A 9 -12.49 7.68 -0.16
N MET A 10 -13.52 7.39 -1.00
CA MET A 10 -14.85 8.01 -0.84
C MET A 10 -15.48 7.52 0.45
N GLU A 11 -15.29 6.22 0.74
CA GLU A 11 -15.89 5.61 1.92
C GLU A 11 -15.21 6.10 3.19
N LEU A 12 -13.91 6.44 3.12
CA LEU A 12 -13.19 6.87 4.29
C LEU A 12 -13.60 8.26 4.72
N ILE A 13 -13.79 9.22 3.78
CA ILE A 13 -14.11 10.58 4.19
C ILE A 13 -15.56 10.69 4.58
N GLU A 14 -16.44 9.80 4.06
CA GLU A 14 -17.84 9.93 4.36
C GLU A 14 -18.11 9.46 5.77
N ASP A 15 -17.47 8.36 6.18
CA ASP A 15 -17.72 7.80 7.49
C ASP A 15 -16.92 8.51 8.56
N GLU A 16 -15.67 8.93 8.27
CA GLU A 16 -14.85 9.53 9.29
C GLU A 16 -15.30 10.92 9.65
N PHE A 17 -15.62 11.80 8.67
CA PHE A 17 -15.97 13.14 9.08
C PHE A 17 -17.34 13.58 8.61
N GLY A 18 -17.90 13.02 7.52
CA GLY A 18 -19.20 13.49 7.12
C GLY A 18 -19.34 13.46 5.62
N TYR A 19 -20.54 13.84 5.14
CA TYR A 19 -20.78 13.78 3.72
C TYR A 19 -20.59 15.16 3.19
N GLU A 20 -20.64 16.19 4.08
CA GLU A 20 -20.43 17.55 3.67
C GLU A 20 -18.98 17.70 3.31
N THR A 21 -18.09 17.06 4.11
CA THR A 21 -16.68 17.14 3.83
C THR A 21 -16.40 16.43 2.54
N LEU A 22 -17.06 15.26 2.30
CA LEU A 22 -16.85 14.53 1.05
C LEU A 22 -17.40 15.38 -0.09
N ASP A 23 -18.36 16.29 0.20
CA ASP A 23 -18.94 17.13 -0.82
C ASP A 23 -17.90 18.12 -1.29
N THR A 24 -17.09 18.66 -0.35
CA THR A 24 -16.06 19.63 -0.71
C THR A 24 -15.04 18.98 -1.61
N LEU A 25 -14.66 17.70 -1.31
CA LEU A 25 -13.68 16.99 -2.11
C LEU A 25 -14.18 16.88 -3.53
N LEU A 26 -15.49 16.60 -3.70
CA LEU A 26 -16.08 16.44 -5.01
C LEU A 26 -16.02 17.76 -5.76
N GLU A 27 -16.19 18.89 -5.05
CA GLU A 27 -16.19 20.18 -5.71
C GLU A 27 -14.82 20.48 -6.26
N SER A 28 -13.74 20.08 -5.53
CA SER A 28 -12.39 20.34 -6.01
C SER A 28 -12.17 19.61 -7.32
N CYS A 29 -12.70 18.37 -7.46
CA CYS A 29 -12.44 17.65 -8.69
C CYS A 29 -13.72 17.57 -9.49
N GLU A 30 -13.78 18.33 -10.61
CA GLU A 30 -14.96 18.33 -11.46
C GLU A 30 -15.09 16.96 -12.08
N LEU A 31 -16.34 16.45 -12.15
CA LEU A 31 -16.56 15.14 -12.71
C LEU A 31 -17.37 15.29 -13.97
N GLN A 32 -16.80 14.79 -15.10
CA GLN A 32 -17.47 14.88 -16.38
C GLN A 32 -18.62 13.90 -16.42
N SER A 33 -18.42 12.67 -15.88
CA SER A 33 -19.47 11.67 -15.94
C SER A 33 -20.16 11.57 -14.60
N GLU A 34 -20.53 10.32 -14.21
CA GLU A 34 -21.24 10.08 -12.97
C GLU A 34 -20.31 10.41 -11.83
N GLY A 35 -19.02 10.02 -11.96
CA GLY A 35 -18.08 10.31 -10.92
C GLY A 35 -17.77 9.08 -10.10
N ILE A 36 -18.61 8.02 -10.18
CA ILE A 36 -18.30 6.85 -9.39
C ILE A 36 -18.55 5.64 -10.26
N TYR A 37 -17.44 5.07 -10.81
CA TYR A 37 -17.56 3.91 -11.68
C TYR A 37 -17.36 2.66 -10.87
N THR A 38 -16.62 1.72 -11.47
CA THR A 38 -16.32 0.46 -10.85
C THR A 38 -14.87 0.20 -11.19
N SER A 39 -14.28 -0.93 -10.75
CA SER A 39 -12.89 -1.17 -11.04
C SER A 39 -12.79 -1.74 -12.43
N VAL A 40 -12.22 -0.95 -13.38
CA VAL A 40 -12.06 -1.41 -14.73
C VAL A 40 -11.30 -0.37 -15.52
N GLY A 41 -11.07 0.84 -14.93
CA GLY A 41 -10.38 1.88 -15.66
C GLY A 41 -9.19 2.33 -14.86
N SER A 42 -8.33 3.16 -15.50
CA SER A 42 -7.14 3.65 -14.86
C SER A 42 -6.96 5.10 -15.27
N TYR A 43 -6.93 6.03 -14.27
CA TYR A 43 -6.75 7.43 -14.59
C TYR A 43 -5.31 7.81 -14.39
N ASP A 44 -5.03 9.12 -14.42
CA ASP A 44 -3.69 9.63 -14.26
C ASP A 44 -3.28 9.54 -12.81
N HIS A 45 -1.99 9.86 -12.56
CA HIS A 45 -1.45 9.81 -11.22
C HIS A 45 -1.75 11.12 -10.53
N GLN A 46 -1.74 12.23 -11.30
CA GLN A 46 -2.01 13.53 -10.74
C GLN A 46 -3.43 13.60 -10.25
N GLU A 47 -4.34 12.80 -10.85
CA GLU A 47 -5.74 12.79 -10.44
C GLU A 47 -5.81 12.42 -8.97
N LEU A 48 -5.13 11.32 -8.57
CA LEU A 48 -5.10 10.87 -7.19
C LEU A 48 -4.47 11.93 -6.32
N LEU A 49 -3.45 12.64 -6.84
CA LEU A 49 -2.73 13.61 -6.05
C LEU A 49 -3.60 14.81 -5.78
N GLN A 50 -4.47 15.20 -6.74
CA GLN A 50 -5.32 16.36 -6.56
C GLN A 50 -6.28 16.11 -5.41
N LEU A 51 -6.81 14.87 -5.28
CA LEU A 51 -7.74 14.58 -4.18
C LEU A 51 -6.96 14.36 -2.91
N VAL A 52 -5.64 14.21 -3.01
CA VAL A 52 -4.84 13.98 -1.84
C VAL A 52 -4.44 15.31 -1.24
N VAL A 53 -4.11 16.31 -2.09
CA VAL A 53 -3.71 17.59 -1.58
C VAL A 53 -4.94 18.27 -0.97
N LYS A 54 -6.16 18.01 -1.52
CA LYS A 54 -7.32 18.62 -0.92
C LYS A 54 -7.58 17.96 0.42
N LEU A 55 -7.29 16.63 0.54
CA LEU A 55 -7.51 15.95 1.81
C LEU A 55 -6.47 16.37 2.81
N SER A 56 -5.41 17.05 2.34
CA SER A 56 -4.39 17.42 3.28
C SER A 56 -4.69 18.80 3.79
N GLU A 57 -5.54 19.58 3.07
CA GLU A 57 -5.85 20.91 3.52
C GLU A 57 -7.24 20.95 4.10
N VAL A 58 -8.12 19.98 3.77
CA VAL A 58 -9.47 20.00 4.27
C VAL A 58 -9.51 19.38 5.65
N SER A 59 -8.77 18.26 5.89
CA SER A 59 -8.83 17.64 7.21
C SER A 59 -7.62 18.01 8.02
N SER A 60 -6.62 18.67 7.39
CA SER A 60 -5.41 19.04 8.11
C SER A 60 -4.66 17.79 8.45
N VAL A 61 -4.70 16.81 7.52
CA VAL A 61 -4.02 15.56 7.74
C VAL A 61 -2.83 15.53 6.81
N PRO A 62 -1.68 15.28 7.38
CA PRO A 62 -0.43 15.22 6.63
C PRO A 62 -0.44 14.14 5.60
N VAL A 63 0.37 14.32 4.54
CA VAL A 63 0.40 13.37 3.45
C VAL A 63 1.05 12.07 3.88
N THR A 64 1.81 12.05 5.00
CA THR A 64 2.43 10.79 5.40
C THR A 64 1.55 10.07 6.38
N GLU A 65 0.86 10.80 7.29
CA GLU A 65 -0.03 10.17 8.25
C GLU A 65 -1.24 9.63 7.52
N LEU A 66 -1.64 10.31 6.42
CA LEU A 66 -2.82 9.90 5.69
C LEU A 66 -2.47 8.72 4.82
N VAL A 67 -1.22 8.69 4.28
CA VAL A 67 -0.83 7.58 3.43
C VAL A 67 -0.74 6.29 4.23
N ARG A 68 -0.48 6.36 5.56
CA ARG A 68 -0.37 5.16 6.38
C ARG A 68 -1.75 4.59 6.65
N LEU A 69 -2.68 5.42 7.19
CA LEU A 69 -4.02 4.95 7.51
C LEU A 69 -4.74 4.46 6.27
N PHE A 70 -4.57 5.16 5.13
CA PHE A 70 -5.23 4.77 3.90
C PHE A 70 -4.79 3.38 3.50
N GLY A 71 -3.49 3.05 3.69
CA GLY A 71 -2.97 1.75 3.32
C GLY A 71 -3.71 0.66 4.05
N LYS A 72 -3.99 0.85 5.37
CA LYS A 72 -4.68 -0.16 6.16
C LYS A 72 -6.07 -0.46 5.63
N LYS A 73 -6.89 0.59 5.34
CA LYS A 73 -8.27 0.38 4.91
C LYS A 73 -8.37 -0.41 3.60
N LEU A 74 -7.65 0.00 2.55
CA LEU A 74 -7.79 -0.67 1.26
C LEU A 74 -7.27 -2.10 1.30
N PHE A 75 -6.15 -2.38 2.00
CA PHE A 75 -5.61 -3.73 2.02
C PHE A 75 -6.59 -4.73 2.63
N VAL A 76 -7.24 -4.39 3.77
CA VAL A 76 -8.17 -5.33 4.39
C VAL A 76 -9.41 -5.47 3.53
N GLU A 77 -9.64 -4.50 2.61
CA GLU A 77 -10.79 -4.60 1.73
C GLU A 77 -10.55 -5.73 0.76
N LEU A 78 -9.29 -5.90 0.27
CA LEU A 78 -8.99 -6.95 -0.67
C LEU A 78 -9.10 -8.29 0.01
N ILE A 79 -8.80 -8.36 1.33
CA ILE A 79 -8.92 -9.62 2.05
C ILE A 79 -10.38 -10.03 2.05
N GLU A 80 -11.29 -9.05 2.25
CA GLU A 80 -12.71 -9.34 2.29
C GLU A 80 -13.26 -9.33 0.88
N GLY A 81 -12.38 -9.13 -0.13
CA GLY A 81 -12.84 -9.08 -1.49
C GLY A 81 -12.54 -10.39 -2.17
N HIS A 82 -11.47 -11.10 -1.73
CA HIS A 82 -11.12 -12.36 -2.36
C HIS A 82 -10.98 -13.41 -1.29
N PRO A 83 -12.07 -14.09 -1.06
CA PRO A 83 -12.13 -15.16 -0.07
C PRO A 83 -11.19 -16.31 -0.33
N GLU A 84 -11.01 -16.68 -1.61
CA GLU A 84 -10.15 -17.80 -1.91
C GLU A 84 -8.73 -17.33 -2.06
N ILE A 85 -8.46 -16.01 -1.97
CA ILE A 85 -7.10 -15.58 -2.07
C ILE A 85 -6.53 -15.72 -0.68
N ALA A 86 -7.42 -15.56 0.35
CA ALA A 86 -7.02 -15.72 1.73
C ALA A 86 -6.78 -17.18 2.01
N ASN A 87 -7.65 -18.06 1.45
CA ASN A 87 -7.55 -19.49 1.68
C ASN A 87 -6.25 -20.04 1.12
N GLU A 88 -5.81 -19.54 -0.05
CA GLU A 88 -4.59 -20.06 -0.66
C GLU A 88 -3.37 -19.66 0.14
N MET A 89 -3.45 -18.55 0.90
CA MET A 89 -2.30 -18.09 1.67
C MET A 89 -2.20 -18.91 2.94
N LYS A 90 -0.97 -19.01 3.50
CA LYS A 90 -0.76 -19.81 4.69
C LYS A 90 -0.22 -18.94 5.80
N ASP A 91 0.50 -17.85 5.46
CA ASP A 91 1.08 -17.03 6.49
C ASP A 91 1.58 -15.79 5.80
N SER A 92 1.98 -14.77 6.61
CA SER A 92 2.49 -13.54 6.04
C SER A 92 3.86 -13.76 5.44
N PHE A 93 4.66 -14.70 6.00
CA PHE A 93 5.98 -14.94 5.46
C PHE A 93 5.81 -15.61 4.11
N ASP A 94 4.96 -16.67 4.05
CA ASP A 94 4.67 -17.35 2.80
C ASP A 94 4.09 -16.35 1.81
N LEU A 95 3.34 -15.35 2.31
CA LEU A 95 2.74 -14.33 1.46
C LEU A 95 3.83 -13.56 0.74
N LEU A 96 4.97 -13.29 1.43
CA LEU A 96 6.04 -12.50 0.82
C LEU A 96 6.62 -13.26 -0.35
N SER A 97 6.69 -14.59 -0.26
CA SER A 97 7.26 -15.38 -1.35
C SER A 97 6.26 -15.43 -2.50
N LYS A 98 4.97 -15.60 -2.16
CA LYS A 98 3.90 -15.72 -3.14
C LYS A 98 3.54 -14.39 -3.80
N ILE A 99 4.06 -13.24 -3.32
CA ILE A 99 3.68 -11.96 -3.90
C ILE A 99 4.03 -11.86 -5.37
N ASP A 100 5.27 -12.18 -5.77
CA ASP A 100 5.63 -12.04 -7.17
C ASP A 100 5.23 -13.24 -7.99
N SER A 101 5.18 -14.45 -7.39
CA SER A 101 4.90 -15.63 -8.19
C SER A 101 3.48 -15.65 -8.75
N PHE A 102 2.43 -15.47 -7.91
CA PHE A 102 1.09 -15.58 -8.47
C PHE A 102 0.23 -14.35 -8.25
N ILE A 103 0.37 -13.65 -7.10
CA ILE A 103 -0.49 -12.51 -6.85
C ILE A 103 -0.41 -11.44 -7.94
N HIS A 104 0.79 -10.95 -8.34
CA HIS A 104 0.83 -9.90 -9.33
C HIS A 104 0.96 -10.48 -10.73
N VAL A 105 0.99 -11.82 -10.86
CA VAL A 105 1.10 -12.42 -12.17
C VAL A 105 -0.29 -12.66 -12.67
N GLU A 106 -1.17 -13.12 -11.76
CA GLU A 106 -2.54 -13.39 -12.11
C GLU A 106 -3.22 -12.10 -12.48
N VAL A 107 -2.96 -11.01 -11.73
CA VAL A 107 -3.60 -9.74 -12.03
C VAL A 107 -3.08 -9.19 -13.36
N TYR A 108 -1.74 -9.24 -13.58
CA TYR A 108 -1.16 -8.73 -14.83
C TYR A 108 -1.75 -9.43 -16.03
N LYS A 109 -2.01 -10.75 -15.94
CA LYS A 109 -2.54 -11.46 -17.08
C LYS A 109 -3.99 -11.08 -17.28
N LEU A 110 -4.75 -10.94 -16.17
CA LEU A 110 -6.15 -10.62 -16.29
C LEU A 110 -6.41 -9.14 -16.12
N TYR A 111 -5.41 -8.25 -16.38
CA TYR A 111 -5.64 -6.82 -16.21
C TYR A 111 -4.42 -6.14 -16.79
N PRO A 112 -4.53 -5.79 -18.05
CA PRO A 112 -3.44 -5.16 -18.80
C PRO A 112 -3.22 -3.68 -18.56
N GLN A 113 -4.05 -3.04 -17.72
CA GLN A 113 -3.87 -1.61 -17.49
C GLN A 113 -2.86 -1.38 -16.39
N ALA A 114 -2.12 -2.42 -15.95
CA ALA A 114 -1.15 -2.21 -14.90
C ALA A 114 0.22 -2.57 -15.44
N GLU A 115 1.28 -2.02 -14.80
CA GLU A 115 2.62 -2.32 -15.22
C GLU A 115 3.47 -2.41 -13.99
N LEU A 116 4.42 -3.37 -13.97
CA LEU A 116 5.27 -3.52 -12.79
C LEU A 116 6.71 -3.53 -13.22
N PRO A 117 7.55 -3.17 -12.28
CA PRO A 117 8.99 -3.10 -12.48
C PRO A 117 9.69 -4.40 -12.19
N LYS A 118 10.94 -4.33 -11.62
CA LYS A 118 11.68 -5.56 -11.35
C LYS A 118 11.62 -5.85 -9.87
N PHE A 119 11.55 -7.16 -9.52
CA PHE A 119 11.47 -7.55 -8.13
C PHE A 119 12.37 -8.75 -7.90
N THR A 120 13.21 -8.72 -6.83
CA THR A 120 14.08 -9.84 -6.54
C THR A 120 14.01 -10.08 -5.04
N CYS A 121 14.40 -11.29 -4.58
CA CYS A 121 14.32 -11.56 -3.16
C CYS A 121 15.47 -12.44 -2.74
N ASP A 122 16.31 -11.91 -1.82
CA ASP A 122 17.43 -12.66 -1.31
C ASP A 122 17.07 -13.11 0.09
N ARG A 123 17.68 -14.23 0.55
CA ARG A 123 17.38 -14.72 1.87
C ARG A 123 18.66 -14.73 2.66
N LEU A 124 18.70 -13.95 3.77
CA LEU A 124 19.89 -13.92 4.60
C LEU A 124 19.78 -14.96 5.67
N GLY A 125 18.54 -15.36 6.05
CA GLY A 125 18.41 -16.34 7.10
C GLY A 125 16.97 -16.46 7.47
N ASP A 126 16.71 -16.66 8.79
CA ASP A 126 15.35 -16.82 9.23
C ASP A 126 14.85 -15.51 9.80
N ASN A 127 15.72 -14.78 10.52
CA ASN A 127 15.29 -13.52 11.11
C ASN A 127 15.68 -12.35 10.25
N ASP A 128 16.16 -12.61 9.00
CA ASP A 128 16.55 -11.53 8.13
C ASP A 128 16.11 -11.93 6.75
N ILE A 129 15.58 -11.00 5.90
CA ILE A 129 15.13 -11.34 4.57
C ILE A 129 15.37 -10.05 3.82
N ARG A 130 15.63 -10.05 2.49
CA ARG A 130 15.89 -8.79 1.83
C ARG A 130 15.03 -8.69 0.60
N LEU A 131 14.44 -7.50 0.37
CA LEU A 131 13.64 -7.30 -0.81
C LEU A 131 14.23 -6.14 -1.56
N HIS A 132 14.50 -6.34 -2.86
CA HIS A 132 15.06 -5.28 -3.67
C HIS A 132 13.99 -4.86 -4.62
N TYR A 133 13.77 -3.54 -4.77
CA TYR A 133 12.73 -3.08 -5.66
C TYR A 133 13.36 -2.06 -6.57
N GLN A 134 13.26 -2.27 -7.91
CA GLN A 134 13.84 -1.32 -8.84
C GLN A 134 12.72 -0.60 -9.52
N SER A 135 12.53 0.68 -9.12
CA SER A 135 11.49 1.50 -9.69
C SER A 135 11.92 2.95 -9.62
N LYS A 136 11.34 3.80 -10.49
CA LYS A 136 11.70 5.20 -10.52
C LYS A 136 10.73 5.98 -9.64
N ARG A 137 9.77 5.29 -8.98
CA ARG A 137 8.82 5.99 -8.13
C ARG A 137 8.78 5.25 -6.82
N PRO A 138 9.81 5.44 -6.03
CA PRO A 138 9.96 4.79 -4.75
C PRO A 138 9.52 5.58 -3.54
N PHE A 139 8.27 5.33 -3.05
CA PHE A 139 7.83 6.00 -1.87
C PHE A 139 7.84 4.98 -0.77
N ALA A 140 8.74 5.16 0.22
CA ALA A 140 8.87 4.22 1.32
C ALA A 140 7.64 4.22 2.19
N SER A 141 7.02 5.41 2.42
CA SER A 141 5.85 5.48 3.26
C SER A 141 4.72 4.65 2.69
N PHE A 142 4.56 4.68 1.35
CA PHE A 142 3.49 3.93 0.71
C PHE A 142 3.69 2.44 0.91
N ALA A 143 4.93 1.95 0.68
CA ALA A 143 5.21 0.53 0.79
C ALA A 143 4.96 0.01 2.19
N GLU A 144 5.33 0.79 3.24
CA GLU A 144 5.13 0.34 4.61
C GLU A 144 3.65 0.24 4.89
N GLY A 145 2.85 1.14 4.29
CA GLY A 145 1.43 1.14 4.52
C GLY A 145 0.81 -0.17 4.10
N LEU A 146 1.30 -0.78 2.98
CA LEU A 146 0.71 -2.01 2.51
C LEU A 146 1.28 -3.22 3.23
N LEU A 147 2.61 -3.24 3.54
CA LEU A 147 3.20 -4.41 4.16
C LEU A 147 2.71 -4.53 5.59
N ASP A 148 2.62 -3.40 6.31
CA ASP A 148 2.17 -3.42 7.69
C ASP A 148 0.68 -3.69 7.76
N GLY A 149 -0.10 -3.31 6.71
CA GLY A 149 -1.53 -3.55 6.73
C GLY A 149 -1.78 -5.04 6.75
N CYS A 150 -1.02 -5.80 5.93
CA CYS A 150 -1.16 -7.24 5.89
C CYS A 150 -0.87 -7.81 7.26
N ALA A 151 0.18 -7.29 7.94
CA ALA A 151 0.53 -7.80 9.27
C ALA A 151 -0.50 -7.32 10.26
N GLU A 152 -1.39 -6.41 9.82
CA GLU A 152 -2.41 -5.91 10.71
C GLU A 152 -3.50 -6.95 10.85
N TYR A 153 -3.99 -7.50 9.71
CA TYR A 153 -5.04 -8.50 9.76
C TYR A 153 -4.54 -9.73 10.51
N PHE A 154 -3.31 -10.22 10.20
CA PHE A 154 -2.81 -11.42 10.84
C PHE A 154 -2.46 -11.16 12.29
N LYS A 155 -2.15 -9.89 12.66
CA LYS A 155 -1.79 -9.57 14.03
C LYS A 155 -0.44 -10.17 14.34
N GLU A 156 0.56 -9.94 13.47
CA GLU A 156 1.88 -10.47 13.71
C GLU A 156 2.76 -9.33 14.14
N ASP A 157 4.09 -9.55 14.17
CA ASP A 157 4.98 -8.50 14.60
C ASP A 157 6.26 -8.58 13.81
N PHE A 158 6.24 -8.02 12.58
CA PHE A 158 7.42 -8.00 11.74
C PHE A 158 7.83 -6.56 11.62
N THR A 159 9.12 -6.28 11.34
CA THR A 159 9.55 -4.90 11.25
C THR A 159 10.22 -4.68 9.92
N ILE A 160 9.77 -3.63 9.19
CA ILE A 160 10.35 -3.30 7.91
C ILE A 160 11.34 -2.18 8.14
N SER A 161 12.59 -2.35 7.63
CA SER A 161 13.60 -1.33 7.81
C SER A 161 14.13 -0.92 6.45
N ARG A 162 15.23 -0.13 6.45
CA ARG A 162 15.81 0.36 5.22
C ARG A 162 17.28 0.61 5.46
N THR A 163 18.09 0.62 4.37
CA THR A 163 19.51 0.87 4.53
C THR A 163 19.81 2.28 4.08
N PRO A 164 20.83 2.84 4.70
CA PRO A 164 21.28 4.20 4.44
C PRO A 164 21.99 4.39 3.12
N GLU A 165 22.41 3.29 2.47
CA GLU A 165 23.13 3.42 1.21
C GLU A 165 22.16 3.92 0.16
N THR A 166 20.92 3.39 0.14
CA THR A 166 19.96 3.83 -0.84
C THR A 166 18.83 4.50 -0.13
N GLN A 167 19.06 4.91 1.13
CA GLN A 167 18.06 5.57 1.92
C GLN A 167 17.64 6.86 1.24
N ASP A 168 18.60 7.60 0.67
CA ASP A 168 18.25 8.84 0.03
C ASP A 168 18.67 8.75 -1.42
N SER A 169 18.32 7.64 -2.10
CA SER A 169 18.67 7.49 -3.48
C SER A 169 17.50 6.84 -4.15
N GLU A 170 17.26 7.19 -5.44
CA GLU A 170 16.14 6.63 -6.16
C GLU A 170 16.63 5.57 -7.10
N THR A 171 15.63 4.87 -7.75
CA THR A 171 15.89 3.81 -8.73
C THR A 171 16.06 2.48 -8.04
N ASP A 172 16.72 2.43 -6.86
CA ASP A 172 16.91 1.16 -6.21
C ASP A 172 16.82 1.36 -4.72
N VAL A 173 16.07 0.47 -4.02
CA VAL A 173 15.93 0.60 -2.59
C VAL A 173 16.14 -0.77 -1.98
N ILE A 174 16.92 -0.79 -0.87
CA ILE A 174 17.21 -2.04 -0.19
C ILE A 174 16.44 -2.04 1.11
N PHE A 175 15.56 -3.05 1.27
CA PHE A 175 14.76 -3.15 2.47
C PHE A 175 15.20 -4.36 3.24
N ASN A 176 15.08 -4.27 4.59
CA ASN A 176 15.50 -5.34 5.46
C ASN A 176 14.33 -5.69 6.34
N ILE A 177 13.88 -6.96 6.30
CA ILE A 177 12.76 -7.38 7.12
C ILE A 177 13.35 -8.23 8.21
N THR A 178 13.03 -7.91 9.49
CA THR A 178 13.60 -8.65 10.60
C THR A 178 12.50 -9.14 11.47
N ARG A 179 12.61 -10.41 11.97
CA ARG A 179 11.60 -10.95 12.85
C ARG A 179 12.10 -10.74 14.25
N ALA A 180 11.40 -9.89 15.03
CA ALA A 180 11.81 -9.63 16.39
C ALA A 180 11.16 -10.66 17.27
N PRO A 181 11.64 -10.76 18.50
CA PRO A 181 11.09 -11.69 19.50
C PRO A 181 9.64 -11.45 19.74
N ARG A 182 9.21 -10.20 19.43
CA ARG A 182 7.82 -9.79 19.54
C ARG A 182 7.55 -9.26 20.93
N GLY A 183 8.51 -9.40 21.86
CA GLY A 183 8.27 -8.91 23.19
C GLY A 183 9.55 -8.34 23.74
N ALA A 184 10.41 -7.79 22.88
CA ALA A 184 11.64 -7.24 23.36
C ALA A 184 12.02 -6.11 22.45
N GLU A 185 12.67 -5.07 23.03
CA GLU A 185 13.09 -3.95 22.24
C GLU A 185 14.20 -3.26 23.00
N ASN A 186 15.04 -2.49 22.27
CA ASN A 186 16.15 -1.76 22.88
C ASN A 186 17.18 -2.76 23.32
N LEU A 187 17.38 -3.82 22.51
CA LEU A 187 18.36 -4.84 22.83
C LEU A 187 19.75 -4.27 22.65
N TYR A 188 19.95 -3.46 21.60
CA TYR A 188 21.26 -2.91 21.35
C TYR A 188 21.16 -1.42 21.33
N PHE A 189 21.33 -0.82 20.13
CA PHE A 189 21.25 0.61 20.03
C PHE A 189 20.77 0.96 18.65
N GLN A 190 20.27 2.21 18.49
CA GLN A 190 19.77 2.67 17.21
C GLN A 190 18.54 1.83 16.84
C01 IWP B . -8.08 6.25 10.18
C02 IWP B . -8.17 7.63 10.11
C03 IWP B . -8.59 5.58 11.30
C04 IWP B . -8.70 8.36 11.16
C05 IWP B . -9.85 2.00 15.84
C06 IWP B . -8.69 1.47 16.23
C07 IWP B . -11.75 2.81 13.58
C08 IWP B . -15.05 2.94 10.62
C09 IWP B . -9.43 5.61 13.68
C10 IWP B . -9.06 6.32 12.38
C11 IWP B . -9.18 7.70 12.28
C12 IWP B . -16.17 3.05 11.42
C13 IWP B . -9.56 2.68 14.67
C14 IWP B . -12.41 3.88 12.89
C15 IWP B . -10.55 3.39 13.93
C16 IWP B . -13.74 3.61 12.37
C17 IWP B . -15.99 3.48 12.73
F18 IWP B . -9.78 8.39 13.28
F19 IWP B . -17.40 2.78 10.95
N20 IWP B . -13.82 3.21 11.08
N21 IWP B . -14.77 3.76 13.21
N22 IWP B . -11.67 5.04 12.82
N23 IWP B . -8.28 2.59 14.30
N24 IWP B . -10.53 4.65 13.50
O25 IWP B . -17.06 3.63 13.56
O26 IWP B . -7.68 1.77 15.34
H01 IWP B . -7.62 5.68 9.38
H02 IWP B . -7.81 8.14 9.22
H03 IWP B . -8.62 4.50 11.32
H04 IWP B . -8.75 9.44 11.11
H05 IWP B . -10.81 1.93 16.34
H06 IWP B . -8.44 0.87 17.08
H07 IWP B . -12.09 1.81 13.78
H08 IWP B . -15.12 2.60 9.59
H091 IWP B . -8.55 5.07 14.06
H092 IWP B . -9.72 6.35 14.42
H25 IWP B . -17.51 4.47 13.34
CHA HEM C . 0.69 -2.30 -7.25
CHB HEM C . 2.92 -4.27 -3.60
CHC HEM C . -0.82 -7.03 -2.83
CHD HEM C . -2.71 -5.63 -6.99
C1A HEM C . 1.60 -2.58 -6.29
C2A HEM C . 2.74 -1.85 -6.07
C3A HEM C . 3.47 -2.53 -5.15
C4A HEM C . 2.69 -3.56 -4.72
CMA HEM C . 4.74 -2.12 -4.59
CAA HEM C . 3.07 -0.56 -6.68
CBA HEM C . 3.47 0.41 -5.68
CGA HEM C . 4.54 1.24 -6.21
O1A HEM C . 5.41 0.73 -6.90
O2A HEM C . 4.57 2.42 -5.94
C1B HEM C . 2.04 -5.11 -3.01
C2B HEM C . 2.15 -5.57 -1.72
C3B HEM C . 0.98 -6.20 -1.44
C4B HEM C . 0.31 -6.31 -2.63
CMB HEM C . 3.25 -5.35 -0.81
CAB HEM C . 0.72 -6.99 -0.25
CBB HEM C . 0.96 -6.56 1.00
C1C HEM C . -1.71 -6.81 -3.82
C2C HEM C . -2.99 -7.27 -3.82
C3C HEM C . -3.51 -6.95 -5.04
C4C HEM C . -2.55 -6.23 -5.69
CMC HEM C . -3.71 -7.88 -2.72
CAC HEM C . -4.65 -7.58 -5.67
CBC HEM C . -4.69 -8.87 -6.05
C1D HEM C . -1.78 -4.69 -7.54
C2D HEM C . -1.86 -4.14 -8.78
C3D HEM C . -0.90 -3.16 -8.83
C4D HEM C . -0.31 -3.14 -7.59
CMD HEM C . -2.70 -4.58 -9.88
CAD HEM C . -0.45 -2.45 -10.01
CBD HEM C . 0.51 -1.42 -9.68
CGD HEM C . -0.18 -0.31 -9.04
O1D HEM C . -0.66 -0.45 -7.94
O2D HEM C . -0.23 0.77 -9.62
NA HEM C . 1.54 -3.67 -5.47
NB HEM C . 0.87 -5.50 -3.59
NC HEM C . -1.44 -6.04 -4.92
ND HEM C . -0.73 -4.19 -6.82
FE HEM C . 0.06 -4.87 -5.21
HHB HEM C . 3.84 -4.04 -3.04
HHC HEM C . -0.95 -7.93 -2.21
HHD HEM C . -3.68 -5.76 -7.50
HMA HEM C . 4.59 -1.30 -3.87
HMAA HEM C . 5.40 -1.77 -5.39
HMAB HEM C . 5.21 -2.97 -4.07
HAA HEM C . 3.91 -0.72 -7.39
HAAA HEM C . 2.21 -0.19 -7.22
HBA HEM C . 2.61 1.04 -5.42
HBAA HEM C . 3.82 -0.11 -4.78
HMB HEM C . 3.51 -4.28 -0.78
HMBA HEM C . 4.14 -5.91 -1.16
HMBB HEM C . 2.97 -5.68 0.19
HAB HEM C . 0.41 -8.03 -0.39
HBB HEM C . 1.98 -6.32 1.27
HBBA HEM C . 0.12 -6.27 1.62
HMC HEM C . -3.06 -8.63 -2.23
HMCA HEM C . -3.97 -7.11 -1.98
HMCB HEM C . -4.61 -8.37 -3.07
HAC HEM C . -5.55 -6.98 -5.82
HBC HEM C . -5.45 -9.16 -6.78
HBCA HEM C . -4.22 -9.61 -5.42
HMD HEM C . -3.35 -5.38 -9.53
HMDA HEM C . -3.31 -3.75 -10.24
HMDB HEM C . -2.07 -4.95 -10.70
HAD HEM C . -1.31 -2.00 -10.52
HADA HEM C . 0.03 -3.18 -10.69
HBD HEM C . 1.26 -1.81 -8.98
HBDA HEM C . 1.00 -1.06 -10.59
HHA HEM C . 0.78 -1.37 -7.79
C CMO D . -0.84 -3.51 -4.21
O CMO D . -1.37 -2.70 -3.62
N MET A 1 -4.90 -0.26 -10.51
CA MET A 1 -5.40 0.15 -9.17
C MET A 1 -5.66 1.62 -9.13
N MET A 2 -6.89 2.04 -9.51
CA MET A 2 -7.20 3.45 -9.48
C MET A 2 -8.69 3.59 -9.24
N GLY A 3 -9.51 2.67 -9.81
CA GLY A 3 -10.94 2.76 -9.63
C GLY A 3 -11.30 2.34 -8.22
N MET A 4 -10.66 1.26 -7.70
CA MET A 4 -10.99 0.81 -6.36
C MET A 4 -10.21 1.59 -5.33
N VAL A 5 -9.26 2.44 -5.75
CA VAL A 5 -8.53 3.21 -4.77
C VAL A 5 -9.41 4.40 -4.49
N PHE A 6 -10.28 4.78 -5.47
CA PHE A 6 -11.18 5.88 -5.29
C PHE A 6 -12.28 5.42 -4.37
N THR A 7 -12.71 4.14 -4.51
CA THR A 7 -13.80 3.63 -3.68
C THR A 7 -13.42 3.69 -2.22
N GLY A 8 -12.19 3.24 -1.85
CA GLY A 8 -11.77 3.27 -0.47
C GLY A 8 -11.73 4.70 0.05
N LEU A 9 -11.22 5.64 -0.78
CA LEU A 9 -11.10 7.03 -0.37
C LEU A 9 -12.46 7.68 -0.13
N MET A 10 -13.48 7.37 -0.97
CA MET A 10 -14.79 8.00 -0.82
C MET A 10 -15.45 7.52 0.46
N GLU A 11 -15.29 6.22 0.76
CA GLU A 11 -15.90 5.62 1.92
C GLU A 11 -15.22 6.10 3.19
N LEU A 12 -13.92 6.44 3.13
CA LEU A 12 -13.20 6.86 4.31
C LEU A 12 -13.62 8.25 4.74
N ILE A 13 -13.79 9.22 3.80
CA ILE A 13 -14.11 10.58 4.19
C ILE A 13 -15.57 10.70 4.57
N GLU A 14 -16.44 9.81 4.04
CA GLU A 14 -17.85 9.94 4.31
C GLU A 14 -18.14 9.48 5.73
N ASP A 15 -17.49 8.38 6.16
CA ASP A 15 -17.75 7.83 7.46
C ASP A 15 -16.97 8.54 8.54
N GLU A 16 -15.72 8.98 8.24
CA GLU A 16 -14.91 9.59 9.27
C GLU A 16 -15.36 10.98 9.62
N PHE A 17 -15.68 11.85 8.63
CA PHE A 17 -16.05 13.19 9.02
C PHE A 17 -17.42 13.62 8.54
N GLY A 18 -17.96 13.05 7.44
CA GLY A 18 -19.26 13.49 7.02
C GLY A 18 -19.36 13.45 5.52
N TYR A 19 -20.56 13.82 5.00
CA TYR A 19 -20.76 13.76 3.59
C TYR A 19 -20.57 15.15 3.05
N GLU A 20 -20.64 16.17 3.96
CA GLU A 20 -20.43 17.54 3.55
C GLU A 20 -18.97 17.70 3.21
N THR A 21 -18.09 17.06 4.02
CA THR A 21 -16.67 17.15 3.78
C THR A 21 -16.37 16.43 2.48
N LEU A 22 -17.03 15.27 2.24
CA LEU A 22 -16.81 14.54 0.99
C LEU A 22 -17.32 15.39 -0.16
N ASP A 23 -18.30 16.29 0.12
CA ASP A 23 -18.85 17.15 -0.91
C ASP A 23 -17.79 18.14 -1.36
N THR A 24 -16.99 18.67 -0.40
CA THR A 24 -15.94 19.63 -0.73
C THR A 24 -14.91 18.98 -1.61
N LEU A 25 -14.55 17.70 -1.31
CA LEU A 25 -13.55 16.99 -2.09
C LEU A 25 -14.02 16.87 -3.53
N LEU A 26 -15.34 16.61 -3.72
CA LEU A 26 -15.91 16.45 -5.03
C LEU A 26 -15.83 17.77 -5.78
N GLU A 27 -16.02 18.90 -5.07
CA GLU A 27 -16.00 20.19 -5.72
C GLU A 27 -14.62 20.48 -6.24
N SER A 28 -13.56 20.09 -5.49
CA SER A 28 -12.20 20.34 -5.94
C SER A 28 -11.96 19.63 -7.25
N CYS A 29 -12.49 18.39 -7.43
CA CYS A 29 -12.23 17.70 -8.67
C CYS A 29 -13.49 17.66 -9.49
N GLU A 30 -13.53 18.45 -10.59
CA GLU A 30 -14.69 18.48 -11.45
C GLU A 30 -14.82 17.14 -12.12
N LEU A 31 -16.07 16.63 -12.23
CA LEU A 31 -16.26 15.34 -12.84
C LEU A 31 -17.07 15.51 -14.09
N GLN A 32 -16.52 15.03 -15.23
CA GLN A 32 -17.19 15.15 -16.50
C GLN A 32 -18.34 14.16 -16.56
N SER A 33 -18.14 12.93 -16.04
CA SER A 33 -19.18 11.93 -16.11
C SER A 33 -19.86 11.81 -14.77
N GLU A 34 -20.21 10.56 -14.38
CA GLU A 34 -20.89 10.33 -13.12
C GLU A 34 -19.96 10.65 -11.98
N GLY A 35 -18.67 10.26 -12.12
CA GLY A 35 -17.73 10.55 -11.09
C GLY A 35 -17.39 9.31 -10.30
N ILE A 36 -18.23 8.24 -10.35
CA ILE A 36 -17.91 7.07 -9.59
C ILE A 36 -18.19 5.87 -10.48
N TYR A 37 -17.10 5.29 -11.05
CA TYR A 37 -17.24 4.16 -11.93
C TYR A 37 -17.03 2.89 -11.15
N THR A 38 -16.21 1.99 -11.75
CA THR A 38 -15.90 0.72 -11.16
C THR A 38 -14.44 0.52 -11.43
N SER A 39 -13.83 -0.59 -10.99
CA SER A 39 -12.42 -0.79 -11.24
C SER A 39 -12.26 -1.38 -12.61
N VAL A 40 -11.67 -0.61 -13.54
CA VAL A 40 -11.48 -1.09 -14.89
C VAL A 40 -10.84 0.02 -15.73
N GLY A 41 -10.69 1.23 -15.14
CA GLY A 41 -10.13 2.33 -15.90
C GLY A 41 -8.63 2.39 -15.70
N SER A 42 -8.12 3.64 -15.52
CA SER A 42 -6.69 3.85 -15.37
C SER A 42 -6.44 5.33 -15.56
N TYR A 43 -6.68 6.14 -14.50
CA TYR A 43 -6.48 7.56 -14.59
C TYR A 43 -5.03 7.89 -14.34
N ASP A 44 -4.73 9.21 -14.33
CA ASP A 44 -3.38 9.68 -14.12
C ASP A 44 -3.02 9.56 -12.66
N HIS A 45 -1.75 9.87 -12.35
CA HIS A 45 -1.26 9.79 -10.99
C HIS A 45 -1.57 11.10 -10.31
N GLN A 46 -1.56 12.21 -11.08
CA GLN A 46 -1.83 13.52 -10.53
C GLN A 46 -3.27 13.58 -10.06
N GLU A 47 -4.17 12.78 -10.68
CA GLU A 47 -5.56 12.78 -10.30
C GLU A 47 -5.68 12.40 -8.83
N LEU A 48 -5.02 11.28 -8.44
CA LEU A 48 -5.04 10.83 -7.07
C LEU A 48 -4.39 11.86 -6.16
N LEU A 49 -3.36 12.56 -6.68
CA LEU A 49 -2.63 13.52 -5.87
C LEU A 49 -3.48 14.73 -5.60
N GLN A 50 -4.33 15.13 -6.57
CA GLN A 50 -5.18 16.29 -6.39
C GLN A 50 -6.15 16.06 -5.26
N LEU A 51 -6.69 14.81 -5.13
CA LEU A 51 -7.63 14.53 -4.06
C LEU A 51 -6.87 14.30 -2.78
N VAL A 52 -5.53 14.16 -2.87
CA VAL A 52 -4.76 13.92 -1.68
C VAL A 52 -4.36 15.25 -1.08
N VAL A 53 -4.01 16.25 -1.93
CA VAL A 53 -3.62 17.54 -1.41
C VAL A 53 -4.84 18.22 -0.81
N LYS A 54 -6.06 17.96 -1.38
CA LYS A 54 -7.23 18.58 -0.81
C LYS A 54 -7.51 17.92 0.52
N LEU A 55 -7.22 16.59 0.66
CA LEU A 55 -7.46 15.90 1.92
C LEU A 55 -6.43 16.32 2.93
N SER A 56 -5.37 17.00 2.48
CA SER A 56 -4.36 17.36 3.43
C SER A 56 -4.65 18.75 3.93
N GLU A 57 -5.49 19.53 3.20
CA GLU A 57 -5.81 20.86 3.64
C GLU A 57 -7.20 20.91 4.22
N VAL A 58 -8.07 19.93 3.87
CA VAL A 58 -9.43 19.96 4.36
C VAL A 58 -9.48 19.35 5.74
N SER A 59 -8.74 18.23 5.99
CA SER A 59 -8.81 17.62 7.31
C SER A 59 -7.58 17.96 8.11
N SER A 60 -6.56 18.59 7.47
CA SER A 60 -5.34 18.94 8.18
C SER A 60 -4.61 17.67 8.52
N VAL A 61 -4.67 16.68 7.61
CA VAL A 61 -4.01 15.43 7.84
C VAL A 61 -2.82 15.37 6.92
N PRO A 62 -1.67 15.12 7.50
CA PRO A 62 -0.41 15.04 6.76
C PRO A 62 -0.43 13.99 5.70
N VAL A 63 0.36 14.20 4.63
CA VAL A 63 0.39 13.27 3.53
C VAL A 63 1.02 11.95 3.94
N THR A 64 1.79 11.93 5.06
CA THR A 64 2.41 10.67 5.45
C THR A 64 1.53 9.95 6.45
N GLU A 65 0.84 10.70 7.36
CA GLU A 65 -0.03 10.08 8.32
C GLU A 65 -1.26 9.54 7.62
N LEU A 66 -1.65 10.20 6.51
CA LEU A 66 -2.84 9.79 5.79
C LEU A 66 -2.48 8.61 4.91
N VAL A 67 -1.24 8.59 4.37
CA VAL A 67 -0.83 7.49 3.51
C VAL A 67 -0.75 6.19 4.32
N ARG A 68 -0.49 6.28 5.66
CA ARG A 68 -0.38 5.08 6.47
C ARG A 68 -1.76 4.51 6.74
N LEU A 69 -2.68 5.34 7.29
CA LEU A 69 -4.03 4.86 7.62
C LEU A 69 -4.76 4.39 6.37
N PHE A 70 -4.58 5.10 5.24
CA PHE A 70 -5.25 4.74 4.00
C PHE A 70 -4.82 3.35 3.58
N GLY A 71 -3.51 3.03 3.77
CA GLY A 71 -2.99 1.73 3.38
C GLY A 71 -3.73 0.63 4.10
N LYS A 72 -4.01 0.81 5.42
CA LYS A 72 -4.70 -0.21 6.20
C LYS A 72 -6.10 -0.50 5.66
N LYS A 73 -6.91 0.56 5.37
CA LYS A 73 -8.29 0.35 4.92
C LYS A 73 -8.39 -0.42 3.61
N LEU A 74 -7.67 0.00 2.56
CA LEU A 74 -7.79 -0.65 1.27
C LEU A 74 -7.25 -2.08 1.29
N PHE A 75 -6.13 -2.34 2.01
CA PHE A 75 -5.58 -3.70 2.01
C PHE A 75 -6.57 -4.70 2.60
N VAL A 76 -7.24 -4.38 3.73
CA VAL A 76 -8.16 -5.32 4.34
C VAL A 76 -9.38 -5.46 3.46
N GLU A 77 -9.62 -4.48 2.55
CA GLU A 77 -10.76 -4.56 1.67
C GLU A 77 -10.52 -5.68 0.68
N LEU A 78 -9.25 -5.84 0.21
CA LEU A 78 -8.94 -6.90 -0.75
C LEU A 78 -9.05 -8.24 -0.07
N ILE A 79 -8.76 -8.30 1.26
CA ILE A 79 -8.87 -9.56 1.97
C ILE A 79 -10.33 -9.97 1.98
N GLU A 80 -11.24 -8.99 2.18
CA GLU A 80 -12.65 -9.29 2.21
C GLU A 80 -13.20 -9.27 0.80
N GLY A 81 -12.32 -9.07 -0.20
CA GLY A 81 -12.77 -9.02 -1.57
C GLY A 81 -12.48 -10.33 -2.24
N HIS A 82 -11.41 -11.04 -1.81
CA HIS A 82 -11.07 -12.30 -2.42
C HIS A 82 -10.92 -13.33 -1.34
N PRO A 83 -12.02 -14.01 -1.08
CA PRO A 83 -12.08 -15.06 -0.07
C PRO A 83 -11.15 -16.20 -0.31
N GLU A 84 -10.96 -16.61 -1.59
CA GLU A 84 -10.11 -17.73 -1.88
C GLU A 84 -8.69 -17.27 -2.04
N ILE A 85 -8.43 -15.96 -1.97
CA ILE A 85 -7.06 -15.51 -2.08
C ILE A 85 -6.49 -15.66 -0.69
N ALA A 86 -7.38 -15.51 0.33
CA ALA A 86 -6.98 -15.65 1.71
C ALA A 86 -6.75 -17.12 2.02
N ASN A 87 -7.62 -18.01 1.47
CA ASN A 87 -7.50 -19.43 1.72
C ASN A 87 -6.22 -19.98 1.15
N GLU A 88 -5.78 -19.50 -0.03
CA GLU A 88 -4.58 -20.01 -0.65
C GLU A 88 -3.34 -19.62 0.15
N MET A 89 -3.41 -18.50 0.91
CA MET A 89 -2.26 -18.06 1.66
C MET A 89 -2.17 -18.87 2.94
N LYS A 90 -0.93 -18.98 3.51
CA LYS A 90 -0.74 -19.77 4.70
C LYS A 90 -0.20 -18.90 5.81
N ASP A 91 0.51 -17.80 5.46
CA ASP A 91 1.08 -16.96 6.49
C ASP A 91 1.59 -15.73 5.80
N SER A 92 1.98 -14.70 6.59
CA SER A 92 2.48 -13.47 6.02
C SER A 92 3.85 -13.70 5.41
N PHE A 93 4.66 -14.63 5.98
CA PHE A 93 5.98 -14.87 5.44
C PHE A 93 5.81 -15.55 4.10
N ASP A 94 4.96 -16.61 4.06
CA ASP A 94 4.68 -17.30 2.81
C ASP A 94 4.08 -16.34 1.82
N LEU A 95 3.36 -15.30 2.31
CA LEU A 95 2.76 -14.30 1.45
C LEU A 95 3.84 -13.55 0.72
N LEU A 96 4.99 -13.27 1.38
CA LEU A 96 6.05 -12.50 0.74
C LEU A 96 6.62 -13.28 -0.42
N SER A 97 6.70 -14.62 -0.29
CA SER A 97 7.25 -15.42 -1.38
C SER A 97 6.25 -15.47 -2.53
N LYS A 98 4.96 -15.62 -2.18
CA LYS A 98 3.87 -15.74 -3.15
C LYS A 98 3.53 -14.41 -3.81
N ILE A 99 4.07 -13.26 -3.33
CA ILE A 99 3.69 -11.97 -3.90
C ILE A 99 4.02 -11.89 -5.39
N ASP A 100 5.26 -12.21 -5.80
CA ASP A 100 5.60 -12.07 -7.19
C ASP A 100 5.21 -13.29 -8.00
N SER A 101 5.17 -14.49 -7.39
CA SER A 101 4.89 -15.68 -8.17
C SER A 101 3.47 -15.70 -8.73
N PHE A 102 2.42 -15.50 -7.89
CA PHE A 102 1.08 -15.61 -8.45
C PHE A 102 0.23 -14.37 -8.24
N ILE A 103 0.38 -13.66 -7.10
CA ILE A 103 -0.48 -12.52 -6.86
C ILE A 103 -0.40 -11.46 -7.96
N HIS A 104 0.80 -11.00 -8.38
CA HIS A 104 0.84 -9.96 -9.39
C HIS A 104 0.96 -10.56 -10.77
N VAL A 105 1.00 -11.92 -10.87
CA VAL A 105 1.10 -12.53 -12.18
C VAL A 105 -0.29 -12.79 -12.66
N GLU A 106 -1.18 -13.23 -11.75
CA GLU A 106 -2.55 -13.50 -12.10
C GLU A 106 -3.21 -12.21 -12.49
N VAL A 107 -2.94 -11.10 -11.74
CA VAL A 107 -3.57 -9.82 -12.07
C VAL A 107 -3.05 -9.32 -13.41
N TYR A 108 -1.72 -9.39 -13.65
CA TYR A 108 -1.14 -8.91 -14.90
C TYR A 108 -1.76 -9.62 -16.09
N LYS A 109 -2.03 -10.93 -15.96
CA LYS A 109 -2.60 -11.65 -17.08
C LYS A 109 -4.04 -11.26 -17.26
N LEU A 110 -4.78 -11.08 -16.14
CA LEU A 110 -6.18 -10.74 -16.24
C LEU A 110 -6.41 -9.26 -16.10
N TYR A 111 -5.40 -8.39 -16.42
CA TYR A 111 -5.58 -6.97 -16.29
C TYR A 111 -4.36 -6.35 -16.94
N PRO A 112 -4.49 -6.08 -18.20
CA PRO A 112 -3.40 -5.54 -19.02
C PRO A 112 -3.14 -4.05 -18.89
N GLN A 113 -3.94 -3.33 -18.08
CA GLN A 113 -3.73 -1.90 -17.96
C GLN A 113 -2.81 -1.62 -16.80
N ALA A 114 -2.05 -2.62 -16.32
CA ALA A 114 -1.15 -2.38 -15.22
C ALA A 114 0.25 -2.69 -15.69
N GLU A 115 1.27 -2.12 -15.01
CA GLU A 115 2.63 -2.37 -15.37
C GLU A 115 3.44 -2.45 -14.11
N LEU A 116 4.40 -3.41 -14.05
CA LEU A 116 5.20 -3.56 -12.86
C LEU A 116 6.66 -3.52 -13.23
N PRO A 117 7.45 -3.17 -12.25
CA PRO A 117 8.90 -3.07 -12.39
C PRO A 117 9.62 -4.37 -12.13
N LYS A 118 10.87 -4.30 -11.60
CA LYS A 118 11.63 -5.52 -11.36
C LYS A 118 11.56 -5.84 -9.89
N PHE A 119 11.50 -7.16 -9.54
CA PHE A 119 11.42 -7.55 -8.15
C PHE A 119 12.33 -8.74 -7.94
N THR A 120 13.16 -8.70 -6.86
CA THR A 120 14.04 -9.82 -6.57
C THR A 120 13.96 -10.06 -5.08
N CYS A 121 14.37 -11.27 -4.61
CA CYS A 121 14.29 -11.54 -3.19
C CYS A 121 15.44 -12.42 -2.77
N ASP A 122 16.29 -11.88 -1.86
CA ASP A 122 17.41 -12.65 -1.35
C ASP A 122 17.05 -13.08 0.05
N ARG A 123 17.66 -14.19 0.52
CA ARG A 123 17.36 -14.66 1.85
C ARG A 123 18.65 -14.67 2.64
N LEU A 124 18.68 -13.89 3.75
CA LEU A 124 19.86 -13.84 4.57
C LEU A 124 19.76 -14.89 5.65
N GLY A 125 18.53 -15.28 6.04
CA GLY A 125 18.40 -16.26 7.09
C GLY A 125 16.95 -16.38 7.46
N ASP A 126 16.70 -16.57 8.78
CA ASP A 126 15.34 -16.74 9.23
C ASP A 126 14.83 -15.43 9.78
N ASN A 127 15.68 -14.68 10.50
CA ASN A 127 15.24 -13.43 11.08
C ASN A 127 15.63 -12.27 10.21
N ASP A 128 16.11 -12.51 8.97
CA ASP A 128 16.51 -11.43 8.09
C ASP A 128 16.06 -11.85 6.72
N ILE A 129 15.55 -10.92 5.86
CA ILE A 129 15.11 -11.27 4.54
C ILE A 129 15.36 -9.99 3.77
N ARG A 130 15.62 -10.02 2.43
CA ARG A 130 15.89 -8.76 1.77
C ARG A 130 15.01 -8.66 0.55
N LEU A 131 14.42 -7.47 0.33
CA LEU A 131 13.61 -7.26 -0.83
C LEU A 131 14.18 -6.10 -1.58
N HIS A 132 14.44 -6.31 -2.89
CA HIS A 132 15.00 -5.25 -3.70
C HIS A 132 13.91 -4.83 -4.65
N TYR A 133 13.69 -3.50 -4.78
CA TYR A 133 12.65 -3.03 -5.65
C TYR A 133 13.27 -2.02 -6.58
N GLN A 134 13.16 -2.26 -7.91
CA GLN A 134 13.74 -1.34 -8.88
C GLN A 134 12.62 -0.59 -9.54
N SER A 135 12.44 0.69 -9.11
CA SER A 135 11.40 1.51 -9.66
C SER A 135 11.84 2.95 -9.61
N LYS A 136 11.27 3.81 -10.50
CA LYS A 136 11.64 5.20 -10.54
C LYS A 136 10.69 6.00 -9.66
N ARG A 137 9.72 5.33 -9.00
CA ARG A 137 8.79 6.04 -8.16
C ARG A 137 8.70 5.28 -6.86
N PRO A 138 9.74 5.44 -6.05
CA PRO A 138 9.83 4.74 -4.79
C PRO A 138 9.44 5.54 -3.57
N PHE A 139 8.21 5.30 -3.05
CA PHE A 139 7.79 5.97 -1.85
C PHE A 139 7.81 4.95 -0.75
N ALA A 140 8.72 5.14 0.22
CA ALA A 140 8.86 4.21 1.33
C ALA A 140 7.62 4.20 2.19
N SER A 141 7.01 5.39 2.43
CA SER A 141 5.84 5.47 3.28
C SER A 141 4.71 4.64 2.70
N PHE A 142 4.53 4.65 1.36
CA PHE A 142 3.46 3.90 0.74
C PHE A 142 3.67 2.41 0.92
N ALA A 143 4.92 1.94 0.71
CA ALA A 143 5.20 0.51 0.81
C ALA A 143 4.94 0.00 2.21
N GLU A 144 5.30 0.78 3.26
CA GLU A 144 5.09 0.33 4.62
C GLU A 144 3.62 0.23 4.90
N GLY A 145 2.82 1.13 4.30
CA GLY A 145 1.38 1.14 4.52
C GLY A 145 0.78 -0.17 4.09
N LEU A 146 1.27 -0.78 2.99
CA LEU A 146 0.67 -2.01 2.51
C LEU A 146 1.25 -3.22 3.22
N LEU A 147 2.58 -3.24 3.53
CA LEU A 147 3.18 -4.40 4.17
C LEU A 147 2.69 -4.52 5.59
N ASP A 148 2.59 -3.39 6.31
CA ASP A 148 2.14 -3.41 7.69
C ASP A 148 0.66 -3.69 7.75
N GLY A 149 -0.12 -3.30 6.70
CA GLY A 149 -1.55 -3.55 6.72
C GLY A 149 -1.80 -5.03 6.75
N CYS A 150 -1.03 -5.79 5.93
CA CYS A 150 -1.17 -7.24 5.91
C CYS A 150 -0.87 -7.80 7.28
N ALA A 151 0.18 -7.27 7.96
CA ALA A 151 0.53 -7.76 9.28
C ALA A 151 -0.50 -7.27 10.27
N GLU A 152 -1.43 -6.40 9.83
CA GLU A 152 -2.45 -5.91 10.72
C GLU A 152 -3.54 -6.94 10.84
N TYR A 153 -4.01 -7.49 9.70
CA TYR A 153 -5.06 -8.50 9.73
C TYR A 153 -4.58 -9.72 10.48
N PHE A 154 -3.33 -10.21 10.19
CA PHE A 154 -2.83 -11.40 10.86
C PHE A 154 -2.50 -11.11 12.30
N LYS A 155 -2.18 -9.83 12.63
CA LYS A 155 -1.81 -9.47 14.00
C LYS A 155 -0.47 -10.09 14.33
N GLU A 156 0.54 -9.86 13.45
CA GLU A 156 1.85 -10.40 13.71
C GLU A 156 2.73 -9.26 14.13
N ASP A 157 4.07 -9.48 14.15
CA ASP A 157 4.95 -8.42 14.56
C ASP A 157 6.23 -8.50 13.76
N PHE A 158 6.21 -7.92 12.55
CA PHE A 158 7.38 -7.90 11.70
C PHE A 158 7.78 -6.45 11.57
N THR A 159 9.08 -6.17 11.31
CA THR A 159 9.50 -4.79 11.21
C THR A 159 10.19 -4.58 9.89
N ILE A 160 9.73 -3.55 9.14
CA ILE A 160 10.32 -3.24 7.87
C ILE A 160 11.32 -2.12 8.09
N SER A 161 12.57 -2.30 7.59
CA SER A 161 13.59 -1.29 7.77
C SER A 161 14.11 -0.88 6.41
N ARG A 162 15.20 -0.08 6.41
CA ARG A 162 15.78 0.41 5.17
C ARG A 162 17.24 0.66 5.41
N THR A 163 18.06 0.66 4.32
CA THR A 163 19.48 0.92 4.51
C THR A 163 19.78 2.32 4.06
N PRO A 164 20.79 2.88 4.69
CA PRO A 164 21.24 4.25 4.42
C PRO A 164 21.95 4.44 3.11
N GLU A 165 22.36 3.34 2.44
CA GLU A 165 23.06 3.46 1.19
C GLU A 165 22.11 3.98 0.14
N THR A 166 20.86 3.45 0.12
CA THR A 166 19.90 3.89 -0.85
C THR A 166 18.76 4.55 -0.13
N GLN A 167 19.01 4.96 1.14
CA GLN A 167 17.99 5.62 1.92
C GLN A 167 17.57 6.90 1.25
N ASP A 168 18.54 7.66 0.67
CA ASP A 168 18.18 8.90 0.04
C ASP A 168 18.58 8.80 -1.42
N SER A 169 18.20 7.70 -2.09
CA SER A 169 18.54 7.55 -3.49
C SER A 169 17.36 6.89 -4.14
N GLU A 170 17.13 7.20 -5.44
CA GLU A 170 16.01 6.63 -6.14
C GLU A 170 16.51 5.58 -7.09
N THR A 171 15.54 4.89 -7.77
CA THR A 171 15.81 3.84 -8.75
C THR A 171 16.00 2.50 -8.07
N ASP A 172 16.67 2.45 -6.90
CA ASP A 172 16.87 1.17 -6.26
C ASP A 172 16.78 1.38 -4.77
N VAL A 173 16.03 0.49 -4.07
CA VAL A 173 15.90 0.63 -2.63
C VAL A 173 16.13 -0.73 -2.02
N ILE A 174 16.92 -0.76 -0.92
CA ILE A 174 17.21 -2.00 -0.24
C ILE A 174 16.44 -2.01 1.06
N PHE A 175 15.56 -3.02 1.20
CA PHE A 175 14.75 -3.13 2.40
C PHE A 175 15.21 -4.34 3.18
N ASN A 176 15.07 -4.23 4.52
CA ASN A 176 15.49 -5.29 5.40
C ASN A 176 14.31 -5.62 6.30
N ILE A 177 13.86 -6.90 6.26
CA ILE A 177 12.74 -7.30 7.09
C ILE A 177 13.33 -8.15 8.19
N THR A 178 13.01 -7.82 9.45
CA THR A 178 13.57 -8.54 10.58
C THR A 178 12.46 -9.04 11.46
N ARG A 179 12.58 -10.29 11.96
CA ARG A 179 11.56 -10.83 12.84
C ARG A 179 12.05 -10.60 14.25
N ALA A 180 11.34 -9.74 14.99
CA ALA A 180 11.73 -9.47 16.35
C ALA A 180 11.09 -10.50 17.24
N PRO A 181 11.55 -10.56 18.47
CA PRO A 181 11.01 -11.50 19.46
C PRO A 181 9.56 -11.22 19.76
N ARG A 182 9.13 -9.99 19.38
CA ARG A 182 7.77 -9.55 19.53
C ARG A 182 7.54 -9.03 20.92
N GLY A 183 8.50 -9.23 21.84
CA GLY A 183 8.31 -8.74 23.18
C GLY A 183 9.50 -7.95 23.59
N ALA A 184 10.16 -7.28 22.63
CA ALA A 184 11.32 -6.49 22.98
C ALA A 184 11.39 -5.34 22.02
N GLU A 185 11.92 -4.20 22.50
CA GLU A 185 12.05 -3.04 21.65
C GLU A 185 13.07 -2.13 22.28
N ASN A 186 13.67 -1.24 21.44
CA ASN A 186 14.65 -0.29 21.93
C ASN A 186 15.92 -1.04 22.26
N LEU A 187 16.38 -1.88 21.31
CA LEU A 187 17.58 -2.65 21.55
C LEU A 187 18.75 -1.98 20.86
N TYR A 188 18.52 -0.87 20.12
CA TYR A 188 19.61 -0.22 19.45
C TYR A 188 19.54 1.25 19.76
N PHE A 189 19.32 2.09 18.73
CA PHE A 189 19.26 3.51 18.95
C PHE A 189 18.34 4.10 17.92
N GLN A 190 17.84 5.34 18.21
CA GLN A 190 16.94 6.02 17.30
C GLN A 190 15.63 5.22 17.21
C01 IWP B . -8.19 6.22 10.23
C02 IWP B . -8.32 7.59 10.07
C03 IWP B . -8.67 5.61 11.40
C04 IWP B . -8.83 8.37 11.10
C05 IWP B . -9.63 2.43 16.03
C06 IWP B . -8.50 1.77 16.26
C07 IWP B . -11.83 2.98 13.79
C08 IWP B . -15.35 3.06 11.14
C09 IWP B . -9.49 5.76 13.77
C10 IWP B . -9.14 6.40 12.44
C11 IWP B . -9.26 7.77 12.28
C12 IWP B . -16.41 3.32 11.99
C13 IWP B . -9.57 2.80 14.69
C14 IWP B . -12.55 4.07 13.18
C15 IWP B . -10.61 3.54 14.07
C16 IWP B . -13.91 3.80 12.75
C17 IWP B . -16.14 3.85 13.23
F18 IWP B . -9.79 8.52 13.26
F19 IWP B . -17.68 3.07 11.59
N20 IWP B . -14.08 3.30 11.52
N21 IWP B . -14.89 4.10 13.63
N22 IWP B . -11.79 5.22 13.08
N23 IWP B . -8.46 2.41 14.08
N24 IWP B . -10.61 4.82 13.66
O25 IWP B . -17.16 4.12 14.10
O26 IWP B . -7.72 1.71 15.13
H01 IWP B . -7.74 5.61 9.46
H02 IWP B . -8.01 8.05 9.14
H03 IWP B . -8.69 4.53 11.48
H04 IWP B . -8.91 9.45 10.98
H05 IWP B . -10.43 2.65 16.73
H06 IWP B . -8.12 1.31 17.15
H07 IWP B . -12.16 1.97 13.99
H08 IWP B . -15.50 2.64 10.15
H091 IWP B . -8.63 5.23 14.16
H092 IWP B . -9.78 6.54 14.49
H25 IWP B . -16.97 4.98 14.53
CHA HEM C . 0.64 -2.29 -7.48
CHB HEM C . 2.91 -4.15 -3.80
CHC HEM C . -0.77 -7.00 -3.00
CHD HEM C . -2.69 -5.68 -7.18
C1A HEM C . 1.55 -2.52 -6.51
C2A HEM C . 2.67 -1.76 -6.31
C3A HEM C . 3.41 -2.39 -5.35
C4A HEM C . 2.65 -3.45 -4.92
CMA HEM C . 4.64 -1.93 -4.77
CAA HEM C . 3.04 -0.54 -7.02
CBA HEM C . 3.09 0.59 -6.14
CGA HEM C . 4.22 1.43 -6.50
O1A HEM C . 5.17 0.95 -7.10
O2A HEM C . 4.23 2.61 -6.18
C1B HEM C . 2.04 -5.00 -3.20
C2B HEM C . 2.18 -5.46 -1.92
C3B HEM C . 1.03 -6.14 -1.64
C4B HEM C . 0.34 -6.25 -2.82
CMB HEM C . 3.30 -5.24 -1.03
CAB HEM C . 0.79 -6.90 -0.42
CBB HEM C . 1.42 -6.68 0.74
C1C HEM C . -1.68 -6.78 -3.97
C2C HEM C . -2.96 -7.26 -3.97
C3C HEM C . -3.48 -6.96 -5.20
C4C HEM C . -2.53 -6.24 -5.87
CMC HEM C . -3.66 -7.87 -2.86
CAC HEM C . -4.61 -7.63 -5.82
CBC HEM C . -4.63 -8.92 -6.19
C1D HEM C . -1.78 -4.73 -7.74
C2D HEM C . -1.84 -4.23 -9.00
C3D HEM C . -0.89 -3.24 -9.06
C4D HEM C . -0.35 -3.15 -7.82
CMD HEM C . -2.67 -4.69 -10.09
CAD HEM C . -0.40 -2.59 -10.27
CBD HEM C . 0.45 -1.46 -9.95
CGD HEM C . -0.33 -0.41 -9.33
O1D HEM C . -0.86 -0.61 -8.25
O2D HEM C . -0.45 0.67 -9.88
NA HEM C . 1.52 -3.60 -5.67
NB HEM C . 0.87 -5.43 -3.77
NC HEM C . -1.43 -6.01 -5.09
ND HEM C . -0.75 -4.18 -7.02
FE HEM C . 0.05 -4.81 -5.39
HHB HEM C . 3.83 -3.91 -3.26
HHC HEM C . -0.83 -7.95 -2.47
HHD HEM C . -3.64 -5.84 -7.69
HMA HEM C . 4.77 -0.86 -4.97
HMAA HEM C . 5.49 -2.48 -5.21
HMAB HEM C . 4.63 -2.09 -3.68
HAA HEM C . 4.03 -0.70 -7.48
HAAA HEM C . 2.31 -0.36 -7.82
HBA HEM C . 2.18 1.18 -6.24
HBAA HEM C . 3.20 0.27 -5.10
HMB HEM C . 3.46 -4.16 -0.91
HMBA HEM C . 4.20 -5.69 -1.45
HMBB HEM C . 3.09 -5.70 -0.05
HAB HEM C . 0.10 -7.75 -0.48
HBB HEM C . 2.50 -6.67 0.74
HBBA HEM C . 0.84 -6.26 1.57
HMC HEM C . -2.98 -8.56 -2.33
HMCA HEM C . -3.99 -7.09 -2.16
HMCB HEM C . -4.52 -8.43 -3.22
HAC HEM C . -5.53 -7.05 -5.95
HBC HEM C . -5.37 -9.23 -6.92
HBCA HEM C . -4.15 -9.65 -5.52
HMD HEM C . -3.35 -5.47 -9.73
HMDA HEM C . -3.24 -3.86 -10.50
HMDB HEM C . -2.04 -5.11 -10.88
HAD HEM C . -1.25 -2.24 -10.87
HADA HEM C . 0.18 -3.32 -10.85
HBD HEM C . 1.24 -1.76 -9.26
HBDA HEM C . 0.90 -1.06 -10.87
HHA HEM C . 0.69 -1.34 -8.01
C CMO D . -0.86 -3.46 -4.42
O CMO D . -1.40 -2.64 -3.83
N MET A 1 -4.96 -0.27 -10.60
CA MET A 1 -5.43 0.13 -9.24
C MET A 1 -5.68 1.60 -9.18
N MET A 2 -6.91 2.03 -9.55
CA MET A 2 -7.22 3.43 -9.51
C MET A 2 -8.71 3.57 -9.27
N GLY A 3 -9.52 2.66 -9.83
CA GLY A 3 -10.96 2.74 -9.64
C GLY A 3 -11.31 2.31 -8.24
N MET A 4 -10.67 1.24 -7.70
CA MET A 4 -11.01 0.78 -6.37
C MET A 4 -10.25 1.56 -5.34
N VAL A 5 -9.29 2.42 -5.76
CA VAL A 5 -8.58 3.19 -4.78
C VAL A 5 -9.45 4.39 -4.49
N PHE A 6 -10.31 4.75 -5.48
CA PHE A 6 -11.22 5.86 -5.31
C PHE A 6 -12.31 5.41 -4.39
N THR A 7 -12.75 4.13 -4.52
CA THR A 7 -13.84 3.62 -3.69
C THR A 7 -13.46 3.69 -2.23
N GLY A 8 -12.23 3.23 -1.87
CA GLY A 8 -11.81 3.27 -0.49
C GLY A 8 -11.77 4.69 0.04
N LEU A 9 -11.27 5.64 -0.78
CA LEU A 9 -11.14 7.03 -0.35
C LEU A 9 -12.50 7.67 -0.11
N MET A 10 -13.52 7.37 -0.96
CA MET A 10 -14.84 7.99 -0.81
C MET A 10 -15.50 7.50 0.46
N GLU A 11 -15.33 6.21 0.77
CA GLU A 11 -15.93 5.61 1.93
C GLU A 11 -15.27 6.10 3.21
N LEU A 12 -13.95 6.43 3.14
CA LEU A 12 -13.24 6.85 4.33
C LEU A 12 -13.66 8.25 4.75
N ILE A 13 -13.83 9.21 3.81
CA ILE A 13 -14.14 10.57 4.20
C ILE A 13 -15.60 10.69 4.58
N GLU A 14 -16.48 9.80 4.05
CA GLU A 14 -17.89 9.94 4.34
C GLU A 14 -18.17 9.49 5.76
N ASP A 15 -17.53 8.38 6.19
CA ASP A 15 -17.78 7.83 7.50
C ASP A 15 -16.98 8.55 8.57
N GLU A 16 -15.75 8.97 8.27
CA GLU A 16 -14.91 9.57 9.28
C GLU A 16 -15.36 10.97 9.63
N PHE A 17 -15.69 11.84 8.64
CA PHE A 17 -16.04 13.19 9.04
C PHE A 17 -17.41 13.62 8.56
N GLY A 18 -17.95 13.05 7.46
CA GLY A 18 -19.26 13.51 7.04
C GLY A 18 -19.37 13.46 5.55
N TYR A 19 -20.56 13.83 5.03
CA TYR A 19 -20.78 13.77 3.63
C TYR A 19 -20.59 15.15 3.09
N GLU A 20 -20.66 16.18 3.99
CA GLU A 20 -20.45 17.54 3.57
C GLU A 20 -18.99 17.70 3.23
N THR A 21 -18.11 17.07 4.04
CA THR A 21 -16.69 17.15 3.80
C THR A 21 -16.39 16.44 2.49
N LEU A 22 -17.05 15.27 2.25
CA LEU A 22 -16.82 14.56 1.01
C LEU A 22 -17.33 15.41 -0.14
N ASP A 23 -18.32 16.30 0.12
CA ASP A 23 -18.88 17.15 -0.90
C ASP A 23 -17.82 18.14 -1.35
N THR A 24 -17.02 18.69 -0.40
CA THR A 24 -15.98 19.65 -0.72
C THR A 24 -14.94 19.00 -1.60
N LEU A 25 -14.58 17.73 -1.31
CA LEU A 25 -13.59 17.02 -2.09
C LEU A 25 -14.05 16.91 -3.54
N LEU A 26 -15.36 16.64 -3.74
CA LEU A 26 -15.92 16.50 -5.06
C LEU A 26 -15.85 17.82 -5.80
N GLU A 27 -16.02 18.95 -5.08
CA GLU A 27 -16.01 20.25 -5.72
C GLU A 27 -14.63 20.53 -6.27
N SER A 28 -13.56 20.14 -5.52
CA SER A 28 -12.21 20.38 -5.96
C SER A 28 -11.97 19.66 -7.28
N CYS A 29 -12.51 18.44 -7.46
CA CYS A 29 -12.24 17.73 -8.70
C CYS A 29 -13.51 17.68 -9.51
N GLU A 30 -13.56 18.46 -10.61
CA GLU A 30 -14.72 18.49 -11.48
C GLU A 30 -14.86 17.13 -12.13
N LEU A 31 -16.12 16.64 -12.24
CA LEU A 31 -16.33 15.35 -12.84
C LEU A 31 -17.14 15.53 -14.10
N GLN A 32 -16.57 15.05 -15.23
CA GLN A 32 -17.24 15.17 -16.51
C GLN A 32 -18.40 14.20 -16.57
N SER A 33 -18.21 12.96 -16.06
CA SER A 33 -19.26 11.96 -16.14
C SER A 33 -19.93 11.84 -14.79
N GLU A 34 -20.28 10.58 -14.40
CA GLU A 34 -20.96 10.34 -13.15
C GLU A 34 -20.00 10.63 -12.02
N GLY A 35 -18.72 10.21 -12.19
CA GLY A 35 -17.76 10.48 -11.16
C GLY A 35 -17.45 9.23 -10.38
N ILE A 36 -18.32 8.20 -10.40
CA ILE A 36 -18.01 7.02 -9.63
C ILE A 36 -18.27 5.82 -10.52
N TYR A 37 -17.17 5.25 -11.08
CA TYR A 37 -17.30 4.11 -11.96
C TYR A 37 -17.10 2.83 -11.18
N THR A 38 -16.30 1.93 -11.77
CA THR A 38 -16.00 0.67 -11.18
C THR A 38 -14.52 0.46 -11.44
N SER A 39 -13.93 -0.66 -10.99
CA SER A 39 -12.52 -0.86 -11.22
C SER A 39 -12.35 -1.44 -12.60
N VAL A 40 -11.74 -0.66 -13.52
CA VAL A 40 -11.55 -1.13 -14.87
C VAL A 40 -10.92 -0.02 -15.70
N GLY A 41 -10.75 1.20 -15.11
CA GLY A 41 -10.20 2.30 -15.85
C GLY A 41 -8.71 2.36 -15.67
N SER A 42 -8.18 3.61 -15.51
CA SER A 42 -6.75 3.82 -15.38
C SER A 42 -6.50 5.30 -15.58
N TYR A 43 -6.70 6.12 -14.52
CA TYR A 43 -6.48 7.55 -14.65
C TYR A 43 -5.04 7.86 -14.38
N ASP A 44 -4.73 9.18 -14.37
CA ASP A 44 -3.38 9.63 -14.15
C ASP A 44 -3.02 9.51 -12.69
N HIS A 45 -1.74 9.82 -12.38
CA HIS A 45 -1.26 9.72 -11.03
C HIS A 45 -1.57 11.02 -10.33
N GLN A 46 -1.54 12.14 -11.09
CA GLN A 46 -1.80 13.45 -10.54
C GLN A 46 -3.25 13.53 -10.09
N GLU A 47 -4.15 12.73 -10.70
CA GLU A 47 -5.55 12.75 -10.33
C GLU A 47 -5.68 12.37 -8.87
N LEU A 48 -5.04 11.25 -8.47
CA LEU A 48 -5.06 10.79 -7.09
C LEU A 48 -4.41 11.83 -6.18
N LEU A 49 -3.36 12.51 -6.70
CA LEU A 49 -2.63 13.46 -5.88
C LEU A 49 -3.48 14.68 -5.62
N GLN A 50 -4.33 15.10 -6.59
CA GLN A 50 -5.16 16.26 -6.41
C GLN A 50 -6.15 16.02 -5.28
N LEU A 51 -6.70 14.79 -5.16
CA LEU A 51 -7.64 14.51 -4.09
C LEU A 51 -6.90 14.28 -2.80
N VAL A 52 -5.57 14.13 -2.89
CA VAL A 52 -4.79 13.89 -1.70
C VAL A 52 -4.38 15.22 -1.09
N VAL A 53 -4.03 16.21 -1.95
CA VAL A 53 -3.63 17.50 -1.42
C VAL A 53 -4.86 18.18 -0.83
N LYS A 54 -6.07 17.93 -1.40
CA LYS A 54 -7.25 18.54 -0.82
C LYS A 54 -7.52 17.89 0.51
N LEU A 55 -7.25 16.57 0.66
CA LEU A 55 -7.48 15.89 1.93
C LEU A 55 -6.44 16.31 2.93
N SER A 56 -5.38 16.98 2.46
CA SER A 56 -4.37 17.34 3.41
C SER A 56 -4.66 18.74 3.91
N GLU A 57 -5.50 19.52 3.19
CA GLU A 57 -5.82 20.85 3.62
C GLU A 57 -7.20 20.90 4.20
N VAL A 58 -8.08 19.93 3.85
CA VAL A 58 -9.44 19.96 4.36
C VAL A 58 -9.49 19.35 5.74
N SER A 59 -8.75 18.23 5.99
CA SER A 59 -8.82 17.63 7.30
C SER A 59 -7.59 17.96 8.10
N SER A 60 -6.57 18.59 7.47
CA SER A 60 -5.36 18.95 8.18
C SER A 60 -4.62 17.68 8.53
N VAL A 61 -4.67 16.69 7.60
CA VAL A 61 -4.00 15.44 7.84
C VAL A 61 -2.81 15.39 6.92
N PRO A 62 -1.66 15.14 7.51
CA PRO A 62 -0.40 15.06 6.77
C PRO A 62 -0.41 14.00 5.70
N VAL A 63 0.39 14.21 4.65
CA VAL A 63 0.42 13.28 3.54
C VAL A 63 1.04 11.96 3.96
N THR A 64 1.81 11.92 5.08
CA THR A 64 2.42 10.66 5.47
C THR A 64 1.53 9.96 6.46
N GLU A 65 0.84 10.71 7.36
CA GLU A 65 -0.04 10.10 8.33
C GLU A 65 -1.26 9.56 7.62
N LEU A 66 -1.66 10.22 6.51
CA LEU A 66 -2.84 9.81 5.80
C LEU A 66 -2.49 8.62 4.92
N VAL A 67 -1.25 8.60 4.37
CA VAL A 67 -0.84 7.49 3.52
C VAL A 67 -0.77 6.20 4.33
N ARG A 68 -0.50 6.29 5.67
CA ARG A 68 -0.40 5.09 6.49
C ARG A 68 -1.78 4.52 6.76
N LEU A 69 -2.71 5.35 7.31
CA LEU A 69 -4.05 4.87 7.64
C LEU A 69 -4.79 4.40 6.40
N PHE A 70 -4.62 5.11 5.27
CA PHE A 70 -5.28 4.75 4.03
C PHE A 70 -4.85 3.36 3.60
N GLY A 71 -3.55 3.03 3.79
CA GLY A 71 -3.03 1.74 3.40
C GLY A 71 -3.77 0.64 4.12
N LYS A 72 -4.04 0.82 5.44
CA LYS A 72 -4.74 -0.20 6.22
C LYS A 72 -6.14 -0.50 5.68
N LYS A 73 -6.95 0.56 5.40
CA LYS A 73 -8.32 0.34 4.94
C LYS A 73 -8.41 -0.43 3.63
N LEU A 74 -7.69 0.01 2.57
CA LEU A 74 -7.81 -0.65 1.28
C LEU A 74 -7.28 -2.08 1.29
N PHE A 75 -6.16 -2.36 2.00
CA PHE A 75 -5.62 -3.70 1.99
C PHE A 75 -6.60 -4.71 2.59
N VAL A 76 -7.27 -4.38 3.72
CA VAL A 76 -8.19 -5.32 4.32
C VAL A 76 -9.43 -5.46 3.46
N GLU A 77 -9.65 -4.49 2.55
CA GLU A 77 -10.79 -4.57 1.67
C GLU A 77 -10.56 -5.70 0.67
N LEU A 78 -9.29 -5.86 0.20
CA LEU A 78 -9.00 -6.92 -0.75
C LEU A 78 -9.12 -8.25 -0.07
N ILE A 79 -8.83 -8.31 1.26
CA ILE A 79 -8.94 -9.58 1.98
C ILE A 79 -10.40 -9.98 1.98
N GLU A 80 -11.31 -9.01 2.18
CA GLU A 80 -12.73 -9.29 2.21
C GLU A 80 -13.27 -9.27 0.81
N GLY A 81 -12.39 -9.08 -0.20
CA GLY A 81 -12.83 -9.04 -1.56
C GLY A 81 -12.58 -10.37 -2.23
N HIS A 82 -11.51 -11.08 -1.80
CA HIS A 82 -11.20 -12.35 -2.41
C HIS A 82 -11.03 -13.38 -1.32
N PRO A 83 -12.12 -14.08 -1.07
CA PRO A 83 -12.16 -15.13 -0.06
C PRO A 83 -11.21 -16.27 -0.31
N GLU A 84 -11.02 -16.67 -1.60
CA GLU A 84 -10.16 -17.78 -1.88
C GLU A 84 -8.74 -17.32 -2.03
N ILE A 85 -8.49 -16.00 -1.97
CA ILE A 85 -7.13 -15.54 -2.08
C ILE A 85 -6.56 -15.68 -0.69
N ALA A 86 -7.46 -15.53 0.32
CA ALA A 86 -7.07 -15.66 1.72
C ALA A 86 -6.84 -17.12 2.04
N ASN A 87 -7.69 -18.02 1.49
CA ASN A 87 -7.58 -19.43 1.76
C ASN A 87 -6.29 -20.00 1.20
N GLU A 88 -5.84 -19.53 0.02
CA GLU A 88 -4.64 -20.06 -0.59
C GLU A 88 -3.40 -19.65 0.18
N MET A 89 -3.47 -18.52 0.93
CA MET A 89 -2.31 -18.05 1.67
C MET A 89 -2.20 -18.86 2.96
N LYS A 90 -0.96 -18.97 3.50
CA LYS A 90 -0.74 -19.75 4.69
C LYS A 90 -0.20 -18.87 5.79
N ASP A 91 0.51 -17.78 5.45
CA ASP A 91 1.08 -16.94 6.47
C ASP A 91 1.58 -15.70 5.78
N SER A 92 1.98 -14.68 6.57
CA SER A 92 2.48 -13.46 5.98
C SER A 92 3.85 -13.67 5.39
N PHE A 93 4.66 -14.61 5.95
CA PHE A 93 5.98 -14.85 5.43
C PHE A 93 5.81 -15.51 4.07
N ASP A 94 4.96 -16.57 4.02
CA ASP A 94 4.68 -17.24 2.76
C ASP A 94 4.10 -16.25 1.78
N LEU A 95 3.36 -15.24 2.28
CA LEU A 95 2.77 -14.23 1.41
C LEU A 95 3.87 -13.45 0.72
N LEU A 96 5.02 -13.20 1.42
CA LEU A 96 6.10 -12.42 0.84
C LEU A 96 6.70 -13.15 -0.32
N SER A 97 6.69 -14.50 -0.29
CA SER A 97 7.26 -15.26 -1.40
C SER A 97 6.26 -15.36 -2.52
N LYS A 98 4.97 -15.54 -2.16
CA LYS A 98 3.89 -15.70 -3.13
C LYS A 98 3.54 -14.40 -3.84
N ILE A 99 4.06 -13.24 -3.37
CA ILE A 99 3.68 -11.97 -3.99
C ILE A 99 4.05 -11.92 -5.46
N ASP A 100 5.30 -12.24 -5.84
CA ASP A 100 5.67 -12.14 -7.23
C ASP A 100 5.25 -13.35 -8.04
N SER A 101 5.18 -14.56 -7.44
CA SER A 101 4.87 -15.74 -8.22
C SER A 101 3.45 -15.76 -8.76
N PHE A 102 2.41 -15.57 -7.91
CA PHE A 102 1.05 -15.67 -8.46
C PHE A 102 0.21 -14.43 -8.25
N ILE A 103 0.35 -13.72 -7.11
CA ILE A 103 -0.52 -12.58 -6.86
C ILE A 103 -0.43 -11.52 -7.96
N HIS A 104 0.78 -11.03 -8.35
CA HIS A 104 0.81 -9.99 -9.35
C HIS A 104 0.94 -10.57 -10.74
N VAL A 105 0.96 -11.92 -10.87
CA VAL A 105 1.06 -12.52 -12.18
C VAL A 105 -0.34 -12.78 -12.65
N GLU A 106 -1.20 -13.23 -11.73
CA GLU A 106 -2.57 -13.51 -12.09
C GLU A 106 -3.26 -12.22 -12.48
N VAL A 107 -2.98 -11.12 -11.74
CA VAL A 107 -3.62 -9.85 -12.07
C VAL A 107 -3.11 -9.34 -13.40
N TYR A 108 -1.77 -9.41 -13.63
CA TYR A 108 -1.18 -8.93 -14.89
C TYR A 108 -1.80 -9.63 -16.07
N LYS A 109 -2.08 -10.95 -15.95
CA LYS A 109 -2.63 -11.68 -17.07
C LYS A 109 -4.08 -11.29 -17.26
N LEU A 110 -4.83 -11.10 -16.15
CA LEU A 110 -6.23 -10.78 -16.24
C LEU A 110 -6.46 -9.29 -16.12
N TYR A 111 -5.45 -8.43 -16.41
CA TYR A 111 -5.65 -7.00 -16.29
C TYR A 111 -4.44 -6.37 -16.92
N PRO A 112 -4.56 -6.09 -18.20
CA PRO A 112 -3.47 -5.54 -19.00
C PRO A 112 -3.20 -4.07 -18.86
N GLN A 113 -3.98 -3.34 -18.03
CA GLN A 113 -3.74 -1.92 -17.91
C GLN A 113 -2.82 -1.64 -16.74
N ALA A 114 -2.06 -2.64 -16.26
CA ALA A 114 -1.16 -2.40 -15.16
C ALA A 114 0.24 -2.70 -15.62
N GLU A 115 1.25 -2.10 -14.95
CA GLU A 115 2.62 -2.34 -15.32
C GLU A 115 3.43 -2.39 -14.06
N LEU A 116 4.41 -3.33 -14.00
CA LEU A 116 5.21 -3.46 -12.81
C LEU A 116 6.67 -3.47 -13.20
N PRO A 117 7.49 -3.12 -12.22
CA PRO A 117 8.94 -3.05 -12.38
C PRO A 117 9.64 -4.36 -12.11
N LYS A 118 10.91 -4.31 -11.59
CA LYS A 118 11.65 -5.52 -11.34
C LYS A 118 11.58 -5.85 -9.86
N PHE A 119 11.51 -7.17 -9.54
CA PHE A 119 11.40 -7.57 -8.15
C PHE A 119 12.34 -8.74 -7.91
N THR A 120 13.16 -8.67 -6.82
CA THR A 120 14.06 -9.78 -6.51
C THR A 120 13.98 -10.00 -5.01
N CYS A 121 14.39 -11.20 -4.53
CA CYS A 121 14.31 -11.45 -3.11
C CYS A 121 15.45 -12.36 -2.69
N ASP A 122 16.31 -11.84 -1.79
CA ASP A 122 17.42 -12.64 -1.29
C ASP A 122 17.06 -13.07 0.10
N ARG A 123 17.66 -14.19 0.57
CA ARG A 123 17.37 -14.68 1.91
C ARG A 123 18.65 -14.70 2.69
N LEU A 124 18.70 -13.92 3.80
CA LEU A 124 19.89 -13.89 4.61
C LEU A 124 19.77 -14.92 5.70
N GLY A 125 18.54 -15.32 6.08
CA GLY A 125 18.41 -16.28 7.14
C GLY A 125 16.96 -16.40 7.52
N ASP A 126 16.70 -16.59 8.83
CA ASP A 126 15.35 -16.76 9.28
C ASP A 126 14.84 -15.45 9.82
N ASN A 127 15.70 -14.68 10.55
CA ASN A 127 15.25 -13.43 11.13
C ASN A 127 15.67 -12.27 10.26
N ASP A 128 16.16 -12.53 9.03
CA ASP A 128 16.58 -11.46 8.15
C ASP A 128 16.15 -11.86 6.77
N ILE A 129 15.63 -10.93 5.93
CA ILE A 129 15.19 -11.28 4.60
C ILE A 129 15.45 -9.99 3.83
N ARG A 130 15.70 -10.01 2.50
CA ARG A 130 15.97 -8.76 1.83
C ARG A 130 15.07 -8.64 0.64
N LEU A 131 14.51 -7.42 0.46
CA LEU A 131 13.65 -7.16 -0.66
C LEU A 131 14.26 -6.03 -1.45
N HIS A 132 14.50 -6.28 -2.77
CA HIS A 132 15.07 -5.26 -3.61
C HIS A 132 14.00 -4.84 -4.57
N TYR A 133 13.80 -3.52 -4.72
CA TYR A 133 12.76 -3.06 -5.61
C TYR A 133 13.39 -2.05 -6.55
N GLN A 134 13.26 -2.28 -7.89
CA GLN A 134 13.84 -1.37 -8.85
C GLN A 134 12.72 -0.62 -9.52
N SER A 135 12.55 0.67 -9.11
CA SER A 135 11.51 1.49 -9.68
C SER A 135 11.95 2.94 -9.62
N LYS A 136 11.38 3.79 -10.52
CA LYS A 136 11.74 5.19 -10.56
C LYS A 136 10.78 5.98 -9.70
N ARG A 137 9.80 5.31 -9.05
CA ARG A 137 8.85 6.02 -8.22
C ARG A 137 8.78 5.28 -6.92
N PRO A 138 9.80 5.47 -6.11
CA PRO A 138 9.93 4.81 -4.83
C PRO A 138 9.47 5.58 -3.63
N PHE A 139 8.23 5.34 -3.16
CA PHE A 139 7.77 6.02 -1.96
C PHE A 139 7.78 4.99 -0.86
N ALA A 140 8.70 5.19 0.11
CA ALA A 140 8.84 4.26 1.23
C ALA A 140 7.60 4.26 2.09
N SER A 141 7.00 5.46 2.34
CA SER A 141 5.84 5.55 3.18
C SER A 141 4.70 4.72 2.63
N PHE A 142 4.52 4.72 1.29
CA PHE A 142 3.44 3.97 0.68
C PHE A 142 3.66 2.49 0.87
N ALA A 143 4.91 2.01 0.65
CA ALA A 143 5.21 0.60 0.76
C ALA A 143 4.94 0.08 2.16
N GLU A 144 5.30 0.85 3.21
CA GLU A 144 5.09 0.40 4.57
C GLU A 144 3.62 0.30 4.85
N GLY A 145 2.81 1.20 4.24
CA GLY A 145 1.39 1.21 4.46
C GLY A 145 0.78 -0.11 4.03
N LEU A 146 1.27 -0.72 2.92
CA LEU A 146 0.66 -1.94 2.44
C LEU A 146 1.25 -3.15 3.18
N LEU A 147 2.57 -3.16 3.49
CA LEU A 147 3.16 -4.33 4.14
C LEU A 147 2.67 -4.45 5.56
N ASP A 148 2.56 -3.32 6.28
CA ASP A 148 2.12 -3.35 7.66
C ASP A 148 0.63 -3.63 7.72
N GLY A 149 -0.14 -3.24 6.66
CA GLY A 149 -1.57 -3.50 6.67
C GLY A 149 -1.81 -4.99 6.69
N CYS A 150 -1.02 -5.73 5.88
CA CYS A 150 -1.14 -7.18 5.84
C CYS A 150 -0.85 -7.75 7.22
N ALA A 151 0.19 -7.23 7.90
CA ALA A 151 0.52 -7.74 9.22
C ALA A 151 -0.50 -7.24 10.22
N GLU A 152 -1.42 -6.36 9.77
CA GLU A 152 -2.43 -5.85 10.65
C GLU A 152 -3.53 -6.88 10.78
N TYR A 153 -4.02 -7.43 9.64
CA TYR A 153 -5.06 -8.44 9.70
C TYR A 153 -4.57 -9.65 10.45
N PHE A 154 -3.34 -10.15 10.16
CA PHE A 154 -2.85 -11.34 10.82
C PHE A 154 -2.49 -11.04 12.26
N LYS A 155 -2.17 -9.77 12.58
CA LYS A 155 -1.81 -9.39 13.94
C LYS A 155 -0.48 -10.04 14.28
N GLU A 156 0.54 -9.81 13.43
CA GLU A 156 1.85 -10.38 13.69
C GLU A 156 2.75 -9.25 14.14
N ASP A 157 4.08 -9.50 14.16
CA ASP A 157 4.98 -8.47 14.59
C ASP A 157 6.24 -8.54 13.76
N PHE A 158 6.22 -7.92 12.56
CA PHE A 158 7.38 -7.90 11.70
C PHE A 158 7.77 -6.45 11.57
N THR A 159 9.07 -6.17 11.29
CA THR A 159 9.49 -4.79 11.20
C THR A 159 10.18 -4.58 9.88
N ILE A 160 9.73 -3.54 9.14
CA ILE A 160 10.31 -3.22 7.86
C ILE A 160 11.31 -2.11 8.07
N SER A 161 12.56 -2.28 7.56
CA SER A 161 13.58 -1.27 7.74
C SER A 161 14.11 -0.86 6.38
N ARG A 162 15.23 -0.08 6.39
CA ARG A 162 15.81 0.41 5.17
C ARG A 162 17.28 0.65 5.42
N THR A 163 18.11 0.68 4.34
CA THR A 163 19.53 0.92 4.53
C THR A 163 19.84 2.33 4.07
N PRO A 164 20.86 2.89 4.68
CA PRO A 164 21.31 4.25 4.41
C PRO A 164 22.03 4.43 3.10
N GLU A 165 22.44 3.32 2.44
CA GLU A 165 23.14 3.46 1.18
C GLU A 165 22.18 3.96 0.13
N THR A 166 20.94 3.46 0.12
CA THR A 166 19.97 3.90 -0.85
C THR A 166 18.84 4.57 -0.14
N GLN A 167 19.08 4.97 1.14
CA GLN A 167 18.06 5.63 1.92
C GLN A 167 17.66 6.91 1.25
N ASP A 168 18.63 7.67 0.69
CA ASP A 168 18.28 8.92 0.05
C ASP A 168 18.68 8.83 -1.39
N SER A 169 18.31 7.73 -2.08
CA SER A 169 18.64 7.59 -3.48
C SER A 169 17.46 6.93 -4.14
N GLU A 170 17.23 7.25 -5.44
CA GLU A 170 16.10 6.68 -6.13
C GLU A 170 16.59 5.62 -7.09
N THR A 171 15.61 4.94 -7.75
CA THR A 171 15.86 3.88 -8.74
C THR A 171 16.06 2.54 -8.06
N ASP A 172 16.73 2.50 -6.88
CA ASP A 172 16.94 1.22 -6.24
C ASP A 172 16.86 1.43 -4.75
N VAL A 173 16.11 0.55 -4.05
CA VAL A 173 15.98 0.67 -2.62
C VAL A 173 16.20 -0.69 -2.00
N ILE A 174 17.00 -0.72 -0.91
CA ILE A 174 17.30 -1.96 -0.24
C ILE A 174 16.51 -1.97 1.05
N PHE A 175 15.64 -2.99 1.20
CA PHE A 175 14.82 -3.10 2.38
C PHE A 175 15.28 -4.29 3.17
N ASN A 176 15.05 -4.21 4.50
CA ASN A 176 15.48 -5.26 5.40
C ASN A 176 14.31 -5.61 6.28
N ILE A 177 13.86 -6.88 6.25
CA ILE A 177 12.74 -7.30 7.07
C ILE A 177 13.33 -8.15 8.17
N THR A 178 13.01 -7.81 9.45
CA THR A 178 13.57 -8.54 10.56
C THR A 178 12.45 -9.04 11.43
N ARG A 179 12.57 -10.31 11.92
CA ARG A 179 11.54 -10.85 12.79
C ARG A 179 12.06 -10.68 14.20
N ALA A 180 11.36 -9.86 15.00
CA ALA A 180 11.77 -9.65 16.37
C ALA A 180 11.16 -10.74 17.21
N PRO A 181 11.69 -10.91 18.40
CA PRO A 181 11.20 -11.91 19.35
C PRO A 181 9.75 -11.73 19.67
N ARG A 182 9.29 -10.46 19.52
CA ARG A 182 7.92 -10.08 19.72
C ARG A 182 7.71 -9.75 21.17
N GLY A 183 8.29 -8.61 21.63
CA GLY A 183 8.10 -8.23 23.01
C GLY A 183 9.44 -8.00 23.64
N ALA A 184 10.47 -7.74 22.82
CA ALA A 184 11.78 -7.49 23.36
C ALA A 184 12.46 -6.51 22.47
N GLU A 185 13.29 -5.62 23.07
CA GLU A 185 13.98 -4.65 22.29
C GLU A 185 15.12 -4.11 23.12
N ASN A 186 16.10 -3.44 22.45
CA ASN A 186 17.24 -2.86 23.14
C ASN A 186 18.12 -3.97 23.66
N LEU A 187 18.25 -5.06 22.89
CA LEU A 187 19.09 -6.15 23.32
C LEU A 187 20.42 -6.06 22.62
N TYR A 188 20.59 -5.08 21.70
CA TYR A 188 21.86 -4.97 21.02
C TYR A 188 22.26 -3.52 21.00
N PHE A 189 22.26 -2.90 19.80
CA PHE A 189 22.64 -1.51 19.70
C PHE A 189 21.91 -0.90 18.54
N GLN A 190 21.83 0.45 18.54
CA GLN A 190 21.15 1.17 17.47
C GLN A 190 19.66 0.80 17.51
C01 IWP B . -8.24 5.82 10.12
C02 IWP B . -8.45 7.21 10.08
C03 IWP B . -8.71 5.10 11.20
C04 IWP B . -9.04 7.86 11.16
C05 IWP B . -9.83 1.42 15.54
C06 IWP B . -8.73 0.72 15.68
C07 IWP B . -12.03 2.30 13.43
C08 IWP B . -15.60 3.01 10.83
C09 IWP B . -9.57 4.96 13.57
C10 IWP B . -9.25 5.74 12.31
C11 IWP B . -9.49 7.11 12.25
C12 IWP B . -16.62 2.96 11.77
C13 IWP B . -9.76 1.95 14.26
C14 IWP B . -12.71 3.46 12.92
C15 IWP B . -10.78 2.78 13.71
C16 IWP B . -14.09 3.30 12.52
C17 IWP B . -16.29 3.10 13.10
F18 IWP B . -10.15 7.72 13.26
F19 IWP B . -17.90 2.79 11.39
N20 IWP B . -14.32 3.18 11.19
N21 IWP B . -15.02 3.28 13.49
N22 IWP B . -11.91 4.59 12.90
N23 IWP B . -8.65 1.60 13.59
N24 IWP B . -10.73 4.09 13.40
O25 IWP B . -17.25 3.06 14.07
O26 IWP B . -7.94 0.77 14.55
H01 IWP B . -7.72 5.33 9.31
H02 IWP B . -8.15 7.77 9.21
H03 IWP B . -8.66 4.01 11.18
H04 IWP B . -9.15 8.93 11.15
H05 IWP B . -10.64 1.56 16.26
H06 IWP B . -8.36 0.13 16.52
H07 IWP B . -12.41 1.29 13.55
H08 IWP B . -15.81 2.90 9.77
H091 IWP B . -8.71 4.35 13.85
H092 IWP B . -9.77 5.67 14.39
H25 IWP B . -17.74 3.91 14.05
CHA HEM C . 0.64 -2.29 -7.28
CHB HEM C . 2.97 -4.25 -3.68
CHC HEM C . -0.76 -7.06 -2.87
CHD HEM C . -2.64 -5.76 -7.08
C1A HEM C . 1.58 -2.56 -6.35
C2A HEM C . 2.70 -1.81 -6.14
C3A HEM C . 3.45 -2.47 -5.22
C4A HEM C . 2.69 -3.53 -4.79
CMA HEM C . 4.70 -2.02 -4.64
CAA HEM C . 3.06 -0.59 -6.83
CBA HEM C . 3.27 0.51 -5.90
CGA HEM C . 4.35 1.35 -6.39
O1A HEM C . 5.22 0.88 -7.10
O2A HEM C . 4.38 2.54 -6.08
C1B HEM C . 2.15 -5.20 -3.15
C2B HEM C . 2.39 -5.82 -1.97
C3B HEM C . 1.32 -6.62 -1.72
C4B HEM C . 0.45 -6.45 -2.77
CMB HEM C . 3.48 -5.57 -1.06
CAB HEM C . 0.96 -7.19 -0.44
CBB HEM C . 1.23 -6.59 0.74
C1C HEM C . -1.65 -6.82 -3.86
C2C HEM C . -2.87 -7.43 -3.95
C3C HEM C . -3.25 -7.33 -5.25
C4C HEM C . -2.41 -6.40 -5.82
CMC HEM C . -3.65 -7.99 -2.85
CAC HEM C . -4.51 -7.78 -5.80
CBC HEM C . -4.75 -9.03 -6.24
C1D HEM C . -1.77 -4.74 -7.58
C2D HEM C . -1.81 -4.23 -8.85
C3D HEM C . -0.86 -3.24 -8.90
C4D HEM C . -0.35 -3.15 -7.64
CMD HEM C . -2.60 -4.72 -9.95
CAD HEM C . -0.33 -2.62 -10.09
CBD HEM C . 0.34 -1.37 -9.79
CGD HEM C . -0.53 -0.53 -9.00
O1D HEM C . -1.12 -1.01 -8.04
O2D HEM C . -0.66 0.65 -9.27
NA HEM C . 1.56 -3.67 -5.54
NB HEM C . 0.95 -5.58 -3.70
NC HEM C . -1.38 -6.08 -4.96
ND HEM C . -0.76 -4.19 -6.85
FE HEM C . 0.09 -4.89 -5.27
HHB HEM C . 3.84 -3.98 -3.11
HHC HEM C . -0.98 -7.86 -2.16
HHD HEM C . -3.60 -5.89 -7.56
HMA HEM C . 5.36 -1.67 -5.44
HMAA HEM C . 5.19 -2.85 -4.11
HMAB HEM C . 4.52 -1.20 -3.95
HAA HEM C . 3.99 -0.75 -7.41
HAAA HEM C . 2.26 -0.32 -7.54
HBA HEM C . 2.36 1.11 -5.82
HBAA HEM C . 3.54 0.11 -4.92
HMB HEM C . 3.80 -4.52 -1.15
HMBA HEM C . 4.33 -6.23 -1.30
HMBB HEM C . 3.17 -5.75 -0.02
HAB HEM C . 0.52 -8.18 -0.41
HBB HEM C . 2.24 -6.24 0.93
HBBA HEM C . 0.39 -6.27 1.36
HMC HEM C . -3.06 -8.77 -2.33
HMCA HEM C . -3.92 -7.21 -2.13
HMCB HEM C . -4.57 -8.46 -3.25
HAC HEM C . -5.31 -7.05 -5.89
HBC HEM C . -5.58 -9.19 -6.91
HBCA HEM C . -4.31 -9.85 -5.68
HMD HEM C . -3.29 -5.50 -9.60
HMDA HEM C . -3.18 -3.90 -10.39
HMDB HEM C . -1.94 -5.13 -10.73
HAD HEM C . -1.14 -2.44 -10.80
HADA HEM C . 0.39 -3.31 -10.56
HBD HEM C . 1.26 -1.56 -9.23
HBDA HEM C . 0.58 -0.85 -10.73
HHA HEM C . 0.68 -1.33 -7.79
C CMO D . -0.78 -3.57 -4.22
O CMO D . -1.31 -2.78 -3.59
N MET A 1 -4.73 -0.15 -10.49
CA MET A 1 -5.39 0.16 -9.19
C MET A 1 -5.63 1.63 -9.05
N MET A 2 -6.80 2.11 -9.51
CA MET A 2 -7.10 3.51 -9.40
C MET A 2 -8.59 3.64 -9.22
N GLY A 3 -9.38 2.71 -9.81
CA GLY A 3 -10.82 2.77 -9.67
C GLY A 3 -11.20 2.34 -8.27
N MET A 4 -10.54 1.28 -7.72
CA MET A 4 -10.88 0.79 -6.40
C MET A 4 -10.18 1.61 -5.36
N VAL A 5 -9.24 2.51 -5.75
CA VAL A 5 -8.57 3.30 -4.77
C VAL A 5 -9.45 4.49 -4.53
N PHE A 6 -10.34 4.80 -5.52
CA PHE A 6 -11.25 5.90 -5.39
C PHE A 6 -12.33 5.47 -4.45
N THR A 7 -12.79 4.20 -4.55
CA THR A 7 -13.87 3.71 -3.70
C THR A 7 -13.45 3.77 -2.26
N GLY A 8 -12.22 3.31 -1.91
CA GLY A 8 -11.79 3.34 -0.53
C GLY A 8 -11.73 4.76 -0.01
N LEU A 9 -11.23 5.70 -0.84
CA LEU A 9 -11.08 7.08 -0.40
C LEU A 9 -12.44 7.74 -0.15
N MET A 10 -13.46 7.46 -0.98
CA MET A 10 -14.78 8.10 -0.82
C MET A 10 -15.43 7.61 0.45
N GLU A 11 -15.28 6.31 0.75
CA GLU A 11 -15.90 5.71 1.91
C GLU A 11 -15.21 6.17 3.18
N LEU A 12 -13.90 6.49 3.10
CA LEU A 12 -13.17 6.90 4.28
C LEU A 12 -13.57 8.28 4.74
N ILE A 13 -13.74 9.26 3.81
CA ILE A 13 -14.05 10.62 4.22
C ILE A 13 -15.50 10.75 4.59
N GLU A 14 -16.38 9.87 4.06
CA GLU A 14 -17.79 10.01 4.35
C GLU A 14 -18.08 9.54 5.75
N ASP A 15 -17.44 8.43 6.17
CA ASP A 15 -17.71 7.87 7.47
C ASP A 15 -16.91 8.57 8.55
N GLU A 16 -15.66 8.98 8.25
CA GLU A 16 -14.82 9.56 9.28
C GLU A 16 -15.26 10.96 9.65
N PHE A 17 -15.58 11.84 8.67
CA PHE A 17 -15.93 13.19 9.09
C PHE A 17 -17.29 13.63 8.61
N GLY A 18 -17.84 13.08 7.51
CA GLY A 18 -19.14 13.54 7.10
C GLY A 18 -19.24 13.52 5.60
N TYR A 19 -20.43 13.92 5.09
CA TYR A 19 -20.64 13.86 3.67
C TYR A 19 -20.43 15.26 3.16
N GLU A 20 -20.49 16.27 4.07
CA GLU A 20 -20.26 17.64 3.68
C GLU A 20 -18.80 17.79 3.34
N THR A 21 -17.92 17.13 4.13
CA THR A 21 -16.50 17.21 3.89
C THR A 21 -16.21 16.51 2.59
N LEU A 22 -16.89 15.35 2.33
CA LEU A 22 -16.68 14.63 1.08
C LEU A 22 -17.19 15.50 -0.07
N ASP A 23 -18.16 16.40 0.22
CA ASP A 23 -18.72 17.26 -0.79
C ASP A 23 -17.66 18.25 -1.24
N THR A 24 -16.84 18.77 -0.29
CA THR A 24 -15.79 19.72 -0.62
C THR A 24 -14.77 19.06 -1.51
N LEU A 25 -14.42 17.79 -1.23
CA LEU A 25 -13.45 17.07 -2.04
C LEU A 25 -13.94 16.97 -3.46
N LEU A 26 -15.26 16.72 -3.63
CA LEU A 26 -15.84 16.58 -4.94
C LEU A 26 -15.77 17.90 -5.68
N GLU A 27 -15.91 19.03 -4.95
CA GLU A 27 -15.88 20.34 -5.60
C GLU A 27 -14.50 20.59 -6.17
N SER A 28 -13.43 20.17 -5.46
CA SER A 28 -12.08 20.38 -5.94
C SER A 28 -11.89 19.65 -7.25
N CYS A 29 -12.46 18.43 -7.40
CA CYS A 29 -12.25 17.71 -8.64
C CYS A 29 -13.54 17.67 -9.40
N GLU A 30 -13.62 18.44 -10.51
CA GLU A 30 -14.80 18.47 -11.34
C GLU A 30 -14.97 17.11 -11.98
N LEU A 31 -16.23 16.62 -12.03
CA LEU A 31 -16.47 15.32 -12.60
C LEU A 31 -17.34 15.49 -13.83
N GLN A 32 -16.83 14.99 -14.98
CA GLN A 32 -17.55 15.09 -16.22
C GLN A 32 -18.70 14.11 -16.23
N SER A 33 -18.48 12.88 -15.72
CA SER A 33 -19.53 11.88 -15.73
C SER A 33 -20.17 11.79 -14.38
N GLU A 34 -20.54 10.55 -13.96
CA GLU A 34 -21.19 10.35 -12.69
C GLU A 34 -20.21 10.64 -11.59
N GLY A 35 -18.95 10.21 -11.76
CA GLY A 35 -17.95 10.48 -10.77
C GLY A 35 -17.72 9.28 -9.89
N ILE A 36 -18.43 8.14 -10.12
CA ILE A 36 -18.21 7.00 -9.27
C ILE A 36 -18.48 5.76 -10.10
N TYR A 37 -17.41 5.19 -10.70
CA TYR A 37 -17.56 4.01 -11.53
C TYR A 37 -17.36 2.78 -10.71
N THR A 38 -16.65 1.80 -11.32
CA THR A 38 -16.34 0.55 -10.70
C THR A 38 -14.91 0.29 -11.05
N SER A 39 -14.32 -0.85 -10.63
CA SER A 39 -12.92 -1.09 -10.95
C SER A 39 -12.83 -1.65 -12.33
N VAL A 40 -12.28 -0.85 -13.28
CA VAL A 40 -12.13 -1.30 -14.64
C VAL A 40 -11.36 -0.24 -15.42
N GLY A 41 -11.12 0.94 -14.81
CA GLY A 41 -10.43 1.99 -15.52
C GLY A 41 -9.21 2.40 -14.74
N SER A 42 -8.32 3.18 -15.40
CA SER A 42 -7.11 3.64 -14.75
C SER A 42 -6.89 5.09 -15.13
N TYR A 43 -6.89 5.99 -14.11
CA TYR A 43 -6.68 7.40 -14.40
C TYR A 43 -5.22 7.75 -14.20
N ASP A 44 -4.93 9.06 -14.21
CA ASP A 44 -3.57 9.54 -14.07
C ASP A 44 -3.15 9.43 -12.62
N HIS A 45 -1.86 9.74 -12.36
CA HIS A 45 -1.30 9.65 -11.03
C HIS A 45 -1.59 10.96 -10.32
N GLN A 46 -1.53 12.09 -11.06
CA GLN A 46 -1.77 13.39 -10.48
C GLN A 46 -3.22 13.49 -10.07
N GLU A 47 -4.10 12.66 -10.66
CA GLU A 47 -5.51 12.69 -10.32
C GLU A 47 -5.66 12.35 -8.85
N LEU A 48 -4.98 11.27 -8.41
CA LEU A 48 -5.02 10.83 -7.02
C LEU A 48 -4.35 11.86 -6.14
N LEU A 49 -3.30 12.53 -6.66
CA LEU A 49 -2.55 13.46 -5.86
C LEU A 49 -3.39 14.70 -5.59
N GLN A 50 -4.25 15.08 -6.56
CA GLN A 50 -5.07 16.26 -6.40
C GLN A 50 -6.04 16.04 -5.26
N LEU A 51 -6.59 14.81 -5.12
CA LEU A 51 -7.53 14.55 -4.04
C LEU A 51 -6.78 14.29 -2.76
N VAL A 52 -5.45 14.14 -2.85
CA VAL A 52 -4.67 13.88 -1.66
C VAL A 52 -4.25 15.20 -1.06
N VAL A 53 -3.88 16.18 -1.90
CA VAL A 53 -3.47 17.46 -1.37
C VAL A 53 -4.69 18.16 -0.78
N LYS A 54 -5.91 17.91 -1.35
CA LYS A 54 -7.08 18.54 -0.77
C LYS A 54 -7.37 17.89 0.55
N LEU A 55 -7.09 16.57 0.71
CA LEU A 55 -7.33 15.88 1.98
C LEU A 55 -6.29 16.29 2.98
N SER A 56 -5.22 16.96 2.53
CA SER A 56 -4.20 17.31 3.47
C SER A 56 -4.47 18.70 3.95
N GLU A 57 -5.32 19.48 3.23
CA GLU A 57 -5.61 20.82 3.66
C GLU A 57 -7.00 20.89 4.22
N VAL A 58 -7.89 19.92 3.90
CA VAL A 58 -9.25 19.97 4.39
C VAL A 58 -9.30 19.36 5.78
N SER A 59 -8.58 18.23 6.03
CA SER A 59 -8.66 17.63 7.35
C SER A 59 -7.44 17.97 8.16
N SER A 60 -6.41 18.60 7.53
CA SER A 60 -5.21 18.96 8.25
C SER A 60 -4.49 17.69 8.62
N VAL A 61 -4.55 16.68 7.72
CA VAL A 61 -3.90 15.43 7.98
C VAL A 61 -2.72 15.34 7.07
N PRO A 62 -1.57 15.05 7.64
CA PRO A 62 -0.32 14.93 6.90
C PRO A 62 -0.39 13.86 5.87
N VAL A 63 0.38 14.01 4.78
CA VAL A 63 0.34 13.04 3.71
C VAL A 63 0.94 11.72 4.17
N THR A 64 1.84 11.71 5.19
CA THR A 64 2.44 10.46 5.60
C THR A 64 1.49 9.74 6.54
N GLU A 65 0.78 10.48 7.41
CA GLU A 65 -0.16 9.87 8.34
C GLU A 65 -1.36 9.39 7.55
N LEU A 66 -1.73 10.14 6.49
CA LEU A 66 -2.90 9.80 5.70
C LEU A 66 -2.55 8.70 4.72
N VAL A 67 -1.25 8.38 4.54
CA VAL A 67 -0.91 7.35 3.58
C VAL A 67 -0.87 6.02 4.31
N ARG A 68 -0.58 6.07 5.65
CA ARG A 68 -0.51 4.85 6.44
C ARG A 68 -1.91 4.33 6.68
N LEU A 69 -2.83 5.19 7.17
CA LEU A 69 -4.19 4.76 7.45
C LEU A 69 -4.89 4.33 6.19
N PHE A 70 -4.67 5.04 5.05
CA PHE A 70 -5.32 4.67 3.80
C PHE A 70 -4.90 3.27 3.40
N GLY A 71 -3.61 2.91 3.61
CA GLY A 71 -3.12 1.60 3.24
C GLY A 71 -3.88 0.51 3.97
N LYS A 72 -4.16 0.70 5.28
CA LYS A 72 -4.87 -0.30 6.07
C LYS A 72 -6.26 -0.59 5.53
N LYS A 73 -7.05 0.46 5.22
CA LYS A 73 -8.43 0.26 4.77
C LYS A 73 -8.51 -0.53 3.46
N LEU A 74 -7.77 -0.12 2.41
CA LEU A 74 -7.88 -0.80 1.13
C LEU A 74 -7.37 -2.23 1.18
N PHE A 75 -6.26 -2.50 1.91
CA PHE A 75 -5.72 -3.85 1.92
C PHE A 75 -6.71 -4.84 2.52
N VAL A 76 -7.38 -4.50 3.66
CA VAL A 76 -8.30 -5.44 4.28
C VAL A 76 -9.54 -5.58 3.41
N GLU A 77 -9.76 -4.62 2.48
CA GLU A 77 -10.89 -4.73 1.59
C GLU A 77 -10.65 -5.87 0.63
N LEU A 78 -9.38 -6.04 0.16
CA LEU A 78 -9.08 -7.10 -0.78
C LEU A 78 -9.16 -8.43 -0.09
N ILE A 79 -8.90 -8.48 1.25
CA ILE A 79 -9.00 -9.74 1.97
C ILE A 79 -10.45 -10.18 1.95
N GLU A 80 -11.37 -9.21 2.12
CA GLU A 80 -12.78 -9.54 2.14
C GLU A 80 -13.30 -9.56 0.71
N GLY A 81 -12.41 -9.32 -0.28
CA GLY A 81 -12.85 -9.29 -1.65
C GLY A 81 -12.50 -10.60 -2.31
N HIS A 82 -11.42 -11.28 -1.86
CA HIS A 82 -11.04 -12.53 -2.46
C HIS A 82 -10.90 -13.57 -1.39
N PRO A 83 -11.98 -14.27 -1.16
CA PRO A 83 -12.04 -15.33 -0.16
C PRO A 83 -11.08 -16.46 -0.40
N GLU A 84 -10.87 -16.85 -1.68
CA GLU A 84 -9.99 -17.95 -1.95
C GLU A 84 -8.58 -17.47 -2.10
N ILE A 85 -8.34 -16.14 -2.03
CA ILE A 85 -6.98 -15.68 -2.12
C ILE A 85 -6.43 -15.80 -0.73
N ALA A 86 -7.34 -15.67 0.28
CA ALA A 86 -6.96 -15.79 1.67
C ALA A 86 -6.71 -17.24 1.99
N ASN A 87 -7.54 -18.15 1.43
CA ASN A 87 -7.39 -19.57 1.71
C ASN A 87 -6.10 -20.12 1.14
N GLU A 88 -5.67 -19.63 -0.05
CA GLU A 88 -4.45 -20.13 -0.65
C GLU A 88 -3.24 -19.69 0.14
N MET A 89 -3.34 -18.58 0.89
CA MET A 89 -2.20 -18.09 1.66
C MET A 89 -2.10 -18.89 2.94
N LYS A 90 -0.86 -19.01 3.49
CA LYS A 90 -0.65 -19.79 4.68
C LYS A 90 -0.13 -18.92 5.79
N ASP A 91 0.57 -17.81 5.44
CA ASP A 91 1.12 -16.97 6.47
C ASP A 91 1.61 -15.72 5.79
N SER A 92 1.99 -14.70 6.58
CA SER A 92 2.47 -13.47 6.01
C SER A 92 3.86 -13.66 5.43
N PHE A 93 4.66 -14.60 6.00
CA PHE A 93 6.00 -14.82 5.48
C PHE A 93 5.85 -15.48 4.13
N ASP A 94 5.00 -16.53 4.05
CA ASP A 94 4.74 -17.19 2.78
C ASP A 94 4.17 -16.20 1.79
N LEU A 95 3.44 -15.18 2.29
CA LEU A 95 2.86 -14.15 1.44
C LEU A 95 3.97 -13.42 0.72
N LEU A 96 5.13 -13.20 1.40
CA LEU A 96 6.22 -12.48 0.78
C LEU A 96 6.81 -13.31 -0.33
N SER A 97 6.80 -14.65 -0.19
CA SER A 97 7.36 -15.50 -1.23
C SER A 97 6.28 -15.88 -2.22
N LYS A 98 5.11 -15.19 -2.21
CA LYS A 98 4.04 -15.54 -3.12
C LYS A 98 3.62 -14.30 -3.89
N ILE A 99 4.10 -13.11 -3.45
CA ILE A 99 3.72 -11.86 -4.08
C ILE A 99 4.11 -11.82 -5.55
N ASP A 100 5.38 -12.13 -5.88
CA ASP A 100 5.80 -12.05 -7.26
C ASP A 100 5.37 -13.26 -8.06
N SER A 101 5.27 -14.46 -7.43
CA SER A 101 4.94 -15.64 -8.19
C SER A 101 3.54 -15.65 -8.77
N PHE A 102 2.47 -15.56 -7.93
CA PHE A 102 1.13 -15.67 -8.49
C PHE A 102 0.27 -14.44 -8.26
N ILE A 103 0.42 -13.76 -7.12
CA ILE A 103 -0.46 -12.61 -6.85
C ILE A 103 -0.39 -11.54 -7.93
N HIS A 104 0.79 -11.05 -8.35
CA HIS A 104 0.79 -9.99 -9.34
C HIS A 104 0.92 -10.55 -10.73
N VAL A 105 0.96 -11.90 -10.88
CA VAL A 105 1.07 -12.48 -12.20
C VAL A 105 -0.32 -12.76 -12.67
N GLU A 106 -1.19 -13.23 -11.75
CA GLU A 106 -2.55 -13.52 -12.10
C GLU A 106 -3.25 -12.23 -12.45
N VAL A 107 -2.99 -11.13 -11.69
CA VAL A 107 -3.65 -9.88 -11.97
C VAL A 107 -3.15 -9.32 -13.31
N TYR A 108 -1.81 -9.35 -13.55
CA TYR A 108 -1.24 -8.85 -14.79
C TYR A 108 -1.86 -9.53 -15.99
N LYS A 109 -2.13 -10.85 -15.90
CA LYS A 109 -2.68 -11.55 -17.03
C LYS A 109 -4.13 -11.18 -17.20
N LEU A 110 -4.87 -11.01 -16.08
CA LEU A 110 -6.28 -10.70 -16.16
C LEU A 110 -6.52 -9.21 -15.99
N TYR A 111 -5.52 -8.33 -16.28
CA TYR A 111 -5.73 -6.91 -16.11
C TYR A 111 -4.50 -6.25 -16.68
N PRO A 112 -4.61 -5.88 -17.94
CA PRO A 112 -3.51 -5.27 -18.69
C PRO A 112 -3.27 -3.80 -18.45
N GLN A 113 -4.10 -3.14 -17.62
CA GLN A 113 -3.91 -1.72 -17.40
C GLN A 113 -2.89 -1.49 -16.31
N ALA A 114 -2.17 -2.53 -15.84
CA ALA A 114 -1.19 -2.32 -14.81
C ALA A 114 0.16 -2.70 -15.35
N GLU A 115 1.23 -2.15 -14.74
CA GLU A 115 2.57 -2.45 -15.19
C GLU A 115 3.44 -2.51 -13.97
N LEU A 116 4.39 -3.48 -13.93
CA LEU A 116 5.26 -3.61 -12.78
C LEU A 116 6.70 -3.63 -13.24
N PRO A 117 7.56 -3.26 -12.33
CA PRO A 117 8.99 -3.21 -12.55
C PRO A 117 9.71 -4.50 -12.25
N LYS A 118 10.94 -4.41 -11.66
CA LYS A 118 11.68 -5.62 -11.37
C LYS A 118 11.62 -5.91 -9.89
N PHE A 119 11.57 -7.22 -9.52
CA PHE A 119 11.48 -7.60 -8.13
C PHE A 119 12.39 -8.79 -7.90
N THR A 120 13.21 -8.73 -6.81
CA THR A 120 14.10 -9.85 -6.49
C THR A 120 14.00 -10.07 -5.00
N CYS A 121 14.40 -11.28 -4.53
CA CYS A 121 14.31 -11.54 -3.11
C CYS A 121 15.47 -12.40 -2.66
N ASP A 122 16.30 -11.84 -1.76
CA ASP A 122 17.43 -12.58 -1.24
C ASP A 122 17.08 -13.01 0.17
N ARG A 123 17.71 -14.10 0.66
CA ARG A 123 17.42 -14.56 2.00
C ARG A 123 18.71 -14.53 2.78
N LEU A 124 18.72 -13.73 3.88
CA LEU A 124 19.91 -13.66 4.69
C LEU A 124 19.83 -14.68 5.80
N GLY A 125 18.60 -15.09 6.18
CA GLY A 125 18.48 -16.05 7.25
C GLY A 125 17.05 -16.20 7.62
N ASP A 126 16.78 -16.40 8.92
CA ASP A 126 15.43 -16.58 9.37
C ASP A 126 14.88 -15.28 9.91
N ASN A 127 15.73 -14.50 10.61
CA ASN A 127 15.26 -13.26 11.18
C ASN A 127 15.64 -12.09 10.31
N ASP A 128 16.14 -12.34 9.08
CA ASP A 128 16.53 -11.27 8.19
C ASP A 128 16.11 -11.70 6.82
N ILE A 129 15.57 -10.79 5.96
CA ILE A 129 15.14 -11.16 4.64
C ILE A 129 15.37 -9.88 3.86
N ARG A 130 15.65 -9.91 2.52
CA ARG A 130 15.89 -8.66 1.85
C ARG A 130 15.04 -8.59 0.61
N LEU A 131 14.44 -7.41 0.37
CA LEU A 131 13.63 -7.24 -0.81
C LEU A 131 14.22 -6.07 -1.58
N HIS A 132 14.49 -6.30 -2.88
CA HIS A 132 15.04 -5.25 -3.71
C HIS A 132 13.95 -4.84 -4.66
N TYR A 133 13.75 -3.52 -4.82
CA TYR A 133 12.70 -3.06 -5.70
C TYR A 133 13.33 -2.06 -6.63
N GLN A 134 13.24 -2.31 -7.96
CA GLN A 134 13.81 -1.39 -8.93
C GLN A 134 12.68 -0.66 -9.59
N SER A 135 12.51 0.63 -9.20
CA SER A 135 11.45 1.44 -9.76
C SER A 135 11.88 2.89 -9.70
N LYS A 136 11.27 3.74 -10.58
CA LYS A 136 11.61 5.15 -10.63
C LYS A 136 10.65 5.92 -9.75
N ARG A 137 9.70 5.22 -9.07
CA ARG A 137 8.76 5.93 -8.22
C ARG A 137 8.73 5.21 -6.90
N PRO A 138 9.75 5.42 -6.11
CA PRO A 138 9.90 4.77 -4.83
C PRO A 138 9.42 5.55 -3.63
N PHE A 139 8.16 5.30 -3.20
CA PHE A 139 7.66 5.97 -2.03
C PHE A 139 7.65 4.95 -0.92
N ALA A 140 8.56 5.15 0.07
CA ALA A 140 8.69 4.23 1.18
C ALA A 140 7.44 4.20 2.03
N SER A 141 6.81 5.38 2.26
CA SER A 141 5.63 5.44 3.09
C SER A 141 4.51 4.60 2.52
N PHE A 142 4.36 4.59 1.18
CA PHE A 142 3.30 3.82 0.55
C PHE A 142 3.54 2.33 0.75
N ALA A 143 4.80 1.88 0.55
CA ALA A 143 5.11 0.47 0.65
C ALA A 143 4.86 -0.05 2.06
N GLU A 144 5.20 0.74 3.10
CA GLU A 144 4.99 0.30 4.47
C GLU A 144 3.52 0.18 4.75
N GLY A 145 2.71 1.07 4.14
CA GLY A 145 1.29 1.07 4.36
C GLY A 145 0.68 -0.25 3.94
N LEU A 146 1.18 -0.86 2.84
CA LEU A 146 0.59 -2.10 2.37
C LEU A 146 1.16 -3.30 3.11
N LEU A 147 2.48 -3.31 3.43
CA LEU A 147 3.08 -4.46 4.09
C LEU A 147 2.58 -4.57 5.51
N ASP A 148 2.47 -3.42 6.22
CA ASP A 148 2.03 -3.43 7.59
C ASP A 148 0.54 -3.71 7.66
N GLY A 149 -0.24 -3.33 6.62
CA GLY A 149 -1.68 -3.57 6.65
C GLY A 149 -1.93 -5.06 6.68
N CYS A 150 -1.17 -5.81 5.85
CA CYS A 150 -1.31 -7.26 5.82
C CYS A 150 -1.00 -7.81 7.20
N ALA A 151 0.05 -7.29 7.87
CA ALA A 151 0.40 -7.79 9.19
C ALA A 151 -0.63 -7.30 10.19
N GLU A 152 -1.54 -6.40 9.75
CA GLU A 152 -2.55 -5.90 10.64
C GLU A 152 -3.63 -6.95 10.79
N TYR A 153 -4.12 -7.52 9.65
CA TYR A 153 -5.16 -8.53 9.71
C TYR A 153 -4.65 -9.74 10.47
N PHE A 154 -3.41 -10.23 10.17
CA PHE A 154 -2.90 -11.41 10.84
C PHE A 154 -2.55 -11.10 12.27
N LYS A 155 -2.27 -9.82 12.61
CA LYS A 155 -1.91 -9.45 13.96
C LYS A 155 -0.56 -10.05 14.30
N GLU A 156 0.47 -9.80 13.46
CA GLU A 156 1.78 -10.32 13.72
C GLU A 156 2.66 -9.17 14.13
N ASP A 157 4.00 -9.37 14.14
CA ASP A 157 4.87 -8.29 14.54
C ASP A 157 6.16 -8.37 13.74
N PHE A 158 6.14 -7.83 12.51
CA PHE A 158 7.31 -7.83 11.68
C PHE A 158 7.71 -6.37 11.54
N THR A 159 9.01 -6.08 11.27
CA THR A 159 9.42 -4.70 11.17
C THR A 159 10.11 -4.50 9.85
N ILE A 160 9.66 -3.46 9.10
CA ILE A 160 10.25 -3.15 7.83
C ILE A 160 11.23 -2.00 8.04
N SER A 161 12.48 -2.18 7.55
CA SER A 161 13.48 -1.15 7.72
C SER A 161 14.02 -0.76 6.37
N ARG A 162 15.12 0.03 6.37
CA ARG A 162 15.71 0.52 5.12
C ARG A 162 17.17 0.77 5.36
N THR A 163 17.99 0.78 4.28
CA THR A 163 19.41 1.02 4.46
C THR A 163 19.72 2.43 4.01
N PRO A 164 20.74 2.99 4.63
CA PRO A 164 21.19 4.35 4.36
C PRO A 164 21.90 4.53 3.05
N GLU A 165 22.33 3.43 2.39
CA GLU A 165 23.03 3.56 1.14
C GLU A 165 22.07 4.06 0.07
N THR A 166 20.83 3.52 0.06
CA THR A 166 19.87 3.94 -0.92
C THR A 166 18.72 4.60 -0.20
N GLN A 167 18.97 5.03 1.05
CA GLN A 167 17.95 5.69 1.84
C GLN A 167 17.51 6.96 1.15
N ASP A 168 18.47 7.72 0.56
CA ASP A 168 18.09 8.94 -0.10
C ASP A 168 18.52 8.86 -1.54
N SER A 169 18.20 7.73 -2.20
CA SER A 169 18.56 7.58 -3.59
C SER A 169 17.39 6.91 -4.27
N GLU A 170 17.16 7.24 -5.56
CA GLU A 170 16.04 6.66 -6.27
C GLU A 170 16.55 5.60 -7.22
N THR A 171 15.57 4.89 -7.86
CA THR A 171 15.84 3.83 -8.84
C THR A 171 16.04 2.50 -8.14
N ASP A 172 16.68 2.46 -6.95
CA ASP A 172 16.89 1.18 -6.31
C ASP A 172 16.78 1.40 -4.81
N VAL A 173 16.03 0.52 -4.12
CA VAL A 173 15.89 0.67 -2.67
C VAL A 173 16.11 -0.69 -2.05
N ILE A 174 16.88 -0.71 -0.95
CA ILE A 174 17.17 -1.95 -0.25
C ILE A 174 16.40 -1.93 1.05
N PHE A 175 15.51 -2.95 1.21
CA PHE A 175 14.71 -3.04 2.41
C PHE A 175 15.16 -4.23 3.20
N ASN A 176 15.02 -4.11 4.55
CA ASN A 176 15.44 -5.16 5.43
C ASN A 176 14.26 -5.51 6.32
N ILE A 177 13.82 -6.79 6.30
CA ILE A 177 12.71 -7.20 7.11
C ILE A 177 13.30 -8.03 8.22
N THR A 178 12.96 -7.69 9.49
CA THR A 178 13.52 -8.41 10.62
C THR A 178 12.41 -8.91 11.49
N ARG A 179 12.54 -10.17 11.99
CA ARG A 179 11.52 -10.72 12.86
C ARG A 179 12.00 -10.51 14.27
N ALA A 180 11.27 -9.68 15.04
CA ALA A 180 11.66 -9.42 16.41
C ALA A 180 10.97 -10.45 17.29
N PRO A 181 11.42 -10.53 18.52
CA PRO A 181 10.86 -11.45 19.51
C PRO A 181 9.39 -11.22 19.73
N ARG A 182 8.95 -9.99 19.37
CA ARG A 182 7.56 -9.59 19.45
C ARG A 182 7.26 -9.05 20.83
N GLY A 183 8.21 -9.16 21.78
CA GLY A 183 7.94 -8.66 23.10
C GLY A 183 9.21 -8.14 23.69
N ALA A 184 10.12 -7.62 22.86
CA ALA A 184 11.35 -7.09 23.38
C ALA A 184 11.80 -5.97 22.48
N GLU A 185 12.46 -4.96 23.07
CA GLU A 185 12.93 -3.85 22.30
C GLU A 185 14.01 -3.14 23.09
N ASN A 186 14.85 -2.33 22.38
CA ASN A 186 15.91 -1.59 23.02
C ASN A 186 16.92 -2.57 23.57
N LEU A 187 17.27 -3.58 22.75
CA LEU A 187 18.22 -4.57 23.18
C LEU A 187 19.62 -4.06 22.93
N TYR A 188 19.83 -3.35 21.79
CA TYR A 188 21.15 -2.87 21.49
C TYR A 188 21.08 -1.37 21.36
N PHE A 189 21.26 -0.86 20.11
CA PHE A 189 21.21 0.56 19.90
C PHE A 189 20.73 0.82 18.51
N GLN A 190 20.25 2.06 18.27
CA GLN A 190 19.75 2.44 16.96
C GLN A 190 18.52 1.57 16.64
C01 IWP B . -8.20 6.14 10.31
C02 IWP B . -8.30 7.52 10.19
C03 IWP B . -8.65 5.51 11.46
C04 IWP B . -8.79 8.27 11.25
C05 IWP B . -9.52 1.94 15.71
C06 IWP B . -8.34 1.36 15.88
C07 IWP B . -11.71 2.70 13.60
C08 IWP B . -15.24 2.73 11.04
C09 IWP B . -9.51 5.58 13.83
C10 IWP B . -9.10 6.26 12.54
C11 IWP B . -9.17 7.65 12.43
C12 IWP B . -16.32 3.00 11.86
C13 IWP B . -9.44 2.55 14.47
C14 IWP B . -12.48 3.81 13.10
C15 IWP B . -10.52 3.29 13.92
C16 IWP B . -13.84 3.53 12.66
C17 IWP B . -16.08 3.56 13.10
F18 IWP B . -9.62 8.38 13.47
F19 IWP B . -17.59 2.73 11.45
N20 IWP B . -13.99 3.00 11.42
N21 IWP B . -14.83 3.83 13.52
N22 IWP B . -11.79 5.01 13.10
N23 IWP B . -8.27 2.37 13.86
N24 IWP B . -10.58 4.60 13.63
O25 IWP B . -17.11 3.83 13.95
O26 IWP B . -7.51 1.56 14.80
H01 IWP B . -7.77 5.56 9.50
H02 IWP B . -7.99 8.02 9.27
H03 IWP B . -8.64 4.42 11.53
H04 IWP B . -8.87 9.36 11.16
H05 IWP B . -10.36 1.95 16.39
H06 IWP B . -7.96 0.77 16.70
H07 IWP B . -12.01 1.67 13.71
H08 IWP B . -15.37 2.30 10.05
H091 IWP B . -8.65 5.06 14.26
H092 IWP B . -9.85 6.34 14.55
H25 IWP B . -16.92 4.69 14.39
CHA HEM C . 0.58 -2.38 -7.15
CHB HEM C . 2.90 -4.43 -3.61
CHC HEM C . -0.84 -7.22 -2.83
CHD HEM C . -2.76 -5.78 -6.95
C1A HEM C . 1.53 -2.69 -6.24
C2A HEM C . 2.69 -1.99 -6.08
C3A HEM C . 3.43 -2.68 -5.16
C4A HEM C . 2.64 -3.70 -4.72
CMA HEM C . 4.71 -2.29 -4.62
CAA HEM C . 3.08 -0.76 -6.75
CBA HEM C . 3.29 0.33 -5.81
CGA HEM C . 4.39 1.15 -6.27
O1A HEM C . 5.28 0.66 -6.93
O2A HEM C . 4.42 2.33 -5.96
C1B HEM C . 2.03 -5.29 -3.02
C2B HEM C . 2.18 -5.80 -1.78
C3B HEM C . 1.16 -6.68 -1.59
C4B HEM C . 0.34 -6.57 -2.68
CMB HEM C . 3.21 -5.46 -0.81
CAB HEM C . 0.77 -7.26 -0.32
CBB HEM C . 0.70 -6.57 0.84
C1C HEM C . -1.76 -6.94 -3.77
C2C HEM C . -3.00 -7.49 -3.83
C3C HEM C . -3.43 -7.31 -5.11
C4C HEM C . -2.56 -6.42 -5.68
CMC HEM C . -3.75 -8.08 -2.72
CAC HEM C . -4.76 -7.61 -5.59
CBC HEM C . -5.24 -8.87 -5.75
C1D HEM C . -1.87 -4.78 -7.47
C2D HEM C . -1.93 -4.24 -8.71
C3D HEM C . -0.95 -3.29 -8.77
C4D HEM C . -0.43 -3.21 -7.52
CMD HEM C . -2.78 -4.67 -9.81
CAD HEM C . -0.41 -2.67 -9.97
CBD HEM C . 0.49 -1.57 -9.65
CGD HEM C . -0.28 -0.48 -9.09
O1D HEM C . -0.84 -0.62 -8.01
O2D HEM C . -0.32 0.59 -9.68
NA HEM C . 1.48 -3.80 -5.44
NB HEM C . 0.84 -5.67 -3.59
NC HEM C . -1.52 -6.14 -4.86
ND HEM C . -0.85 -4.26 -6.74
FE HEM C . 0.00 -4.97 -5.16
HHB HEM C . 3.82 -4.22 -3.08
HHC HEM C . -1.02 -8.08 -2.19
HHD HEM C . -3.73 -5.91 -7.45
HMA HEM C . 4.58 -1.47 -3.89
HMAA HEM C . 5.37 -1.94 -5.44
HMAB HEM C . 5.19 -3.14 -4.12
HAA HEM C . 4.01 -0.94 -7.31
HAAA HEM C . 2.29 -0.49 -7.46
HBA HEM C . 2.37 0.94 -5.76
HBAA HEM C . 3.52 -0.08 -4.82
HMB HEM C . 2.93 -4.55 -0.27
HMBA HEM C . 4.16 -5.29 -1.34
HMBB HEM C . 3.34 -6.28 -0.10
HAB HEM C . 0.47 -8.31 -0.31
HBB HEM C . -0.27 -6.23 1.18
HBBA HEM C . 1.62 -6.17 1.25
HMC HEM C . -3.11 -8.77 -2.17
HMCA HEM C . -4.10 -7.29 -2.05
HMCB HEM C . -4.61 -8.63 -3.12
HAC HEM C . -5.46 -6.80 -5.73
HBC HEM C . -4.71 -9.53 -6.41
HBCA HEM C . -6.27 -9.06 -5.47
HMD HEM C . -3.47 -5.45 -9.46
HMDA HEM C . -3.37 -3.81 -10.18
HMDB HEM C . -2.16 -5.06 -10.62
HAD HEM C . -1.23 -2.30 -10.59
HADA HEM C . 0.14 -3.43 -10.53
HBD HEM C . 1.24 -1.91 -8.92
HBDA HEM C . 0.99 -1.24 -10.56
HHA HEM C . 0.63 -1.41 -7.64
C CMO D . -0.85 -3.64 -4.11
O CMO D . -1.36 -2.84 -3.48
N MET A 1 -4.77 -0.05 -10.71
CA MET A 1 -5.36 0.23 -9.37
C MET A 1 -5.65 1.70 -9.22
N MET A 2 -6.87 2.13 -9.61
CA MET A 2 -7.21 3.52 -9.49
C MET A 2 -8.70 3.63 -9.25
N GLY A 3 -9.50 2.67 -9.81
CA GLY A 3 -10.94 2.74 -9.63
C GLY A 3 -11.30 2.32 -8.21
N MET A 4 -10.65 1.25 -7.67
CA MET A 4 -10.99 0.80 -6.33
C MET A 4 -10.21 1.58 -5.32
N VAL A 5 -9.26 2.43 -5.75
CA VAL A 5 -8.52 3.20 -4.78
C VAL A 5 -9.39 4.40 -4.49
N PHE A 6 -10.26 4.78 -5.47
CA PHE A 6 -11.16 5.88 -5.28
C PHE A 6 -12.26 5.43 -4.37
N THR A 7 -12.70 4.15 -4.50
CA THR A 7 -13.79 3.64 -3.67
C THR A 7 -13.41 3.70 -2.22
N GLY A 8 -12.19 3.24 -1.85
CA GLY A 8 -11.77 3.27 -0.47
C GLY A 8 -11.71 4.69 0.04
N LEU A 9 -11.20 5.62 -0.79
CA LEU A 9 -11.05 7.01 -0.38
C LEU A 9 -12.40 7.68 -0.12
N MET A 10 -13.43 7.39 -0.97
CA MET A 10 -14.74 8.04 -0.81
C MET A 10 -15.39 7.55 0.47
N GLU A 11 -15.24 6.25 0.76
CA GLU A 11 -15.86 5.67 1.94
C GLU A 11 -15.18 6.14 3.20
N LEU A 12 -13.86 6.46 3.12
CA LEU A 12 -13.14 6.87 4.31
C LEU A 12 -13.54 8.26 4.75
N ILE A 13 -13.70 9.23 3.81
CA ILE A 13 -14.01 10.59 4.21
C ILE A 13 -15.46 10.72 4.57
N GLU A 14 -16.34 9.83 4.06
CA GLU A 14 -17.75 9.95 4.33
C GLU A 14 -18.03 9.52 5.76
N ASP A 15 -17.37 8.43 6.22
CA ASP A 15 -17.62 7.92 7.54
C ASP A 15 -16.81 8.64 8.58
N GLU A 16 -15.58 9.08 8.26
CA GLU A 16 -14.74 9.70 9.26
C GLU A 16 -15.19 11.09 9.61
N PHE A 17 -15.56 11.93 8.61
CA PHE A 17 -15.93 13.29 8.99
C PHE A 17 -17.31 13.68 8.51
N GLY A 18 -17.85 13.07 7.43
CA GLY A 18 -19.17 13.48 7.01
C GLY A 18 -19.25 13.44 5.51
N TYR A 19 -20.45 13.80 4.98
CA TYR A 19 -20.62 13.73 3.57
C TYR A 19 -20.44 15.13 3.04
N GLU A 20 -20.53 16.13 3.94
CA GLU A 20 -20.32 17.51 3.55
C GLU A 20 -18.86 17.68 3.23
N THR A 21 -17.98 17.06 4.04
CA THR A 21 -16.56 17.15 3.81
C THR A 21 -16.24 16.45 2.51
N LEU A 22 -16.89 15.27 2.27
CA LEU A 22 -16.66 14.56 1.02
C LEU A 22 -17.16 15.41 -0.13
N ASP A 23 -18.15 16.31 0.15
CA ASP A 23 -18.68 17.17 -0.89
C ASP A 23 -17.63 18.17 -1.32
N THR A 24 -16.83 18.68 -0.35
CA THR A 24 -15.79 19.65 -0.66
C THR A 24 -14.75 19.01 -1.54
N LEU A 25 -14.39 17.73 -1.26
CA LEU A 25 -13.39 17.02 -2.04
C LEU A 25 -13.87 16.91 -3.47
N LEU A 26 -15.19 16.67 -3.66
CA LEU A 26 -15.76 16.52 -4.98
C LEU A 26 -15.68 17.83 -5.71
N GLU A 27 -15.85 18.97 -4.99
CA GLU A 27 -15.82 20.26 -5.63
C GLU A 27 -14.44 20.54 -6.17
N SER A 28 -13.38 20.14 -5.43
CA SER A 28 -12.02 20.36 -5.88
C SER A 28 -11.80 19.66 -7.20
N CYS A 29 -12.35 18.43 -7.37
CA CYS A 29 -12.11 17.72 -8.61
C CYS A 29 -13.38 17.69 -9.41
N GLU A 30 -13.43 18.49 -10.50
CA GLU A 30 -14.60 18.53 -11.35
C GLU A 30 -14.74 17.20 -12.04
N LEU A 31 -15.99 16.70 -12.16
CA LEU A 31 -16.21 15.42 -12.79
C LEU A 31 -17.03 15.64 -14.03
N GLN A 32 -16.55 15.10 -15.17
CA GLN A 32 -17.24 15.25 -16.42
C GLN A 32 -18.31 14.18 -16.55
N SER A 33 -18.03 12.94 -16.08
CA SER A 33 -18.99 11.88 -16.20
C SER A 33 -19.74 11.72 -14.91
N GLU A 34 -20.03 10.44 -14.52
CA GLU A 34 -20.76 10.18 -13.29
C GLU A 34 -19.90 10.56 -12.13
N GLY A 35 -18.60 10.22 -12.19
CA GLY A 35 -17.70 10.57 -11.13
C GLY A 35 -17.35 9.35 -10.30
N ILE A 36 -18.14 8.27 -10.38
CA ILE A 36 -17.81 7.10 -9.59
C ILE A 36 -18.10 5.88 -10.41
N TYR A 37 -17.04 5.29 -11.01
CA TYR A 37 -17.23 4.12 -11.85
C TYR A 37 -16.98 2.87 -11.05
N THR A 38 -16.17 1.97 -11.64
CA THR A 38 -15.83 0.71 -11.02
C THR A 38 -14.37 0.53 -11.33
N SER A 39 -13.75 -0.58 -10.88
CA SER A 39 -12.35 -0.78 -11.15
C SER A 39 -12.22 -1.38 -12.52
N VAL A 40 -11.65 -0.59 -13.48
CA VAL A 40 -11.48 -1.08 -14.82
C VAL A 40 -10.86 0.02 -15.67
N GLY A 41 -10.68 1.24 -15.09
CA GLY A 41 -10.12 2.33 -15.85
C GLY A 41 -8.63 2.38 -15.66
N SER A 42 -8.10 3.62 -15.48
CA SER A 42 -6.66 3.83 -15.34
C SER A 42 -6.41 5.31 -15.50
N TYR A 43 -6.63 6.09 -14.42
CA TYR A 43 -6.41 7.51 -14.49
C TYR A 43 -4.96 7.82 -14.23
N ASP A 44 -4.64 9.13 -14.21
CA ASP A 44 -3.28 9.57 -14.00
C ASP A 44 -2.92 9.42 -12.53
N HIS A 45 -1.63 9.71 -12.23
CA HIS A 45 -1.14 9.60 -10.87
C HIS A 45 -1.44 10.89 -10.15
N GLN A 46 -1.38 12.02 -10.90
CA GLN A 46 -1.63 13.32 -10.32
C GLN A 46 -3.08 13.43 -9.94
N GLU A 47 -3.96 12.61 -10.56
CA GLU A 47 -5.38 12.64 -10.24
C GLU A 47 -5.57 12.30 -8.78
N LEU A 48 -4.91 11.21 -8.32
CA LEU A 48 -4.98 10.77 -6.94
C LEU A 48 -4.31 11.79 -6.05
N LEU A 49 -3.26 12.46 -6.56
CA LEU A 49 -2.51 13.39 -5.75
C LEU A 49 -3.35 14.63 -5.51
N GLN A 50 -4.20 15.02 -6.49
CA GLN A 50 -5.03 16.19 -6.35
C GLN A 50 -6.01 15.97 -5.21
N LEU A 51 -6.56 14.75 -5.07
CA LEU A 51 -7.50 14.49 -4.00
C LEU A 51 -6.76 14.25 -2.71
N VAL A 52 -5.43 14.11 -2.79
CA VAL A 52 -4.66 13.85 -1.60
C VAL A 52 -4.24 15.18 -1.00
N VAL A 53 -3.87 16.17 -1.85
CA VAL A 53 -3.46 17.45 -1.32
C VAL A 53 -4.68 18.15 -0.75
N LYS A 54 -5.90 17.90 -1.32
CA LYS A 54 -7.06 18.52 -0.77
C LYS A 54 -7.36 17.89 0.57
N LEU A 55 -7.08 16.56 0.73
CA LEU A 55 -7.33 15.89 2.00
C LEU A 55 -6.29 16.30 3.00
N SER A 56 -5.22 16.97 2.55
CA SER A 56 -4.20 17.31 3.49
C SER A 56 -4.47 18.72 3.97
N GLU A 57 -5.32 19.49 3.25
CA GLU A 57 -5.62 20.84 3.67
C GLU A 57 -7.01 20.90 4.24
N VAL A 58 -7.89 19.92 3.91
CA VAL A 58 -9.25 19.96 4.41
C VAL A 58 -9.29 19.37 5.80
N SER A 59 -8.57 18.24 6.05
CA SER A 59 -8.63 17.65 7.37
C SER A 59 -7.40 17.98 8.16
N SER A 60 -6.37 18.59 7.51
CA SER A 60 -5.14 18.94 8.20
C SER A 60 -4.44 17.66 8.58
N VAL A 61 -4.51 16.65 7.68
CA VAL A 61 -3.87 15.39 7.94
C VAL A 61 -2.69 15.29 7.03
N PRO A 62 -1.54 15.02 7.61
CA PRO A 62 -0.30 14.88 6.86
C PRO A 62 -0.39 13.81 5.82
N VAL A 63 0.39 13.97 4.72
CA VAL A 63 0.34 13.00 3.66
C VAL A 63 0.93 11.67 4.10
N THR A 64 1.84 11.67 5.11
CA THR A 64 2.43 10.41 5.53
C THR A 64 1.50 9.70 6.48
N GLU A 65 0.81 10.45 7.35
CA GLU A 65 -0.12 9.86 8.29
C GLU A 65 -1.33 9.36 7.52
N LEU A 66 -1.71 10.10 6.45
CA LEU A 66 -2.87 9.75 5.68
C LEU A 66 -2.53 8.66 4.69
N VAL A 67 -1.23 8.33 4.52
CA VAL A 67 -0.88 7.31 3.56
C VAL A 67 -0.83 5.98 4.31
N ARG A 68 -0.56 6.04 5.65
CA ARG A 68 -0.47 4.84 6.45
C ARG A 68 -1.87 4.31 6.70
N LEU A 69 -2.79 5.18 7.21
CA LEU A 69 -4.15 4.74 7.50
C LEU A 69 -4.85 4.31 6.24
N PHE A 70 -4.63 5.03 5.11
CA PHE A 70 -5.28 4.67 3.86
C PHE A 70 -4.87 3.27 3.44
N GLY A 71 -3.57 2.92 3.67
CA GLY A 71 -3.08 1.60 3.28
C GLY A 71 -3.85 0.52 4.00
N LYS A 72 -4.12 0.70 5.32
CA LYS A 72 -4.84 -0.32 6.09
C LYS A 72 -6.23 -0.59 5.56
N LYS A 73 -7.03 0.46 5.25
CA LYS A 73 -8.40 0.25 4.79
C LYS A 73 -8.47 -0.51 3.49
N LEU A 74 -7.73 -0.07 2.45
CA LEU A 74 -7.83 -0.72 1.15
C LEU A 74 -7.29 -2.15 1.17
N PHE A 75 -6.19 -2.43 1.90
CA PHE A 75 -5.64 -3.77 1.90
C PHE A 75 -6.63 -4.78 2.49
N VAL A 76 -7.30 -4.44 3.62
CA VAL A 76 -8.22 -5.38 4.22
C VAL A 76 -9.45 -5.52 3.35
N GLU A 77 -9.67 -4.55 2.44
CA GLU A 77 -10.82 -4.64 1.55
C GLU A 77 -10.56 -5.76 0.56
N LEU A 78 -9.30 -5.93 0.11
CA LEU A 78 -8.98 -6.98 -0.84
C LEU A 78 -9.07 -8.32 -0.14
N ILE A 79 -8.81 -8.37 1.19
CA ILE A 79 -8.92 -9.63 1.91
C ILE A 79 -10.37 -10.06 1.89
N GLU A 80 -11.30 -9.10 2.06
CA GLU A 80 -12.71 -9.42 2.09
C GLU A 80 -13.23 -9.43 0.66
N GLY A 81 -12.35 -9.18 -0.33
CA GLY A 81 -12.78 -9.15 -1.70
C GLY A 81 -12.45 -10.48 -2.34
N HIS A 82 -11.37 -11.15 -1.89
CA HIS A 82 -11.00 -12.41 -2.47
C HIS A 82 -10.85 -13.42 -1.37
N PRO A 83 -11.94 -14.09 -1.09
CA PRO A 83 -11.98 -15.12 -0.06
C PRO A 83 -11.05 -16.27 -0.29
N GLU A 84 -10.89 -16.68 -1.57
CA GLU A 84 -10.02 -17.80 -1.85
C GLU A 84 -8.61 -17.34 -2.00
N ILE A 85 -8.34 -16.02 -1.94
CA ILE A 85 -6.98 -15.58 -2.05
C ILE A 85 -6.42 -15.71 -0.65
N ALA A 86 -7.31 -15.57 0.36
CA ALA A 86 -6.91 -15.68 1.74
C ALA A 86 -6.67 -17.15 2.07
N ASN A 87 -7.53 -18.05 1.52
CA ASN A 87 -7.40 -19.47 1.80
C ASN A 87 -6.11 -20.02 1.22
N GLU A 88 -5.69 -19.53 0.03
CA GLU A 88 -4.49 -20.05 -0.61
C GLU A 88 -3.25 -19.63 0.18
N MET A 89 -3.33 -18.51 0.93
CA MET A 89 -2.17 -18.06 1.67
C MET A 89 -2.06 -18.86 2.95
N LYS A 90 -0.82 -18.98 3.49
CA LYS A 90 -0.59 -19.75 4.69
C LYS A 90 -0.08 -18.87 5.79
N ASP A 91 0.60 -17.75 5.44
CA ASP A 91 1.15 -16.89 6.45
C ASP A 91 1.62 -15.65 5.75
N SER A 92 1.99 -14.61 6.53
CA SER A 92 2.45 -13.38 5.94
C SER A 92 3.84 -13.57 5.37
N PHE A 93 4.65 -14.49 5.94
CA PHE A 93 5.99 -14.71 5.42
C PHE A 93 5.84 -15.38 4.07
N ASP A 94 5.00 -16.44 4.00
CA ASP A 94 4.74 -17.11 2.74
C ASP A 94 4.15 -16.12 1.76
N LEU A 95 3.41 -15.10 2.25
CA LEU A 95 2.81 -14.10 1.39
C LEU A 95 3.90 -13.36 0.65
N LEU A 96 5.07 -13.15 1.32
CA LEU A 96 6.15 -12.41 0.70
C LEU A 96 6.74 -13.25 -0.41
N SER A 97 6.75 -14.60 -0.26
CA SER A 97 7.30 -15.45 -1.28
C SER A 97 6.22 -15.84 -2.26
N LYS A 98 5.05 -15.15 -2.27
CA LYS A 98 3.98 -15.52 -3.17
C LYS A 98 3.55 -14.28 -3.95
N ILE A 99 4.02 -13.09 -3.51
CA ILE A 99 3.62 -11.85 -4.16
C ILE A 99 4.03 -11.82 -5.62
N ASP A 100 5.30 -12.10 -5.93
CA ASP A 100 5.73 -12.04 -7.30
C ASP A 100 5.30 -13.24 -8.12
N SER A 101 5.27 -14.45 -7.51
CA SER A 101 4.96 -15.65 -8.28
C SER A 101 3.54 -15.68 -8.82
N PHE A 102 2.50 -15.49 -7.97
CA PHE A 102 1.15 -15.61 -8.52
C PHE A 102 0.28 -14.40 -8.26
N ILE A 103 0.43 -13.70 -7.12
CA ILE A 103 -0.45 -12.58 -6.85
C ILE A 103 -0.40 -11.50 -7.93
N HIS A 104 0.80 -11.01 -8.35
CA HIS A 104 0.79 -9.95 -9.34
C HIS A 104 0.92 -10.54 -10.72
N VAL A 105 0.96 -11.88 -10.85
CA VAL A 105 1.06 -12.50 -12.16
C VAL A 105 -0.34 -12.76 -12.62
N GLU A 106 -1.21 -13.22 -11.71
CA GLU A 106 -2.58 -13.51 -12.05
C GLU A 106 -3.26 -12.22 -12.43
N VAL A 107 -2.99 -11.11 -11.68
CA VAL A 107 -3.63 -9.85 -12.00
C VAL A 107 -3.13 -9.34 -13.35
N TYR A 108 -1.79 -9.39 -13.58
CA TYR A 108 -1.22 -8.92 -14.84
C TYR A 108 -1.84 -9.63 -16.03
N LYS A 109 -2.12 -10.93 -15.91
CA LYS A 109 -2.69 -11.67 -17.02
C LYS A 109 -4.14 -11.27 -17.20
N LEU A 110 -4.86 -11.08 -16.07
CA LEU A 110 -6.28 -10.75 -16.15
C LEU A 110 -6.48 -9.25 -16.01
N TYR A 111 -5.47 -8.41 -16.34
CA TYR A 111 -5.64 -6.98 -16.22
C TYR A 111 -4.41 -6.38 -16.85
N PRO A 112 -4.52 -6.12 -18.14
CA PRO A 112 -3.42 -5.58 -18.94
C PRO A 112 -3.18 -4.11 -18.84
N GLN A 113 -3.98 -3.37 -18.04
CA GLN A 113 -3.77 -1.95 -17.94
C GLN A 113 -2.85 -1.64 -16.78
N ALA A 114 -2.10 -2.64 -16.28
CA ALA A 114 -1.18 -2.39 -15.20
C ALA A 114 0.21 -2.72 -15.67
N GLU A 115 1.23 -2.13 -15.01
CA GLU A 115 2.59 -2.40 -15.39
C GLU A 115 3.40 -2.47 -14.13
N LEU A 116 4.35 -3.43 -14.06
CA LEU A 116 5.14 -3.59 -12.87
C LEU A 116 6.61 -3.56 -13.25
N PRO A 117 7.41 -3.21 -12.28
CA PRO A 117 8.85 -3.13 -12.41
C PRO A 117 9.57 -4.43 -12.15
N LYS A 118 10.82 -4.36 -11.61
CA LYS A 118 11.57 -5.58 -11.36
C LYS A 118 11.51 -5.88 -9.88
N PHE A 119 11.44 -7.19 -9.53
CA PHE A 119 11.36 -7.58 -8.14
C PHE A 119 12.26 -8.78 -7.91
N THR A 120 13.10 -8.73 -6.84
CA THR A 120 13.97 -9.85 -6.53
C THR A 120 13.90 -10.08 -5.04
N CYS A 121 14.30 -11.28 -4.56
CA CYS A 121 14.23 -11.53 -3.13
C CYS A 121 15.39 -12.39 -2.70
N ASP A 122 16.24 -11.83 -1.80
CA ASP A 122 17.36 -12.56 -1.29
C ASP A 122 17.02 -12.97 0.13
N ARG A 123 17.65 -14.07 0.62
CA ARG A 123 17.37 -14.50 1.98
C ARG A 123 18.66 -14.47 2.75
N LEU A 124 18.70 -13.67 3.84
CA LEU A 124 19.90 -13.59 4.65
C LEU A 124 19.81 -14.60 5.75
N GLY A 125 18.58 -15.01 6.16
CA GLY A 125 18.47 -15.95 7.23
C GLY A 125 17.03 -16.11 7.59
N ASP A 126 16.77 -16.30 8.91
CA ASP A 126 15.41 -16.49 9.36
C ASP A 126 14.87 -15.18 9.88
N ASN A 127 15.71 -14.40 10.61
CA ASN A 127 15.23 -13.16 11.16
C ASN A 127 15.61 -11.99 10.28
N ASP A 128 16.12 -12.26 9.06
CA ASP A 128 16.50 -11.19 8.16
C ASP A 128 16.06 -11.62 6.79
N ILE A 129 15.54 -10.72 5.93
CA ILE A 129 15.10 -11.09 4.61
C ILE A 129 15.34 -9.82 3.82
N ARG A 130 15.60 -9.88 2.48
CA ARG A 130 15.86 -8.64 1.79
C ARG A 130 15.01 -8.58 0.55
N LEU A 131 14.39 -7.40 0.32
CA LEU A 131 13.58 -7.25 -0.86
C LEU A 131 14.15 -6.09 -1.64
N HIS A 132 14.40 -6.30 -2.94
CA HIS A 132 14.95 -5.25 -3.77
C HIS A 132 13.86 -4.82 -4.70
N TYR A 133 13.65 -3.49 -4.83
CA TYR A 133 12.59 -3.02 -5.68
C TYR A 133 13.22 -2.02 -6.61
N GLN A 134 13.11 -2.25 -7.95
CA GLN A 134 13.67 -1.33 -8.90
C GLN A 134 12.54 -0.61 -9.57
N SER A 135 12.34 0.67 -9.17
CA SER A 135 11.26 1.47 -9.71
C SER A 135 11.67 2.92 -9.68
N LYS A 136 11.06 3.74 -10.57
CA LYS A 136 11.38 5.15 -10.63
C LYS A 136 10.43 5.93 -9.74
N ARG A 137 9.49 5.23 -9.06
CA ARG A 137 8.56 5.93 -8.20
C ARG A 137 8.53 5.18 -6.89
N PRO A 138 9.57 5.36 -6.11
CA PRO A 138 9.72 4.68 -4.85
C PRO A 138 9.32 5.47 -3.63
N PHE A 139 8.10 5.24 -3.12
CA PHE A 139 7.69 5.93 -1.92
C PHE A 139 7.71 4.91 -0.82
N ALA A 140 8.62 5.10 0.16
CA ALA A 140 8.76 4.18 1.27
C ALA A 140 7.51 4.15 2.11
N SER A 141 6.89 5.34 2.34
CA SER A 141 5.70 5.40 3.17
C SER A 141 4.59 4.56 2.59
N PHE A 142 4.43 4.57 1.24
CA PHE A 142 3.36 3.82 0.62
C PHE A 142 3.59 2.32 0.79
N ALA A 143 4.85 1.86 0.60
CA ALA A 143 5.15 0.44 0.71
C ALA A 143 4.88 -0.06 2.09
N GLU A 144 5.22 0.72 3.14
CA GLU A 144 5.00 0.28 4.51
C GLU A 144 3.53 0.18 4.78
N GLY A 145 2.72 1.06 4.16
CA GLY A 145 1.29 1.06 4.37
C GLY A 145 0.70 -0.27 3.94
N LEU A 146 1.21 -0.87 2.84
CA LEU A 146 0.63 -2.12 2.37
C LEU A 146 1.20 -3.31 3.12
N LEU A 147 2.52 -3.30 3.44
CA LEU A 147 3.12 -4.45 4.11
C LEU A 147 2.62 -4.55 5.53
N ASP A 148 2.52 -3.40 6.22
CA ASP A 148 2.06 -3.40 7.59
C ASP A 148 0.58 -3.70 7.67
N GLY A 149 -0.20 -3.32 6.62
CA GLY A 149 -1.63 -3.58 6.64
C GLY A 149 -1.87 -5.07 6.67
N CYS A 150 -1.09 -5.81 5.87
CA CYS A 150 -1.20 -7.26 5.85
C CYS A 150 -0.89 -7.81 7.23
N ALA A 151 0.14 -7.27 7.91
CA ALA A 151 0.48 -7.75 9.23
C ALA A 151 -0.54 -7.26 10.23
N GLU A 152 -1.47 -6.39 9.78
CA GLU A 152 -2.47 -5.88 10.67
C GLU A 152 -3.57 -6.92 10.80
N TYR A 153 -4.06 -7.47 9.66
CA TYR A 153 -5.11 -8.47 9.71
C TYR A 153 -4.61 -9.69 10.46
N PHE A 154 -3.38 -10.18 10.17
CA PHE A 154 -2.86 -11.36 10.83
C PHE A 154 -2.50 -11.06 12.26
N LYS A 155 -2.20 -9.77 12.59
CA LYS A 155 -1.83 -9.39 13.93
C LYS A 155 -0.51 -10.02 14.28
N GLU A 156 0.53 -9.78 13.44
CA GLU A 156 1.83 -10.34 13.71
C GLU A 156 2.72 -9.20 14.14
N ASP A 157 4.06 -9.44 14.18
CA ASP A 157 4.95 -8.39 14.59
C ASP A 157 6.19 -8.44 13.76
N PHE A 158 6.15 -7.82 12.56
CA PHE A 158 7.31 -7.77 11.69
C PHE A 158 7.68 -6.32 11.56
N THR A 159 8.98 -6.02 11.30
CA THR A 159 9.39 -4.64 11.20
C THR A 159 10.09 -4.44 9.88
N ILE A 160 9.63 -3.42 9.12
CA ILE A 160 10.23 -3.12 7.84
C ILE A 160 11.21 -1.99 8.05
N SER A 161 12.47 -2.17 7.57
CA SER A 161 13.47 -1.15 7.74
C SER A 161 14.01 -0.77 6.38
N ARG A 162 15.10 0.04 6.38
CA ARG A 162 15.68 0.52 5.14
C ARG A 162 17.14 0.74 5.38
N THR A 163 17.97 0.72 4.30
CA THR A 163 19.38 0.96 4.48
C THR A 163 19.72 2.37 4.03
N PRO A 164 20.72 2.91 4.67
CA PRO A 164 21.19 4.27 4.42
C PRO A 164 21.86 4.48 3.08
N GLU A 165 22.27 3.38 2.41
CA GLU A 165 22.95 3.51 1.14
C GLU A 165 21.97 4.03 0.10
N THR A 166 20.72 3.51 0.12
CA THR A 166 19.74 3.95 -0.84
C THR A 166 18.62 4.62 -0.10
N GLN A 167 18.89 5.03 1.16
CA GLN A 167 17.90 5.69 1.98
C GLN A 167 17.46 6.97 1.30
N ASP A 168 18.42 7.73 0.71
CA ASP A 168 18.04 8.96 0.07
C ASP A 168 18.42 8.86 -1.39
N SER A 169 18.04 7.75 -2.05
CA SER A 169 18.35 7.60 -3.45
C SER A 169 17.17 6.91 -4.09
N GLU A 170 16.92 7.22 -5.39
CA GLU A 170 15.80 6.61 -6.07
C GLU A 170 16.31 5.59 -7.05
N THR A 171 15.34 4.90 -7.74
CA THR A 171 15.62 3.88 -8.74
C THR A 171 15.85 2.54 -8.08
N ASP A 172 16.50 2.48 -6.90
CA ASP A 172 16.74 1.21 -6.27
C ASP A 172 16.67 1.40 -4.78
N VAL A 173 15.91 0.52 -4.07
CA VAL A 173 15.80 0.66 -2.64
C VAL A 173 16.02 -0.71 -2.03
N ILE A 174 16.82 -0.74 -0.93
CA ILE A 174 17.11 -1.98 -0.25
C ILE A 174 16.34 -1.97 1.04
N PHE A 175 15.45 -2.98 1.21
CA PHE A 175 14.66 -3.07 2.41
C PHE A 175 15.11 -4.25 3.21
N ASN A 176 15.02 -4.12 4.56
CA ASN A 176 15.44 -5.16 5.45
C ASN A 176 14.26 -5.48 6.34
N ILE A 177 13.81 -6.76 6.32
CA ILE A 177 12.70 -7.16 7.14
C ILE A 177 13.28 -8.00 8.26
N THR A 178 12.93 -7.65 9.51
CA THR A 178 13.48 -8.37 10.65
C THR A 178 12.36 -8.88 11.50
N ARG A 179 12.48 -10.14 12.00
CA ARG A 179 11.46 -10.69 12.85
C ARG A 179 11.95 -10.53 14.27
N ALA A 180 11.23 -9.71 15.07
CA ALA A 180 11.62 -9.50 16.43
C ALA A 180 10.96 -10.56 17.28
N PRO A 181 11.48 -10.75 18.47
CA PRO A 181 10.95 -11.72 19.43
C PRO A 181 9.52 -11.44 19.78
N ARG A 182 9.11 -10.18 19.58
CA ARG A 182 7.75 -9.75 19.82
C ARG A 182 7.56 -9.59 21.31
N GLY A 183 8.19 -8.56 21.91
CA GLY A 183 8.04 -8.35 23.32
C GLY A 183 9.38 -8.13 23.93
N ALA A 184 10.40 -7.89 23.09
CA ALA A 184 11.73 -7.67 23.61
C ALA A 184 12.38 -6.64 22.76
N GLU A 185 13.13 -5.70 23.39
CA GLU A 185 13.79 -4.67 22.63
C GLU A 185 14.89 -4.10 23.48
N ASN A 186 15.85 -3.39 22.82
CA ASN A 186 16.96 -2.78 23.51
C ASN A 186 17.83 -3.86 24.11
N LEU A 187 17.99 -4.98 23.38
CA LEU A 187 18.81 -6.06 23.88
C LEU A 187 20.25 -5.76 23.54
N TYR A 188 20.52 -5.19 22.35
CA TYR A 188 21.88 -4.90 21.98
C TYR A 188 22.00 -3.42 21.78
N PHE A 189 22.23 -2.99 20.52
CA PHE A 189 22.36 -1.58 20.25
C PHE A 189 21.88 -1.33 18.84
N GLN A 190 21.55 -0.05 18.54
CA GLN A 190 21.09 0.34 17.23
C GLN A 190 19.75 -0.38 16.96
C01 IWP B . -8.18 6.20 10.38
C02 IWP B . -8.38 7.57 10.25
C03 IWP B . -8.58 5.54 11.54
C04 IWP B . -8.93 8.29 11.30
C05 IWP B . -9.57 1.93 16.10
C06 IWP B . -8.38 1.43 16.38
C07 IWP B . -11.65 2.81 14.06
C08 IWP B . -15.22 3.05 11.38
C09 IWP B . -9.34 5.60 13.94
C10 IWP B . -9.06 6.28 12.62
C11 IWP B . -9.28 7.65 12.48
C12 IWP B . -16.25 3.08 12.30
C13 IWP B . -9.37 2.67 14.94
C14 IWP B . -12.38 3.88 13.43
C15 IWP B . -10.43 3.38 14.31
C16 IWP B . -13.75 3.59 13.02
C17 IWP B . -15.95 3.39 13.60
F18 IWP B . -9.83 8.34 13.49
F19 IWP B . -17.52 2.81 11.92
N20 IWP B . -13.96 3.31 11.72
N21 IWP B . -14.69 3.65 13.98
N22 IWP B . -11.64 5.03 13.30
N23 IWP B . -8.12 2.63 14.49
N24 IWP B . -10.44 4.65 13.87
O25 IWP B . -16.92 3.44 14.56
O26 IWP B . -7.44 1.79 15.46
H01 IWP B . -7.71 5.63 9.58
H02 IWP B . -8.13 8.06 9.32
H03 IWP B . -8.52 4.46 11.61
H04 IWP B . -9.06 9.37 11.20
H05 IWP B . -10.50 1.82 16.65
H06 IWP B . -8.06 0.79 17.20
H07 IWP B . -11.98 1.80 14.29
H08 IWP B . -15.40 2.81 10.33
H091 IWP B . -8.43 5.07 14.27
H092 IWP B . -9.58 6.36 14.70
H25 IWP B . -16.56 3.12 15.40
CHA HEM C . 0.74 -2.34 -7.26
CHB HEM C . 3.00 -4.40 -3.66
CHC HEM C . -0.88 -6.96 -2.78
CHD HEM C . -2.63 -5.70 -7.06
C1A HEM C . 1.66 -2.62 -6.29
C2A HEM C . 2.79 -1.90 -6.07
C3A HEM C . 3.52 -2.59 -5.16
C4A HEM C . 2.74 -3.64 -4.75
CMA HEM C . 4.80 -2.21 -4.60
CAA HEM C . 3.18 -0.67 -6.75
CBA HEM C . 3.32 0.44 -5.82
CGA HEM C . 4.43 1.28 -6.23
O1A HEM C . 5.33 0.82 -6.90
O2A HEM C . 4.44 2.45 -5.91
C1B HEM C . 2.12 -5.25 -3.09
C2B HEM C . 2.28 -5.78 -1.84
C3B HEM C . 1.06 -6.31 -1.50
C4B HEM C . 0.31 -6.31 -2.64
CMB HEM C . 3.45 -5.69 -0.99
CAB HEM C . 0.81 -7.11 -0.31
CBB HEM C . 1.10 -6.70 0.94
C1C HEM C . -1.73 -6.77 -3.81
C2C HEM C . -2.99 -7.29 -3.87
C3C HEM C . -3.47 -7.00 -5.11
C4C HEM C . -2.49 -6.29 -5.75
CMC HEM C . -3.69 -7.99 -2.81
CAC HEM C . -4.59 -7.66 -5.76
CBC HEM C . -4.59 -8.95 -6.14
C1D HEM C . -1.71 -4.74 -7.58
C2D HEM C . -1.74 -4.21 -8.84
C3D HEM C . -0.77 -3.25 -8.88
C4D HEM C . -0.25 -3.18 -7.62
CMD HEM C . -2.55 -4.67 -9.95
CAD HEM C . -0.23 -2.61 -10.07
CBD HEM C . 0.52 -1.42 -9.75
CGD HEM C . -0.34 -0.47 -9.06
O1D HEM C . -0.98 -0.84 -8.08
O2D HEM C . -0.40 0.67 -9.45
NA HEM C . 1.59 -3.73 -5.49
NB HEM C . 0.89 -5.56 -3.62
NC HEM C . -1.43 -6.05 -4.93
ND HEM C . -0.69 -4.21 -6.84
FE HEM C . 0.09 -4.89 -5.23
HHB HEM C . 3.92 -4.20 -3.13
HHC HEM C . -1.12 -7.73 -2.05
HHD HEM C . -3.57 -5.84 -7.59
HMA HEM C . 4.65 -1.70 -3.64
HMAA HEM C . 5.31 -1.52 -5.29
HMAB HEM C . 5.42 -3.09 -4.43
HAA HEM C . 4.14 -0.84 -7.25
HAAA HEM C . 2.44 -0.41 -7.50
HBA HEM C . 2.40 1.02 -5.80
HBAA HEM C . 3.53 0.05 -4.81
HMB HEM C . 3.80 -4.65 -0.96
HMBA HEM C . 4.25 -6.32 -1.40
HMBB HEM C . 3.20 -6.01 0.02
HAB HEM C . 0.49 -8.13 -0.45
HBB HEM C . 2.14 -6.47 1.18
HBBA HEM C . 0.28 -6.37 1.58
HMC HEM C . -3.04 -8.76 -2.37
HMCA HEM C . -3.97 -7.28 -2.02
HMCB HEM C . -4.59 -8.47 -3.21
HAC HEM C . -5.51 -7.10 -5.88
HBC HEM C . -5.31 -9.26 -6.89
HBCA HEM C . -4.11 -9.68 -5.48
HMD HEM C . -3.20 -5.49 -9.63
HMDA HEM C . -3.18 -3.85 -10.32
HMDB HEM C . -1.90 -5.03 -10.77
HAD HEM C . -1.06 -2.35 -10.75
HADA HEM C . 0.42 -3.32 -10.59
HBD HEM C . 1.36 -1.68 -9.10
HBDA HEM C . 0.90 -0.96 -10.67
HHA HEM C . 0.82 -1.38 -7.77
C CMO D . -0.78 -3.53 -4.23
O CMO D . -1.29 -2.71 -3.63
N MET A 1 -4.42 -0.15 -10.40
CA MET A 1 -5.10 0.16 -9.11
C MET A 1 -5.41 1.63 -9.02
N MET A 2 -6.64 2.04 -9.43
CA MET A 2 -6.99 3.43 -9.36
C MET A 2 -8.49 3.53 -9.16
N GLY A 3 -9.27 2.58 -9.73
CA GLY A 3 -10.72 2.63 -9.59
C GLY A 3 -11.10 2.23 -8.18
N MET A 4 -10.47 1.17 -7.62
CA MET A 4 -10.84 0.74 -6.28
C MET A 4 -10.09 1.53 -5.25
N VAL A 5 -9.15 2.40 -5.68
CA VAL A 5 -8.44 3.20 -4.70
C VAL A 5 -9.32 4.39 -4.44
N PHE A 6 -10.19 4.73 -5.44
CA PHE A 6 -11.09 5.83 -5.29
C PHE A 6 -12.21 5.39 -4.39
N THR A 7 -12.65 4.11 -4.52
CA THR A 7 -13.76 3.61 -3.70
C THR A 7 -13.39 3.68 -2.24
N GLY A 8 -12.17 3.21 -1.86
CA GLY A 8 -11.78 3.25 -0.47
C GLY A 8 -11.71 4.67 0.05
N LEU A 9 -11.19 5.60 -0.77
CA LEU A 9 -11.04 6.98 -0.35
C LEU A 9 -12.39 7.65 -0.12
N MET A 10 -13.42 7.36 -0.97
CA MET A 10 -14.73 8.01 -0.82
C MET A 10 -15.40 7.54 0.45
N GLU A 11 -15.25 6.23 0.76
CA GLU A 11 -15.88 5.65 1.92
C GLU A 11 -15.22 6.13 3.19
N LEU A 12 -13.90 6.44 3.13
CA LEU A 12 -13.18 6.85 4.31
C LEU A 12 -13.58 8.25 4.74
N ILE A 13 -13.73 9.21 3.79
CA ILE A 13 -14.04 10.58 4.18
C ILE A 13 -15.49 10.72 4.55
N GLU A 14 -16.37 9.83 4.04
CA GLU A 14 -17.78 9.97 4.33
C GLU A 14 -18.06 9.54 5.75
N ASP A 15 -17.42 8.44 6.20
CA ASP A 15 -17.67 7.91 7.52
C ASP A 15 -16.88 8.65 8.57
N GLU A 16 -15.64 9.07 8.25
CA GLU A 16 -14.81 9.71 9.27
C GLU A 16 -15.27 11.10 9.60
N PHE A 17 -15.61 11.94 8.59
CA PHE A 17 -15.98 13.29 8.95
C PHE A 17 -17.36 13.69 8.47
N GLY A 18 -17.89 13.10 7.38
CA GLY A 18 -19.20 13.52 6.95
C GLY A 18 -19.28 13.48 5.45
N TYR A 19 -20.47 13.84 4.92
CA TYR A 19 -20.63 13.77 3.49
C TYR A 19 -20.45 15.17 2.96
N GLU A 20 -20.54 16.19 3.86
CA GLU A 20 -20.33 17.56 3.46
C GLU A 20 -18.87 17.72 3.14
N THR A 21 -17.99 17.10 3.96
CA THR A 21 -16.57 17.18 3.74
C THR A 21 -16.26 16.47 2.45
N LEU A 22 -16.91 15.30 2.21
CA LEU A 22 -16.67 14.56 0.97
C LEU A 22 -17.17 15.42 -0.20
N ASP A 23 -18.14 16.32 0.07
CA ASP A 23 -18.68 17.18 -0.97
C ASP A 23 -17.61 18.16 -1.41
N THR A 24 -16.80 18.68 -0.46
CA THR A 24 -15.75 19.63 -0.78
C THR A 24 -14.73 18.97 -1.66
N LEU A 25 -14.37 17.69 -1.35
CA LEU A 25 -13.40 16.96 -2.13
C LEU A 25 -13.89 16.82 -3.56
N LEU A 26 -15.21 16.56 -3.72
CA LEU A 26 -15.81 16.39 -5.03
C LEU A 26 -15.70 17.69 -5.80
N GLU A 27 -15.83 18.84 -5.10
CA GLU A 27 -15.78 20.12 -5.78
C GLU A 27 -14.39 20.37 -6.33
N SER A 28 -13.32 19.97 -5.61
CA SER A 28 -11.98 20.21 -6.10
C SER A 28 -11.78 19.47 -7.41
N CYS A 29 -12.44 18.31 -7.61
CA CYS A 29 -12.23 17.61 -8.86
C CYS A 29 -13.52 17.58 -9.63
N GLU A 30 -13.58 18.36 -10.74
CA GLU A 30 -14.77 18.38 -11.56
C GLU A 30 -14.94 17.03 -12.21
N LEU A 31 -16.20 16.55 -12.29
CA LEU A 31 -16.44 15.25 -12.88
C LEU A 31 -17.23 15.45 -14.14
N GLN A 32 -16.71 14.90 -15.27
CA GLN A 32 -17.39 15.03 -16.53
C GLN A 32 -18.46 13.96 -16.65
N SER A 33 -18.18 12.73 -16.16
CA SER A 33 -19.16 11.66 -16.27
C SER A 33 -19.87 11.49 -14.97
N GLU A 34 -20.14 10.21 -14.57
CA GLU A 34 -20.84 9.94 -13.34
C GLU A 34 -19.96 10.32 -12.19
N GLY A 35 -18.66 9.99 -12.28
CA GLY A 35 -17.74 10.33 -11.24
C GLY A 35 -17.41 9.13 -10.39
N ILE A 36 -18.20 8.04 -10.47
CA ILE A 36 -17.88 6.90 -9.65
C ILE A 36 -18.11 5.66 -10.49
N TYR A 37 -17.01 5.09 -11.03
CA TYR A 37 -17.11 3.92 -11.87
C TYR A 37 -16.88 2.67 -11.04
N THR A 38 -16.10 1.74 -11.63
CA THR A 38 -15.78 0.50 -10.99
C THR A 38 -14.33 0.28 -11.30
N SER A 39 -13.71 -0.83 -10.81
CA SER A 39 -12.32 -1.04 -11.09
C SER A 39 -12.22 -1.72 -12.43
N VAL A 40 -11.62 -1.02 -13.42
CA VAL A 40 -11.49 -1.60 -14.73
C VAL A 40 -10.85 -0.58 -15.66
N GLY A 41 -10.57 0.65 -15.17
CA GLY A 41 -10.00 1.66 -16.04
C GLY A 41 -8.57 1.94 -15.66
N SER A 42 -8.27 3.24 -15.45
CA SER A 42 -6.93 3.68 -15.14
C SER A 42 -7.02 5.17 -14.91
N TYR A 43 -5.86 5.84 -14.65
CA TYR A 43 -5.88 7.27 -14.40
C TYR A 43 -4.46 7.71 -14.17
N ASP A 44 -4.25 9.05 -14.15
CA ASP A 44 -2.93 9.58 -13.93
C ASP A 44 -2.58 9.44 -12.46
N HIS A 45 -1.30 9.74 -12.13
CA HIS A 45 -0.85 9.63 -10.76
C HIS A 45 -1.19 10.90 -10.05
N GLN A 46 -1.16 12.04 -10.79
CA GLN A 46 -1.47 13.32 -10.20
C GLN A 46 -2.94 13.37 -9.82
N GLU A 47 -3.77 12.49 -10.42
CA GLU A 47 -5.19 12.47 -10.10
C GLU A 47 -5.35 12.14 -8.63
N LEU A 48 -4.65 11.08 -8.16
CA LEU A 48 -4.71 10.67 -6.78
C LEU A 48 -4.08 11.73 -5.89
N LEU A 49 -3.05 12.43 -6.41
CA LEU A 49 -2.35 13.41 -5.60
C LEU A 49 -3.23 14.63 -5.40
N GLN A 50 -4.09 14.96 -6.39
CA GLN A 50 -4.95 16.11 -6.28
C GLN A 50 -5.94 15.91 -5.15
N LEU A 51 -6.46 14.67 -5.00
CA LEU A 51 -7.42 14.42 -3.93
C LEU A 51 -6.69 14.21 -2.63
N VAL A 52 -5.36 14.06 -2.69
CA VAL A 52 -4.60 13.83 -1.49
C VAL A 52 -4.20 15.18 -0.91
N VAL A 53 -3.84 16.16 -1.78
CA VAL A 53 -3.43 17.45 -1.27
C VAL A 53 -4.66 18.14 -0.70
N LYS A 54 -5.88 17.92 -1.28
CA LYS A 54 -7.04 18.55 -0.71
C LYS A 54 -7.35 17.90 0.62
N LEU A 55 -7.07 16.58 0.77
CA LEU A 55 -7.34 15.90 2.03
C LEU A 55 -6.31 16.31 3.05
N SER A 56 -5.24 16.98 2.61
CA SER A 56 -4.23 17.34 3.57
C SER A 56 -4.52 18.73 4.06
N GLU A 57 -5.35 19.51 3.32
CA GLU A 57 -5.67 20.85 3.74
C GLU A 57 -7.07 20.90 4.29
N VAL A 58 -7.94 19.92 3.94
CA VAL A 58 -9.30 19.96 4.40
C VAL A 58 -9.37 19.34 5.79
N SER A 59 -8.66 18.23 6.06
CA SER A 59 -8.75 17.63 7.38
C SER A 59 -7.54 17.97 8.19
N SER A 60 -6.50 18.59 7.58
CA SER A 60 -5.29 18.94 8.31
C SER A 60 -4.58 17.67 8.68
N VAL A 61 -4.62 16.67 7.77
CA VAL A 61 -3.97 15.42 8.03
C VAL A 61 -2.77 15.35 7.13
N PRO A 62 -1.64 15.00 7.71
CA PRO A 62 -0.39 14.90 6.97
C PRO A 62 -0.44 13.79 5.96
N VAL A 63 0.33 13.95 4.86
CA VAL A 63 0.29 12.98 3.80
C VAL A 63 0.93 11.67 4.24
N THR A 64 1.88 11.68 5.21
CA THR A 64 2.53 10.43 5.59
C THR A 64 1.63 9.63 6.51
N GLU A 65 0.90 10.29 7.44
CA GLU A 65 0.04 9.53 8.33
C GLU A 65 -1.25 9.19 7.61
N LEU A 66 -1.60 9.96 6.55
CA LEU A 66 -2.81 9.69 5.81
C LEU A 66 -2.52 8.63 4.79
N VAL A 67 -1.23 8.28 4.58
CA VAL A 67 -0.91 7.28 3.60
C VAL A 67 -0.87 5.95 4.31
N ARG A 68 -0.53 5.95 5.63
CA ARG A 68 -0.47 4.72 6.39
C ARG A 68 -1.87 4.22 6.65
N LEU A 69 -2.77 5.10 7.17
CA LEU A 69 -4.13 4.70 7.48
C LEU A 69 -4.86 4.26 6.23
N PHE A 70 -4.66 4.97 5.09
CA PHE A 70 -5.33 4.61 3.86
C PHE A 70 -4.93 3.22 3.45
N GLY A 71 -3.64 2.86 3.66
CA GLY A 71 -3.14 1.54 3.28
C GLY A 71 -3.91 0.46 4.01
N LYS A 72 -4.18 0.65 5.33
CA LYS A 72 -4.90 -0.35 6.12
C LYS A 72 -6.29 -0.64 5.58
N LYS A 73 -7.09 0.41 5.28
CA LYS A 73 -8.46 0.19 4.82
C LYS A 73 -8.54 -0.57 3.51
N LEU A 74 -7.79 -0.14 2.48
CA LEU A 74 -7.88 -0.78 1.17
C LEU A 74 -7.36 -2.22 1.20
N PHE A 75 -6.25 -2.49 1.93
CA PHE A 75 -5.70 -3.85 1.93
C PHE A 75 -6.69 -4.85 2.52
N VAL A 76 -7.37 -4.50 3.65
CA VAL A 76 -8.29 -5.44 4.26
C VAL A 76 -9.51 -5.59 3.38
N GLU A 77 -9.75 -4.62 2.46
CA GLU A 77 -10.88 -4.72 1.57
C GLU A 77 -10.63 -5.85 0.60
N LEU A 78 -9.37 -6.01 0.14
CA LEU A 78 -9.05 -7.07 -0.80
C LEU A 78 -9.13 -8.41 -0.10
N ILE A 79 -8.88 -8.44 1.23
CA ILE A 79 -8.98 -9.70 1.96
C ILE A 79 -10.43 -10.15 1.94
N GLU A 80 -11.37 -9.19 2.11
CA GLU A 80 -12.78 -9.52 2.11
C GLU A 80 -13.29 -9.52 0.70
N GLY A 81 -12.40 -9.28 -0.29
CA GLY A 81 -12.81 -9.23 -1.67
C GLY A 81 -12.51 -10.55 -2.32
N HIS A 82 -11.43 -11.24 -1.87
CA HIS A 82 -11.07 -12.50 -2.47
C HIS A 82 -10.91 -13.52 -1.38
N PRO A 83 -11.99 -14.22 -1.12
CA PRO A 83 -12.04 -15.26 -0.10
C PRO A 83 -11.09 -16.39 -0.35
N GLU A 84 -10.89 -16.79 -1.63
CA GLU A 84 -10.01 -17.89 -1.92
C GLU A 84 -8.59 -17.42 -2.03
N ILE A 85 -8.35 -16.09 -1.95
CA ILE A 85 -6.99 -15.64 -2.02
C ILE A 85 -6.45 -15.76 -0.62
N ALA A 86 -7.37 -15.62 0.38
CA ALA A 86 -7.00 -15.74 1.77
C ALA A 86 -6.75 -17.19 2.11
N ASN A 87 -7.58 -18.11 1.55
CA ASN A 87 -7.43 -19.52 1.85
C ASN A 87 -6.14 -20.07 1.27
N GLU A 88 -5.72 -19.59 0.08
CA GLU A 88 -4.50 -20.10 -0.53
C GLU A 88 -3.29 -19.67 0.25
N MET A 89 -3.37 -18.53 0.99
CA MET A 89 -2.23 -18.05 1.75
C MET A 89 -2.13 -18.84 3.04
N LYS A 90 -0.89 -18.94 3.59
CA LYS A 90 -0.68 -19.71 4.80
C LYS A 90 -0.17 -18.80 5.89
N ASP A 91 0.52 -17.70 5.53
CA ASP A 91 1.06 -16.82 6.54
C ASP A 91 1.54 -15.59 5.83
N SER A 92 1.92 -14.55 6.60
CA SER A 92 2.39 -13.33 5.98
C SER A 92 3.78 -13.53 5.42
N PHE A 93 4.59 -14.46 6.01
CA PHE A 93 5.92 -14.68 5.50
C PHE A 93 5.77 -15.35 4.14
N ASP A 94 4.92 -16.40 4.08
CA ASP A 94 4.65 -17.08 2.83
C ASP A 94 4.07 -16.10 1.82
N LEU A 95 3.35 -15.06 2.31
CA LEU A 95 2.77 -14.05 1.44
C LEU A 95 3.88 -13.34 0.70
N LEU A 96 5.03 -13.12 1.38
CA LEU A 96 6.13 -12.40 0.76
C LEU A 96 6.73 -13.25 -0.35
N SER A 97 6.73 -14.59 -0.19
CA SER A 97 7.30 -15.44 -1.21
C SER A 97 6.24 -15.86 -2.20
N LYS A 98 5.05 -15.19 -2.19
CA LYS A 98 3.98 -15.58 -3.10
C LYS A 98 3.55 -14.36 -3.89
N ILE A 99 4.02 -13.15 -3.47
CA ILE A 99 3.62 -11.92 -4.13
C ILE A 99 4.05 -11.91 -5.59
N ASP A 100 5.34 -12.20 -5.87
CA ASP A 100 5.80 -12.17 -7.23
C ASP A 100 5.34 -13.35 -8.05
N SER A 101 5.25 -14.55 -7.46
CA SER A 101 4.92 -15.73 -8.23
C SER A 101 3.49 -15.74 -8.78
N PHE A 102 2.45 -15.54 -7.94
CA PHE A 102 1.10 -15.65 -8.48
C PHE A 102 0.24 -14.42 -8.24
N ILE A 103 0.39 -13.74 -7.09
CA ILE A 103 -0.49 -12.61 -6.81
C ILE A 103 -0.41 -11.52 -7.88
N HIS A 104 0.78 -11.03 -8.28
CA HIS A 104 0.80 -9.95 -9.26
C HIS A 104 0.94 -10.51 -10.65
N VAL A 105 0.96 -11.85 -10.80
CA VAL A 105 1.07 -12.45 -12.11
C VAL A 105 -0.32 -12.69 -12.60
N GLU A 106 -1.20 -13.15 -11.69
CA GLU A 106 -2.56 -13.42 -12.05
C GLU A 106 -3.24 -12.12 -12.41
N VAL A 107 -2.98 -11.03 -11.65
CA VAL A 107 -3.60 -9.75 -11.95
C VAL A 107 -3.08 -9.22 -13.27
N TYR A 108 -1.74 -9.26 -13.49
CA TYR A 108 -1.14 -8.76 -14.72
C TYR A 108 -1.74 -9.45 -15.93
N LYS A 109 -2.04 -10.76 -15.83
CA LYS A 109 -2.58 -11.46 -16.97
C LYS A 109 -4.03 -11.08 -17.16
N LEU A 110 -4.78 -10.91 -16.05
CA LEU A 110 -6.18 -10.58 -16.15
C LEU A 110 -6.41 -9.09 -16.00
N TYR A 111 -5.39 -8.23 -16.27
CA TYR A 111 -5.59 -6.80 -16.13
C TYR A 111 -4.40 -6.17 -16.81
N PRO A 112 -4.57 -5.88 -18.07
CA PRO A 112 -3.52 -5.32 -18.92
C PRO A 112 -3.27 -3.84 -18.76
N GLN A 113 -4.08 -3.13 -17.96
CA GLN A 113 -3.87 -1.69 -17.82
C GLN A 113 -2.97 -1.41 -16.64
N ALA A 114 -2.23 -2.43 -16.13
CA ALA A 114 -1.36 -2.18 -15.02
C ALA A 114 0.05 -2.52 -15.47
N GLU A 115 1.06 -1.94 -14.78
CA GLU A 115 2.44 -2.22 -15.16
C GLU A 115 3.25 -2.25 -13.89
N LEU A 116 4.19 -3.22 -13.80
CA LEU A 116 5.01 -3.33 -12.61
C LEU A 116 6.46 -3.42 -13.01
N PRO A 117 7.30 -3.07 -12.06
CA PRO A 117 8.75 -3.06 -12.23
C PRO A 117 9.41 -4.40 -11.97
N LYS A 118 10.71 -4.39 -11.59
CA LYS A 118 11.43 -5.63 -11.36
C LYS A 118 11.44 -5.94 -9.88
N PHE A 119 11.40 -7.25 -9.53
CA PHE A 119 11.38 -7.65 -8.13
C PHE A 119 12.39 -8.77 -7.94
N THR A 120 13.23 -8.65 -6.87
CA THR A 120 14.23 -9.68 -6.60
C THR A 120 14.18 -9.92 -5.10
N CYS A 121 14.20 -11.20 -4.65
CA CYS A 121 14.15 -11.44 -3.22
C CYS A 121 15.29 -12.32 -2.79
N ASP A 122 16.16 -11.77 -1.91
CA ASP A 122 17.28 -12.52 -1.40
C ASP A 122 16.94 -12.93 0.02
N ARG A 123 17.54 -14.05 0.50
CA ARG A 123 17.26 -14.49 1.85
C ARG A 123 18.55 -14.51 2.61
N LEU A 124 18.62 -13.72 3.71
CA LEU A 124 19.82 -13.68 4.50
C LEU A 124 19.72 -14.68 5.62
N GLY A 125 18.49 -15.05 6.04
CA GLY A 125 18.38 -15.99 7.12
C GLY A 125 16.93 -16.12 7.51
N ASP A 126 16.68 -16.30 8.83
CA ASP A 126 15.34 -16.47 9.30
C ASP A 126 14.82 -15.16 9.83
N ASN A 127 15.68 -14.39 10.55
CA ASN A 127 15.23 -13.15 11.13
C ASN A 127 15.62 -11.98 10.25
N ASP A 128 16.13 -12.26 9.03
CA ASP A 128 16.54 -11.18 8.14
C ASP A 128 16.09 -11.61 6.76
N ILE A 129 15.55 -10.70 5.91
CA ILE A 129 15.12 -11.08 4.59
C ILE A 129 15.38 -9.81 3.79
N ARG A 130 15.63 -9.87 2.46
CA ARG A 130 15.92 -8.64 1.76
C ARG A 130 15.05 -8.56 0.54
N LEU A 131 14.45 -7.38 0.30
CA LEU A 131 13.64 -7.20 -0.87
C LEU A 131 14.22 -6.05 -1.64
N HIS A 132 14.50 -6.28 -2.95
CA HIS A 132 15.05 -5.25 -3.78
C HIS A 132 13.95 -4.83 -4.70
N TYR A 133 13.75 -3.50 -4.86
CA TYR A 133 12.69 -3.04 -5.71
C TYR A 133 13.30 -2.03 -6.66
N GLN A 134 13.20 -2.30 -7.99
CA GLN A 134 13.76 -1.38 -8.95
C GLN A 134 12.63 -0.67 -9.63
N SER A 135 12.45 0.63 -9.24
CA SER A 135 11.39 1.43 -9.81
C SER A 135 11.81 2.88 -9.76
N LYS A 136 11.22 3.71 -10.66
CA LYS A 136 11.57 5.11 -10.71
C LYS A 136 10.61 5.90 -9.84
N ARG A 137 9.66 5.22 -9.17
CA ARG A 137 8.71 5.92 -8.31
C ARG A 137 8.66 5.17 -7.02
N PRO A 138 9.67 5.36 -6.21
CA PRO A 138 9.80 4.69 -4.94
C PRO A 138 9.32 5.47 -3.74
N PHE A 139 8.06 5.22 -3.31
CA PHE A 139 7.57 5.88 -2.12
C PHE A 139 7.60 4.87 -1.02
N ALA A 140 8.52 5.08 -0.04
CA ALA A 140 8.67 4.16 1.07
C ALA A 140 7.43 4.15 1.94
N SER A 141 6.82 5.34 2.17
CA SER A 141 5.64 5.41 3.00
C SER A 141 4.51 4.57 2.44
N PHE A 142 4.35 4.55 1.10
CA PHE A 142 3.28 3.79 0.49
C PHE A 142 3.53 2.30 0.67
N ALA A 143 4.78 1.85 0.48
CA ALA A 143 5.10 0.44 0.58
C ALA A 143 4.83 -0.08 1.98
N GLU A 144 5.19 0.71 3.02
CA GLU A 144 4.97 0.29 4.38
C GLU A 144 3.49 0.19 4.66
N GLY A 145 2.69 1.07 4.04
CA GLY A 145 1.26 1.06 4.24
C GLY A 145 0.66 -0.26 3.85
N LEU A 146 1.16 -0.89 2.76
CA LEU A 146 0.58 -2.13 2.31
C LEU A 146 1.15 -3.31 3.07
N LEU A 147 2.48 -3.31 3.39
CA LEU A 147 3.07 -4.44 4.08
C LEU A 147 2.58 -4.52 5.51
N ASP A 148 2.47 -3.35 6.19
CA ASP A 148 2.02 -3.33 7.56
C ASP A 148 0.53 -3.63 7.64
N GLY A 149 -0.26 -3.26 6.59
CA GLY A 149 -1.69 -3.51 6.62
C GLY A 149 -1.92 -5.01 6.67
N CYS A 150 -1.13 -5.76 5.88
CA CYS A 150 -1.25 -7.21 5.87
C CYS A 150 -0.95 -7.75 7.25
N ALA A 151 0.10 -7.21 7.92
CA ALA A 151 0.44 -7.67 9.25
C ALA A 151 -0.57 -7.16 10.24
N GLU A 152 -1.52 -6.31 9.78
CA GLU A 152 -2.52 -5.80 10.67
C GLU A 152 -3.62 -6.84 10.81
N TYR A 153 -4.10 -7.39 9.67
CA TYR A 153 -5.15 -8.39 9.73
C TYR A 153 -4.65 -9.60 10.50
N PHE A 154 -3.42 -10.10 10.20
CA PHE A 154 -2.91 -11.28 10.89
C PHE A 154 -2.56 -10.94 12.32
N LYS A 155 -2.23 -9.66 12.61
CA LYS A 155 -1.86 -9.25 13.95
C LYS A 155 -0.55 -9.90 14.32
N GLU A 156 0.50 -9.67 13.49
CA GLU A 156 1.79 -10.25 13.79
C GLU A 156 2.71 -9.12 14.20
N ASP A 157 4.04 -9.37 14.23
CA ASP A 157 4.95 -8.33 14.63
C ASP A 157 6.19 -8.40 13.77
N PHE A 158 6.14 -7.74 12.59
CA PHE A 158 7.29 -7.71 11.71
C PHE A 158 7.66 -6.26 11.57
N THR A 159 8.96 -5.97 11.29
CA THR A 159 9.37 -4.58 11.17
C THR A 159 10.07 -4.40 9.86
N ILE A 160 9.60 -3.38 9.08
CA ILE A 160 10.21 -3.09 7.80
C ILE A 160 11.19 -1.95 8.01
N SER A 161 12.45 -2.13 7.53
CA SER A 161 13.45 -1.11 7.70
C SER A 161 13.99 -0.73 6.34
N ARG A 162 15.08 0.07 6.33
CA ARG A 162 15.67 0.54 5.10
C ARG A 162 17.14 0.79 5.34
N THR A 163 17.96 0.77 4.26
CA THR A 163 19.38 1.03 4.45
C THR A 163 19.68 2.44 4.00
N PRO A 164 20.70 2.99 4.62
CA PRO A 164 21.14 4.36 4.35
C PRO A 164 21.86 4.55 3.05
N GLU A 165 22.26 3.45 2.37
CA GLU A 165 22.97 3.57 1.13
C GLU A 165 22.00 4.08 0.08
N THR A 166 20.75 3.55 0.07
CA THR A 166 19.79 3.98 -0.91
C THR A 166 18.65 4.64 -0.19
N GLN A 167 18.90 5.06 1.07
CA GLN A 167 17.88 5.72 1.87
C GLN A 167 17.46 6.99 1.18
N ASP A 168 18.42 7.76 0.60
CA ASP A 168 18.06 8.98 -0.05
C ASP A 168 18.46 8.89 -1.50
N SER A 169 18.09 7.77 -2.17
CA SER A 169 18.43 7.61 -3.56
C SER A 169 17.25 6.93 -4.22
N GLU A 170 17.03 7.23 -5.51
CA GLU A 170 15.91 6.63 -6.21
C GLU A 170 16.42 5.58 -7.17
N THR A 171 15.46 4.90 -7.86
CA THR A 171 15.75 3.85 -8.84
C THR A 171 15.96 2.52 -8.16
N ASP A 172 16.62 2.48 -6.98
CA ASP A 172 16.85 1.21 -6.33
C ASP A 172 16.76 1.42 -4.85
N VAL A 173 16.01 0.53 -4.14
CA VAL A 173 15.87 0.68 -2.71
C VAL A 173 16.09 -0.68 -2.09
N ILE A 174 16.87 -0.70 -0.98
CA ILE A 174 17.16 -1.93 -0.29
C ILE A 174 16.37 -1.92 1.00
N PHE A 175 15.49 -2.93 1.16
CA PHE A 175 14.68 -3.02 2.35
C PHE A 175 15.14 -4.21 3.15
N ASN A 176 15.01 -4.07 4.50
CA ASN A 176 15.43 -5.11 5.40
C ASN A 176 14.26 -5.44 6.29
N ILE A 177 13.80 -6.72 6.26
CA ILE A 177 12.68 -7.12 7.08
C ILE A 177 13.26 -7.95 8.20
N THR A 178 12.92 -7.61 9.46
CA THR A 178 13.47 -8.33 10.59
C THR A 178 12.34 -8.84 11.45
N ARG A 179 12.47 -10.10 11.94
CA ARG A 179 11.44 -10.65 12.80
C ARG A 179 11.95 -10.54 14.21
N ALA A 180 11.25 -9.72 15.03
CA ALA A 180 11.67 -9.56 16.40
C ALA A 180 11.02 -10.65 17.22
N PRO A 181 11.56 -10.87 18.40
CA PRO A 181 11.04 -11.87 19.32
C PRO A 181 9.61 -11.62 19.70
N ARG A 182 9.19 -10.34 19.54
CA ARG A 182 7.83 -9.92 19.81
C ARG A 182 7.66 -9.76 21.29
N GLY A 183 8.30 -8.73 21.88
CA GLY A 183 8.17 -8.53 23.30
C GLY A 183 9.52 -8.24 23.89
N ALA A 184 10.52 -7.96 23.03
CA ALA A 184 11.83 -7.67 23.54
C ALA A 184 12.44 -6.64 22.65
N GLU A 185 13.18 -5.69 23.25
CA GLU A 185 13.79 -4.65 22.47
C GLU A 185 14.90 -4.04 23.28
N ASN A 186 15.85 -3.34 22.57
CA ASN A 186 16.95 -2.68 23.23
C ASN A 186 17.91 -3.74 23.73
N LEU A 187 17.98 -4.89 23.02
CA LEU A 187 18.88 -5.96 23.40
C LEU A 187 20.29 -5.54 23.11
N TYR A 188 20.52 -4.87 21.96
CA TYR A 188 21.86 -4.46 21.62
C TYR A 188 21.86 -2.96 21.45
N PHE A 189 22.16 -2.49 20.21
CA PHE A 189 22.19 -1.07 19.97
C PHE A 189 21.81 -0.84 18.53
N GLN A 190 21.41 0.42 18.22
CA GLN A 190 21.01 0.79 16.88
C GLN A 190 19.76 -0.02 16.51
C01 IWP B . -8.09 6.16 10.30
C02 IWP B . -8.19 7.55 10.18
C03 IWP B . -8.45 5.55 11.49
C04 IWP B . -8.54 8.32 11.28
C05 IWP B . -9.56 1.89 15.84
C06 IWP B . -8.40 1.28 16.05
C07 IWP B . -11.62 3.00 13.90
C08 IWP B . -15.23 2.97 11.63
C09 IWP B . -9.14 5.65 13.90
C10 IWP B . -8.79 6.32 12.59
C11 IWP B . -8.81 7.71 12.50
C12 IWP B . -16.23 3.68 12.26
C13 IWP B . -9.34 2.66 14.72
C14 IWP B . -12.30 4.15 13.36
C15 IWP B . -10.37 3.49 14.16
C16 IWP B . -13.69 3.98 12.97
C17 IWP B . -15.88 4.55 13.26
F18 IWP B . -9.10 8.46 13.58
F19 IWP B . -17.53 3.53 11.89
N20 IWP B . -13.94 3.11 11.98
N21 IWP B . -14.61 4.72 13.63
N22 IWP B . -11.50 5.27 13.28
N23 IWP B . -8.11 2.58 14.21
N24 IWP B . -10.31 4.77 13.80
O25 IWP B . -16.84 5.28 13.92
O26 IWP B . -7.46 1.63 15.12
H01 IWP B . -7.74 5.57 9.46
H02 IWP B . -7.99 8.03 9.22
H03 IWP B . -8.45 4.47 11.57
H04 IWP B . -8.61 9.40 11.18
H05 IWP B . -10.47 1.80 16.41
H06 IWP B . -8.10 0.58 16.83
H07 IWP B . -12.01 2.00 14.07
H08 IWP B . -15.45 2.26 10.82
H091 IWP B . -8.30 5.05 14.25
H092 IWP B . -9.36 6.42 14.66
H25 IWP B . -17.18 5.96 13.30
CHA HEM C . 0.51 -2.30 -7.26
CHB HEM C . 2.89 -4.28 -3.70
CHC HEM C . -0.91 -6.94 -2.75
CHD HEM C . -2.75 -5.78 -7.00
C1A HEM C . 1.49 -2.60 -6.36
C2A HEM C . 2.67 -1.93 -6.25
C3A HEM C . 3.41 -2.58 -5.32
C4A HEM C . 2.62 -3.58 -4.83
CMA HEM C . 4.72 -2.22 -4.83
CAA HEM C . 3.08 -0.76 -7.00
CBA HEM C . 2.98 0.46 -6.21
CGA HEM C . 4.02 1.38 -6.60
O1A HEM C . 5.03 0.96 -7.14
O2A HEM C . 3.88 2.57 -6.39
C1B HEM C . 2.00 -5.10 -3.08
C2B HEM C . 2.14 -5.54 -1.80
C3B HEM C . 1.16 -6.46 -1.60
C4B HEM C . 0.30 -6.34 -2.67
CMB HEM C . 3.05 -5.02 -0.79
CAB HEM C . 0.84 -7.09 -0.33
CBB HEM C . 1.02 -6.50 0.87
C1C HEM C . -1.80 -6.74 -3.73
C2C HEM C . -3.00 -7.38 -3.83
C3C HEM C . -3.37 -7.31 -5.15
C4C HEM C . -2.54 -6.38 -5.72
CMC HEM C . -3.72 -8.06 -2.77
CAC HEM C . -4.58 -7.84 -5.72
CBC HEM C . -4.73 -9.10 -6.17
C1D HEM C . -1.89 -4.75 -7.53
C2D HEM C . -1.97 -4.23 -8.78
C3D HEM C . -1.08 -3.18 -8.81
C4D HEM C . -0.50 -3.14 -7.59
CMD HEM C . -2.72 -4.76 -9.92
CAD HEM C . -0.68 -2.45 -10.00
CBD HEM C . -0.68 -1.01 -9.76
CGD HEM C . -0.06 -0.34 -10.89
O1D HEM C . 0.00 0.87 -10.92
O2D HEM C . 0.39 -1.00 -11.81
NA HEM C . 1.44 -3.69 -5.54
NB HEM C . 0.81 -5.50 -3.62
NC HEM C . -1.54 -6.02 -4.87
ND HEM C . -0.88 -4.20 -6.81
FE HEM C . -0.04 -4.86 -5.21
HHB HEM C . 3.85 -4.12 -3.22
HHC HEM C . -1.14 -7.70 -1.99
HHD HEM C . -3.71 -5.94 -7.51
HMA HEM C . 4.62 -1.39 -4.10
HMAA HEM C . 5.35 -1.89 -5.66
HMAB HEM C . 5.19 -3.07 -4.34
HAA HEM C . 4.11 -0.88 -7.34
HAAA HEM C . 2.44 -0.66 -7.89
HBA HEM C . 2.00 0.93 -6.37
HBAA HEM C . 3.09 0.22 -5.14
HMB HEM C . 2.53 -4.93 0.17
HMBA HEM C . 3.42 -4.05 -1.10
HMBB HEM C . 3.90 -5.71 -0.68
HAB HEM C . 0.50 -8.13 -0.35
HBB HEM C . 1.96 -6.00 1.05
HBBA HEM C . 0.14 -6.33 1.49
HMC HEM C . -3.05 -8.78 -2.27
HMCA HEM C . -4.08 -7.34 -2.03
HMCB HEM C . -4.59 -8.61 -3.18
HAC HEM C . -5.45 -7.20 -5.76
HBC HEM C . -5.51 -9.30 -6.90
HBCA HEM C . -4.27 -9.90 -5.60
HMD HEM C . -3.32 -3.97 -10.37
HMDA HEM C . -2.02 -5.16 -10.66
HMDB HEM C . -3.38 -5.57 -9.56
HAD HEM C . -1.36 -2.68 -10.82
HADA HEM C . 0.33 -2.77 -10.29
HBD HEM C . -1.71 -0.65 -9.64
HBDA HEM C . -0.10 -0.78 -8.86
HHA HEM C . 0.55 -1.32 -7.74
C CMO D . -0.89 -3.49 -4.20
O CMO D . -1.40 -2.67 -3.60
N MET A 1 -4.77 -0.22 -10.49
CA MET A 1 -5.36 0.14 -9.18
C MET A 1 -5.58 1.62 -9.08
N MET A 2 -6.78 2.08 -9.51
CA MET A 2 -7.08 3.49 -9.44
C MET A 2 -8.57 3.64 -9.26
N GLY A 3 -9.36 2.73 -9.88
CA GLY A 3 -10.80 2.81 -9.73
C GLY A 3 -11.19 2.38 -8.33
N MET A 4 -10.52 1.31 -7.80
CA MET A 4 -10.86 0.83 -6.48
C MET A 4 -10.16 1.64 -5.42
N VAL A 5 -9.22 2.51 -5.81
CA VAL A 5 -8.55 3.30 -4.80
C VAL A 5 -9.45 4.48 -4.55
N PHE A 6 -10.31 4.81 -5.55
CA PHE A 6 -11.24 5.90 -5.40
C PHE A 6 -12.33 5.45 -4.48
N THR A 7 -12.77 4.18 -4.60
CA THR A 7 -13.85 3.66 -3.76
C THR A 7 -13.45 3.73 -2.31
N GLY A 8 -12.22 3.27 -1.96
CA GLY A 8 -11.81 3.29 -0.57
C GLY A 8 -11.76 4.71 -0.04
N LEU A 9 -11.26 5.66 -0.86
CA LEU A 9 -11.12 7.04 -0.44
C LEU A 9 -12.49 7.68 -0.19
N MET A 10 -13.52 7.39 -1.03
CA MET A 10 -14.83 8.01 -0.86
C MET A 10 -15.48 7.53 0.42
N GLU A 11 -15.31 6.22 0.71
CA GLU A 11 -15.91 5.62 1.88
C GLU A 11 -15.24 6.10 3.15
N LEU A 12 -13.92 6.42 3.08
CA LEU A 12 -13.21 6.84 4.26
C LEU A 12 -13.61 8.24 4.70
N ILE A 13 -13.79 9.20 3.76
CA ILE A 13 -14.10 10.56 4.18
C ILE A 13 -15.56 10.67 4.54
N GLU A 14 -16.43 9.79 4.01
CA GLU A 14 -17.84 9.93 4.29
C GLU A 14 -18.13 9.47 5.71
N ASP A 15 -17.47 8.37 6.14
CA ASP A 15 -17.72 7.82 7.45
C ASP A 15 -16.93 8.54 8.52
N GLU A 16 -15.68 8.95 8.21
CA GLU A 16 -14.86 9.56 9.24
C GLU A 16 -15.29 10.96 9.59
N PHE A 17 -15.62 11.82 8.59
CA PHE A 17 -15.96 13.18 8.98
C PHE A 17 -17.35 13.58 8.53
N GLY A 18 -17.91 13.01 7.45
CA GLY A 18 -19.23 13.45 7.06
C GLY A 18 -19.36 13.41 5.57
N TYR A 19 -20.56 13.78 5.07
CA TYR A 19 -20.78 13.72 3.65
C TYR A 19 -20.59 15.11 3.12
N GLU A 20 -20.64 16.13 4.02
CA GLU A 20 -20.43 17.50 3.62
C GLU A 20 -18.98 17.66 3.27
N THR A 21 -18.09 17.01 4.08
CA THR A 21 -16.67 17.10 3.82
C THR A 21 -16.38 16.39 2.52
N LEU A 22 -17.05 15.24 2.28
CA LEU A 22 -16.84 14.51 1.03
C LEU A 22 -17.36 15.37 -0.12
N ASP A 23 -18.33 16.27 0.17
CA ASP A 23 -18.89 17.13 -0.84
C ASP A 23 -17.84 18.12 -1.29
N THR A 24 -17.03 18.65 -0.35
CA THR A 24 -15.98 19.61 -0.68
C THR A 24 -14.96 18.95 -1.58
N LEU A 25 -14.61 17.68 -1.28
CA LEU A 25 -13.63 16.95 -2.08
C LEU A 25 -14.14 16.84 -3.50
N LEU A 26 -15.46 16.59 -3.65
CA LEU A 26 -16.07 16.43 -4.96
C LEU A 26 -15.99 17.74 -5.72
N GLU A 27 -16.14 18.88 -5.00
CA GLU A 27 -16.11 20.17 -5.66
C GLU A 27 -14.74 20.43 -6.24
N SER A 28 -13.67 20.02 -5.51
CA SER A 28 -12.32 20.24 -6.01
C SER A 28 -12.11 19.49 -7.31
N CYS A 29 -12.67 18.26 -7.43
CA CYS A 29 -12.46 17.52 -8.66
C CYS A 29 -13.75 17.47 -9.43
N GLU A 30 -13.82 18.26 -10.54
CA GLU A 30 -15.01 18.29 -11.35
C GLU A 30 -15.18 16.93 -12.00
N LEU A 31 -16.45 16.45 -12.06
CA LEU A 31 -16.70 15.15 -12.64
C LEU A 31 -17.55 15.35 -13.87
N GLN A 32 -17.05 14.84 -15.01
CA GLN A 32 -17.76 14.97 -16.26
C GLN A 32 -18.87 13.96 -16.33
N SER A 33 -18.63 12.71 -15.85
CA SER A 33 -19.67 11.70 -15.94
C SER A 33 -20.34 11.53 -14.60
N GLU A 34 -20.63 10.26 -14.21
CA GLU A 34 -21.30 10.00 -12.95
C GLU A 34 -20.38 10.36 -11.82
N GLY A 35 -19.08 10.01 -11.96
CA GLY A 35 -18.14 10.33 -10.92
C GLY A 35 -17.82 9.11 -10.10
N ILE A 36 -18.64 8.03 -10.18
CA ILE A 36 -18.32 6.87 -9.39
C ILE A 36 -18.57 5.65 -10.25
N TYR A 37 -17.46 5.08 -10.80
CA TYR A 37 -17.58 3.92 -11.65
C TYR A 37 -17.37 2.67 -10.85
N THR A 38 -16.59 1.74 -11.43
CA THR A 38 -16.27 0.48 -10.81
C THR A 38 -14.83 0.25 -11.14
N SER A 39 -14.23 -0.89 -10.70
CA SER A 39 -12.84 -1.11 -10.99
C SER A 39 -12.72 -1.67 -12.38
N VAL A 40 -12.14 -0.87 -13.32
CA VAL A 40 -11.98 -1.33 -14.67
C VAL A 40 -11.25 -0.25 -15.46
N GLY A 41 -11.06 0.97 -14.86
CA GLY A 41 -10.40 2.02 -15.58
C GLY A 41 -9.18 2.44 -14.82
N SER A 42 -8.31 3.24 -15.48
CA SER A 42 -7.09 3.70 -14.86
C SER A 42 -6.90 5.15 -15.24
N TYR A 43 -6.92 6.07 -14.23
CA TYR A 43 -6.73 7.47 -14.53
C TYR A 43 -5.29 7.83 -14.32
N ASP A 44 -5.00 9.16 -14.34
CA ASP A 44 -3.65 9.64 -14.16
C ASP A 44 -3.25 9.53 -12.72
N HIS A 45 -1.96 9.84 -12.45
CA HIS A 45 -1.44 9.77 -11.10
C HIS A 45 -1.72 11.08 -10.42
N GLN A 46 -1.71 12.18 -11.21
CA GLN A 46 -1.96 13.50 -10.65
C GLN A 46 -3.39 13.58 -10.18
N GLU A 47 -4.31 12.78 -10.78
CA GLU A 47 -5.70 12.79 -10.37
C GLU A 47 -5.81 12.43 -8.90
N LEU A 48 -5.14 11.32 -8.51
CA LEU A 48 -5.14 10.87 -7.13
C LEU A 48 -4.49 11.91 -6.24
N LEU A 49 -3.45 12.59 -6.78
CA LEU A 49 -2.71 13.54 -5.98
C LEU A 49 -3.57 14.76 -5.70
N GLN A 50 -4.41 15.17 -6.67
CA GLN A 50 -5.26 16.33 -6.49
C GLN A 50 -6.22 16.08 -5.35
N LEU A 51 -6.76 14.84 -5.22
CA LEU A 51 -7.69 14.56 -4.14
C LEU A 51 -6.93 14.33 -2.86
N VAL A 52 -5.60 14.17 -2.96
CA VAL A 52 -4.81 13.93 -1.78
C VAL A 52 -4.41 15.27 -1.18
N VAL A 53 -4.06 16.25 -2.03
CA VAL A 53 -3.66 17.55 -1.51
C VAL A 53 -4.88 18.22 -0.91
N LYS A 54 -6.11 17.97 -1.46
CA LYS A 54 -7.28 18.57 -0.88
C LYS A 54 -7.55 17.91 0.45
N LEU A 55 -7.25 16.59 0.59
CA LEU A 55 -7.47 15.89 1.85
C LEU A 55 -6.43 16.31 2.85
N SER A 56 -5.37 17.00 2.38
CA SER A 56 -4.35 17.36 3.33
C SER A 56 -4.66 18.74 3.85
N GLU A 57 -5.50 19.52 3.12
CA GLU A 57 -5.82 20.85 3.57
C GLU A 57 -7.21 20.88 4.16
N VAL A 58 -8.08 19.91 3.80
CA VAL A 58 -9.43 19.92 4.31
C VAL A 58 -9.47 19.30 5.69
N SER A 59 -8.71 18.20 5.94
CA SER A 59 -8.76 17.59 7.24
C SER A 59 -7.53 17.93 8.02
N SER A 60 -6.52 18.56 7.37
CA SER A 60 -5.29 18.91 8.07
C SER A 60 -4.56 17.64 8.40
N VAL A 61 -4.62 16.66 7.48
CA VAL A 61 -3.96 15.39 7.69
C VAL A 61 -2.78 15.34 6.76
N PRO A 62 -1.63 15.09 7.32
CA PRO A 62 -0.38 15.00 6.56
C PRO A 62 -0.43 13.95 5.50
N VAL A 63 0.36 14.15 4.43
CA VAL A 63 0.36 13.21 3.33
C VAL A 63 0.99 11.90 3.74
N THR A 64 1.76 11.87 4.86
CA THR A 64 2.39 10.63 5.26
C THR A 64 1.51 9.92 6.27
N GLU A 65 0.85 10.67 7.17
CA GLU A 65 -0.02 10.06 8.16
C GLU A 65 -1.26 9.53 7.47
N LEU A 66 -1.66 10.18 6.36
CA LEU A 66 -2.85 9.77 5.65
C LEU A 66 -2.51 8.59 4.79
N VAL A 67 -1.28 8.55 4.23
CA VAL A 67 -0.88 7.44 3.39
C VAL A 67 -0.78 6.16 4.21
N ARG A 68 -0.52 6.26 5.55
CA ARG A 68 -0.40 5.08 6.38
C ARG A 68 -1.77 4.50 6.66
N LEU A 69 -2.69 5.33 7.23
CA LEU A 69 -4.02 4.85 7.56
C LEU A 69 -4.76 4.39 6.33
N PHE A 70 -4.60 5.09 5.19
CA PHE A 70 -5.27 4.72 3.96
C PHE A 70 -4.83 3.34 3.53
N GLY A 71 -3.53 3.02 3.72
CA GLY A 71 -3.00 1.72 3.33
C GLY A 71 -3.75 0.62 4.05
N LYS A 72 -4.01 0.81 5.37
CA LYS A 72 -4.71 -0.21 6.15
C LYS A 72 -6.11 -0.50 5.62
N LYS A 73 -6.90 0.56 5.33
CA LYS A 73 -8.29 0.36 4.89
C LYS A 73 -8.39 -0.42 3.59
N LEU A 74 -7.68 -0.01 2.52
CA LEU A 74 -7.81 -0.67 1.24
C LEU A 74 -7.27 -2.09 1.26
N PHE A 75 -6.15 -2.36 1.98
CA PHE A 75 -5.59 -3.69 2.00
C PHE A 75 -6.57 -4.70 2.59
N VAL A 76 -7.22 -4.36 3.73
CA VAL A 76 -8.15 -5.31 4.34
C VAL A 76 -9.39 -5.44 3.49
N GLU A 77 -9.62 -4.46 2.58
CA GLU A 77 -10.77 -4.55 1.71
C GLU A 77 -10.54 -5.67 0.72
N LEU A 78 -9.28 -5.85 0.24
CA LEU A 78 -8.98 -6.90 -0.70
C LEU A 78 -9.09 -8.24 -0.01
N ILE A 79 -8.80 -8.30 1.31
CA ILE A 79 -8.91 -9.56 2.03
C ILE A 79 -10.37 -9.98 2.02
N GLU A 80 -11.28 -9.00 2.22
CA GLU A 80 -12.69 -9.28 2.25
C GLU A 80 -13.23 -9.26 0.84
N GLY A 81 -12.35 -9.04 -0.16
CA GLY A 81 -12.79 -8.98 -1.53
C GLY A 81 -12.53 -10.31 -2.21
N HIS A 82 -11.46 -11.03 -1.79
CA HIS A 82 -11.15 -12.28 -2.40
C HIS A 82 -10.97 -13.31 -1.33
N PRO A 83 -12.05 -14.00 -1.04
CA PRO A 83 -12.08 -15.05 -0.03
C PRO A 83 -11.15 -16.20 -0.29
N GLU A 84 -10.98 -16.59 -1.57
CA GLU A 84 -10.12 -17.71 -1.86
C GLU A 84 -8.70 -17.25 -2.02
N ILE A 85 -8.44 -15.94 -1.94
CA ILE A 85 -7.09 -15.49 -2.05
C ILE A 85 -6.52 -15.62 -0.66
N ALA A 86 -7.41 -15.48 0.37
CA ALA A 86 -7.01 -15.62 1.75
C ALA A 86 -6.76 -17.08 2.05
N ASN A 87 -7.62 -17.97 1.49
CA ASN A 87 -7.50 -19.40 1.73
C ASN A 87 -6.21 -19.93 1.16
N GLU A 88 -5.78 -19.43 -0.03
CA GLU A 88 -4.58 -19.94 -0.66
C GLU A 88 -3.35 -19.54 0.14
N MET A 89 -3.42 -18.43 0.90
CA MET A 89 -2.26 -17.98 1.66
C MET A 89 -2.17 -18.79 2.94
N LYS A 90 -0.93 -18.92 3.48
CA LYS A 90 -0.72 -19.70 4.67
C LYS A 90 -0.17 -18.83 5.78
N ASP A 91 0.54 -17.74 5.42
CA ASP A 91 1.12 -16.90 6.45
C ASP A 91 1.61 -15.66 5.75
N SER A 92 2.02 -14.64 6.53
CA SER A 92 2.52 -13.42 5.94
C SER A 92 3.89 -13.64 5.35
N PHE A 93 4.69 -14.59 5.91
CA PHE A 93 6.01 -14.84 5.37
C PHE A 93 5.83 -15.51 4.02
N ASP A 94 4.97 -16.56 3.97
CA ASP A 94 4.69 -17.23 2.72
C ASP A 94 4.10 -16.25 1.73
N LEU A 95 3.36 -15.23 2.24
CA LEU A 95 2.77 -14.22 1.38
C LEU A 95 3.86 -13.45 0.67
N LEU A 96 5.02 -13.20 1.35
CA LEU A 96 6.09 -12.43 0.75
C LEU A 96 6.66 -13.17 -0.43
N SER A 97 6.71 -14.52 -0.34
CA SER A 97 7.25 -15.30 -1.44
C SER A 97 6.25 -15.37 -2.57
N LYS A 98 4.96 -15.53 -2.22
CA LYS A 98 3.87 -15.66 -3.19
C LYS A 98 3.52 -14.34 -3.86
N ILE A 99 4.05 -13.19 -3.38
CA ILE A 99 3.68 -11.91 -3.97
C ILE A 99 4.03 -11.83 -5.45
N ASP A 100 5.28 -12.17 -5.83
CA ASP A 100 5.64 -12.05 -7.22
C ASP A 100 5.22 -13.27 -8.03
N SER A 101 5.16 -14.48 -7.42
CA SER A 101 4.86 -15.66 -8.19
C SER A 101 3.44 -15.66 -8.75
N PHE A 102 2.38 -15.45 -7.92
CA PHE A 102 1.04 -15.53 -8.50
C PHE A 102 0.20 -14.31 -8.23
N ILE A 103 0.37 -13.62 -7.08
CA ILE A 103 -0.49 -12.48 -6.81
C ILE A 103 -0.41 -11.41 -7.89
N HIS A 104 0.79 -10.94 -8.30
CA HIS A 104 0.82 -9.87 -9.29
C HIS A 104 0.94 -10.45 -10.68
N VAL A 105 0.95 -11.80 -10.81
CA VAL A 105 1.05 -12.40 -12.12
C VAL A 105 -0.34 -12.64 -12.60
N GLU A 106 -1.23 -13.09 -11.68
CA GLU A 106 -2.60 -13.36 -12.04
C GLU A 106 -3.26 -12.04 -12.41
N VAL A 107 -2.99 -10.95 -11.64
CA VAL A 107 -3.60 -9.67 -11.94
C VAL A 107 -3.08 -9.14 -13.27
N TYR A 108 -1.75 -9.20 -13.50
CA TYR A 108 -1.16 -8.70 -14.73
C TYR A 108 -1.77 -9.38 -15.95
N LYS A 109 -2.04 -10.70 -15.84
CA LYS A 109 -2.59 -11.41 -16.98
C LYS A 109 -4.04 -11.02 -17.16
N LEU A 110 -4.79 -10.86 -16.05
CA LEU A 110 -6.19 -10.52 -16.16
C LEU A 110 -6.41 -9.04 -15.97
N TYR A 111 -5.42 -8.17 -16.26
CA TYR A 111 -5.61 -6.74 -16.08
C TYR A 111 -4.38 -6.10 -16.66
N PRO A 112 -4.46 -5.76 -17.93
CA PRO A 112 -3.36 -5.17 -18.67
C PRO A 112 -3.13 -3.70 -18.47
N GLN A 113 -3.98 -3.02 -17.65
CA GLN A 113 -3.79 -1.60 -17.45
C GLN A 113 -2.80 -1.35 -16.34
N ALA A 114 -2.08 -2.39 -15.88
CA ALA A 114 -1.12 -2.18 -14.82
C ALA A 114 0.24 -2.54 -15.36
N GLU A 115 1.30 -1.99 -14.73
CA GLU A 115 2.65 -2.29 -15.16
C GLU A 115 3.50 -2.37 -13.93
N LEU A 116 4.44 -3.34 -13.91
CA LEU A 116 5.28 -3.50 -12.76
C LEU A 116 6.72 -3.53 -13.20
N PRO A 117 7.59 -3.18 -12.28
CA PRO A 117 9.01 -3.13 -12.49
C PRO A 117 9.71 -4.44 -12.19
N LYS A 118 10.97 -4.37 -11.65
CA LYS A 118 11.70 -5.60 -11.38
C LYS A 118 11.59 -5.90 -9.91
N PHE A 119 11.54 -7.22 -9.56
CA PHE A 119 11.41 -7.62 -8.17
C PHE A 119 12.33 -8.80 -7.93
N THR A 120 13.15 -8.75 -6.84
CA THR A 120 14.03 -9.86 -6.53
C THR A 120 13.97 -10.07 -5.04
N CYS A 121 14.36 -11.27 -4.56
CA CYS A 121 14.30 -11.52 -3.13
C CYS A 121 15.44 -12.41 -2.72
N ASP A 122 16.30 -11.88 -1.83
CA ASP A 122 17.42 -12.66 -1.34
C ASP A 122 17.08 -13.09 0.07
N ARG A 123 17.70 -14.20 0.53
CA ARG A 123 17.40 -14.69 1.87
C ARG A 123 18.69 -14.69 2.65
N LEU A 124 18.73 -13.92 3.76
CA LEU A 124 19.92 -13.88 4.58
C LEU A 124 19.81 -14.92 5.67
N GLY A 125 18.57 -15.30 6.05
CA GLY A 125 18.43 -16.28 7.09
C GLY A 125 16.98 -16.40 7.47
N ASP A 126 16.71 -16.60 8.77
CA ASP A 126 15.35 -16.76 9.23
C ASP A 126 14.85 -15.45 9.78
N ASN A 127 15.72 -14.70 10.51
CA ASN A 127 15.29 -13.46 11.11
C ASN A 127 15.69 -12.29 10.24
N ASP A 128 16.18 -12.54 9.01
CA ASP A 128 16.58 -11.46 8.13
C ASP A 128 16.14 -11.89 6.76
N ILE A 129 15.61 -10.97 5.90
CA ILE A 129 15.17 -11.33 4.58
C ILE A 129 15.44 -10.04 3.80
N ARG A 130 15.69 -10.08 2.47
CA ARG A 130 15.97 -8.83 1.80
C ARG A 130 15.06 -8.70 0.61
N LEU A 131 14.50 -7.49 0.43
CA LEU A 131 13.62 -7.24 -0.67
C LEU A 131 14.22 -6.10 -1.47
N HIS A 132 14.46 -6.34 -2.78
CA HIS A 132 15.02 -5.31 -3.61
C HIS A 132 13.96 -4.91 -4.57
N TYR A 133 13.73 -3.59 -4.72
CA TYR A 133 12.70 -3.13 -5.61
C TYR A 133 13.33 -2.12 -6.54
N GLN A 134 13.24 -2.37 -7.87
CA GLN A 134 13.84 -1.46 -8.83
C GLN A 134 12.72 -0.71 -9.50
N SER A 135 12.54 0.57 -9.07
CA SER A 135 11.48 1.39 -9.61
C SER A 135 11.94 2.83 -9.56
N LYS A 136 11.38 3.69 -10.46
CA LYS A 136 11.75 5.08 -10.50
C LYS A 136 10.79 5.87 -9.64
N ARG A 137 9.81 5.21 -8.99
CA ARG A 137 8.87 5.91 -8.16
C ARG A 137 8.80 5.16 -6.85
N PRO A 138 9.82 5.32 -6.04
CA PRO A 138 9.93 4.64 -4.77
C PRO A 138 9.48 5.42 -3.58
N PHE A 139 8.23 5.19 -3.11
CA PHE A 139 7.77 5.87 -1.93
C PHE A 139 7.78 4.85 -0.82
N ALA A 140 8.71 5.05 0.15
CA ALA A 140 8.83 4.12 1.27
C ALA A 140 7.60 4.13 2.13
N SER A 141 7.00 5.33 2.35
CA SER A 141 5.83 5.43 3.19
C SER A 141 4.69 4.61 2.63
N PHE A 142 4.52 4.60 1.28
CA PHE A 142 3.44 3.85 0.68
C PHE A 142 3.66 2.36 0.86
N ALA A 143 4.92 1.89 0.67
CA ALA A 143 5.22 0.48 0.78
C ALA A 143 4.94 -0.03 2.18
N GLU A 144 5.30 0.76 3.22
CA GLU A 144 5.08 0.31 4.58
C GLU A 144 3.60 0.22 4.87
N GLY A 145 2.80 1.12 4.25
CA GLY A 145 1.38 1.12 4.46
C GLY A 145 0.76 -0.19 4.04
N LEU A 146 1.25 -0.81 2.94
CA LEU A 146 0.66 -2.03 2.47
C LEU A 146 1.24 -3.24 3.19
N LEU A 147 2.57 -3.25 3.49
CA LEU A 147 3.17 -4.41 4.14
C LEU A 147 2.68 -4.52 5.56
N ASP A 148 2.58 -3.38 6.28
CA ASP A 148 2.15 -3.41 7.65
C ASP A 148 0.65 -3.69 7.72
N GLY A 149 -0.12 -3.31 6.67
CA GLY A 149 -1.55 -3.55 6.69
C GLY A 149 -1.79 -5.05 6.73
N CYS A 150 -1.02 -5.80 5.92
CA CYS A 150 -1.14 -7.25 5.89
C CYS A 150 -0.84 -7.80 7.26
N ALA A 151 0.22 -7.28 7.95
CA ALA A 151 0.56 -7.76 9.25
C ALA A 151 -0.45 -7.27 10.26
N GLU A 152 -1.37 -6.39 9.82
CA GLU A 152 -2.37 -5.88 10.72
C GLU A 152 -3.47 -6.89 10.86
N TYR A 153 -3.97 -7.44 9.71
CA TYR A 153 -5.02 -8.44 9.77
C TYR A 153 -4.54 -9.66 10.52
N PHE A 154 -3.31 -10.17 10.22
CA PHE A 154 -2.81 -11.36 10.89
C PHE A 154 -2.45 -11.05 12.32
N LYS A 155 -2.13 -9.78 12.64
CA LYS A 155 -1.76 -9.41 14.00
C LYS A 155 -0.45 -10.08 14.35
N GLU A 156 0.60 -9.84 13.54
CA GLU A 156 1.90 -10.42 13.83
C GLU A 156 2.82 -9.31 14.26
N ASP A 157 4.15 -9.57 14.27
CA ASP A 157 5.06 -8.55 14.69
C ASP A 157 6.30 -8.63 13.83
N PHE A 158 6.25 -7.99 12.64
CA PHE A 158 7.40 -7.97 11.75
C PHE A 158 7.79 -6.52 11.62
N THR A 159 9.08 -6.24 11.32
CA THR A 159 9.49 -4.86 11.22
C THR A 159 10.17 -4.66 9.89
N ILE A 160 9.69 -3.64 9.14
CA ILE A 160 10.27 -3.33 7.85
C ILE A 160 11.27 -2.21 8.07
N SER A 161 12.51 -2.40 7.57
CA SER A 161 13.53 -1.39 7.77
C SER A 161 14.05 -0.97 6.41
N ARG A 162 15.16 -0.17 6.42
CA ARG A 162 15.73 0.34 5.19
C ARG A 162 17.19 0.58 5.44
N THR A 163 18.02 0.61 4.36
CA THR A 163 19.44 0.85 4.56
C THR A 163 19.74 2.27 4.13
N PRO A 164 20.74 2.82 4.76
CA PRO A 164 21.18 4.20 4.51
C PRO A 164 21.90 4.40 3.20
N GLU A 165 22.32 3.30 2.52
CA GLU A 165 23.03 3.44 1.28
C GLU A 165 22.08 3.97 0.23
N THR A 166 20.83 3.43 0.21
CA THR A 166 19.87 3.87 -0.77
C THR A 166 18.72 4.53 -0.06
N GLN A 167 18.96 4.93 1.22
CA GLN A 167 17.94 5.58 2.00
C GLN A 167 17.51 6.87 1.34
N ASP A 168 18.47 7.63 0.77
CA ASP A 168 18.12 8.86 0.13
C ASP A 168 18.53 8.78 -1.32
N SER A 169 18.18 7.67 -1.99
CA SER A 169 18.52 7.52 -3.38
C SER A 169 17.35 6.85 -4.05
N GLU A 170 17.13 7.16 -5.35
CA GLU A 170 16.02 6.59 -6.06
C GLU A 170 16.54 5.55 -7.02
N THR A 171 15.57 4.86 -7.70
CA THR A 171 15.85 3.82 -8.71
C THR A 171 16.05 2.48 -8.02
N ASP A 172 16.71 2.42 -6.85
CA ASP A 172 16.91 1.14 -6.21
C ASP A 172 16.81 1.35 -4.72
N VAL A 173 16.05 0.46 -4.03
CA VAL A 173 15.91 0.59 -2.59
C VAL A 173 16.14 -0.77 -1.98
N ILE A 174 16.96 -0.80 -0.89
CA ILE A 174 17.26 -2.03 -0.21
C ILE A 174 16.47 -2.06 1.07
N PHE A 175 15.58 -3.08 1.20
CA PHE A 175 14.78 -3.20 2.38
C PHE A 175 15.25 -4.37 3.18
N ASN A 176 15.03 -4.29 4.51
CA ASN A 176 15.47 -5.33 5.40
C ASN A 176 14.31 -5.68 6.29
N ILE A 177 13.84 -6.95 6.25
CA ILE A 177 12.74 -7.37 7.08
C ILE A 177 13.33 -8.21 8.17
N THR A 178 13.01 -7.87 9.44
CA THR A 178 13.59 -8.60 10.56
C THR A 178 12.48 -9.10 11.44
N ARG A 179 12.60 -10.36 11.93
CA ARG A 179 11.59 -10.90 12.81
C ARG A 179 12.11 -10.69 14.21
N ALA A 180 11.42 -9.82 14.97
CA ALA A 180 11.85 -9.55 16.33
C ALA A 180 11.22 -10.59 17.22
N PRO A 181 11.72 -10.68 18.44
CA PRO A 181 11.20 -11.60 19.44
C PRO A 181 9.77 -11.31 19.78
N ARG A 182 9.35 -10.07 19.41
CA ARG A 182 7.99 -9.62 19.59
C ARG A 182 7.80 -9.06 20.97
N GLY A 183 8.79 -9.20 21.86
CA GLY A 183 8.62 -8.68 23.20
C GLY A 183 9.93 -8.22 23.73
N ALA A 184 10.84 -7.75 22.85
CA ALA A 184 12.12 -7.30 23.32
C ALA A 184 12.64 -6.29 22.35
N GLU A 185 13.43 -5.31 22.86
CA GLU A 185 13.98 -4.30 22.01
C GLU A 185 15.18 -3.71 22.69
N ASN A 186 16.08 -3.07 21.90
CA ASN A 186 17.26 -2.44 22.44
C ASN A 186 18.23 -3.52 22.88
N LEU A 187 18.26 -4.63 22.12
CA LEU A 187 19.17 -5.71 22.46
C LEU A 187 20.54 -5.40 21.93
N TYR A 188 20.63 -4.76 20.74
CA TYR A 188 21.92 -4.45 20.19
C TYR A 188 22.08 -2.95 20.17
N PHE A 189 22.14 -2.36 18.96
CA PHE A 189 22.30 -0.93 18.88
C PHE A 189 21.65 -0.47 17.60
N GLN A 190 21.33 0.85 17.55
CA GLN A 190 20.70 1.43 16.38
C GLN A 190 19.31 0.79 16.21
C01 IWP B . -8.25 6.21 10.23
C02 IWP B . -8.41 7.58 10.08
C03 IWP B . -8.70 5.59 11.38
C04 IWP B . -8.93 8.34 11.11
C05 IWP B . -9.95 2.04 15.99
C06 IWP B . -8.78 1.54 16.37
C07 IWP B . -11.88 2.95 13.87
C08 IWP B . -15.30 3.00 11.04
C09 IWP B . -9.51 5.70 13.77
C10 IWP B . -9.18 6.35 12.45
C11 IWP B . -9.35 7.73 12.28
C12 IWP B . -16.39 3.24 11.86
C13 IWP B . -9.65 2.80 14.87
C14 IWP B . -12.55 4.00 13.16
C15 IWP B . -10.67 3.51 14.15
C16 IWP B . -13.91 3.73 12.70
C17 IWP B . -16.15 3.74 13.12
F18 IWP B . -9.91 8.45 13.28
F19 IWP B . -17.64 2.98 11.43
N20 IWP B . -14.05 3.24 11.44
N21 IWP B . -14.91 3.99 13.56
N22 IWP B . -11.80 5.14 13.02
N23 IWP B . -8.37 2.79 14.52
N24 IWP B . -10.63 4.76 13.67
O25 IWP B . -17.19 3.99 13.96
O26 IWP B . -7.77 1.94 15.54
H01 IWP B . -7.76 5.63 9.45
H02 IWP B . -8.13 8.06 9.14
H03 IWP B . -8.69 4.51 11.46
H04 IWP B . -9.03 9.43 11.01
H05 IWP B . -10.91 1.89 16.45
H06 IWP B . -8.52 0.89 17.19
H07 IWP B . -12.25 1.95 14.11
H08 IWP B . -15.42 2.60 10.03
H091 IWP B . -8.63 5.15 14.13
H092 IWP B . -9.77 6.46 14.51
H25 IWP B . -17.93 3.39 13.73
CHA HEM C . 0.81 -2.36 -7.17
CHB HEM C . 2.96 -4.30 -3.47
CHC HEM C . -0.78 -7.10 -2.78
CHD HEM C . -2.65 -5.62 -6.92
C1A HEM C . 1.71 -2.64 -6.21
C2A HEM C . 2.89 -1.96 -6.02
C3A HEM C . 3.58 -2.62 -5.06
C4A HEM C . 2.75 -3.61 -4.62
CMA HEM C . 4.86 -2.24 -4.50
CAA HEM C . 3.33 -0.79 -6.76
CBA HEM C . 3.43 0.38 -5.91
CGA HEM C . 4.55 1.21 -6.34
O1A HEM C . 5.40 0.75 -7.07
O2A HEM C . 4.62 2.37 -5.97
C1B HEM C . 2.05 -5.11 -2.88
C2B HEM C . 2.14 -5.59 -1.61
C3B HEM C . 1.16 -6.52 -1.48
C4B HEM C . 0.39 -6.43 -2.60
CMB HEM C . 3.06 -5.14 -0.58
CAB HEM C . 0.77 -7.14 -0.22
CBB HEM C . 1.03 -6.63 0.99
C1C HEM C . -1.68 -6.82 -3.75
C2C HEM C . -2.96 -7.28 -3.76
C3C HEM C . -3.47 -6.93 -4.99
C4C HEM C . -2.50 -6.21 -5.63
CMC HEM C . -3.67 -7.95 -2.69
CAC HEM C . -4.61 -7.57 -5.63
CBC HEM C . -4.64 -8.85 -6.02
C1D HEM C . -1.70 -4.70 -7.46
C2D HEM C . -1.76 -4.16 -8.72
C3D HEM C . -0.77 -3.21 -8.77
C4D HEM C . -0.20 -3.17 -7.52
CMD HEM C . -2.64 -4.55 -9.79
CAD HEM C . -0.27 -2.55 -9.96
CBD HEM C . 0.48 -1.35 -9.64
CGD HEM C . -0.36 -0.44 -8.89
O1D HEM C . -0.95 -0.84 -7.89
O2D HEM C . -0.46 0.71 -9.24
NA HEM C . 1.62 -3.71 -5.37
NB HEM C . 0.90 -5.53 -3.49
NC HEM C . -1.41 -6.02 -4.82
ND HEM C . -0.66 -4.20 -6.74
FE HEM C . 0.10 -4.87 -5.11
HHB HEM C . 3.90 -4.12 -2.93
HHC HEM C . -0.95 -7.98 -2.17
HHD HEM C . -3.60 -5.74 -7.43
HMA HEM C . 4.72 -1.42 -3.79
HMAA HEM C . 5.53 -1.92 -5.31
HMAB HEM C . 5.30 -3.10 -3.97
HAA HEM C . 4.32 -1.00 -7.20
HAAA HEM C . 2.63 -0.58 -7.58
HBA HEM C . 2.51 0.96 -5.96
HBAA HEM C . 3.60 0.06 -4.86
HMB HEM C . 2.50 -4.80 0.30
HMBA HEM C . 3.67 -4.31 -0.95
HMBB HEM C . 3.72 -5.96 -0.28
HAB HEM C . 0.36 -8.15 -0.26
HBB HEM C . 2.06 -6.32 1.21
HBBA HEM C . 0.20 -6.29 1.61
HMC HEM C . -3.01 -8.68 -2.21
HMCA HEM C . -3.98 -7.21 -1.93
HMCB HEM C . -4.55 -8.46 -3.08
HAC HEM C . -5.51 -6.97 -5.79
HBC HEM C . -5.36 -9.13 -6.79
HBCA HEM C . -4.18 -9.60 -5.39
HMD HEM C . -2.08 -5.16 -10.52
HMDA HEM C . -3.46 -5.15 -9.39
HMDB HEM C . -3.04 -3.66 -10.29
HAD HEM C . -1.11 -2.29 -10.61
HADA HEM C . 0.38 -3.25 -10.50
HBD HEM C . 1.36 -1.62 -9.03
HBDA HEM C . 0.81 -0.86 -10.56
HHA HEM C . 0.89 -1.40 -7.68
C CMO D . -0.76 -3.50 -4.13
O CMO D . -1.28 -2.67 -3.55
#